data_9MPV
#
_entry.id   9MPV
#
_cell.length_a   1.00
_cell.length_b   1.00
_cell.length_c   1.00
_cell.angle_alpha   90.00
_cell.angle_beta   90.00
_cell.angle_gamma   90.00
#
_symmetry.space_group_name_H-M   'P 1'
#
loop_
_entity.id
_entity.type
_entity.pdbx_description
1 polymer 'Deubiquitinating protein VCPIP1'
2 polymer 'Transitional endoplasmic reticulum ATPase'
#
loop_
_entity_poly.entity_id
_entity_poly.type
_entity_poly.pdbx_seq_one_letter_code
_entity_poly.pdbx_strand_id
1 'polypeptide(L)'
;MGDWSHPQFEKSGGGSGGLEVLFQGPGSMSQPPPPPPPLPPPPPPPEAPQTPSSLASAAASGGLLKRRDRRILSGSCPDP
KCQARLFFPASGSVSIECTECGQRHEQQQLLGVEEVTDPDVVLHNLLRNALLGVTGAPKKNTELVKVMGLSNYHCKLLSP
ILARYGMDKQTGRAKLLRDMNQGELFDCALLGDRAFLIEPEHVNTVGYGKDRSGSLLYLHDTLEDIKRANKSQECLIPVH
VDGDGHCLVHAVSRALVGRELFWHALRENLKQHFQQHLARYQALFHDFIDAAEWEDIINECDPLFVPPEGVPLGLRNIHI
FGLANVLHRPIILLDSLSGMRSSGDYSATFLPGLIPAEKCTGKDGHLNKPICIAWSSSGRNHYIPLVGIKGAALPKLPMN
LLPKAWGVPQDLIKKYIKLEEDGGCVIGGDRSLQDKYLLRLVAAMEEVFMDKHGIHPSLVADVHQYFYRRTGVIGVQPEE
VTAAAKKAVMDNRLHKCLLCGALSELHVPPEWLAPGGKLYNLAKSTHGQLRTDKNYSFPLNNLVCSYDSVKDVLVPDYGM
SNLTACNWCHGTSVRKVRGDGSIVYLDGDRTNSRSTGGKCGCGFKHFWDGKEYDNLPEAFPITLEWGGRVVRETVYWFQY
ESDSSLNSNVYDVAMKLVTKHFPGEFGSEILVQKVVHTILHQTAKKNPDDYTPVNIDGAHAQRVGDVQGQESESQLPTKI
ILTGQKTKTLHKEELNMSKTERTIQQNITEQASVMQKRKTEKLKQEQKGQPRTVSPSTIRDGPSSAPATPTKAPYSPTTS
KEKKIRITTNDGRQSMVTLKSSTTFFELQESIAREFNIPPYLQCIRYGFPPKELMPPQAGMEKEPVPLQHGDRITIEILK
SKAEGGQSAAAHSAHTVKQEDIAVTGKLSSKELQEQAEKEMYSLCLLATLMGEDVWSYAKGLPHMFQQGGVFYSIMKKTM
GMADGKHCTFPHLPGKTFVYNASEDRLELCVDAAGHFPIGPDVEDLVKEAVSQVRAEATTRSRESSPSHGLLKLGSGGVV
KKKSEQLHNVTAFQGKGHSLGTASGNPHLDPRARETSVVRKHNTGTDFSNSSTKTEPSVFTASSSNSELIRIAPGVVTMR
DGRQLDPDLVEAQRKKLQEMVSSIQASMDRHLRDQSTEQSPSDLPQRKTEVVSSSAKSGSLQTGLPESFPLTGGTENLNT
ETTDGCVADALGAAFATRSKAQRGNSVEELEEMDSQDAEMTNTTEPMDHS
;
G,H,I
2 'polypeptide(L)'
;MGDYKDDDDKGGGSGGLEVLFQGPGSMASGADSKGDDLSTAILKQKNRPNRLIVDEAINEDNSVVSLSQPKMDELQLFRG
DTVLLKGKKRREAVCIVLSDDTCSDEKIRMNRVVRNNLRVRLGDVISIQPCPDVKYGKRIHVLPIDDTVEGITGNLFEVY
LKPYFLEAYRPIRKGDIFLVRGGMRAVEFKVVETDPSPYCIVAPDTVIHCEGEPIKREDEEESLNEVGYDDIGGCRKQLA
QIKEMVELPLRHPALFKAIGVKPPRGILLYGPPGTGKTLIARAVANETGAFFFLINGPEIMSKLAGESESNLRKAFEEAE
KNAPAIIFIDELDAIAPKREKTHGEVERRIVSQLLTLMDGLKQRAHVIVMAATNRPNSIDPALRRFGRFDREVDIGIPDA
TGRLEILQIHTKNMKLADDVDLEQVANETHGHVGADLAALCSEAALQAIRKKMDLIDLEDETIDAEVMNSLAVTMDDFRW
ALSQSNPSALRETVVEVPQVTWEDIGGLEDVKRELQELVQYPVEHPDKFLKFGMTPSKGVLFYGPPGCGKTLLAKAIANE
CQANFISIKGPELLTMWFGESEANVREIFDKARQAAPCVLFFDELDSIAKARGGNIGDGGGAADRVINQILTEMDGMSTK
KNVFIIGATNRPDIIDPAILRPGRLDQLIYIPLPDEKSRVAILKANLRKSPVAKDVDLEFLAKMTNGFSGADLTEICQRA
CKLAIRESIESEIRRERERQTNPSAMEVEEDDPVPEIRRDHFEEAMRFARRSVSDNDIRKYEMFAQTLQQSRGFGSFRFP
SGNQGGAGPSQGSGGGTGGSVYTEDNDDDLYG
;
A,B,C,D,E,F
#
# COMPACT_ATOMS: atom_id res chain seq x y z
N ARG A 590 -61.89 -16.80 22.28
CA ARG A 590 -62.77 -17.66 23.06
C ARG A 590 -63.52 -18.63 22.16
N THR A 591 -63.38 -19.93 22.44
CA THR A 591 -64.02 -20.97 21.65
C THR A 591 -64.50 -22.07 22.58
N ASN A 592 -65.19 -23.05 22.01
CA ASN A 592 -65.71 -24.17 22.80
C ASN A 592 -64.56 -24.96 23.42
N SER A 593 -63.49 -25.19 22.66
CA SER A 593 -62.37 -25.96 23.17
C SER A 593 -61.76 -25.28 24.39
N ARG A 594 -61.55 -26.06 25.45
CA ARG A 594 -60.99 -25.54 26.68
C ARG A 594 -59.49 -25.28 26.52
N SER A 595 -59.00 -24.28 27.23
CA SER A 595 -57.58 -23.94 27.19
C SER A 595 -56.79 -25.03 27.92
N THR A 596 -56.23 -25.96 27.15
CA THR A 596 -55.45 -27.03 27.75
C THR A 596 -54.23 -26.49 28.47
N GLY A 597 -53.42 -25.68 27.78
CA GLY A 597 -52.27 -25.08 28.43
C GLY A 597 -52.65 -24.09 29.51
N GLY A 598 -53.66 -23.26 29.24
CA GLY A 598 -54.09 -22.26 30.19
C GLY A 598 -53.32 -20.97 30.08
N LYS A 599 -53.19 -20.25 31.20
CA LYS A 599 -52.44 -19.00 31.28
C LYS A 599 -53.16 -17.86 30.57
N CYS A 600 -54.30 -18.15 29.92
CA CYS A 600 -55.05 -17.11 29.25
C CYS A 600 -55.76 -16.18 30.24
N GLY A 601 -56.01 -16.65 31.46
CA GLY A 601 -56.89 -15.92 32.36
C GLY A 601 -58.34 -16.03 32.00
N CYS A 602 -58.69 -16.93 31.06
CA CYS A 602 -60.05 -17.06 30.57
C CYS A 602 -60.52 -18.50 30.68
N GLY A 603 -59.61 -19.46 30.48
CA GLY A 603 -59.95 -20.86 30.47
C GLY A 603 -60.46 -21.39 29.15
N PHE A 604 -60.54 -20.54 28.12
CA PHE A 604 -61.04 -20.93 26.81
C PHE A 604 -59.98 -20.65 25.76
N LYS A 605 -59.80 -21.59 24.84
CA LYS A 605 -58.90 -21.38 23.71
C LYS A 605 -59.47 -20.32 22.79
N HIS A 606 -58.60 -19.46 22.27
CA HIS A 606 -58.99 -18.36 21.40
C HIS A 606 -58.60 -18.69 19.97
N PHE A 607 -59.56 -18.62 19.05
CA PHE A 607 -59.30 -18.88 17.65
C PHE A 607 -58.60 -17.68 17.04
N TRP A 608 -57.37 -17.88 16.56
CA TRP A 608 -56.58 -16.80 16.00
C TRP A 608 -55.60 -17.40 15.00
N ASP A 609 -55.02 -16.52 14.17
CA ASP A 609 -54.10 -16.93 13.11
C ASP A 609 -54.69 -18.07 12.28
N GLY A 610 -56.02 -18.06 12.13
CA GLY A 610 -56.69 -19.14 11.43
C GLY A 610 -56.53 -20.48 12.10
N LYS A 611 -56.39 -20.51 13.41
CA LYS A 611 -56.20 -21.75 14.14
C LYS A 611 -56.59 -21.53 15.60
N GLU A 612 -56.60 -22.63 16.36
CA GLU A 612 -56.96 -22.61 17.77
C GLU A 612 -55.69 -22.80 18.59
N TYR A 613 -55.49 -21.92 19.57
CA TYR A 613 -54.31 -21.95 20.43
C TYR A 613 -54.75 -21.79 21.89
N ASP A 614 -53.78 -21.90 22.79
CA ASP A 614 -54.06 -22.01 24.21
C ASP A 614 -54.21 -20.67 24.92
N ASN A 615 -54.03 -19.54 24.22
CA ASN A 615 -54.17 -18.24 24.86
C ASN A 615 -54.02 -17.16 23.79
N LEU A 616 -54.27 -15.92 24.20
CA LEU A 616 -54.15 -14.77 23.31
C LEU A 616 -52.68 -14.37 23.18
N PRO A 617 -52.12 -14.31 21.97
CA PRO A 617 -50.72 -13.94 21.82
C PRO A 617 -50.48 -12.45 21.99
N GLU A 618 -49.22 -12.11 22.25
CA GLU A 618 -48.80 -10.73 22.35
C GLU A 618 -48.33 -10.24 20.99
N ALA A 619 -48.85 -9.10 20.56
CA ALA A 619 -48.57 -8.54 19.23
C ALA A 619 -47.82 -7.23 19.38
N PHE A 620 -46.79 -7.05 18.56
CA PHE A 620 -45.98 -5.84 18.56
C PHE A 620 -45.64 -5.47 17.13
N PRO A 621 -45.36 -4.20 16.86
CA PRO A 621 -45.13 -3.75 15.48
C PRO A 621 -43.77 -4.18 14.94
N ILE A 622 -43.70 -4.19 13.61
CA ILE A 622 -42.47 -4.50 12.89
C ILE A 622 -42.47 -3.72 11.59
N THR A 623 -41.29 -3.28 11.16
CA THR A 623 -41.13 -2.47 9.97
C THR A 623 -40.20 -3.16 8.99
N LEU A 624 -40.54 -3.08 7.70
CA LEU A 624 -39.78 -3.69 6.63
C LEU A 624 -39.42 -2.63 5.59
N GLU A 625 -38.23 -2.77 5.01
CA GLU A 625 -37.76 -1.84 3.99
C GLU A 625 -37.03 -2.60 2.90
N TRP A 626 -37.30 -2.23 1.65
CA TRP A 626 -36.61 -2.82 0.50
C TRP A 626 -36.84 -1.99 -0.75
N GLY A 627 -35.77 -1.62 -1.44
CA GLY A 627 -35.89 -0.85 -2.66
C GLY A 627 -36.65 0.45 -2.47
N GLY A 628 -36.55 1.05 -1.28
CA GLY A 628 -37.27 2.27 -0.98
C GLY A 628 -38.68 2.08 -0.46
N ARG A 629 -39.18 0.86 -0.46
CA ARG A 629 -40.51 0.59 0.06
C ARG A 629 -40.50 0.50 1.58
N VAL A 630 -41.66 0.72 2.18
CA VAL A 630 -41.82 0.66 3.64
C VAL A 630 -43.15 -0.01 3.94
N VAL A 631 -43.15 -0.95 4.89
CA VAL A 631 -44.35 -1.66 5.31
C VAL A 631 -44.36 -1.71 6.84
N ARG A 632 -45.45 -1.22 7.44
CA ARG A 632 -45.62 -1.22 8.89
C ARG A 632 -46.64 -2.29 9.25
N GLU A 633 -46.16 -3.37 9.87
CA GLU A 633 -47.02 -4.48 10.27
C GLU A 633 -46.59 -4.94 11.66
N THR A 634 -47.16 -6.05 12.12
CA THR A 634 -46.90 -6.58 13.45
C THR A 634 -46.63 -8.08 13.36
N VAL A 635 -45.96 -8.59 14.39
CA VAL A 635 -45.65 -10.02 14.51
C VAL A 635 -46.45 -10.58 15.68
N TYR A 636 -47.34 -11.52 15.40
CA TYR A 636 -48.16 -12.15 16.42
C TYR A 636 -47.39 -13.32 17.02
N TRP A 637 -46.91 -13.15 18.25
CA TRP A 637 -46.03 -14.13 18.88
C TRP A 637 -46.85 -15.08 19.75
N PHE A 638 -46.75 -16.37 19.45
CA PHE A 638 -47.41 -17.42 20.23
C PHE A 638 -46.37 -18.13 21.08
N GLN A 639 -46.82 -18.63 22.23
CA GLN A 639 -45.96 -19.38 23.15
C GLN A 639 -46.85 -19.98 24.23
N TYR A 640 -46.23 -20.72 25.14
CA TYR A 640 -46.89 -21.36 26.28
C TYR A 640 -47.80 -22.51 25.87
N GLU A 641 -47.74 -22.96 24.61
CA GLU A 641 -48.59 -24.04 24.17
C GLU A 641 -48.22 -25.34 24.88
N SER A 642 -49.24 -26.16 25.17
CA SER A 642 -49.00 -27.38 25.92
C SER A 642 -48.05 -28.31 25.19
N ASP A 643 -48.26 -28.50 23.88
CA ASP A 643 -47.42 -29.41 23.11
C ASP A 643 -46.05 -28.82 22.81
N SER A 644 -45.91 -27.48 22.89
CA SER A 644 -44.65 -26.79 22.67
C SER A 644 -44.16 -26.88 21.22
N SER A 645 -45.01 -27.38 20.31
CA SER A 645 -44.63 -27.48 18.91
C SER A 645 -45.31 -26.43 18.04
N LEU A 646 -46.37 -25.80 18.52
CA LEU A 646 -47.06 -24.73 17.80
C LEU A 646 -46.55 -23.35 18.18
N ASN A 647 -45.52 -23.26 19.01
CA ASN A 647 -44.99 -21.97 19.40
C ASN A 647 -44.40 -21.25 18.20
N SER A 648 -44.40 -19.92 18.27
CA SER A 648 -43.95 -19.10 17.15
C SER A 648 -42.46 -19.34 16.87
N ASN A 649 -42.11 -19.25 15.59
CA ASN A 649 -40.73 -19.41 15.14
C ASN A 649 -40.37 -18.22 14.26
N VAL A 650 -39.23 -17.58 14.55
CA VAL A 650 -38.86 -16.38 13.80
C VAL A 650 -38.60 -16.71 12.34
N TYR A 651 -37.98 -17.86 12.07
CA TYR A 651 -37.65 -18.20 10.68
C TYR A 651 -38.91 -18.31 9.84
N ASP A 652 -39.88 -19.11 10.30
CA ASP A 652 -41.09 -19.33 9.52
C ASP A 652 -41.89 -18.05 9.35
N VAL A 653 -42.11 -17.32 10.44
CA VAL A 653 -42.92 -16.11 10.37
C VAL A 653 -42.22 -15.06 9.51
N ALA A 654 -40.89 -14.97 9.60
CA ALA A 654 -40.15 -14.04 8.77
C ALA A 654 -40.28 -14.39 7.29
N MET A 655 -40.14 -15.68 6.96
CA MET A 655 -40.35 -16.09 5.58
C MET A 655 -41.74 -15.68 5.10
N LYS A 656 -42.77 -15.99 5.89
CA LYS A 656 -44.12 -15.68 5.48
C LYS A 656 -44.30 -14.18 5.27
N LEU A 657 -43.82 -13.37 6.21
CA LEU A 657 -43.99 -11.93 6.10
C LEU A 657 -43.26 -11.37 4.88
N VAL A 658 -42.01 -11.79 4.69
CA VAL A 658 -41.22 -11.26 3.58
C VAL A 658 -41.85 -11.64 2.25
N THR A 659 -42.28 -12.91 2.12
CA THR A 659 -42.94 -13.32 0.89
C THR A 659 -44.23 -12.56 0.68
N LYS A 660 -45.00 -12.35 1.75
CA LYS A 660 -46.29 -11.67 1.62
C LYS A 660 -46.12 -10.23 1.17
N HIS A 661 -45.15 -9.52 1.73
CA HIS A 661 -44.99 -8.11 1.46
C HIS A 661 -43.96 -7.80 0.38
N PHE A 662 -43.01 -8.69 0.16
CA PHE A 662 -42.00 -8.52 -0.89
C PHE A 662 -41.90 -9.80 -1.71
N PRO A 663 -42.99 -10.18 -2.37
CA PRO A 663 -43.00 -11.46 -3.10
C PRO A 663 -42.10 -11.41 -4.32
N GLY A 664 -41.30 -12.47 -4.49
CA GLY A 664 -40.47 -12.60 -5.66
C GLY A 664 -39.52 -11.44 -5.83
N GLU A 665 -38.83 -11.04 -4.77
CA GLU A 665 -37.86 -9.98 -4.80
C GLU A 665 -36.47 -10.54 -4.55
N PHE A 666 -35.54 -10.22 -5.44
CA PHE A 666 -34.18 -10.74 -5.36
C PHE A 666 -33.49 -10.23 -4.10
N GLY A 667 -32.64 -11.07 -3.53
CA GLY A 667 -31.89 -10.71 -2.34
C GLY A 667 -32.75 -10.40 -1.15
N SER A 668 -33.88 -11.11 -1.01
CA SER A 668 -34.74 -10.93 0.16
C SER A 668 -34.22 -11.65 1.39
N GLU A 669 -33.26 -12.56 1.23
CA GLU A 669 -32.73 -13.29 2.38
C GLU A 669 -32.09 -12.34 3.39
N ILE A 670 -31.47 -11.25 2.92
CA ILE A 670 -30.86 -10.31 3.85
C ILE A 670 -31.92 -9.61 4.69
N LEU A 671 -33.02 -9.19 4.06
CA LEU A 671 -34.12 -8.60 4.81
C LEU A 671 -34.72 -9.61 5.78
N VAL A 672 -34.79 -10.87 5.38
CA VAL A 672 -35.29 -11.91 6.27
C VAL A 672 -34.36 -12.04 7.48
N GLN A 673 -33.06 -12.02 7.25
CA GLN A 673 -32.11 -12.08 8.36
C GLN A 673 -32.31 -10.88 9.30
N LYS A 674 -32.48 -9.70 8.73
CA LYS A 674 -32.67 -8.50 9.54
C LYS A 674 -33.93 -8.62 10.40
N VAL A 675 -35.03 -9.06 9.80
CA VAL A 675 -36.28 -9.17 10.55
C VAL A 675 -36.16 -10.29 11.59
N VAL A 676 -35.42 -11.36 11.28
CA VAL A 676 -35.22 -12.42 12.26
C VAL A 676 -34.49 -11.87 13.48
N HIS A 677 -33.41 -11.12 13.25
CA HIS A 677 -32.68 -10.54 14.37
C HIS A 677 -33.55 -9.57 15.14
N THR A 678 -34.34 -8.76 14.44
CA THR A 678 -35.21 -7.79 15.11
C THR A 678 -36.21 -8.50 16.01
N ILE A 679 -36.85 -9.55 15.51
CA ILE A 679 -37.80 -10.30 16.32
C ILE A 679 -37.09 -10.95 17.49
N LEU A 680 -35.92 -11.54 17.24
CA LEU A 680 -35.19 -12.26 18.29
C LEU A 680 -34.85 -11.32 19.44
N HIS A 681 -34.39 -10.11 19.13
CA HIS A 681 -34.08 -9.15 20.18
C HIS A 681 -35.33 -8.46 20.72
N GLN A 682 -36.45 -8.54 20.00
CA GLN A 682 -37.67 -7.89 20.46
C GLN A 682 -38.34 -8.68 21.58
N THR A 683 -38.31 -10.00 21.51
CA THR A 683 -38.96 -10.84 22.50
C THR A 683 -37.94 -11.68 23.25
N GLU B 618 -51.00 13.58 -10.65
CA GLU B 618 -50.06 14.25 -11.54
C GLU B 618 -48.94 14.93 -10.75
N ALA B 619 -49.20 15.17 -9.47
CA ALA B 619 -48.25 15.84 -8.58
C ALA B 619 -47.66 14.84 -7.60
N PHE B 620 -46.35 14.93 -7.40
CA PHE B 620 -45.65 14.09 -6.45
C PHE B 620 -44.74 14.94 -5.58
N PRO B 621 -44.43 14.49 -4.37
CA PRO B 621 -43.65 15.34 -3.45
C PRO B 621 -42.15 15.10 -3.54
N ILE B 622 -41.41 16.21 -3.46
CA ILE B 622 -39.95 16.17 -3.39
C ILE B 622 -39.50 17.21 -2.37
N THR B 623 -38.60 16.82 -1.49
CA THR B 623 -38.09 17.68 -0.43
C THR B 623 -36.59 17.86 -0.60
N LEU B 624 -36.13 19.10 -0.54
CA LEU B 624 -34.72 19.41 -0.70
C LEU B 624 -33.98 19.12 0.59
N GLU B 625 -32.81 18.48 0.47
CA GLU B 625 -31.98 18.11 1.62
C GLU B 625 -30.53 18.41 1.26
N TRP B 626 -30.09 19.63 1.58
CA TRP B 626 -28.73 20.07 1.29
C TRP B 626 -28.20 20.84 2.49
N GLY B 627 -27.00 20.49 2.94
CA GLY B 627 -26.39 21.19 4.06
C GLY B 627 -27.19 21.07 5.35
N GLY B 628 -27.73 19.90 5.63
CA GLY B 628 -28.48 19.69 6.85
C GLY B 628 -29.74 20.54 6.92
N ARG B 629 -30.64 20.36 5.96
CA ARG B 629 -31.88 21.12 5.91
C ARG B 629 -32.98 20.26 5.31
N VAL B 630 -34.22 20.61 5.63
CA VAL B 630 -35.39 19.89 5.13
C VAL B 630 -36.50 20.90 4.87
N VAL B 631 -37.36 20.58 3.90
CA VAL B 631 -38.48 21.42 3.52
C VAL B 631 -39.61 20.52 3.01
N ARG B 632 -40.77 21.11 2.76
CA ARG B 632 -41.93 20.40 2.24
C ARG B 632 -42.38 21.06 0.95
N GLU B 633 -42.65 20.26 -0.07
CA GLU B 633 -43.09 20.79 -1.36
C GLU B 633 -43.79 19.69 -2.13
N THR B 634 -44.62 20.11 -3.09
CA THR B 634 -45.35 19.21 -3.98
C THR B 634 -45.17 19.72 -5.41
N VAL B 635 -44.50 18.92 -6.24
CA VAL B 635 -44.26 19.30 -7.63
C VAL B 635 -45.50 19.03 -8.45
N TYR B 636 -45.84 19.95 -9.33
CA TYR B 636 -46.99 19.84 -10.21
C TYR B 636 -46.53 19.53 -11.62
N TRP B 637 -47.06 18.46 -12.21
CA TRP B 637 -46.73 18.04 -13.56
C TRP B 637 -47.90 18.38 -14.48
N PHE B 638 -47.62 19.11 -15.55
CA PHE B 638 -48.64 19.58 -16.49
C PHE B 638 -48.35 19.09 -17.90
N GLN B 639 -47.98 17.83 -18.05
CA GLN B 639 -47.72 17.28 -19.37
C GLN B 639 -49.04 17.06 -20.11
N TYR B 640 -48.92 16.69 -21.39
CA TYR B 640 -50.02 16.39 -22.31
C TYR B 640 -50.68 17.65 -22.85
N GLU B 641 -50.25 18.84 -22.47
CA GLU B 641 -50.85 20.05 -23.00
C GLU B 641 -50.62 20.13 -24.51
N SER B 642 -51.61 20.68 -25.22
CA SER B 642 -51.56 20.67 -26.68
C SER B 642 -50.36 21.43 -27.20
N ASP B 643 -50.08 22.61 -26.64
CA ASP B 643 -49.00 23.44 -27.15
C ASP B 643 -47.65 22.75 -27.02
N SER B 644 -47.51 21.85 -26.05
CA SER B 644 -46.27 21.11 -25.82
C SER B 644 -45.20 21.99 -25.18
N SER B 645 -45.50 23.29 -25.01
CA SER B 645 -44.58 24.19 -24.32
C SER B 645 -44.90 24.28 -22.83
N LEU B 646 -46.19 24.37 -22.48
CA LEU B 646 -46.58 24.35 -21.08
C LEU B 646 -46.26 23.02 -20.42
N ASN B 647 -46.00 21.98 -21.21
CA ASN B 647 -45.61 20.69 -20.66
C ASN B 647 -44.35 20.86 -19.79
N SER B 648 -44.35 20.20 -18.65
CA SER B 648 -43.28 20.39 -17.68
C SER B 648 -41.96 19.87 -18.22
N ASN B 649 -40.88 20.61 -17.93
CA ASN B 649 -39.52 20.18 -18.20
C ASN B 649 -38.82 19.91 -16.87
N VAL B 650 -38.15 18.76 -16.78
CA VAL B 650 -37.62 18.32 -15.49
C VAL B 650 -36.58 19.30 -14.97
N TYR B 651 -35.67 19.73 -15.84
CA TYR B 651 -34.58 20.61 -15.38
C TYR B 651 -35.11 21.98 -14.95
N ASP B 652 -36.06 22.54 -15.72
CA ASP B 652 -36.64 23.81 -15.33
C ASP B 652 -37.35 23.70 -13.99
N VAL B 653 -38.12 22.63 -13.80
CA VAL B 653 -38.83 22.44 -12.53
C VAL B 653 -37.83 22.32 -11.39
N ALA B 654 -36.77 21.54 -11.59
CA ALA B 654 -35.77 21.34 -10.53
C ALA B 654 -35.11 22.66 -10.16
N MET B 655 -34.68 23.44 -11.15
CA MET B 655 -34.03 24.71 -10.86
C MET B 655 -34.98 25.68 -10.18
N LYS B 656 -36.24 25.74 -10.65
CA LYS B 656 -37.21 26.63 -10.03
C LYS B 656 -37.44 26.25 -8.58
N LEU B 657 -37.59 24.95 -8.30
CA LEU B 657 -37.80 24.51 -6.91
C LEU B 657 -36.59 24.83 -6.05
N VAL B 658 -35.38 24.58 -6.56
CA VAL B 658 -34.19 24.83 -5.77
C VAL B 658 -34.05 26.32 -5.44
N THR B 659 -34.24 27.18 -6.45
CA THR B 659 -34.10 28.61 -6.21
C THR B 659 -35.22 29.13 -5.30
N LYS B 660 -36.43 28.61 -5.43
CA LYS B 660 -37.54 29.06 -4.60
C LYS B 660 -37.33 28.65 -3.14
N HIS B 661 -36.91 27.40 -2.91
CA HIS B 661 -36.76 26.90 -1.55
C HIS B 661 -35.34 27.02 -1.03
N PHE B 662 -34.34 27.05 -1.91
CA PHE B 662 -32.94 27.16 -1.52
C PHE B 662 -32.28 28.29 -2.30
N PRO B 663 -32.70 29.53 -2.08
CA PRO B 663 -32.18 30.64 -2.88
C PRO B 663 -30.71 30.92 -2.55
N GLY B 664 -29.90 31.03 -3.59
CA GLY B 664 -28.50 31.41 -3.43
C GLY B 664 -27.72 30.49 -2.53
N GLU B 665 -27.86 29.18 -2.72
CA GLU B 665 -27.19 28.18 -1.89
C GLU B 665 -26.01 27.61 -2.67
N PHE B 666 -24.85 27.55 -2.02
CA PHE B 666 -23.64 27.07 -2.66
C PHE B 666 -23.76 25.60 -3.02
N GLY B 667 -23.14 25.22 -4.13
CA GLY B 667 -23.13 23.83 -4.54
C GLY B 667 -24.51 23.24 -4.74
N SER B 668 -25.41 24.01 -5.35
CA SER B 668 -26.78 23.56 -5.56
C SER B 668 -26.93 22.68 -6.79
N GLU B 669 -25.87 22.52 -7.60
CA GLU B 669 -25.97 21.65 -8.77
C GLU B 669 -26.24 20.21 -8.36
N ILE B 670 -25.64 19.77 -7.25
CA ILE B 670 -25.88 18.42 -6.76
C ILE B 670 -27.35 18.26 -6.37
N LEU B 671 -27.90 19.25 -5.66
CA LEU B 671 -29.30 19.17 -5.26
C LEU B 671 -30.21 19.17 -6.47
N VAL B 672 -29.91 19.99 -7.48
CA VAL B 672 -30.72 20.01 -8.69
C VAL B 672 -30.65 18.67 -9.40
N GLN B 673 -29.46 18.06 -9.43
CA GLN B 673 -29.33 16.74 -10.06
C GLN B 673 -30.16 15.70 -9.32
N LYS B 674 -30.13 15.71 -8.00
CA LYS B 674 -30.93 14.76 -7.23
C LYS B 674 -32.42 14.99 -7.47
N VAL B 675 -32.84 16.25 -7.53
CA VAL B 675 -34.25 16.55 -7.77
C VAL B 675 -34.66 16.08 -9.15
N VAL B 676 -33.77 16.24 -10.14
CA VAL B 676 -34.07 15.78 -11.49
C VAL B 676 -34.22 14.27 -11.52
N HIS B 677 -33.32 13.55 -10.83
CA HIS B 677 -33.43 12.10 -10.78
C HIS B 677 -34.74 11.67 -10.12
N THR B 678 -35.11 12.35 -9.03
CA THR B 678 -36.37 12.03 -8.36
C THR B 678 -37.55 12.28 -9.28
N ILE B 679 -37.53 13.40 -10.01
CA ILE B 679 -38.61 13.70 -10.95
C ILE B 679 -38.72 12.61 -12.01
N LEU B 680 -37.57 12.22 -12.58
CA LEU B 680 -37.58 11.21 -13.62
C LEU B 680 -38.15 9.89 -13.11
N HIS B 681 -37.73 9.48 -11.91
CA HIS B 681 -38.27 8.25 -11.34
C HIS B 681 -39.77 8.36 -11.08
N GLN B 682 -40.21 9.52 -10.58
CA GLN B 682 -41.64 9.70 -10.32
C GLN B 682 -42.44 9.66 -11.62
N THR B 683 -41.93 10.28 -12.68
CA THR B 683 -42.60 10.29 -13.97
C THR B 683 -42.33 8.99 -14.73
N LEU C 586 -44.62 30.16 41.62
CA LEU C 586 -44.23 28.94 40.93
C LEU C 586 -43.53 29.29 39.61
N ASP C 587 -43.30 28.27 38.78
CA ASP C 587 -42.61 28.49 37.51
C ASP C 587 -43.35 29.52 36.66
N GLY C 588 -42.59 30.49 36.13
CA GLY C 588 -43.16 31.49 35.25
C GLY C 588 -44.24 32.33 35.88
N ASP C 589 -44.01 32.79 37.11
CA ASP C 589 -44.98 33.61 37.82
C ASP C 589 -44.23 34.61 38.69
N ARG C 590 -44.95 35.65 39.11
CA ARG C 590 -44.35 36.67 39.96
C ARG C 590 -43.93 36.06 41.29
N THR C 591 -42.77 36.49 41.79
CA THR C 591 -42.19 35.97 43.02
C THR C 591 -42.06 37.11 44.03
N ASN C 592 -41.41 36.80 45.16
CA ASN C 592 -41.24 37.76 46.24
C ASN C 592 -40.02 38.64 46.09
N SER C 593 -39.19 38.41 45.08
CA SER C 593 -37.98 39.19 44.86
C SER C 593 -38.02 39.83 43.48
N ARG C 594 -37.71 41.12 43.42
CA ARG C 594 -37.67 41.81 42.15
C ARG C 594 -36.45 41.40 41.34
N SER C 595 -36.56 41.49 40.02
CA SER C 595 -35.50 41.08 39.11
C SER C 595 -34.62 42.28 38.78
N THR C 596 -33.35 42.22 39.19
CA THR C 596 -32.41 43.25 38.79
C THR C 596 -32.22 43.26 37.28
N GLY C 597 -32.12 42.08 36.67
CA GLY C 597 -32.04 42.00 35.22
C GLY C 597 -33.29 42.55 34.54
N GLY C 598 -34.45 42.28 35.11
CA GLY C 598 -35.68 42.80 34.55
C GLY C 598 -35.93 42.25 33.15
N LYS C 599 -36.01 43.16 32.17
CA LYS C 599 -36.25 42.81 30.78
C LYS C 599 -37.42 41.84 30.63
N CYS C 600 -38.38 41.94 31.55
CA CYS C 600 -39.61 41.15 31.48
C CYS C 600 -40.86 42.00 31.29
N GLY C 601 -40.81 43.29 31.59
CA GLY C 601 -42.01 44.09 31.71
C GLY C 601 -42.59 43.96 33.10
N CYS C 602 -42.69 42.74 33.60
CA CYS C 602 -43.07 42.53 35.00
C CYS C 602 -42.02 43.12 35.93
N GLY C 603 -40.75 42.89 35.65
CA GLY C 603 -39.67 43.35 36.49
C GLY C 603 -39.38 42.47 37.69
N PHE C 604 -40.09 41.35 37.84
CA PHE C 604 -39.93 40.47 38.99
C PHE C 604 -39.21 39.20 38.58
N LYS C 605 -38.48 38.62 39.52
CA LYS C 605 -37.77 37.37 39.27
C LYS C 605 -38.74 36.21 39.11
N HIS C 606 -38.37 35.27 38.25
CA HIS C 606 -39.20 34.11 37.96
C HIS C 606 -38.66 32.89 38.68
N PHE C 607 -39.52 32.22 39.45
CA PHE C 607 -39.13 31.04 40.19
C PHE C 607 -38.86 29.88 39.23
N TRP C 608 -37.87 29.06 39.58
CA TRP C 608 -37.54 27.89 38.77
C TRP C 608 -36.74 26.90 39.61
N ASP C 609 -37.00 25.61 39.38
CA ASP C 609 -36.24 24.50 39.97
C ASP C 609 -35.84 24.81 41.41
N GLY C 610 -36.81 25.28 42.18
CA GLY C 610 -36.54 25.61 43.58
C GLY C 610 -35.56 26.74 43.76
N LYS C 611 -35.56 27.70 42.85
CA LYS C 611 -34.61 28.81 42.91
C LYS C 611 -35.25 30.04 42.27
N GLU C 612 -34.69 31.20 42.59
CA GLU C 612 -35.18 32.49 42.10
C GLU C 612 -34.28 32.99 40.99
N TYR C 613 -34.87 33.32 39.85
CA TYR C 613 -34.14 33.75 38.67
C TYR C 613 -34.76 35.00 38.08
N ASP C 614 -33.93 35.77 37.36
CA ASP C 614 -34.37 37.06 36.85
C ASP C 614 -35.48 36.91 35.81
N ASN C 615 -35.32 35.99 34.87
CA ASN C 615 -36.22 35.92 33.72
C ASN C 615 -36.57 34.45 33.46
N LEU C 616 -37.20 34.21 32.33
CA LEU C 616 -37.71 32.91 31.92
C LEU C 616 -36.81 32.29 30.86
N PRO C 617 -36.97 31.00 30.59
CA PRO C 617 -36.10 30.34 29.61
C PRO C 617 -36.56 30.52 28.17
N GLU C 618 -35.58 30.52 27.27
CA GLU C 618 -35.84 30.41 25.84
C GLU C 618 -35.68 28.95 25.43
N ALA C 619 -36.61 28.13 25.92
CA ALA C 619 -36.49 26.69 25.79
C ALA C 619 -36.53 26.26 24.33
N PHE C 620 -35.80 25.20 24.01
CA PHE C 620 -35.71 24.70 22.65
C PHE C 620 -35.56 23.18 22.69
N PRO C 621 -36.02 22.46 21.67
CA PRO C 621 -35.97 21.00 21.73
C PRO C 621 -34.70 20.41 21.15
N ILE C 622 -34.21 19.36 21.83
CA ILE C 622 -33.05 18.60 21.39
C ILE C 622 -33.39 17.12 21.48
N THR C 623 -32.94 16.34 20.50
CA THR C 623 -33.20 14.91 20.45
C THR C 623 -31.95 14.18 20.91
N LEU C 624 -32.09 13.38 21.98
CA LEU C 624 -30.97 12.65 22.57
C LEU C 624 -31.05 11.20 22.14
N GLU C 625 -30.12 10.78 21.29
CA GLU C 625 -30.05 9.41 20.80
C GLU C 625 -28.73 8.79 21.23
N TRP C 626 -28.80 7.61 21.86
CA TRP C 626 -27.61 6.93 22.34
C TRP C 626 -27.82 5.44 22.21
N GLY C 627 -27.06 4.80 21.33
CA GLY C 627 -27.11 3.36 21.17
C GLY C 627 -28.51 2.82 21.01
N GLY C 628 -29.23 3.28 19.99
CA GLY C 628 -30.58 2.81 19.74
C GLY C 628 -31.56 3.17 20.84
N ARG C 629 -31.54 4.42 21.29
CA ARG C 629 -32.48 4.90 22.30
C ARG C 629 -32.81 6.35 21.98
N VAL C 630 -33.99 6.58 21.41
CA VAL C 630 -34.43 7.90 21.02
C VAL C 630 -35.23 8.53 22.15
N VAL C 631 -34.87 9.75 22.53
CA VAL C 631 -35.57 10.49 23.58
C VAL C 631 -35.72 11.94 23.14
N ARG C 632 -36.89 12.52 23.40
CA ARG C 632 -37.18 13.91 23.09
C ARG C 632 -37.19 14.70 24.39
N GLU C 633 -36.47 15.82 24.41
CA GLU C 633 -36.44 16.67 25.58
C GLU C 633 -36.13 18.10 25.16
N THR C 634 -36.57 19.05 26.00
CA THR C 634 -36.36 20.47 25.77
C THR C 634 -35.49 21.02 26.89
N VAL C 635 -34.48 21.80 26.51
CA VAL C 635 -33.56 22.42 27.46
C VAL C 635 -34.01 23.85 27.70
N TYR C 636 -34.20 24.21 28.96
CA TYR C 636 -34.71 25.52 29.35
C TYR C 636 -33.52 26.44 29.57
N TRP C 637 -33.00 26.97 28.47
CA TRP C 637 -31.81 27.81 28.51
C TRP C 637 -32.10 29.10 29.28
N PHE C 638 -31.10 29.55 30.04
CA PHE C 638 -31.22 30.72 30.89
C PHE C 638 -30.09 31.69 30.58
N GLN C 639 -30.43 32.97 30.44
CA GLN C 639 -29.45 34.03 30.28
C GLN C 639 -29.98 35.27 30.99
N TYR C 640 -29.20 36.35 30.94
CA TYR C 640 -29.54 37.60 31.61
C TYR C 640 -29.75 37.37 33.11
N GLU C 641 -28.68 36.92 33.77
CA GLU C 641 -28.67 36.72 35.22
C GLU C 641 -27.65 37.66 35.82
N SER C 642 -28.09 38.48 36.78
CA SER C 642 -27.19 39.43 37.41
C SER C 642 -26.08 38.72 38.16
N ASP C 643 -26.41 37.64 38.87
CA ASP C 643 -25.40 36.93 39.65
C ASP C 643 -24.29 36.39 38.77
N SER C 644 -24.58 36.08 37.52
CA SER C 644 -23.66 35.53 36.54
C SER C 644 -23.37 34.04 36.80
N SER C 645 -23.89 33.47 37.89
CA SER C 645 -23.68 32.06 38.18
C SER C 645 -24.88 31.19 37.82
N LEU C 646 -26.07 31.78 37.74
CA LEU C 646 -27.27 31.04 37.41
C LEU C 646 -27.51 30.94 35.91
N ASN C 647 -26.69 31.60 35.09
CA ASN C 647 -26.82 31.49 33.65
C ASN C 647 -26.58 30.05 33.21
N SER C 648 -27.32 29.62 32.19
CA SER C 648 -27.19 28.24 31.72
C SER C 648 -25.76 27.97 31.26
N ASN C 649 -25.28 26.77 31.55
CA ASN C 649 -23.96 26.31 31.15
C ASN C 649 -24.13 25.05 30.31
N VAL C 650 -23.70 25.10 29.05
CA VAL C 650 -23.93 23.99 28.14
C VAL C 650 -23.33 22.70 28.69
N TYR C 651 -22.13 22.78 29.28
CA TYR C 651 -21.50 21.59 29.81
C TYR C 651 -22.33 20.97 30.93
N ASP C 652 -22.71 21.79 31.92
CA ASP C 652 -23.50 21.28 33.03
C ASP C 652 -24.85 20.78 32.54
N VAL C 653 -25.50 21.55 31.66
CA VAL C 653 -26.82 21.17 31.17
C VAL C 653 -26.74 19.82 30.44
N ALA C 654 -25.73 19.68 29.59
CA ALA C 654 -25.60 18.45 28.79
C ALA C 654 -25.29 17.26 29.67
N MET C 655 -24.37 17.41 30.62
CA MET C 655 -24.06 16.30 31.52
C MET C 655 -25.28 15.91 32.35
N LYS C 656 -26.01 16.90 32.85
CA LYS C 656 -27.20 16.60 33.64
C LYS C 656 -28.25 15.88 32.80
N LEU C 657 -28.46 16.35 31.57
CA LEU C 657 -29.45 15.70 30.70
C LEU C 657 -29.04 14.26 30.39
N VAL C 658 -27.76 14.05 30.08
CA VAL C 658 -27.31 12.70 29.74
C VAL C 658 -27.47 11.77 30.94
N THR C 659 -27.08 12.24 32.12
CA THR C 659 -27.22 11.43 33.32
C THR C 659 -28.70 11.13 33.60
N LYS C 660 -29.56 12.13 33.48
CA LYS C 660 -30.96 11.95 33.80
C LYS C 660 -31.62 10.98 32.84
N HIS C 661 -31.34 11.09 31.55
CA HIS C 661 -31.99 10.24 30.55
C HIS C 661 -31.25 8.95 30.31
N PHE C 662 -29.92 8.95 30.39
CA PHE C 662 -29.10 7.75 30.14
C PHE C 662 -28.10 7.58 31.27
N PRO C 663 -28.58 7.34 32.50
CA PRO C 663 -27.67 7.21 33.63
C PRO C 663 -26.78 5.98 33.51
N GLY C 664 -25.56 6.13 34.00
CA GLY C 664 -24.64 5.01 34.11
C GLY C 664 -24.22 4.43 32.77
N GLU C 665 -24.55 5.11 31.68
CA GLU C 665 -24.19 4.62 30.36
C GLU C 665 -22.69 4.74 30.14
N PHE C 666 -22.14 3.78 29.40
CA PHE C 666 -20.71 3.78 29.11
C PHE C 666 -20.41 4.66 27.91
N GLY C 667 -19.29 5.38 27.98
CA GLY C 667 -18.91 6.25 26.88
C GLY C 667 -19.92 7.32 26.57
N SER C 668 -20.65 7.79 27.58
CA SER C 668 -21.61 8.87 27.37
C SER C 668 -20.93 10.19 27.05
N GLU C 669 -19.61 10.27 27.21
CA GLU C 669 -18.90 11.51 26.89
C GLU C 669 -19.16 11.94 25.45
N ILE C 670 -19.28 10.98 24.53
CA ILE C 670 -19.55 11.32 23.14
C ILE C 670 -20.93 11.95 23.02
N LEU C 671 -21.92 11.39 23.71
CA LEU C 671 -23.26 11.98 23.69
C LEU C 671 -23.25 13.38 24.30
N VAL C 672 -22.47 13.58 25.36
CA VAL C 672 -22.37 14.90 25.96
C VAL C 672 -21.77 15.89 24.97
N GLN C 673 -20.73 15.46 24.25
CA GLN C 673 -20.14 16.32 23.23
C GLN C 673 -21.17 16.68 22.17
N LYS C 674 -21.94 15.70 21.70
CA LYS C 674 -22.95 15.98 20.69
C LYS C 674 -23.99 16.97 21.21
N VAL C 675 -24.47 16.76 22.43
CA VAL C 675 -25.52 17.60 22.97
C VAL C 675 -25.01 19.02 23.19
N VAL C 676 -23.80 19.16 23.72
CA VAL C 676 -23.25 20.48 23.97
C VAL C 676 -23.03 21.21 22.64
N HIS C 677 -22.54 20.50 21.62
CA HIS C 677 -22.38 21.11 20.31
C HIS C 677 -23.71 21.58 19.76
N THR C 678 -24.74 20.74 19.87
CA THR C 678 -26.05 21.12 19.35
C THR C 678 -26.61 22.33 20.08
N ILE C 679 -26.49 22.36 21.41
CA ILE C 679 -27.01 23.49 22.17
C ILE C 679 -26.25 24.76 21.81
N LEU C 680 -24.93 24.67 21.71
CA LEU C 680 -24.13 25.83 21.31
C LEU C 680 -24.61 26.37 19.96
N HIS C 681 -24.70 25.48 18.97
CA HIS C 681 -25.08 25.93 17.64
C HIS C 681 -26.51 26.48 17.60
N GLN C 682 -27.41 25.97 18.43
CA GLN C 682 -28.77 26.49 18.41
C GLN C 682 -28.79 27.95 18.81
N THR C 683 -28.11 28.29 19.90
CA THR C 683 -28.14 29.65 20.43
C THR C 683 -27.56 30.64 19.42
N ASN D 225 15.82 -48.85 -26.64
CA ASN D 225 16.78 -47.72 -26.45
C ASN D 225 16.34 -46.49 -27.25
N GLU D 226 15.44 -46.70 -28.21
CA GLU D 226 14.90 -45.64 -29.05
C GLU D 226 13.39 -45.60 -28.92
N VAL D 227 12.84 -44.40 -28.78
CA VAL D 227 11.43 -44.21 -28.53
C VAL D 227 10.71 -43.96 -29.85
N GLY D 228 9.41 -44.23 -29.87
CA GLY D 228 8.58 -44.00 -31.03
C GLY D 228 7.22 -43.48 -30.63
N TYR D 229 6.38 -43.27 -31.64
CA TYR D 229 5.04 -42.75 -31.38
C TYR D 229 4.24 -43.69 -30.50
N ASP D 230 4.34 -45.00 -30.77
CA ASP D 230 3.57 -45.96 -29.98
C ASP D 230 3.92 -45.88 -28.50
N ASP D 231 5.11 -45.41 -28.16
CA ASP D 231 5.52 -45.34 -26.76
C ASP D 231 4.81 -44.19 -26.04
N ILE D 232 4.45 -43.14 -26.75
CA ILE D 232 3.84 -41.96 -26.16
C ILE D 232 2.34 -42.18 -26.03
N GLY D 233 1.74 -41.53 -25.03
CA GLY D 233 0.31 -41.63 -24.82
C GLY D 233 -0.21 -40.44 -24.05
N GLY D 234 -1.51 -40.20 -24.20
CA GLY D 234 -2.18 -39.12 -23.50
C GLY D 234 -2.16 -37.79 -24.19
N CYS D 235 -1.47 -37.67 -25.32
CA CYS D 235 -1.35 -36.41 -26.05
C CYS D 235 -1.53 -36.67 -27.54
N ARG D 236 -2.56 -37.45 -27.89
CA ARG D 236 -2.74 -37.85 -29.28
C ARG D 236 -2.94 -36.64 -30.19
N LYS D 237 -3.81 -35.72 -29.78
CA LYS D 237 -4.07 -34.54 -30.61
C LYS D 237 -2.83 -33.68 -30.76
N GLN D 238 -2.14 -33.40 -29.65
CA GLN D 238 -0.92 -32.61 -29.71
C GLN D 238 0.16 -33.32 -30.49
N LEU D 239 0.25 -34.64 -30.36
CA LEU D 239 1.22 -35.39 -31.15
C LEU D 239 0.92 -35.27 -32.64
N ALA D 240 -0.36 -35.33 -33.02
CA ALA D 240 -0.72 -35.15 -34.41
C ALA D 240 -0.35 -33.76 -34.90
N GLN D 241 -0.59 -32.74 -34.06
CA GLN D 241 -0.22 -31.38 -34.44
C GLN D 241 1.29 -31.29 -34.68
N ILE D 242 2.07 -31.84 -33.75
CA ILE D 242 3.53 -31.80 -33.89
C ILE D 242 3.95 -32.52 -35.17
N LYS D 243 3.35 -33.67 -35.44
CA LYS D 243 3.71 -34.43 -36.63
C LYS D 243 3.42 -33.62 -37.88
N GLU D 244 2.21 -33.11 -38.03
CA GLU D 244 1.89 -32.34 -39.23
C GLU D 244 2.76 -31.10 -39.33
N MET D 245 3.22 -30.57 -38.19
CA MET D 245 4.05 -29.37 -38.21
C MET D 245 5.46 -29.67 -38.71
N VAL D 246 6.07 -30.75 -38.22
CA VAL D 246 7.51 -30.95 -38.34
C VAL D 246 7.86 -32.08 -39.31
N GLU D 247 7.10 -33.18 -39.29
CA GLU D 247 7.50 -34.36 -40.05
C GLU D 247 7.68 -34.02 -41.53
N LEU D 248 6.69 -33.37 -42.13
CA LEU D 248 6.79 -33.06 -43.56
C LEU D 248 8.03 -32.25 -43.89
N PRO D 249 8.31 -31.13 -43.21
CA PRO D 249 9.57 -30.42 -43.48
C PRO D 249 10.81 -31.29 -43.31
N LEU D 250 10.82 -32.14 -42.29
CA LEU D 250 12.00 -32.96 -42.03
C LEU D 250 12.11 -34.11 -43.02
N ARG D 251 10.98 -34.75 -43.36
CA ARG D 251 11.03 -35.93 -44.21
C ARG D 251 11.44 -35.59 -45.63
N HIS D 252 11.15 -34.37 -46.09
CA HIS D 252 11.44 -33.95 -47.46
C HIS D 252 12.15 -32.61 -47.42
N PRO D 253 13.42 -32.59 -47.02
CA PRO D 253 14.15 -31.31 -46.90
C PRO D 253 14.21 -30.54 -48.21
N ALA D 254 14.77 -31.17 -49.25
CA ALA D 254 14.99 -30.45 -50.51
C ALA D 254 13.67 -30.00 -51.12
N LEU D 255 12.65 -30.86 -51.10
CA LEU D 255 11.36 -30.49 -51.67
C LEU D 255 10.79 -29.26 -50.97
N PHE D 256 11.00 -29.15 -49.66
CA PHE D 256 10.40 -28.04 -48.91
C PHE D 256 10.94 -26.70 -49.39
N LYS D 257 12.26 -26.55 -49.45
CA LYS D 257 12.83 -25.28 -49.86
C LYS D 257 12.57 -24.99 -51.33
N ALA D 258 12.32 -26.01 -52.14
CA ALA D 258 11.94 -25.77 -53.54
C ALA D 258 10.63 -24.99 -53.62
N ILE D 259 9.65 -25.37 -52.79
CA ILE D 259 8.40 -24.62 -52.72
C ILE D 259 8.58 -23.44 -51.77
N GLY D 260 7.99 -22.31 -52.13
CA GLY D 260 8.23 -21.07 -51.40
C GLY D 260 7.53 -21.01 -50.06
N VAL D 261 7.98 -21.84 -49.11
CA VAL D 261 7.46 -21.82 -47.75
C VAL D 261 8.61 -22.06 -46.79
N LYS D 262 8.47 -21.54 -45.56
CA LYS D 262 9.47 -21.71 -44.52
C LYS D 262 8.90 -22.57 -43.40
N PRO D 263 9.59 -23.62 -42.97
CA PRO D 263 9.05 -24.46 -41.90
C PRO D 263 9.21 -23.79 -40.55
N PRO D 264 8.60 -24.35 -39.50
CA PRO D 264 8.70 -23.71 -38.18
C PRO D 264 10.14 -23.65 -37.70
N ARG D 265 10.63 -22.43 -37.50
CA ARG D 265 12.01 -22.25 -37.04
C ARG D 265 12.17 -22.74 -35.60
N GLY D 266 11.16 -22.53 -34.77
CA GLY D 266 11.22 -22.98 -33.39
C GLY D 266 9.85 -23.17 -32.77
N ILE D 267 9.64 -24.32 -32.15
CA ILE D 267 8.36 -24.65 -31.52
C ILE D 267 8.54 -24.58 -30.02
N LEU D 268 7.43 -24.34 -29.32
CA LEU D 268 7.44 -24.15 -27.86
C LEU D 268 6.29 -24.94 -27.26
N LEU D 269 6.57 -26.18 -26.85
CA LEU D 269 5.60 -26.97 -26.10
C LEU D 269 5.60 -26.52 -24.66
N TYR D 270 4.42 -26.47 -24.05
CA TYR D 270 4.35 -26.14 -22.64
C TYR D 270 3.17 -26.85 -21.97
N GLY D 271 3.27 -26.97 -20.66
CA GLY D 271 2.30 -27.66 -19.86
C GLY D 271 2.92 -28.02 -18.52
N PRO D 272 2.10 -28.45 -17.56
CA PRO D 272 2.63 -28.79 -16.25
C PRO D 272 3.67 -29.90 -16.35
N PRO D 273 4.71 -29.87 -15.53
CA PRO D 273 5.80 -30.82 -15.68
C PRO D 273 5.35 -32.25 -15.42
N GLY D 274 6.07 -33.19 -16.02
CA GLY D 274 5.80 -34.61 -15.86
C GLY D 274 5.05 -35.25 -17.00
N THR D 275 4.77 -34.53 -18.07
CA THR D 275 4.02 -35.06 -19.21
C THR D 275 4.92 -35.71 -20.26
N GLY D 276 6.22 -35.81 -20.00
CA GLY D 276 7.12 -36.45 -20.94
C GLY D 276 7.26 -35.74 -22.26
N LYS D 277 7.39 -34.40 -22.23
CA LYS D 277 7.58 -33.66 -23.47
C LYS D 277 8.90 -34.04 -24.13
N THR D 278 9.94 -34.26 -23.32
CA THR D 278 11.20 -34.75 -23.86
C THR D 278 11.00 -36.03 -24.65
N LEU D 279 10.12 -36.91 -24.16
CA LEU D 279 9.82 -38.13 -24.90
C LEU D 279 9.16 -37.80 -26.23
N ILE D 280 8.29 -36.79 -26.26
CA ILE D 280 7.66 -36.40 -27.52
C ILE D 280 8.71 -35.96 -28.52
N ALA D 281 9.64 -35.10 -28.07
CA ALA D 281 10.69 -34.64 -28.97
C ALA D 281 11.54 -35.79 -29.45
N ARG D 282 11.93 -36.69 -28.55
CA ARG D 282 12.76 -37.83 -28.93
C ARG D 282 12.05 -38.72 -29.94
N ALA D 283 10.75 -38.97 -29.70
CA ALA D 283 10.00 -39.82 -30.63
C ALA D 283 9.89 -39.18 -32.00
N VAL D 284 9.63 -37.88 -32.05
CA VAL D 284 9.56 -37.20 -33.33
C VAL D 284 10.90 -37.30 -34.05
N ALA D 285 11.99 -37.05 -33.33
CA ALA D 285 13.31 -37.12 -33.95
C ALA D 285 13.60 -38.51 -34.48
N ASN D 286 13.28 -39.54 -33.70
CA ASN D 286 13.55 -40.91 -34.14
C ASN D 286 12.70 -41.27 -35.36
N GLU D 287 11.41 -40.96 -35.31
CA GLU D 287 10.52 -41.33 -36.41
C GLU D 287 10.93 -40.62 -37.70
N THR D 288 11.22 -39.32 -37.62
CA THR D 288 11.69 -38.59 -38.79
C THR D 288 13.14 -38.90 -39.14
N GLY D 289 13.87 -39.55 -38.24
CA GLY D 289 15.26 -39.88 -38.48
C GLY D 289 16.22 -38.72 -38.31
N ALA D 290 15.74 -37.56 -37.91
CA ALA D 290 16.61 -36.40 -37.76
C ALA D 290 17.46 -36.52 -36.50
N PHE D 291 18.65 -35.93 -36.55
CA PHE D 291 19.53 -35.94 -35.40
C PHE D 291 18.90 -35.19 -34.24
N PHE D 292 19.13 -35.67 -33.02
CA PHE D 292 18.52 -35.13 -31.82
C PHE D 292 19.60 -34.65 -30.87
N PHE D 293 19.40 -33.48 -30.28
CA PHE D 293 20.34 -32.89 -29.34
C PHE D 293 19.55 -32.30 -28.18
N LEU D 294 19.89 -32.70 -26.96
CA LEU D 294 19.18 -32.28 -25.76
C LEU D 294 20.01 -31.26 -25.00
N ILE D 295 19.38 -30.17 -24.59
CA ILE D 295 20.03 -29.12 -23.80
C ILE D 295 19.31 -29.05 -22.46
N ASN D 296 20.04 -29.33 -21.38
CA ASN D 296 19.49 -29.26 -20.04
C ASN D 296 19.72 -27.86 -19.49
N GLY D 297 18.63 -27.13 -19.28
CA GLY D 297 18.71 -25.76 -18.82
C GLY D 297 19.53 -25.63 -17.55
N PRO D 298 19.16 -26.40 -16.52
CA PRO D 298 19.98 -26.41 -15.30
C PRO D 298 21.42 -26.81 -15.57
N GLU D 299 21.65 -27.77 -16.46
CA GLU D 299 23.02 -28.16 -16.78
C GLU D 299 23.79 -26.99 -17.38
N ILE D 300 23.17 -26.28 -18.33
CA ILE D 300 23.84 -25.16 -18.99
C ILE D 300 24.14 -24.06 -17.97
N MET D 301 23.15 -23.73 -17.14
CA MET D 301 23.37 -22.69 -16.14
C MET D 301 24.38 -23.11 -15.07
N SER D 302 24.59 -24.42 -14.90
CA SER D 302 25.59 -24.87 -13.94
C SER D 302 26.99 -24.43 -14.35
N LYS D 303 27.29 -24.49 -15.65
CA LYS D 303 28.63 -24.17 -16.12
C LYS D 303 28.99 -22.74 -15.76
N LEU D 304 30.26 -22.54 -15.40
CA LEU D 304 30.75 -21.21 -15.08
C LEU D 304 30.66 -20.31 -16.30
N ALA D 305 30.48 -19.01 -16.06
CA ALA D 305 30.29 -18.05 -17.14
C ALA D 305 31.35 -18.26 -18.23
N GLY D 306 30.95 -18.00 -19.46
CA GLY D 306 31.81 -18.25 -20.61
C GLY D 306 31.63 -19.64 -21.19
N GLU D 307 31.69 -20.66 -20.33
CA GLU D 307 31.45 -22.02 -20.80
C GLU D 307 30.01 -22.21 -21.24
N SER D 308 29.07 -21.47 -20.65
CA SER D 308 27.68 -21.60 -21.01
C SER D 308 27.45 -21.22 -22.47
N GLU D 309 27.91 -20.04 -22.87
CA GLU D 309 27.74 -19.60 -24.25
C GLU D 309 28.50 -20.51 -25.21
N SER D 310 29.68 -20.96 -24.81
CA SER D 310 30.43 -21.88 -25.65
C SER D 310 29.66 -23.17 -25.86
N ASN D 311 29.03 -23.69 -24.82
CA ASN D 311 28.25 -24.92 -24.95
C ASN D 311 27.04 -24.70 -25.85
N LEU D 312 26.38 -23.55 -25.70
CA LEU D 312 25.22 -23.26 -26.56
C LEU D 312 25.64 -23.18 -28.03
N ARG D 313 26.74 -22.47 -28.30
CA ARG D 313 27.22 -22.36 -29.67
C ARG D 313 27.60 -23.74 -30.22
N LYS D 314 28.28 -24.55 -29.41
CA LYS D 314 28.65 -25.88 -29.84
C LYS D 314 27.41 -26.72 -30.15
N ALA D 315 26.39 -26.63 -29.31
CA ALA D 315 25.18 -27.40 -29.55
C ALA D 315 24.53 -27.00 -30.86
N PHE D 316 24.40 -25.70 -31.10
CA PHE D 316 23.75 -25.26 -32.34
C PHE D 316 24.58 -25.64 -33.56
N GLU D 317 25.91 -25.48 -33.49
CA GLU D 317 26.76 -25.85 -34.62
C GLU D 317 26.68 -27.35 -34.88
N GLU D 318 26.68 -28.16 -33.83
CA GLU D 318 26.56 -29.60 -34.00
C GLU D 318 25.23 -29.97 -34.63
N ALA D 319 24.14 -29.33 -34.18
CA ALA D 319 22.84 -29.61 -34.77
C ALA D 319 22.83 -29.24 -36.25
N GLU D 320 23.43 -28.12 -36.61
CA GLU D 320 23.52 -27.74 -38.02
C GLU D 320 24.33 -28.75 -38.81
N LYS D 321 25.44 -29.23 -38.24
CA LYS D 321 26.34 -30.11 -38.98
C LYS D 321 25.63 -31.40 -39.39
N ASN D 322 24.82 -31.96 -38.49
CA ASN D 322 24.09 -33.19 -38.75
C ASN D 322 22.67 -32.93 -39.23
N ALA D 323 22.47 -31.83 -39.96
CA ALA D 323 21.13 -31.50 -40.42
C ALA D 323 20.62 -32.58 -41.38
N PRO D 324 19.30 -32.83 -41.40
CA PRO D 324 18.25 -32.20 -40.58
C PRO D 324 18.32 -32.67 -39.14
N ALA D 325 17.94 -31.82 -38.18
CA ALA D 325 18.09 -32.16 -36.78
C ALA D 325 17.05 -31.41 -35.97
N ILE D 326 16.85 -31.86 -34.73
CA ILE D 326 15.98 -31.21 -33.77
C ILE D 326 16.76 -30.97 -32.49
N ILE D 327 16.71 -29.75 -31.99
CA ILE D 327 17.36 -29.37 -30.74
C ILE D 327 16.25 -29.15 -29.71
N PHE D 328 16.22 -29.99 -28.68
CA PHE D 328 15.24 -29.88 -27.61
C PHE D 328 15.90 -29.23 -26.40
N ILE D 329 15.52 -27.99 -26.11
CA ILE D 329 16.01 -27.27 -24.95
C ILE D 329 15.00 -27.50 -23.82
N ASP D 330 15.36 -28.37 -22.89
CA ASP D 330 14.49 -28.66 -21.75
C ASP D 330 14.69 -27.62 -20.66
N GLU D 331 13.61 -27.33 -19.93
CA GLU D 331 13.62 -26.32 -18.88
C GLU D 331 14.17 -25.00 -19.41
N LEU D 332 13.47 -24.47 -20.41
CA LEU D 332 13.87 -23.20 -21.00
C LEU D 332 13.79 -22.08 -19.98
N ASP D 333 12.78 -22.12 -19.11
CA ASP D 333 12.62 -21.06 -18.10
C ASP D 333 13.91 -20.84 -17.33
N ALA D 334 14.62 -21.93 -17.01
CA ALA D 334 15.86 -21.78 -16.25
C ALA D 334 16.88 -20.94 -17.02
N ILE D 335 17.03 -21.21 -18.32
CA ILE D 335 18.02 -20.48 -19.11
C ILE D 335 17.59 -19.03 -19.29
N ALA D 336 16.34 -18.81 -19.66
CA ALA D 336 15.83 -17.47 -20.01
C ALA D 336 14.51 -17.23 -19.30
N PRO D 337 14.55 -17.02 -17.99
CA PRO D 337 13.30 -16.75 -17.25
C PRO D 337 12.76 -15.36 -17.55
N LYS D 338 11.71 -14.96 -16.85
CA LYS D 338 11.16 -13.62 -17.04
C LYS D 338 12.24 -12.58 -16.78
N ARG D 339 12.24 -11.52 -17.61
CA ARG D 339 13.30 -10.53 -17.54
C ARG D 339 13.43 -9.95 -16.13
N GLU D 340 12.33 -9.88 -15.39
CA GLU D 340 12.41 -9.45 -13.99
C GLU D 340 13.25 -10.42 -13.18
N LYS D 341 13.12 -11.72 -13.45
CA LYS D 341 13.86 -12.73 -12.71
C LYS D 341 15.36 -12.56 -12.91
N THR D 342 15.79 -12.31 -14.14
CA THR D 342 17.22 -12.14 -14.42
C THR D 342 17.76 -10.93 -13.68
N HIS D 343 18.89 -11.11 -13.01
CA HIS D 343 19.53 -10.03 -12.26
C HIS D 343 20.96 -9.75 -12.71
N GLY D 344 21.76 -10.78 -12.94
CA GLY D 344 23.16 -10.60 -13.24
C GLY D 344 23.41 -10.24 -14.69
N GLU D 345 24.67 -9.90 -14.97
CA GLU D 345 25.08 -9.58 -16.33
C GLU D 345 25.16 -10.85 -17.18
N VAL D 346 25.77 -11.91 -16.65
CA VAL D 346 25.89 -13.15 -17.39
C VAL D 346 24.52 -13.76 -17.67
N GLU D 347 23.59 -13.60 -16.72
CA GLU D 347 22.25 -14.15 -16.92
C GLU D 347 21.59 -13.55 -18.15
N ARG D 348 21.75 -12.24 -18.36
CA ARG D 348 21.21 -11.60 -19.54
C ARG D 348 22.05 -11.88 -20.78
N ARG D 349 23.37 -12.03 -20.63
CA ARG D 349 24.22 -12.34 -21.77
C ARG D 349 23.87 -13.69 -22.37
N ILE D 350 23.56 -14.67 -21.52
CA ILE D 350 23.17 -15.99 -22.02
C ILE D 350 21.88 -15.88 -22.83
N VAL D 351 20.91 -15.11 -22.33
CA VAL D 351 19.66 -14.93 -23.07
C VAL D 351 19.92 -14.26 -24.41
N SER D 352 20.79 -13.24 -24.41
CA SER D 352 21.11 -12.56 -25.66
C SER D 352 21.78 -13.52 -26.64
N GLN D 353 22.69 -14.37 -26.16
CA GLN D 353 23.32 -15.35 -27.02
C GLN D 353 22.30 -16.31 -27.61
N LEU D 354 21.36 -16.76 -26.78
CA LEU D 354 20.33 -17.67 -27.27
C LEU D 354 19.47 -16.99 -28.33
N LEU D 355 19.11 -15.72 -28.12
CA LEU D 355 18.33 -15.00 -29.11
C LEU D 355 19.11 -14.85 -30.42
N THR D 356 20.39 -14.52 -30.32
CA THR D 356 21.20 -14.39 -31.53
C THR D 356 21.27 -15.71 -32.28
N LEU D 357 21.43 -16.82 -31.56
CA LEU D 357 21.44 -18.12 -32.22
C LEU D 357 20.09 -18.40 -32.87
N MET D 358 18.99 -18.07 -32.18
CA MET D 358 17.67 -18.25 -32.76
C MET D 358 17.55 -17.53 -34.08
N ASP D 359 17.92 -16.24 -34.11
CA ASP D 359 17.82 -15.47 -35.35
C ASP D 359 18.78 -16.00 -36.41
N GLY D 360 19.79 -16.76 -36.03
CA GLY D 360 20.76 -17.29 -36.97
C GLY D 360 20.37 -18.59 -37.63
N LEU D 361 19.17 -19.11 -37.38
CA LEU D 361 18.72 -20.35 -37.99
C LEU D 361 18.20 -20.17 -39.40
N LYS D 362 17.93 -18.93 -39.82
CA LYS D 362 17.43 -18.70 -41.17
C LYS D 362 18.42 -19.21 -42.21
N GLN D 363 19.71 -18.91 -42.03
CA GLN D 363 20.71 -19.42 -42.97
C GLN D 363 20.80 -20.94 -42.89
N ARG D 364 20.69 -21.50 -41.69
CA ARG D 364 20.74 -22.95 -41.53
C ARG D 364 19.54 -23.61 -42.20
N ALA D 365 19.72 -24.85 -42.61
CA ALA D 365 18.71 -25.60 -43.35
C ALA D 365 18.20 -26.75 -42.50
N HIS D 366 16.88 -26.82 -42.33
CA HIS D 366 16.22 -27.93 -41.67
C HIS D 366 16.78 -28.15 -40.26
N VAL D 367 16.64 -27.12 -39.43
CA VAL D 367 17.00 -27.19 -38.01
C VAL D 367 15.84 -26.59 -37.23
N ILE D 368 15.05 -27.44 -36.59
CA ILE D 368 13.89 -27.03 -35.80
C ILE D 368 14.24 -27.18 -34.32
N VAL D 369 14.03 -26.12 -33.56
CA VAL D 369 14.37 -26.09 -32.14
C VAL D 369 13.08 -26.06 -31.34
N MET D 370 12.88 -27.06 -30.48
CA MET D 370 11.69 -27.17 -29.65
C MET D 370 12.10 -26.99 -28.19
N ALA D 371 11.38 -26.13 -27.48
CA ALA D 371 11.68 -25.82 -26.08
C ALA D 371 10.48 -26.14 -25.22
N ALA D 372 10.75 -26.42 -23.94
CA ALA D 372 9.72 -26.81 -22.98
C ALA D 372 9.69 -25.81 -21.83
N THR D 373 8.48 -25.37 -21.47
CA THR D 373 8.29 -24.45 -20.35
C THR D 373 6.90 -24.69 -19.78
N ASN D 374 6.70 -24.22 -18.55
CA ASN D 374 5.43 -24.46 -17.88
C ASN D 374 4.32 -23.59 -18.44
N ARG D 375 4.60 -22.31 -18.67
CA ARG D 375 3.62 -21.37 -19.18
C ARG D 375 4.30 -20.45 -20.18
N PRO D 376 3.53 -19.88 -21.12
CA PRO D 376 4.13 -18.95 -22.08
C PRO D 376 4.77 -17.73 -21.44
N ASN D 377 4.21 -17.25 -20.32
CA ASN D 377 4.75 -16.08 -19.65
C ASN D 377 5.91 -16.42 -18.72
N SER D 378 6.28 -17.68 -18.60
CA SER D 378 7.36 -18.11 -17.74
C SER D 378 8.73 -17.99 -18.40
N ILE D 379 8.80 -17.43 -19.61
CA ILE D 379 10.04 -17.26 -20.34
C ILE D 379 10.12 -15.82 -20.83
N ASP D 380 11.32 -15.43 -21.24
CA ASP D 380 11.54 -14.07 -21.71
C ASP D 380 10.64 -13.81 -22.93
N PRO D 381 9.87 -12.72 -22.93
CA PRO D 381 9.02 -12.45 -24.11
C PRO D 381 9.81 -12.22 -25.38
N ALA D 382 11.07 -11.81 -25.29
CA ALA D 382 11.89 -11.62 -26.48
C ALA D 382 12.10 -12.91 -27.25
N LEU D 383 11.99 -14.06 -26.58
CA LEU D 383 12.15 -15.34 -27.25
C LEU D 383 10.94 -15.71 -28.08
N ARG D 384 9.74 -15.31 -27.65
CA ARG D 384 8.51 -15.68 -28.33
C ARG D 384 8.23 -14.80 -29.55
N ARG D 385 9.22 -14.03 -30.02
CA ARG D 385 9.03 -13.16 -31.17
C ARG D 385 8.96 -13.99 -32.45
N PHE D 386 8.82 -13.30 -33.57
CA PHE D 386 8.82 -13.98 -34.87
C PHE D 386 10.23 -14.42 -35.24
N GLY D 387 10.30 -15.44 -36.08
CA GLY D 387 11.60 -16.03 -36.42
C GLY D 387 12.13 -16.91 -35.33
N ARG D 388 12.07 -16.45 -34.08
CA ARG D 388 12.37 -17.27 -32.92
C ARG D 388 11.14 -18.11 -32.60
N PHE D 389 11.12 -18.73 -31.42
CA PHE D 389 9.98 -19.55 -31.02
C PHE D 389 8.67 -18.82 -31.31
N ASP D 390 7.90 -19.38 -32.24
CA ASP D 390 6.63 -18.78 -32.65
C ASP D 390 5.47 -19.75 -32.55
N ARG D 391 5.70 -21.04 -32.83
CA ARG D 391 4.65 -22.05 -32.74
C ARG D 391 4.60 -22.60 -31.33
N GLU D 392 3.39 -22.66 -30.76
CA GLU D 392 3.19 -23.14 -29.40
C GLU D 392 2.17 -24.25 -29.41
N VAL D 393 2.49 -25.36 -28.76
CA VAL D 393 1.59 -26.51 -28.62
C VAL D 393 1.40 -26.77 -27.14
N ASP D 394 0.16 -26.69 -26.68
CA ASP D 394 -0.16 -26.86 -25.26
C ASP D 394 -0.37 -28.35 -24.99
N ILE D 395 0.63 -28.98 -24.38
CA ILE D 395 0.51 -30.40 -24.06
C ILE D 395 -0.60 -30.61 -23.03
N GLY D 396 -0.69 -29.72 -22.04
CA GLY D 396 -1.74 -29.85 -21.06
C GLY D 396 -1.58 -31.09 -20.20
N ILE D 397 -2.71 -31.62 -19.75
CA ILE D 397 -2.72 -32.82 -18.91
C ILE D 397 -3.59 -33.87 -19.58
N PRO D 398 -3.27 -35.16 -19.46
CA PRO D 398 -4.06 -36.19 -20.14
C PRO D 398 -5.46 -36.29 -19.57
N ASP D 399 -6.39 -36.69 -20.42
CA ASP D 399 -7.78 -36.90 -20.03
C ASP D 399 -8.01 -38.39 -19.76
N ALA D 400 -9.26 -38.77 -19.50
CA ALA D 400 -9.57 -40.13 -19.10
C ALA D 400 -9.04 -41.14 -20.12
N THR D 401 -9.33 -40.91 -21.40
CA THR D 401 -8.79 -41.78 -22.44
C THR D 401 -7.27 -41.73 -22.46
N GLY D 402 -6.71 -40.53 -22.34
CA GLY D 402 -5.27 -40.41 -22.29
C GLY D 402 -4.67 -41.09 -21.07
N ARG D 403 -5.35 -40.99 -19.93
CA ARG D 403 -4.86 -41.66 -18.74
C ARG D 403 -4.90 -43.18 -18.91
N LEU D 404 -5.96 -43.69 -19.55
CA LEU D 404 -6.02 -45.12 -19.83
C LEU D 404 -4.87 -45.54 -20.75
N GLU D 405 -4.59 -44.73 -21.77
CA GLU D 405 -3.48 -45.04 -22.66
C GLU D 405 -2.15 -45.06 -21.91
N ILE D 406 -1.94 -44.07 -21.04
CA ILE D 406 -0.70 -44.02 -20.27
C ILE D 406 -0.58 -45.24 -19.37
N LEU D 407 -1.67 -45.61 -18.70
CA LEU D 407 -1.64 -46.76 -17.81
C LEU D 407 -1.34 -48.04 -18.60
N GLN D 408 -1.94 -48.18 -19.79
CA GLN D 408 -1.65 -49.33 -20.61
C GLN D 408 -0.18 -49.37 -21.01
N ILE D 409 0.39 -48.21 -21.37
CA ILE D 409 1.79 -48.17 -21.76
C ILE D 409 2.68 -48.56 -20.59
N HIS D 410 2.41 -48.01 -19.40
CA HIS D 410 3.28 -48.25 -18.26
C HIS D 410 3.17 -49.69 -17.75
N THR D 411 1.95 -50.25 -17.77
CA THR D 411 1.72 -51.60 -17.29
C THR D 411 1.95 -52.66 -18.37
N LYS D 412 2.69 -52.33 -19.43
CA LYS D 412 2.95 -53.30 -20.48
C LYS D 412 3.73 -54.50 -19.95
N ASN D 413 4.75 -54.25 -19.13
CA ASN D 413 5.61 -55.31 -18.64
C ASN D 413 5.10 -55.93 -17.35
N MET D 414 4.36 -55.18 -16.54
CA MET D 414 3.86 -55.71 -15.28
C MET D 414 2.87 -56.84 -15.53
N LYS D 415 2.89 -57.83 -14.64
CA LYS D 415 1.96 -58.95 -14.68
C LYS D 415 0.79 -58.65 -13.76
N LEU D 416 -0.40 -58.55 -14.35
CA LEU D 416 -1.59 -58.11 -13.64
C LEU D 416 -2.56 -59.27 -13.44
N ALA D 417 -3.56 -59.03 -12.60
CA ALA D 417 -4.63 -59.98 -12.35
C ALA D 417 -5.85 -59.64 -13.20
N ASP D 418 -6.80 -60.56 -13.23
CA ASP D 418 -8.00 -60.39 -14.06
C ASP D 418 -9.00 -59.41 -13.47
N ASP D 419 -8.84 -59.03 -12.20
CA ASP D 419 -9.80 -58.14 -11.56
C ASP D 419 -9.55 -56.67 -11.86
N VAL D 420 -8.40 -56.31 -12.41
CA VAL D 420 -8.06 -54.92 -12.64
C VAL D 420 -8.73 -54.43 -13.92
N ASP D 421 -9.48 -53.34 -13.80
CA ASP D 421 -10.10 -52.67 -14.95
C ASP D 421 -9.43 -51.31 -15.09
N LEU D 422 -8.42 -51.24 -15.95
CA LEU D 422 -7.67 -50.01 -16.10
C LEU D 422 -8.56 -48.84 -16.49
N GLU D 423 -9.69 -49.12 -17.14
CA GLU D 423 -10.63 -48.06 -17.47
C GLU D 423 -11.11 -47.35 -16.21
N GLN D 424 -11.59 -48.12 -15.23
CA GLN D 424 -12.06 -47.51 -13.99
C GLN D 424 -10.93 -46.79 -13.28
N VAL D 425 -9.75 -47.38 -13.24
CA VAL D 425 -8.61 -46.72 -12.59
C VAL D 425 -8.36 -45.37 -13.23
N ALA D 426 -8.28 -45.34 -14.56
CA ALA D 426 -8.10 -44.07 -15.26
C ALA D 426 -9.22 -43.09 -14.92
N ASN D 427 -10.43 -43.61 -14.74
CA ASN D 427 -11.54 -42.74 -14.36
C ASN D 427 -11.31 -42.11 -12.99
N GLU D 428 -10.79 -42.88 -12.03
CA GLU D 428 -10.59 -42.35 -10.69
C GLU D 428 -9.37 -41.43 -10.61
N THR D 429 -8.30 -41.75 -11.34
CA THR D 429 -7.04 -41.01 -11.23
C THR D 429 -7.16 -39.65 -11.92
N HIS D 430 -8.02 -38.80 -11.36
CA HIS D 430 -8.17 -37.45 -11.86
C HIS D 430 -7.04 -36.56 -11.36
N GLY D 431 -6.59 -35.65 -12.23
CA GLY D 431 -5.52 -34.74 -11.88
C GLY D 431 -4.12 -35.31 -12.03
N HIS D 432 -3.99 -36.57 -12.44
CA HIS D 432 -2.69 -37.18 -12.60
C HIS D 432 -2.04 -36.77 -13.92
N VAL D 433 -0.74 -36.97 -13.99
CA VAL D 433 0.03 -36.82 -15.23
C VAL D 433 0.92 -38.05 -15.37
N GLY D 434 1.47 -38.23 -16.56
CA GLY D 434 2.26 -39.40 -16.88
C GLY D 434 3.16 -39.86 -15.75
N ALA D 435 3.91 -38.92 -15.16
CA ALA D 435 4.78 -39.28 -14.05
C ALA D 435 4.00 -39.80 -12.86
N ASP D 436 2.88 -39.16 -12.54
CA ASP D 436 2.06 -39.60 -11.41
C ASP D 436 1.52 -41.00 -11.65
N LEU D 437 1.05 -41.28 -12.86
CA LEU D 437 0.53 -42.61 -13.17
C LEU D 437 1.65 -43.65 -13.10
N ALA D 438 2.84 -43.31 -13.59
CA ALA D 438 3.95 -44.25 -13.48
C ALA D 438 4.28 -44.54 -12.02
N ALA D 439 4.30 -43.50 -11.18
CA ALA D 439 4.56 -43.70 -9.76
C ALA D 439 3.46 -44.55 -9.13
N LEU D 440 2.21 -44.34 -9.53
CA LEU D 440 1.11 -45.13 -9.00
C LEU D 440 1.26 -46.61 -9.36
N CYS D 441 1.62 -46.89 -10.62
CA CYS D 441 1.83 -48.28 -11.03
C CYS D 441 2.99 -48.90 -10.25
N SER D 442 4.08 -48.16 -10.09
CA SER D 442 5.19 -48.68 -9.30
C SER D 442 4.77 -48.95 -7.86
N GLU D 443 3.97 -48.06 -7.29
CA GLU D 443 3.50 -48.24 -5.92
C GLU D 443 2.64 -49.49 -5.80
N ALA D 444 1.75 -49.73 -6.77
CA ALA D 444 0.93 -50.93 -6.74
C ALA D 444 1.79 -52.18 -6.85
N ALA D 445 2.77 -52.17 -7.75
CA ALA D 445 3.65 -53.32 -7.91
C ALA D 445 4.40 -53.59 -6.61
N LEU D 446 4.91 -52.55 -5.97
CA LEU D 446 5.65 -52.73 -4.73
C LEU D 446 4.73 -53.16 -3.59
N GLN D 447 3.47 -52.73 -3.59
CA GLN D 447 2.51 -53.22 -2.61
C GLN D 447 2.32 -54.72 -2.77
N ALA D 448 2.18 -55.19 -4.01
CA ALA D 448 2.07 -56.63 -4.24
C ALA D 448 3.33 -57.34 -3.76
N ILE D 449 4.50 -56.78 -4.08
CA ILE D 449 5.76 -57.40 -3.64
C ILE D 449 5.81 -57.49 -2.13
N ARG D 450 5.40 -56.42 -1.44
CA ARG D 450 5.38 -56.43 0.02
C ARG D 450 4.45 -57.52 0.54
N LYS D 451 3.27 -57.65 -0.07
CA LYS D 451 2.36 -58.72 0.35
C LYS D 451 2.96 -60.09 0.11
N LYS D 452 3.85 -60.22 -0.87
CA LYS D 452 4.48 -61.50 -1.19
C LYS D 452 5.99 -61.45 -0.96
N MET D 453 6.46 -60.60 -0.05
CA MET D 453 7.90 -60.41 0.13
C MET D 453 8.52 -61.59 0.88
N ASP D 454 7.86 -62.06 1.93
CA ASP D 454 8.46 -63.10 2.76
C ASP D 454 8.64 -64.40 1.99
N LEU D 455 7.64 -64.80 1.21
CA LEU D 455 7.69 -66.06 0.48
C LEU D 455 8.66 -65.99 -0.71
N THR D 462 18.39 -62.25 -11.19
CA THR D 462 18.14 -63.03 -9.97
C THR D 462 16.65 -63.31 -9.81
N ILE D 463 15.82 -62.38 -10.31
CA ILE D 463 14.37 -62.54 -10.20
C ILE D 463 13.94 -63.77 -10.97
N ASP D 464 13.07 -64.57 -10.35
CA ASP D 464 12.53 -65.77 -10.98
C ASP D 464 11.25 -65.39 -11.73
N ALA D 465 11.22 -65.71 -13.03
CA ALA D 465 10.11 -65.26 -13.86
C ALA D 465 8.78 -65.80 -13.33
N GLU D 466 8.74 -67.06 -12.91
CA GLU D 466 7.48 -67.64 -12.45
C GLU D 466 7.03 -67.04 -11.13
N VAL D 467 7.98 -66.70 -10.25
CA VAL D 467 7.62 -66.08 -8.97
C VAL D 467 6.97 -64.72 -9.22
N MET D 468 7.57 -63.92 -10.11
CA MET D 468 6.96 -62.65 -10.49
C MET D 468 5.64 -62.85 -11.23
N ASN D 469 5.49 -63.96 -11.94
CA ASN D 469 4.18 -64.28 -12.51
C ASN D 469 3.15 -64.48 -11.41
N SER D 470 3.53 -65.20 -10.35
CA SER D 470 2.67 -65.31 -9.18
C SER D 470 2.42 -63.96 -8.53
N LEU D 471 3.35 -63.02 -8.73
CA LEU D 471 3.19 -61.65 -8.24
C LEU D 471 2.18 -60.95 -9.16
N ALA D 472 0.91 -61.27 -8.95
CA ALA D 472 -0.18 -60.72 -9.75
C ALA D 472 -0.80 -59.57 -8.97
N VAL D 473 -0.47 -58.34 -9.38
CA VAL D 473 -1.07 -57.17 -8.75
C VAL D 473 -2.57 -57.18 -8.98
N THR D 474 -3.33 -56.89 -7.93
CA THR D 474 -4.78 -56.94 -7.96
C THR D 474 -5.36 -55.55 -7.83
N MET D 475 -6.66 -55.45 -8.17
CA MET D 475 -7.34 -54.17 -8.09
C MET D 475 -7.28 -53.58 -6.69
N ASP D 476 -7.19 -54.44 -5.67
CA ASP D 476 -7.05 -53.93 -4.31
C ASP D 476 -5.74 -53.15 -4.15
N ASP D 477 -4.65 -53.68 -4.72
CA ASP D 477 -3.38 -52.96 -4.66
C ASP D 477 -3.46 -51.63 -5.39
N PHE D 478 -4.13 -51.61 -6.55
CA PHE D 478 -4.27 -50.36 -7.29
C PHE D 478 -5.10 -49.35 -6.53
N ARG D 479 -6.16 -49.80 -5.85
CA ARG D 479 -6.95 -48.89 -5.04
C ARG D 479 -6.14 -48.38 -3.85
N TRP D 480 -5.31 -49.23 -3.26
CA TRP D 480 -4.43 -48.78 -2.18
C TRP D 480 -3.48 -47.70 -2.69
N ALA D 481 -2.87 -47.92 -3.85
CA ALA D 481 -1.98 -46.91 -4.42
C ALA D 481 -2.75 -45.62 -4.71
N LEU D 482 -3.97 -45.74 -5.24
CA LEU D 482 -4.80 -44.56 -5.46
C LEU D 482 -4.97 -43.77 -4.17
N SER D 483 -5.33 -44.46 -3.09
CA SER D 483 -5.49 -43.80 -1.80
C SER D 483 -4.16 -43.29 -1.25
N GLN D 484 -3.04 -43.76 -1.78
CA GLN D 484 -1.73 -43.36 -1.29
C GLN D 484 -1.02 -42.32 -2.15
N SER D 485 -1.38 -42.20 -3.42
CA SER D 485 -0.66 -41.33 -4.33
C SER D 485 -1.13 -39.88 -4.18
N ASN D 486 -0.21 -38.95 -4.44
CA ASN D 486 -0.49 -37.53 -4.37
C ASN D 486 -0.37 -36.92 -5.76
N PRO D 487 -1.48 -36.59 -6.43
CA PRO D 487 -1.36 -36.01 -7.78
C PRO D 487 -0.65 -34.67 -7.75
N SER D 488 0.03 -34.36 -8.85
CA SER D 488 0.82 -33.14 -8.96
C SER D 488 0.17 -32.08 -9.84
N ALA D 489 -1.04 -32.32 -10.34
CA ALA D 489 -1.71 -31.37 -11.23
C ALA D 489 -3.18 -31.24 -10.87
N LEU D 490 -3.49 -31.14 -9.58
CA LEU D 490 -4.89 -31.03 -9.18
C LEU D 490 -5.43 -29.64 -9.46
N ARG D 491 -4.64 -28.60 -9.22
CA ARG D 491 -5.12 -27.24 -9.41
C ARG D 491 -5.16 -26.82 -10.87
N GLU D 492 -4.45 -27.52 -11.75
CA GLU D 492 -4.35 -27.10 -13.14
C GLU D 492 -5.73 -27.11 -13.80
N THR D 493 -5.98 -26.10 -14.62
CA THR D 493 -7.25 -26.03 -15.34
C THR D 493 -7.43 -27.27 -16.20
N VAL D 494 -8.62 -27.86 -16.09
CA VAL D 494 -8.95 -29.09 -16.82
C VAL D 494 -9.66 -28.69 -18.10
N VAL D 495 -9.14 -29.15 -19.24
CA VAL D 495 -9.70 -28.85 -20.55
C VAL D 495 -9.85 -30.17 -21.28
N GLU D 496 -11.09 -30.62 -21.46
CA GLU D 496 -11.37 -31.86 -22.17
C GLU D 496 -12.83 -31.84 -22.59
N VAL D 497 -13.19 -32.77 -23.47
CA VAL D 497 -14.56 -32.87 -23.94
C VAL D 497 -15.39 -33.49 -22.83
N PRO D 498 -16.41 -32.82 -22.30
CA PRO D 498 -17.18 -33.41 -21.20
C PRO D 498 -17.91 -34.65 -21.67
N GLN D 499 -18.11 -35.59 -20.74
CA GLN D 499 -18.80 -36.83 -21.01
C GLN D 499 -20.30 -36.73 -20.82
N VAL D 500 -20.80 -35.57 -20.37
CA VAL D 500 -22.24 -35.40 -20.24
C VAL D 500 -22.90 -35.51 -21.62
N THR D 501 -24.17 -35.86 -21.62
CA THR D 501 -24.97 -35.96 -22.84
C THR D 501 -26.38 -35.48 -22.54
N TRP D 502 -27.13 -35.22 -23.61
CA TRP D 502 -28.48 -34.68 -23.44
C TRP D 502 -29.36 -35.63 -22.63
N GLU D 503 -29.08 -36.94 -22.69
CA GLU D 503 -29.87 -37.89 -21.90
C GLU D 503 -29.74 -37.62 -20.42
N ASP D 504 -28.59 -37.12 -19.96
CA ASP D 504 -28.41 -36.85 -18.54
C ASP D 504 -29.47 -35.86 -18.05
N ILE D 505 -29.82 -34.87 -18.87
CA ILE D 505 -30.91 -33.95 -18.58
C ILE D 505 -31.75 -33.88 -19.85
N GLY D 506 -32.80 -34.69 -19.91
CA GLY D 506 -33.64 -34.74 -21.09
C GLY D 506 -34.82 -33.79 -21.02
N GLY D 507 -34.55 -32.49 -21.09
CA GLY D 507 -35.59 -31.49 -21.02
C GLY D 507 -35.17 -30.21 -21.70
N LEU D 508 -36.11 -29.27 -21.76
CA LEU D 508 -35.88 -27.96 -22.37
C LEU D 508 -35.43 -28.12 -23.82
N GLU D 509 -36.33 -28.67 -24.63
CA GLU D 509 -36.04 -28.84 -26.05
C GLU D 509 -35.71 -27.50 -26.69
N ASP D 510 -36.38 -26.44 -26.27
CA ASP D 510 -36.10 -25.11 -26.81
C ASP D 510 -34.67 -24.68 -26.49
N VAL D 511 -34.23 -24.91 -25.25
CA VAL D 511 -32.85 -24.58 -24.89
C VAL D 511 -31.89 -25.43 -25.70
N LYS D 512 -32.22 -26.70 -25.92
CA LYS D 512 -31.38 -27.55 -26.75
C LYS D 512 -31.23 -26.96 -28.15
N ARG D 513 -32.35 -26.55 -28.75
CA ARG D 513 -32.30 -25.99 -30.09
C ARG D 513 -31.50 -24.70 -30.11
N GLU D 514 -31.67 -23.84 -29.11
CA GLU D 514 -30.96 -22.56 -29.09
C GLU D 514 -29.46 -22.78 -28.95
N LEU D 515 -29.05 -23.63 -28.01
CA LEU D 515 -27.62 -23.90 -27.85
C LEU D 515 -27.05 -24.56 -29.09
N GLN D 516 -27.83 -25.44 -29.73
CA GLN D 516 -27.38 -26.03 -30.99
C GLN D 516 -27.13 -24.95 -32.02
N GLU D 517 -28.12 -24.09 -32.25
CA GLU D 517 -27.95 -23.04 -33.24
C GLU D 517 -26.74 -22.17 -32.93
N LEU D 518 -26.47 -21.94 -31.64
CA LEU D 518 -25.39 -21.04 -31.28
C LEU D 518 -24.02 -21.69 -31.44
N VAL D 519 -23.88 -22.97 -31.10
CA VAL D 519 -22.56 -23.57 -30.94
C VAL D 519 -22.23 -24.59 -32.02
N GLN D 520 -23.22 -25.31 -32.55
CA GLN D 520 -22.96 -26.41 -33.47
C GLN D 520 -22.97 -25.97 -34.93
N TYR D 521 -23.95 -25.15 -35.31
CA TYR D 521 -24.01 -24.68 -36.70
C TYR D 521 -22.76 -23.93 -37.11
N PRO D 522 -22.22 -22.99 -36.33
CA PRO D 522 -21.07 -22.23 -36.80
C PRO D 522 -19.77 -23.02 -36.84
N VAL D 523 -19.81 -24.32 -36.57
CA VAL D 523 -18.64 -25.17 -36.72
C VAL D 523 -18.92 -26.26 -37.74
N GLU D 524 -20.19 -26.63 -37.88
CA GLU D 524 -20.59 -27.62 -38.87
C GLU D 524 -21.19 -27.02 -40.13
N HIS D 525 -21.57 -25.74 -40.10
CA HIS D 525 -22.05 -25.03 -41.28
C HIS D 525 -21.39 -23.66 -41.36
N PRO D 526 -20.06 -23.61 -41.51
CA PRO D 526 -19.41 -22.30 -41.69
C PRO D 526 -19.87 -21.58 -42.94
N ASP D 527 -20.20 -22.32 -44.00
CA ASP D 527 -20.54 -21.70 -45.27
C ASP D 527 -21.85 -20.94 -45.20
N LYS D 528 -22.80 -21.39 -44.37
CA LYS D 528 -24.10 -20.75 -44.34
C LYS D 528 -24.01 -19.30 -43.87
N PHE D 529 -23.20 -19.05 -42.84
CA PHE D 529 -23.08 -17.68 -42.33
C PHE D 529 -22.49 -16.75 -43.38
N LEU D 530 -21.46 -17.21 -44.10
CA LEU D 530 -20.92 -16.41 -45.18
C LEU D 530 -21.96 -16.19 -46.27
N LYS D 531 -22.72 -17.24 -46.60
CA LYS D 531 -23.73 -17.12 -47.64
C LYS D 531 -24.77 -16.06 -47.29
N PHE D 532 -25.23 -16.05 -46.04
CA PHE D 532 -26.17 -15.06 -45.56
C PHE D 532 -25.49 -13.90 -44.84
N GLY D 533 -24.16 -13.92 -44.75
CA GLY D 533 -23.43 -12.83 -44.11
C GLY D 533 -23.94 -12.52 -42.72
N MET D 534 -23.75 -13.45 -41.79
CA MET D 534 -24.18 -13.26 -40.41
C MET D 534 -23.00 -13.53 -39.48
N THR D 535 -22.92 -12.75 -38.41
CA THR D 535 -21.84 -12.89 -37.44
C THR D 535 -22.25 -13.85 -36.35
N PRO D 536 -21.53 -14.95 -36.14
CA PRO D 536 -21.92 -15.89 -35.07
C PRO D 536 -21.95 -15.19 -33.71
N SER D 537 -22.92 -15.58 -32.90
CA SER D 537 -23.05 -15.01 -31.56
C SER D 537 -21.83 -15.36 -30.72
N LYS D 538 -21.34 -14.38 -29.96
CA LYS D 538 -20.13 -14.59 -29.17
C LYS D 538 -20.41 -15.46 -27.95
N GLY D 539 -21.60 -15.35 -27.36
CA GLY D 539 -21.89 -16.11 -26.16
C GLY D 539 -23.35 -15.99 -25.79
N VAL D 540 -23.69 -16.64 -24.67
CA VAL D 540 -25.06 -16.66 -24.16
C VAL D 540 -25.00 -16.63 -22.63
N LEU D 541 -26.09 -16.20 -22.03
CA LEU D 541 -26.21 -16.09 -20.58
C LEU D 541 -27.33 -16.96 -20.07
N PHE D 542 -27.09 -17.63 -18.95
CA PHE D 542 -28.07 -18.45 -18.26
C PHE D 542 -28.51 -17.76 -16.99
N TYR D 543 -29.66 -18.19 -16.46
CA TYR D 543 -30.12 -17.72 -15.17
C TYR D 543 -31.29 -18.58 -14.73
N GLY D 544 -31.31 -18.92 -13.44
CA GLY D 544 -32.35 -19.76 -12.90
C GLY D 544 -32.07 -20.13 -11.46
N PRO D 545 -32.92 -20.99 -10.88
CA PRO D 545 -32.72 -21.39 -9.49
C PRO D 545 -31.42 -22.15 -9.34
N PRO D 546 -30.78 -22.07 -8.17
CA PRO D 546 -29.54 -22.81 -7.96
C PRO D 546 -29.72 -24.30 -8.17
N GLY D 547 -28.72 -24.93 -8.78
CA GLY D 547 -28.70 -26.37 -8.92
C GLY D 547 -29.86 -26.93 -9.72
N CYS D 548 -29.91 -26.64 -11.01
CA CYS D 548 -30.96 -27.18 -11.87
C CYS D 548 -30.43 -27.64 -13.22
N GLY D 549 -29.12 -27.62 -13.44
CA GLY D 549 -28.54 -28.06 -14.69
C GLY D 549 -27.90 -26.98 -15.54
N LYS D 550 -27.64 -25.80 -14.97
CA LYS D 550 -26.97 -24.77 -15.75
C LYS D 550 -25.60 -25.23 -16.22
N THR D 551 -24.91 -26.04 -15.43
CA THR D 551 -23.63 -26.60 -15.86
C THR D 551 -23.83 -27.83 -16.74
N LEU D 552 -24.86 -28.62 -16.45
CA LEU D 552 -25.10 -29.82 -17.23
C LEU D 552 -25.42 -29.47 -18.68
N LEU D 553 -26.21 -28.43 -18.91
CA LEU D 553 -26.54 -28.04 -20.28
C LEU D 553 -25.31 -27.58 -21.03
N ALA D 554 -24.45 -26.79 -20.38
CA ALA D 554 -23.23 -26.33 -21.03
C ALA D 554 -22.33 -27.49 -21.39
N LYS D 555 -22.15 -28.42 -20.45
CA LYS D 555 -21.30 -29.57 -20.73
C LYS D 555 -21.90 -30.43 -21.84
N ALA D 556 -23.23 -30.58 -21.86
CA ALA D 556 -23.87 -31.37 -22.90
C ALA D 556 -23.67 -30.73 -24.27
N ILE D 557 -23.85 -29.42 -24.38
CA ILE D 557 -23.68 -28.77 -25.67
C ILE D 557 -22.24 -28.84 -26.12
N ALA D 558 -21.29 -28.72 -25.18
CA ALA D 558 -19.89 -28.91 -25.55
C ALA D 558 -19.65 -30.33 -26.05
N ASN D 559 -20.27 -31.31 -25.42
CA ASN D 559 -20.11 -32.69 -25.85
C ASN D 559 -20.67 -32.91 -27.25
N GLU D 560 -21.85 -32.33 -27.54
CA GLU D 560 -22.48 -32.58 -28.83
C GLU D 560 -21.59 -32.12 -29.98
N CYS D 561 -20.96 -30.96 -29.84
CA CYS D 561 -20.07 -30.44 -30.87
C CYS D 561 -18.66 -31.01 -30.76
N GLN D 562 -18.40 -31.88 -29.78
CA GLN D 562 -17.06 -32.40 -29.54
C GLN D 562 -16.07 -31.24 -29.37
N ALA D 563 -16.48 -30.26 -28.57
CA ALA D 563 -15.70 -29.06 -28.31
C ALA D 563 -15.20 -29.08 -26.88
N ASN D 564 -13.96 -28.63 -26.67
CA ASN D 564 -13.38 -28.61 -25.34
C ASN D 564 -14.17 -27.67 -24.43
N PHE D 565 -14.17 -27.99 -23.14
CA PHE D 565 -14.96 -27.27 -22.15
C PHE D 565 -14.05 -26.76 -21.04
N ILE D 566 -14.19 -25.49 -20.70
CA ILE D 566 -13.42 -24.85 -19.64
C ILE D 566 -14.40 -24.26 -18.64
N SER D 567 -14.25 -24.63 -17.38
CA SER D 567 -15.12 -24.19 -16.31
C SER D 567 -14.37 -23.24 -15.38
N ILE D 568 -14.99 -22.11 -15.07
CA ILE D 568 -14.43 -21.11 -14.17
C ILE D 568 -15.40 -20.99 -13.00
N LYS D 569 -15.07 -21.63 -11.88
CA LYS D 569 -15.92 -21.57 -10.70
C LYS D 569 -15.92 -20.16 -10.13
N GLY D 570 -16.99 -19.83 -9.40
CA GLY D 570 -17.09 -18.55 -8.73
C GLY D 570 -15.96 -18.24 -7.77
N PRO D 571 -15.46 -19.21 -7.01
CA PRO D 571 -14.30 -18.95 -6.15
C PRO D 571 -13.10 -18.43 -6.92
N GLU D 572 -12.89 -18.86 -8.17
CA GLU D 572 -11.75 -18.33 -8.93
C GLU D 572 -11.93 -16.83 -9.18
N LEU D 573 -13.12 -16.41 -9.59
CA LEU D 573 -13.36 -14.99 -9.80
C LEU D 573 -13.23 -14.22 -8.49
N LEU D 574 -13.73 -14.79 -7.40
CA LEU D 574 -13.60 -14.12 -6.10
C LEU D 574 -12.13 -13.97 -5.71
N THR D 575 -11.33 -15.01 -5.97
CA THR D 575 -9.90 -14.94 -5.69
C THR D 575 -9.25 -13.84 -6.52
N MET D 576 -9.61 -13.75 -7.80
CA MET D 576 -9.05 -12.69 -8.63
C MET D 576 -9.42 -11.32 -8.10
N TRP D 577 -10.67 -11.15 -7.66
CA TRP D 577 -11.10 -9.86 -7.15
C TRP D 577 -10.37 -9.50 -5.87
N PHE D 578 -10.31 -10.44 -4.91
CA PHE D 578 -9.69 -10.14 -3.62
C PHE D 578 -8.21 -9.83 -3.78
N GLY D 579 -7.50 -10.65 -4.54
CA GLY D 579 -6.09 -10.42 -4.76
C GLY D 579 -5.78 -9.38 -5.81
N GLU D 580 -6.81 -8.78 -6.41
CA GLU D 580 -6.63 -7.78 -7.47
C GLU D 580 -5.73 -8.35 -8.57
N SER D 581 -5.95 -9.62 -8.90
CA SER D 581 -5.21 -10.33 -9.94
C SER D 581 -6.03 -10.47 -11.20
N GLU D 582 -6.81 -9.44 -11.56
CA GLU D 582 -7.66 -9.53 -12.73
C GLU D 582 -6.87 -9.74 -14.01
N ALA D 583 -5.56 -9.49 -13.99
CA ALA D 583 -4.74 -9.72 -15.16
C ALA D 583 -4.76 -11.18 -15.59
N ASN D 584 -5.12 -12.10 -14.69
CA ASN D 584 -5.20 -13.51 -15.04
C ASN D 584 -6.33 -13.81 -16.01
N VAL D 585 -7.32 -12.92 -16.12
CA VAL D 585 -8.42 -13.16 -17.05
C VAL D 585 -7.87 -13.33 -18.46
N ARG D 586 -6.88 -12.50 -18.82
CA ARG D 586 -6.25 -12.66 -20.13
C ARG D 586 -5.70 -14.07 -20.30
N GLU D 587 -5.14 -14.64 -19.23
CA GLU D 587 -4.61 -16.00 -19.32
C GLU D 587 -5.73 -17.01 -19.58
N ILE D 588 -6.86 -16.86 -18.89
CA ILE D 588 -7.98 -17.77 -19.11
C ILE D 588 -8.46 -17.68 -20.55
N PHE D 589 -8.62 -16.46 -21.05
CA PHE D 589 -9.11 -16.30 -22.41
C PHE D 589 -8.10 -16.82 -23.44
N ASP D 590 -6.81 -16.62 -23.17
CA ASP D 590 -5.78 -17.15 -24.05
C ASP D 590 -5.85 -18.68 -24.10
N LYS D 591 -5.96 -19.31 -22.93
CA LYS D 591 -6.06 -20.76 -22.90
C LYS D 591 -7.30 -21.25 -23.65
N ALA D 592 -8.43 -20.57 -23.45
CA ALA D 592 -9.64 -20.96 -24.17
C ALA D 592 -9.46 -20.82 -25.67
N ARG D 593 -8.86 -19.71 -26.11
CA ARG D 593 -8.66 -19.50 -27.54
C ARG D 593 -7.75 -20.58 -28.13
N GLN D 594 -6.70 -20.95 -27.39
CA GLN D 594 -5.77 -21.96 -27.88
C GLN D 594 -6.44 -23.32 -28.05
N ALA D 595 -7.52 -23.58 -27.30
CA ALA D 595 -8.22 -24.87 -27.36
C ALA D 595 -9.46 -24.80 -28.24
N ALA D 596 -9.39 -24.02 -29.31
CA ALA D 596 -10.56 -23.85 -30.17
C ALA D 596 -10.86 -25.14 -30.92
N PRO D 597 -12.15 -25.46 -31.14
CA PRO D 597 -13.34 -24.78 -30.63
C PRO D 597 -13.54 -25.12 -29.16
N CYS D 598 -14.09 -24.20 -28.35
CA CYS D 598 -14.24 -24.47 -26.93
C CYS D 598 -15.38 -23.63 -26.38
N VAL D 599 -16.07 -24.17 -25.38
CA VAL D 599 -17.17 -23.50 -24.70
C VAL D 599 -16.62 -23.01 -23.37
N LEU D 600 -16.35 -21.71 -23.29
CA LEU D 600 -15.85 -21.12 -22.05
C LEU D 600 -17.05 -20.86 -21.15
N PHE D 601 -17.10 -21.55 -20.02
CA PHE D 601 -18.22 -21.50 -19.10
C PHE D 601 -17.79 -20.79 -17.82
N PHE D 602 -18.46 -19.70 -17.49
CA PHE D 602 -18.23 -18.97 -16.25
C PHE D 602 -19.32 -19.35 -15.26
N ASP D 603 -18.92 -19.97 -14.15
CA ASP D 603 -19.90 -20.60 -13.27
C ASP D 603 -20.80 -19.57 -12.59
N GLU D 604 -20.21 -18.49 -12.08
CA GLU D 604 -20.97 -17.49 -11.32
C GLU D 604 -20.44 -16.11 -11.70
N LEU D 605 -21.08 -15.47 -12.68
CA LEU D 605 -20.75 -14.10 -13.00
C LEU D 605 -21.23 -13.12 -11.94
N ASP D 606 -22.07 -13.56 -11.01
CA ASP D 606 -22.59 -12.72 -9.95
C ASP D 606 -21.77 -12.79 -8.67
N SER D 607 -20.76 -13.66 -8.61
CA SER D 607 -20.05 -13.88 -7.36
C SER D 607 -19.44 -12.58 -6.84
N ILE D 608 -18.69 -11.87 -7.68
CA ILE D 608 -18.03 -10.64 -7.24
C ILE D 608 -19.07 -9.57 -6.94
N ALA D 609 -20.10 -9.46 -7.78
CA ALA D 609 -21.15 -8.48 -7.52
C ALA D 609 -21.87 -8.79 -6.21
N LYS D 610 -22.13 -10.06 -5.94
CA LYS D 610 -22.73 -10.45 -4.68
C LYS D 610 -21.82 -10.15 -3.51
N ALA D 611 -20.50 -10.26 -3.71
CA ALA D 611 -19.57 -10.02 -2.62
C ALA D 611 -19.62 -8.58 -2.14
N ARG D 612 -19.78 -7.63 -3.06
CA ARG D 612 -19.84 -6.21 -2.71
C ARG D 612 -21.20 -5.79 -2.17
N GLY D 613 -22.05 -6.75 -1.79
CA GLY D 613 -23.38 -6.45 -1.29
C GLY D 613 -24.47 -6.59 -2.33
N GLY D 614 -24.12 -6.78 -3.60
CA GLY D 614 -25.13 -6.89 -4.63
C GLY D 614 -25.98 -5.64 -4.67
N ASN D 615 -27.27 -5.82 -4.95
CA ASN D 615 -28.21 -4.71 -4.91
C ASN D 615 -28.70 -4.41 -3.50
N ILE D 616 -28.39 -5.27 -2.53
CA ILE D 616 -28.73 -4.97 -1.14
C ILE D 616 -28.03 -3.70 -0.70
N GLY D 617 -26.73 -3.60 -1.00
CA GLY D 617 -25.97 -2.40 -0.73
C GLY D 617 -24.82 -2.25 -1.70
N ASP D 618 -24.75 -1.12 -2.39
CA ASP D 618 -23.75 -0.92 -3.43
C ASP D 618 -23.37 0.55 -3.45
N GLY D 619 -22.28 0.90 -2.77
CA GLY D 619 -21.79 2.27 -2.83
C GLY D 619 -21.35 2.67 -4.22
N GLY D 620 -20.77 1.74 -4.96
CA GLY D 620 -20.32 1.96 -6.32
C GLY D 620 -21.34 1.54 -7.34
N GLY D 621 -20.84 1.01 -8.46
CA GLY D 621 -21.70 0.57 -9.54
C GLY D 621 -21.45 -0.87 -9.94
N ALA D 622 -22.08 -1.32 -11.02
CA ALA D 622 -21.93 -2.70 -11.45
C ALA D 622 -20.49 -3.00 -11.89
N ALA D 623 -19.86 -2.06 -12.57
CA ALA D 623 -18.52 -2.31 -13.11
C ALA D 623 -17.55 -2.66 -12.01
N ASP D 624 -16.69 -3.65 -12.28
CA ASP D 624 -15.68 -4.07 -11.33
C ASP D 624 -14.49 -4.61 -12.12
N ARG D 625 -13.44 -5.00 -11.39
CA ARG D 625 -12.17 -5.32 -12.04
C ARG D 625 -12.30 -6.56 -12.93
N VAL D 626 -12.80 -7.66 -12.37
CA VAL D 626 -12.80 -8.93 -13.09
C VAL D 626 -13.79 -8.90 -14.24
N ILE D 627 -15.00 -8.40 -14.00
CA ILE D 627 -15.99 -8.33 -15.06
C ILE D 627 -15.54 -7.37 -16.15
N ASN D 628 -14.86 -6.28 -15.76
CA ASN D 628 -14.33 -5.35 -16.75
C ASN D 628 -13.28 -6.03 -17.62
N GLN D 629 -12.39 -6.82 -17.02
CA GLN D 629 -11.40 -7.54 -17.81
C GLN D 629 -12.07 -8.56 -18.72
N ILE D 630 -13.12 -9.22 -18.23
CA ILE D 630 -13.86 -10.16 -19.08
C ILE D 630 -14.45 -9.42 -20.28
N LEU D 631 -15.04 -8.25 -20.03
CA LEU D 631 -15.58 -7.46 -21.13
C LEU D 631 -14.51 -7.12 -22.15
N THR D 632 -13.35 -6.64 -21.67
CA THR D 632 -12.28 -6.27 -22.58
C THR D 632 -11.83 -7.47 -23.41
N GLU D 633 -11.63 -8.62 -22.77
CA GLU D 633 -11.10 -9.77 -23.48
C GLU D 633 -12.13 -10.33 -24.46
N MET D 634 -13.40 -10.30 -24.11
CA MET D 634 -14.43 -10.72 -25.05
C MET D 634 -14.50 -9.78 -26.24
N ASP D 635 -14.34 -8.48 -26.00
CA ASP D 635 -14.31 -7.52 -27.11
C ASP D 635 -13.12 -7.80 -28.02
N GLY D 636 -11.98 -8.15 -27.45
CA GLY D 636 -10.79 -8.40 -28.24
C GLY D 636 -10.74 -9.74 -28.94
N MET D 637 -11.75 -10.59 -28.76
CA MET D 637 -11.74 -11.90 -29.38
C MET D 637 -11.98 -11.79 -30.88
N SER D 638 -11.64 -12.86 -31.60
CA SER D 638 -11.88 -12.98 -33.03
C SER D 638 -12.90 -14.09 -33.26
N THR D 639 -13.98 -13.77 -33.97
CA THR D 639 -15.08 -14.71 -34.13
C THR D 639 -14.67 -15.96 -34.91
N LYS D 640 -13.58 -15.90 -35.66
CA LYS D 640 -13.16 -17.06 -36.45
C LYS D 640 -12.69 -18.22 -35.61
N LYS D 641 -12.47 -18.03 -34.31
CA LYS D 641 -11.89 -19.06 -33.47
C LYS D 641 -12.92 -20.01 -32.87
N ASN D 642 -14.21 -19.75 -33.06
CA ASN D 642 -15.26 -20.66 -32.58
C ASN D 642 -15.14 -20.93 -31.09
N VAL D 643 -14.84 -19.88 -30.32
CA VAL D 643 -14.81 -19.94 -28.87
C VAL D 643 -16.03 -19.18 -28.36
N PHE D 644 -16.91 -19.88 -27.65
CA PHE D 644 -18.20 -19.34 -27.25
C PHE D 644 -18.26 -19.22 -25.73
N ILE D 645 -18.59 -18.04 -25.24
CA ILE D 645 -18.72 -17.78 -23.82
C ILE D 645 -20.12 -18.14 -23.37
N ILE D 646 -20.23 -18.77 -22.21
CA ILE D 646 -21.51 -19.10 -21.60
C ILE D 646 -21.48 -18.61 -20.17
N GLY D 647 -22.45 -17.77 -19.81
CA GLY D 647 -22.58 -17.34 -18.43
C GLY D 647 -23.51 -18.25 -17.65
N ALA D 648 -23.50 -18.07 -16.33
CA ALA D 648 -24.36 -18.85 -15.44
C ALA D 648 -24.45 -18.12 -14.12
N THR D 649 -25.67 -17.78 -13.70
CA THR D 649 -25.88 -17.05 -12.45
C THR D 649 -27.20 -17.48 -11.86
N ASN D 650 -27.35 -17.22 -10.56
CA ASN D 650 -28.62 -17.38 -9.88
C ASN D 650 -29.30 -16.05 -9.58
N ARG D 651 -28.60 -14.94 -9.79
CA ARG D 651 -29.13 -13.60 -9.52
C ARG D 651 -28.88 -12.74 -10.75
N PRO D 652 -29.67 -12.93 -11.81
CA PRO D 652 -29.44 -12.15 -13.04
C PRO D 652 -29.63 -10.66 -12.85
N ASP D 653 -30.33 -10.23 -11.80
CA ASP D 653 -30.60 -8.80 -11.63
C ASP D 653 -29.31 -8.01 -11.45
N ILE D 654 -28.36 -8.53 -10.67
CA ILE D 654 -27.19 -7.76 -10.29
C ILE D 654 -26.06 -7.87 -11.30
N ILE D 655 -26.23 -8.64 -12.37
CA ILE D 655 -25.18 -8.77 -13.37
C ILE D 655 -24.97 -7.43 -14.07
N ASP D 656 -23.71 -7.15 -14.42
CA ASP D 656 -23.37 -5.89 -15.04
C ASP D 656 -24.09 -5.76 -16.39
N PRO D 657 -24.83 -4.69 -16.62
CA PRO D 657 -25.48 -4.52 -17.92
C PRO D 657 -24.50 -4.49 -19.08
N ALA D 658 -23.23 -4.18 -18.83
CA ALA D 658 -22.26 -4.09 -19.92
C ALA D 658 -22.09 -5.43 -20.62
N ILE D 659 -22.09 -6.52 -19.86
CA ILE D 659 -21.87 -7.84 -20.45
C ILE D 659 -23.06 -8.35 -21.24
N LEU D 660 -24.21 -7.68 -21.16
CA LEU D 660 -25.39 -8.05 -21.92
C LEU D 660 -25.53 -7.26 -23.22
N ARG D 661 -24.61 -6.34 -23.49
CA ARG D 661 -24.72 -5.52 -24.69
C ARG D 661 -24.48 -6.37 -25.93
N PRO D 662 -25.03 -5.97 -27.08
CA PRO D 662 -24.74 -6.70 -28.32
C PRO D 662 -23.24 -6.70 -28.61
N GLY D 663 -22.78 -7.77 -29.25
CA GLY D 663 -21.37 -8.05 -29.35
C GLY D 663 -20.80 -8.77 -28.16
N ARG D 664 -21.62 -9.02 -27.14
CA ARG D 664 -21.24 -9.79 -25.97
C ARG D 664 -22.31 -10.87 -25.83
N LEU D 665 -22.37 -11.51 -24.65
CA LEU D 665 -23.35 -12.57 -24.42
C LEU D 665 -24.68 -12.27 -25.10
N ASP D 666 -25.26 -11.10 -24.82
CA ASP D 666 -26.39 -10.55 -25.57
C ASP D 666 -27.57 -11.51 -25.70
N GLN D 667 -27.61 -12.55 -24.88
CA GLN D 667 -28.71 -13.51 -24.94
C GLN D 667 -28.99 -14.03 -23.54
N LEU D 668 -30.26 -14.04 -23.17
CA LEU D 668 -30.69 -14.51 -21.85
C LEU D 668 -31.58 -15.72 -22.04
N ILE D 669 -31.23 -16.82 -21.39
CA ILE D 669 -31.98 -18.07 -21.45
C ILE D 669 -32.32 -18.48 -20.03
N TYR D 670 -33.61 -18.68 -19.76
CA TYR D 670 -34.06 -19.07 -18.44
C TYR D 670 -34.06 -20.60 -18.33
N ILE D 671 -33.37 -21.12 -17.33
CA ILE D 671 -33.35 -22.55 -17.06
C ILE D 671 -34.32 -22.81 -15.92
N PRO D 672 -35.49 -23.39 -16.17
CA PRO D 672 -36.48 -23.60 -15.12
C PRO D 672 -36.21 -24.89 -14.35
N LEU D 673 -37.06 -25.16 -13.38
CA LEU D 673 -36.97 -26.41 -12.65
C LEU D 673 -37.39 -27.57 -13.55
N PRO D 674 -36.77 -28.73 -13.41
CA PRO D 674 -37.10 -29.85 -14.30
C PRO D 674 -38.55 -30.30 -14.10
N ASP D 675 -39.18 -30.69 -15.21
CA ASP D 675 -40.51 -31.26 -15.18
C ASP D 675 -40.41 -32.78 -15.04
N GLU D 676 -41.53 -33.48 -15.21
CA GLU D 676 -41.57 -34.90 -14.87
C GLU D 676 -40.56 -35.70 -15.68
N LYS D 677 -40.54 -35.52 -17.00
CA LYS D 677 -39.61 -36.28 -17.83
C LYS D 677 -38.17 -35.93 -17.48
N SER D 678 -37.88 -34.64 -17.29
CA SER D 678 -36.54 -34.23 -16.88
C SER D 678 -36.18 -34.84 -15.54
N ARG D 679 -37.13 -34.90 -14.61
CA ARG D 679 -36.85 -35.49 -13.30
C ARG D 679 -36.55 -36.98 -13.43
N VAL D 680 -37.29 -37.68 -14.30
CA VAL D 680 -37.02 -39.11 -14.52
C VAL D 680 -35.61 -39.29 -15.08
N ALA D 681 -35.25 -38.46 -16.06
CA ALA D 681 -33.90 -38.55 -16.62
C ALA D 681 -32.85 -38.26 -15.57
N ILE D 682 -33.09 -37.27 -14.71
CA ILE D 682 -32.13 -36.92 -13.67
C ILE D 682 -31.95 -38.08 -12.71
N LEU D 683 -33.07 -38.69 -12.28
CA LEU D 683 -32.98 -39.82 -11.36
C LEU D 683 -32.23 -40.98 -11.99
N LYS D 684 -32.54 -41.29 -13.26
CA LYS D 684 -31.84 -42.38 -13.93
C LYS D 684 -30.34 -42.10 -14.02
N ALA D 685 -29.98 -40.86 -14.36
CA ALA D 685 -28.57 -40.51 -14.44
C ALA D 685 -27.89 -40.63 -13.09
N ASN D 686 -28.57 -40.21 -12.03
CA ASN D 686 -27.95 -40.21 -10.70
C ASN D 686 -27.84 -41.61 -10.12
N LEU D 687 -28.58 -42.58 -10.67
CA LEU D 687 -28.52 -43.97 -10.21
C LEU D 687 -27.83 -44.88 -11.22
N ARG D 688 -27.19 -44.32 -12.25
CA ARG D 688 -26.57 -45.13 -13.27
C ARG D 688 -25.37 -45.91 -12.76
N LYS D 689 -24.83 -45.55 -11.59
CA LYS D 689 -23.69 -46.26 -11.02
C LYS D 689 -24.04 -47.06 -9.78
N SER D 690 -25.23 -46.87 -9.22
CA SER D 690 -25.65 -47.62 -8.04
C SER D 690 -26.43 -48.86 -8.46
N PRO D 691 -26.05 -50.07 -8.02
CA PRO D 691 -26.80 -51.26 -8.42
C PRO D 691 -28.16 -51.31 -7.74
N VAL D 692 -29.11 -50.56 -8.29
CA VAL D 692 -30.44 -50.49 -7.71
C VAL D 692 -31.25 -51.73 -8.11
N ALA D 693 -32.29 -52.01 -7.34
CA ALA D 693 -33.16 -53.14 -7.61
C ALA D 693 -34.10 -52.83 -8.78
N LYS D 694 -34.69 -53.89 -9.32
CA LYS D 694 -35.61 -53.73 -10.46
C LYS D 694 -36.97 -53.20 -10.03
N ASP D 695 -37.39 -53.49 -8.79
CA ASP D 695 -38.71 -53.09 -8.34
C ASP D 695 -38.87 -51.57 -8.27
N VAL D 696 -37.77 -50.82 -8.27
CA VAL D 696 -37.86 -49.38 -8.09
C VAL D 696 -38.55 -48.76 -9.29
N ASP D 697 -39.56 -47.93 -9.03
CA ASP D 697 -40.30 -47.23 -10.07
C ASP D 697 -39.82 -45.78 -10.09
N LEU D 698 -38.71 -45.56 -10.79
CA LEU D 698 -38.17 -44.21 -10.92
C LEU D 698 -39.18 -43.29 -11.59
N GLU D 699 -39.95 -43.80 -12.55
CA GLU D 699 -40.96 -42.97 -13.21
C GLU D 699 -41.96 -42.43 -12.20
N PHE D 700 -42.43 -43.30 -11.30
CA PHE D 700 -43.35 -42.83 -10.26
C PHE D 700 -42.67 -41.85 -9.32
N LEU D 701 -41.44 -42.17 -8.89
CA LEU D 701 -40.73 -41.30 -7.96
C LEU D 701 -40.65 -39.88 -8.51
N ALA D 702 -40.49 -39.74 -9.82
CA ALA D 702 -40.45 -38.41 -10.42
C ALA D 702 -41.79 -37.70 -10.27
N LYS D 703 -42.90 -38.44 -10.41
CA LYS D 703 -44.22 -37.83 -10.36
C LYS D 703 -44.45 -37.13 -9.04
N MET D 704 -44.14 -37.79 -7.92
CA MET D 704 -44.40 -37.22 -6.61
C MET D 704 -43.39 -36.16 -6.23
N THR D 705 -42.21 -36.15 -6.85
CA THR D 705 -41.16 -35.19 -6.49
C THR D 705 -41.22 -33.96 -7.39
N ASN D 706 -42.39 -33.31 -7.39
CA ASN D 706 -42.57 -32.10 -8.17
C ASN D 706 -41.91 -30.92 -7.48
N GLY D 707 -41.23 -30.09 -8.27
CA GLY D 707 -40.52 -28.95 -7.72
C GLY D 707 -39.15 -29.27 -7.17
N PHE D 708 -38.65 -30.48 -7.38
CA PHE D 708 -37.34 -30.88 -6.91
C PHE D 708 -36.28 -30.53 -7.94
N SER D 709 -35.27 -29.78 -7.51
CA SER D 709 -34.17 -29.47 -8.40
C SER D 709 -33.27 -30.70 -8.57
N GLY D 710 -32.38 -30.62 -9.56
CA GLY D 710 -31.44 -31.71 -9.76
C GLY D 710 -30.62 -31.98 -8.52
N ALA D 711 -30.24 -30.91 -7.81
CA ALA D 711 -29.52 -31.10 -6.55
C ALA D 711 -30.35 -31.91 -5.57
N ASP D 712 -31.64 -31.62 -5.47
CA ASP D 712 -32.49 -32.34 -4.52
C ASP D 712 -32.66 -33.80 -4.91
N LEU D 713 -32.78 -34.09 -6.21
CA LEU D 713 -32.89 -35.49 -6.62
C LEU D 713 -31.59 -36.25 -6.36
N THR D 714 -30.45 -35.61 -6.63
CA THR D 714 -29.18 -36.22 -6.25
C THR D 714 -29.11 -36.44 -4.75
N GLU D 715 -29.69 -35.53 -3.97
CA GLU D 715 -29.76 -35.72 -2.53
C GLU D 715 -30.60 -36.93 -2.17
N ILE D 716 -31.72 -37.12 -2.86
CA ILE D 716 -32.56 -38.30 -2.61
C ILE D 716 -31.76 -39.57 -2.84
N CYS D 717 -31.06 -39.61 -3.98
CA CYS D 717 -30.28 -40.81 -4.29
C CYS D 717 -29.16 -41.02 -3.28
N GLN D 718 -28.51 -39.93 -2.85
CA GLN D 718 -27.45 -40.05 -1.85
C GLN D 718 -28.00 -40.59 -0.53
N ARG D 719 -29.16 -40.08 -0.11
CA ARG D 719 -29.76 -40.58 1.13
C ARG D 719 -30.11 -42.06 1.00
N ALA D 720 -30.68 -42.45 -0.13
CA ALA D 720 -31.05 -43.86 -0.31
C ALA D 720 -29.81 -44.75 -0.24
N CYS D 721 -28.74 -44.34 -0.93
CA CYS D 721 -27.52 -45.15 -0.91
C CYS D 721 -26.87 -45.15 0.46
N LYS D 722 -26.95 -44.03 1.19
CA LYS D 722 -26.42 -43.99 2.55
C LYS D 722 -27.15 -44.96 3.45
N LEU D 723 -28.48 -44.97 3.36
CA LEU D 723 -29.25 -45.93 4.15
C LEU D 723 -28.89 -47.36 3.77
N ALA D 724 -28.77 -47.64 2.47
CA ALA D 724 -28.45 -48.99 2.03
C ALA D 724 -27.09 -49.43 2.56
N ILE D 725 -26.09 -48.57 2.47
CA ILE D 725 -24.74 -48.94 2.91
C ILE D 725 -24.70 -49.12 4.42
N ARG D 726 -25.40 -48.26 5.16
CA ARG D 726 -25.47 -48.44 6.61
C ARG D 726 -26.11 -49.77 6.96
N GLU D 727 -27.20 -50.11 6.27
CA GLU D 727 -27.86 -51.39 6.53
C GLU D 727 -26.93 -52.56 6.22
N SER D 728 -26.21 -52.47 5.10
CA SER D 728 -25.29 -53.55 4.73
C SER D 728 -24.21 -53.73 5.79
N ILE D 729 -23.60 -52.63 6.23
CA ILE D 729 -22.51 -52.74 7.19
C ILE D 729 -23.02 -53.27 8.52
N GLU D 730 -24.19 -52.81 8.96
CA GLU D 730 -24.75 -53.32 10.21
C GLU D 730 -25.08 -54.81 10.09
N SER D 731 -25.57 -55.24 8.93
CA SER D 731 -25.83 -56.65 8.73
C SER D 731 -24.56 -57.48 8.80
N GLU D 732 -23.47 -56.97 8.19
CA GLU D 732 -22.20 -57.68 8.27
C GLU D 732 -21.71 -57.77 9.71
N ILE D 733 -21.85 -56.68 10.46
CA ILE D 733 -21.46 -56.71 11.87
C ILE D 733 -22.29 -57.73 12.64
N ARG D 734 -23.58 -57.79 12.35
CA ARG D 734 -24.44 -58.78 12.99
C ARG D 734 -24.00 -60.20 12.66
N ARG D 735 -23.62 -60.43 11.40
CA ARG D 735 -23.14 -61.75 11.00
C ARG D 735 -21.86 -62.12 11.75
N GLU D 736 -20.95 -61.15 11.89
CA GLU D 736 -19.72 -61.43 12.64
C GLU D 736 -20.04 -61.73 14.10
N ARG D 737 -20.98 -60.99 14.69
CA ARG D 737 -21.38 -61.27 16.06
C ARG D 737 -22.00 -62.66 16.18
N GLU D 738 -22.81 -63.05 15.20
CA GLU D 738 -23.37 -64.39 15.20
C GLU D 738 -22.27 -65.44 15.14
N ARG D 739 -21.25 -65.21 14.31
CA ARG D 739 -20.13 -66.14 14.26
C ARG D 739 -19.44 -66.24 15.61
N GLN D 740 -19.24 -65.09 16.28
CA GLN D 740 -18.56 -65.10 17.57
C GLN D 740 -19.38 -65.84 18.63
N THR D 741 -20.69 -65.60 18.67
CA THR D 741 -21.50 -66.21 19.72
C THR D 741 -21.71 -67.70 19.47
N ASN D 742 -21.87 -68.09 18.22
CA ASN D 742 -22.07 -69.49 17.84
C ASN D 742 -21.14 -69.85 16.69
N PRO D 743 -19.83 -69.95 16.97
CA PRO D 743 -18.90 -70.34 15.91
C PRO D 743 -19.25 -71.72 15.35
N SER D 744 -19.05 -71.88 14.04
CA SER D 744 -19.32 -73.14 13.37
C SER D 744 -18.06 -73.68 12.71
N GLU D 750 -21.94 -67.40 2.22
CA GLU D 750 -23.12 -66.68 2.68
C GLU D 750 -23.80 -65.96 1.51
N ASP D 751 -24.77 -65.11 1.83
CA ASP D 751 -25.50 -64.33 0.84
C ASP D 751 -25.60 -62.90 1.32
N ASP D 752 -25.71 -61.98 0.36
CA ASP D 752 -25.77 -60.55 0.69
C ASP D 752 -27.14 -60.20 1.23
N PRO D 753 -27.26 -59.73 2.47
CA PRO D 753 -28.59 -59.34 2.97
C PRO D 753 -29.24 -58.24 2.15
N VAL D 754 -28.46 -57.29 1.64
CA VAL D 754 -28.99 -56.17 0.87
C VAL D 754 -28.16 -56.01 -0.40
N PRO D 755 -28.33 -56.87 -1.40
CA PRO D 755 -27.52 -56.75 -2.62
C PRO D 755 -27.79 -55.50 -3.42
N GLU D 756 -28.92 -54.85 -3.21
CA GLU D 756 -29.32 -53.69 -4.01
C GLU D 756 -30.07 -52.70 -3.13
N ILE D 757 -30.24 -51.49 -3.65
CA ILE D 757 -31.00 -50.46 -2.95
C ILE D 757 -32.46 -50.86 -2.96
N ARG D 758 -32.95 -51.31 -1.82
CA ARG D 758 -34.33 -51.77 -1.72
C ARG D 758 -35.30 -50.58 -1.73
N ARG D 759 -36.55 -50.85 -2.10
CA ARG D 759 -37.52 -49.79 -2.24
C ARG D 759 -37.72 -49.04 -0.92
N ASP D 760 -37.76 -49.77 0.19
CA ASP D 760 -37.94 -49.12 1.48
C ASP D 760 -36.85 -48.11 1.76
N HIS D 761 -35.64 -48.33 1.22
CA HIS D 761 -34.58 -47.33 1.36
C HIS D 761 -35.01 -45.99 0.75
N PHE D 762 -35.50 -46.04 -0.49
CA PHE D 762 -35.96 -44.82 -1.15
C PHE D 762 -37.14 -44.22 -0.41
N GLU D 763 -38.04 -45.06 0.10
CA GLU D 763 -39.17 -44.55 0.86
C GLU D 763 -38.70 -43.78 2.09
N GLU D 764 -37.75 -44.34 2.83
CA GLU D 764 -37.24 -43.67 4.02
C GLU D 764 -36.52 -42.37 3.66
N ALA D 765 -35.70 -42.41 2.61
CA ALA D 765 -34.96 -41.21 2.22
C ALA D 765 -35.92 -40.10 1.83
N MET D 766 -36.99 -40.43 1.11
CA MET D 766 -37.96 -39.43 0.69
C MET D 766 -38.43 -38.60 1.88
N ARG D 767 -38.73 -39.26 3.00
CA ARG D 767 -39.18 -38.54 4.18
C ARG D 767 -38.14 -37.56 4.70
N PHE D 768 -36.86 -37.79 4.38
CA PHE D 768 -35.78 -36.91 4.81
C PHE D 768 -35.51 -35.77 3.83
N ALA D 769 -36.25 -35.70 2.73
CA ALA D 769 -35.96 -34.77 1.66
C ALA D 769 -36.59 -33.40 1.91
N ARG D 770 -36.13 -32.41 1.15
CA ARG D 770 -36.66 -31.06 1.24
C ARG D 770 -36.44 -30.38 -0.10
N ARG D 771 -37.23 -29.32 -0.34
CA ARG D 771 -37.13 -28.55 -1.57
C ARG D 771 -36.18 -27.38 -1.35
N SER D 772 -35.06 -27.38 -2.08
CA SER D 772 -34.06 -26.33 -1.89
C SER D 772 -34.61 -24.96 -2.29
N VAL D 773 -35.35 -24.91 -3.40
CA VAL D 773 -35.86 -23.66 -3.95
C VAL D 773 -37.36 -23.61 -3.71
N SER D 774 -37.83 -22.49 -3.18
CA SER D 774 -39.23 -22.33 -2.83
C SER D 774 -40.01 -21.71 -3.98
N ASP D 775 -41.35 -21.80 -3.89
CA ASP D 775 -42.19 -21.22 -4.93
C ASP D 775 -41.98 -19.72 -5.05
N ASN D 776 -41.87 -19.04 -3.91
CA ASN D 776 -41.65 -17.60 -3.95
C ASN D 776 -40.33 -17.25 -4.63
N ASP D 777 -39.30 -18.07 -4.43
CA ASP D 777 -38.02 -17.82 -5.08
C ASP D 777 -38.01 -18.31 -6.53
N ILE D 778 -39.03 -19.06 -6.95
CA ILE D 778 -39.24 -19.28 -8.38
C ILE D 778 -39.95 -18.07 -8.98
N ARG D 779 -40.79 -17.40 -8.20
CA ARG D 779 -41.47 -16.21 -8.68
C ARG D 779 -40.49 -15.16 -9.15
N LYS D 780 -39.30 -15.11 -8.55
CA LYS D 780 -38.30 -14.13 -8.98
C LYS D 780 -37.92 -14.34 -10.44
N TYR D 781 -37.53 -15.56 -10.80
CA TYR D 781 -37.14 -15.84 -12.18
C TYR D 781 -38.32 -15.73 -13.12
N GLU D 782 -39.50 -16.16 -12.67
CA GLU D 782 -40.68 -16.01 -13.51
C GLU D 782 -40.94 -14.55 -13.84
N MET D 783 -40.84 -13.66 -12.84
CA MET D 783 -41.04 -12.24 -13.08
C MET D 783 -39.95 -11.67 -13.96
N PHE D 784 -38.71 -12.11 -13.78
CA PHE D 784 -37.63 -11.64 -14.64
C PHE D 784 -37.90 -11.99 -16.10
N ALA D 785 -38.28 -13.24 -16.37
CA ALA D 785 -38.57 -13.65 -17.73
C ALA D 785 -39.77 -12.89 -18.27
N GLN D 786 -40.80 -12.69 -17.45
CA GLN D 786 -41.98 -11.96 -17.90
C GLN D 786 -41.63 -10.53 -18.27
N THR D 787 -40.79 -9.88 -17.45
CA THR D 787 -40.37 -8.52 -17.75
C THR D 787 -39.62 -8.46 -19.08
N LEU D 788 -38.70 -9.42 -19.30
CA LEU D 788 -37.97 -9.42 -20.56
C LEU D 788 -38.92 -9.65 -21.73
N GLN D 789 -39.88 -10.59 -21.58
CA GLN D 789 -40.78 -10.90 -22.67
C GLN D 789 -41.69 -9.73 -23.00
N GLN D 790 -42.18 -9.01 -21.98
CA GLN D 790 -43.09 -7.90 -22.24
C GLN D 790 -42.47 -6.87 -23.15
N SER D 791 -41.16 -6.64 -23.05
CA SER D 791 -40.49 -5.76 -23.99
C SER D 791 -40.68 -6.24 -25.42
N ARG D 792 -40.63 -7.56 -25.62
CA ARG D 792 -40.88 -8.12 -26.94
C ARG D 792 -42.31 -7.83 -27.37
N GLY D 793 -42.45 -7.23 -28.55
CA GLY D 793 -43.75 -6.90 -29.11
C GLY D 793 -43.69 -6.88 -30.60
N PHE D 794 -44.61 -6.15 -31.23
CA PHE D 794 -44.64 -6.03 -32.69
C PHE D 794 -44.64 -7.41 -33.33
N GLY D 795 -45.42 -8.32 -32.77
CA GLY D 795 -45.57 -9.65 -33.34
C GLY D 795 -46.63 -9.66 -34.42
N SER D 796 -47.02 -8.48 -34.86
CA SER D 796 -48.07 -8.30 -35.87
C SER D 796 -47.52 -7.62 -37.11
N PHE D 797 -46.34 -8.05 -37.56
CA PHE D 797 -45.79 -7.54 -38.81
C PHE D 797 -46.55 -8.12 -39.99
N ARG D 798 -47.38 -7.28 -40.61
CA ARG D 798 -48.16 -7.71 -41.77
C ARG D 798 -47.35 -7.60 -43.05
N PHE D 799 -46.85 -6.41 -43.34
CA PHE D 799 -45.97 -6.17 -44.49
C PHE D 799 -46.75 -6.63 -45.73
N PRO D 800 -47.65 -5.79 -46.23
CA PRO D 800 -48.31 -6.03 -47.52
C PRO D 800 -47.31 -5.97 -48.68
N ASN E 225 18.83 -11.05 -55.94
CA ASN E 225 17.91 -9.90 -55.90
C ASN E 225 18.22 -8.98 -54.73
N GLU E 226 17.87 -7.70 -54.88
CA GLU E 226 18.06 -6.71 -53.83
C GLU E 226 16.72 -6.08 -53.48
N VAL E 227 16.49 -5.89 -52.18
CA VAL E 227 15.20 -5.38 -51.73
C VAL E 227 14.97 -3.98 -52.28
N GLY E 228 13.70 -3.64 -52.48
CA GLY E 228 13.32 -2.36 -53.05
C GLY E 228 11.95 -1.96 -52.57
N TYR E 229 11.48 -0.81 -53.06
CA TYR E 229 10.18 -0.30 -52.64
C TYR E 229 9.07 -1.27 -52.97
N ASP E 230 9.10 -1.85 -54.17
CA ASP E 230 8.04 -2.77 -54.58
C ASP E 230 8.04 -4.05 -53.75
N ASP E 231 9.11 -4.33 -53.02
CA ASP E 231 9.20 -5.53 -52.19
C ASP E 231 8.57 -5.34 -50.82
N ILE E 232 8.08 -4.16 -50.50
CA ILE E 232 7.48 -3.87 -49.20
C ILE E 232 6.13 -3.20 -49.41
N GLY E 233 5.14 -3.64 -48.64
CA GLY E 233 3.81 -3.05 -48.71
C GLY E 233 3.21 -2.93 -47.33
N GLY E 234 2.10 -2.19 -47.27
CA GLY E 234 1.41 -1.94 -46.03
C GLY E 234 1.89 -0.73 -45.26
N CYS E 235 2.96 -0.08 -45.72
CA CYS E 235 3.49 1.13 -45.10
C CYS E 235 3.77 2.19 -46.16
N ARG E 236 2.84 2.37 -47.09
CA ARG E 236 3.05 3.31 -48.18
C ARG E 236 3.25 4.73 -47.64
N LYS E 237 2.41 5.14 -46.68
CA LYS E 237 2.54 6.49 -46.14
C LYS E 237 3.85 6.65 -45.38
N GLN E 238 4.16 5.72 -44.49
CA GLN E 238 5.40 5.79 -43.74
C GLN E 238 6.61 5.64 -44.66
N LEU E 239 6.52 4.76 -45.66
CA LEU E 239 7.60 4.62 -46.62
C LEU E 239 7.85 5.93 -47.36
N ALA E 240 6.77 6.60 -47.77
CA ALA E 240 6.92 7.89 -48.43
C ALA E 240 7.53 8.92 -47.50
N GLN E 241 7.15 8.91 -46.22
CA GLN E 241 7.74 9.83 -45.26
C GLN E 241 9.23 9.59 -45.12
N ILE E 242 9.63 8.33 -44.99
CA ILE E 242 11.06 8.01 -44.85
C ILE E 242 11.80 8.42 -46.11
N LYS E 243 11.21 8.19 -47.28
CA LYS E 243 11.83 8.65 -48.52
C LYS E 243 12.03 10.17 -48.48
N GLU E 244 10.96 10.90 -48.19
CA GLU E 244 11.06 12.35 -48.10
C GLU E 244 12.16 12.77 -47.15
N MET E 245 12.34 12.03 -46.05
CA MET E 245 13.33 12.40 -45.05
C MET E 245 14.75 12.13 -45.52
N VAL E 246 14.99 10.97 -46.14
CA VAL E 246 16.33 10.44 -46.28
C VAL E 246 16.81 10.46 -47.74
N GLU E 247 15.93 10.11 -48.69
CA GLU E 247 16.35 9.97 -50.08
C GLU E 247 17.04 11.23 -50.59
N LEU E 248 16.40 12.38 -50.41
CA LEU E 248 16.95 13.62 -50.95
C LEU E 248 18.33 13.91 -50.37
N PRO E 249 18.55 13.87 -49.06
CA PRO E 249 19.90 14.12 -48.53
C PRO E 249 20.96 13.22 -49.14
N LEU E 250 20.79 11.90 -49.01
CA LEU E 250 21.82 10.98 -49.46
C LEU E 250 22.04 11.07 -50.96
N ARG E 251 20.96 11.14 -51.74
CA ARG E 251 21.10 11.15 -53.19
C ARG E 251 21.79 12.42 -53.68
N HIS E 252 21.55 13.55 -53.03
CA HIS E 252 22.12 14.84 -53.44
C HIS E 252 22.75 15.51 -52.22
N PRO E 253 23.88 14.97 -51.74
CA PRO E 253 24.52 15.56 -50.56
C PRO E 253 24.92 17.01 -50.74
N ALA E 254 25.33 17.40 -51.96
CA ALA E 254 25.85 18.74 -52.16
C ALA E 254 24.79 19.81 -51.93
N LEU E 255 23.52 19.50 -52.19
CA LEU E 255 22.47 20.50 -52.07
C LEU E 255 22.38 21.02 -50.63
N PHE E 256 22.45 20.12 -49.66
CA PHE E 256 22.28 20.52 -48.26
C PHE E 256 23.35 21.54 -47.85
N LYS E 257 24.60 21.31 -48.24
CA LYS E 257 25.66 22.24 -47.88
C LYS E 257 25.39 23.62 -48.50
N ALA E 258 24.92 23.64 -49.74
CA ALA E 258 24.64 24.92 -50.39
C ALA E 258 23.55 25.69 -49.65
N ILE E 259 22.41 25.03 -49.40
CA ILE E 259 21.34 25.68 -48.66
C ILE E 259 21.71 25.84 -47.19
N GLY E 260 22.68 25.09 -46.70
CA GLY E 260 23.07 25.18 -45.30
C GLY E 260 21.98 24.74 -44.35
N VAL E 261 21.29 23.64 -44.67
CA VAL E 261 20.19 23.14 -43.88
C VAL E 261 20.63 21.86 -43.18
N LYS E 262 19.94 21.55 -42.08
CA LYS E 262 20.34 20.43 -41.23
C LYS E 262 19.64 19.16 -41.67
N PRO E 263 20.37 18.12 -42.08
CA PRO E 263 19.72 16.85 -42.39
C PRO E 263 19.46 16.05 -41.12
N PRO E 264 18.61 15.03 -41.19
CA PRO E 264 18.40 14.18 -40.02
C PRO E 264 19.65 13.39 -39.66
N ARG E 265 19.82 13.16 -38.35
CA ARG E 265 20.92 12.35 -37.84
C ARG E 265 20.48 10.94 -37.48
N GLY E 266 19.25 10.77 -36.98
CA GLY E 266 18.74 9.47 -36.66
C GLY E 266 17.23 9.42 -36.74
N ILE E 267 16.69 8.42 -37.43
CA ILE E 267 15.25 8.24 -37.61
C ILE E 267 14.87 6.97 -36.87
N LEU E 268 14.07 7.11 -35.81
CA LEU E 268 13.72 5.99 -34.94
C LEU E 268 12.32 5.51 -35.31
N LEU E 269 12.24 4.34 -35.92
CA LEU E 269 10.97 3.71 -36.25
C LEU E 269 10.51 2.84 -35.09
N TYR E 270 9.23 2.95 -34.74
CA TYR E 270 8.65 2.09 -33.73
C TYR E 270 7.34 1.50 -34.20
N GLY E 271 7.07 0.28 -33.76
CA GLY E 271 5.86 -0.43 -34.10
C GLY E 271 5.95 -1.87 -33.61
N PRO E 272 4.83 -2.58 -33.59
CA PRO E 272 4.86 -3.95 -33.09
C PRO E 272 5.78 -4.80 -33.94
N PRO E 273 6.43 -5.79 -33.33
CA PRO E 273 7.39 -6.60 -34.09
C PRO E 273 6.72 -7.35 -35.22
N GLY E 274 7.47 -7.55 -36.30
CA GLY E 274 6.97 -8.26 -37.46
C GLY E 274 6.42 -7.38 -38.57
N THR E 275 6.61 -6.07 -38.48
CA THR E 275 6.13 -5.13 -39.50
C THR E 275 7.16 -4.89 -40.59
N GLY E 276 8.27 -5.61 -40.58
CA GLY E 276 9.28 -5.47 -41.63
C GLY E 276 9.98 -4.13 -41.64
N LYS E 277 10.27 -3.56 -40.47
CA LYS E 277 11.02 -2.31 -40.42
C LYS E 277 12.42 -2.48 -41.01
N THR E 278 13.07 -3.60 -40.69
CA THR E 278 14.37 -3.89 -41.28
C THR E 278 14.28 -3.90 -42.81
N LEU E 279 13.20 -4.47 -43.33
CA LEU E 279 13.00 -4.47 -44.78
C LEU E 279 12.84 -3.04 -45.31
N ILE E 280 12.14 -2.19 -44.56
CA ILE E 280 11.97 -0.80 -44.99
C ILE E 280 13.32 -0.11 -45.08
N ALA E 281 14.15 -0.27 -44.05
CA ALA E 281 15.46 0.34 -44.06
C ALA E 281 16.32 -0.20 -45.20
N ARG E 282 16.27 -1.52 -45.41
CA ARG E 282 17.05 -2.12 -46.49
C ARG E 282 16.61 -1.57 -47.84
N ALA E 283 15.32 -1.43 -48.05
CA ALA E 283 14.82 -0.92 -49.33
C ALA E 283 15.25 0.53 -49.53
N VAL E 284 15.12 1.36 -48.48
CA VAL E 284 15.49 2.76 -48.62
C VAL E 284 16.98 2.88 -48.90
N ALA E 285 17.79 2.03 -48.28
CA ALA E 285 19.23 2.07 -48.54
C ALA E 285 19.54 1.62 -49.96
N ASN E 286 18.97 0.49 -50.39
CA ASN E 286 19.29 -0.03 -51.71
C ASN E 286 18.86 0.92 -52.81
N GLU E 287 17.66 1.49 -52.70
CA GLU E 287 17.14 2.33 -53.76
C GLU E 287 17.86 3.67 -53.87
N THR E 288 18.72 4.00 -52.90
CA THR E 288 19.48 5.25 -52.93
C THR E 288 20.98 4.96 -52.85
N GLY E 289 21.42 3.86 -53.46
CA GLY E 289 22.84 3.53 -53.42
C GLY E 289 23.30 3.35 -51.98
N ALA E 290 24.33 4.09 -51.61
CA ALA E 290 24.80 4.11 -50.23
C ALA E 290 25.21 2.71 -49.76
N PHE E 291 25.56 2.60 -48.48
CA PHE E 291 25.99 1.35 -47.87
C PHE E 291 25.11 1.07 -46.66
N PHE E 292 24.70 -0.19 -46.50
CA PHE E 292 23.78 -0.59 -45.44
C PHE E 292 24.52 -1.44 -44.43
N PHE E 293 24.50 -1.03 -43.16
CA PHE E 293 25.08 -1.78 -42.06
C PHE E 293 23.97 -2.11 -41.07
N LEU E 294 23.84 -3.39 -40.73
CA LEU E 294 22.83 -3.87 -39.81
C LEU E 294 23.48 -4.23 -38.48
N ILE E 295 22.93 -3.71 -37.39
CA ILE E 295 23.40 -4.00 -36.05
C ILE E 295 22.23 -4.60 -35.28
N ASN E 296 22.37 -5.85 -34.87
CA ASN E 296 21.32 -6.55 -34.13
C ASN E 296 21.58 -6.39 -32.65
N GLY E 297 20.60 -5.85 -31.92
CA GLY E 297 20.76 -5.55 -30.52
C GLY E 297 21.18 -6.76 -29.70
N PRO E 298 20.42 -7.85 -29.83
CA PRO E 298 20.81 -9.07 -29.10
C PRO E 298 22.23 -9.52 -29.41
N GLU E 299 22.67 -9.38 -30.65
CA GLU E 299 24.04 -9.77 -31.00
C GLU E 299 25.05 -8.94 -30.23
N ILE E 300 24.82 -7.64 -30.12
CA ILE E 300 25.76 -6.77 -29.42
C ILE E 300 25.87 -7.17 -27.96
N MET E 301 24.72 -7.39 -27.31
CA MET E 301 24.72 -7.70 -25.89
C MET E 301 25.30 -9.09 -25.63
N SER E 302 25.15 -10.02 -26.60
CA SER E 302 25.65 -11.37 -26.38
C SER E 302 27.16 -11.40 -26.21
N LYS E 303 27.87 -10.46 -26.83
CA LYS E 303 29.32 -10.47 -26.77
C LYS E 303 29.82 -10.09 -25.39
N LEU E 304 31.04 -10.50 -25.09
CA LEU E 304 31.63 -10.26 -23.78
C LEU E 304 31.80 -8.76 -23.54
N ALA E 305 31.91 -8.40 -22.27
CA ALA E 305 32.14 -7.01 -21.90
C ALA E 305 33.40 -6.49 -22.57
N GLY E 306 33.31 -5.29 -23.14
CA GLY E 306 34.38 -4.72 -23.93
C GLY E 306 34.27 -5.07 -25.40
N GLU E 307 33.96 -6.34 -25.68
CA GLU E 307 33.74 -6.74 -27.08
C GLU E 307 32.54 -6.02 -27.66
N SER E 308 31.47 -5.85 -26.89
CA SER E 308 30.30 -5.15 -27.38
C SER E 308 30.64 -3.70 -27.73
N GLU E 309 31.39 -3.03 -26.86
CA GLU E 309 31.80 -1.66 -27.15
C GLU E 309 32.66 -1.60 -28.40
N SER E 310 33.59 -2.55 -28.54
CA SER E 310 34.46 -2.57 -29.72
C SER E 310 33.64 -2.71 -30.98
N ASN E 311 32.69 -3.65 -31.00
CA ASN E 311 31.88 -3.85 -32.20
C ASN E 311 31.00 -2.64 -32.48
N LEU E 312 30.40 -2.06 -31.45
CA LEU E 312 29.55 -0.90 -31.66
C LEU E 312 30.33 0.27 -32.23
N ARG E 313 31.53 0.52 -31.69
CA ARG E 313 32.37 1.59 -32.23
C ARG E 313 32.80 1.28 -33.65
N LYS E 314 33.18 0.02 -33.92
CA LYS E 314 33.64 -0.36 -35.25
C LYS E 314 32.55 -0.18 -36.29
N ALA E 315 31.30 -0.42 -35.90
CA ALA E 315 30.20 -0.26 -36.86
C ALA E 315 30.17 1.17 -37.39
N PHE E 316 30.15 2.16 -36.48
CA PHE E 316 30.14 3.55 -36.91
C PHE E 316 31.43 3.91 -37.64
N GLU E 317 32.57 3.43 -37.16
CA GLU E 317 33.84 3.76 -37.80
C GLU E 317 33.84 3.31 -39.26
N GLU E 318 33.50 2.05 -39.51
CA GLU E 318 33.47 1.54 -40.87
C GLU E 318 32.39 2.23 -41.69
N ALA E 319 31.23 2.49 -41.10
CA ALA E 319 30.11 3.06 -41.85
C ALA E 319 30.52 4.35 -42.56
N GLU E 320 31.31 5.19 -41.89
CA GLU E 320 31.75 6.43 -42.52
C GLU E 320 32.65 6.16 -43.71
N LYS E 321 33.51 5.15 -43.62
CA LYS E 321 34.44 4.86 -44.72
C LYS E 321 33.69 4.63 -46.02
N ASN E 322 32.49 4.07 -45.96
CA ASN E 322 31.64 3.85 -47.12
C ASN E 322 30.51 4.87 -47.20
N ALA E 323 30.69 6.03 -46.58
CA ALA E 323 29.66 7.04 -46.57
C ALA E 323 29.44 7.58 -47.99
N PRO E 324 28.23 8.05 -48.31
CA PRO E 324 27.03 8.13 -47.45
C PRO E 324 26.45 6.76 -47.17
N ALA E 325 25.89 6.53 -45.99
CA ALA E 325 25.46 5.20 -45.61
C ALA E 325 24.33 5.30 -44.58
N ILE E 326 23.62 4.20 -44.41
CA ILE E 326 22.56 4.08 -43.41
C ILE E 326 22.89 2.90 -42.52
N ILE E 327 22.85 3.13 -41.20
CA ILE E 327 23.12 2.10 -40.20
C ILE E 327 21.81 1.79 -39.50
N PHE E 328 21.40 0.53 -39.53
CA PHE E 328 20.15 0.10 -38.92
C PHE E 328 20.46 -0.67 -37.65
N ILE E 329 20.02 -0.13 -36.51
CA ILE E 329 20.20 -0.76 -35.21
C ILE E 329 18.89 -1.48 -34.89
N ASP E 330 18.88 -2.79 -35.08
CA ASP E 330 17.69 -3.59 -34.82
C ASP E 330 17.60 -3.96 -33.35
N GLU E 331 16.38 -3.92 -32.81
CA GLU E 331 16.14 -4.21 -31.41
C GLU E 331 16.95 -3.26 -30.51
N LEU E 332 16.67 -1.97 -30.66
CA LEU E 332 17.36 -0.97 -29.86
C LEU E 332 17.05 -1.12 -28.38
N ASP E 333 15.81 -1.51 -28.05
CA ASP E 333 15.44 -1.66 -26.64
C ASP E 333 16.40 -2.59 -25.90
N ALA E 334 16.87 -3.63 -26.57
CA ALA E 334 17.82 -4.54 -25.93
C ALA E 334 19.11 -3.81 -25.58
N ILE E 335 19.62 -2.98 -26.49
CA ILE E 335 20.88 -2.28 -26.23
C ILE E 335 20.70 -1.23 -25.14
N ALA E 336 19.67 -0.40 -25.27
CA ALA E 336 19.45 0.73 -24.37
C ALA E 336 17.98 0.77 -23.95
N PRO E 337 17.54 -0.19 -23.15
CA PRO E 337 16.16 -0.17 -22.65
C PRO E 337 15.96 1.00 -21.71
N LYS E 338 14.72 1.19 -21.27
CA LYS E 338 14.45 2.21 -20.28
C LYS E 338 15.32 1.97 -19.06
N ARG E 339 15.95 3.04 -18.57
CA ARG E 339 16.96 2.89 -17.53
C ARG E 339 16.42 2.11 -16.34
N GLU E 340 15.15 2.32 -16.00
CA GLU E 340 14.56 1.61 -14.86
C GLU E 340 14.63 0.10 -15.04
N LYS E 341 14.76 -0.37 -16.27
CA LYS E 341 14.88 -1.80 -16.56
C LYS E 341 16.31 -2.31 -16.47
N THR E 342 17.29 -1.44 -16.29
CA THR E 342 18.69 -1.83 -16.19
C THR E 342 19.14 -1.85 -14.74
N HIS E 343 20.03 -2.78 -14.42
CA HIS E 343 20.57 -2.92 -13.07
C HIS E 343 22.09 -2.95 -13.03
N GLY E 344 22.74 -3.56 -14.03
CA GLY E 344 24.18 -3.72 -14.01
C GLY E 344 24.92 -2.48 -14.41
N GLU E 345 26.26 -2.58 -14.34
CA GLU E 345 27.12 -1.45 -14.69
C GLU E 345 27.39 -1.41 -16.19
N VAL E 346 27.93 -2.50 -16.73
CA VAL E 346 28.25 -2.55 -18.15
C VAL E 346 27.02 -2.28 -19.01
N GLU E 347 25.83 -2.48 -18.46
CA GLU E 347 24.62 -2.13 -19.19
C GLU E 347 24.58 -0.63 -19.49
N ARG E 348 24.96 0.19 -18.52
CA ARG E 348 24.96 1.63 -18.72
C ARG E 348 26.13 2.10 -19.57
N ARG E 349 27.27 1.41 -19.50
CA ARG E 349 28.43 1.83 -20.28
C ARG E 349 28.14 1.73 -21.77
N ILE E 350 27.45 0.68 -22.20
CA ILE E 350 27.13 0.52 -23.61
C ILE E 350 26.21 1.64 -24.07
N VAL E 351 25.23 2.01 -23.25
CA VAL E 351 24.33 3.09 -23.61
C VAL E 351 25.10 4.41 -23.74
N SER E 352 26.01 4.67 -22.80
CA SER E 352 26.83 5.87 -22.89
C SER E 352 27.72 5.83 -24.14
N GLN E 353 28.25 4.65 -24.47
CA GLN E 353 29.05 4.54 -25.68
C GLN E 353 28.22 4.89 -26.91
N LEU E 354 26.99 4.38 -26.97
CA LEU E 354 26.13 4.68 -28.11
C LEU E 354 25.81 6.17 -28.17
N LEU E 355 25.56 6.79 -27.02
CA LEU E 355 25.29 8.22 -26.99
C LEU E 355 26.48 9.02 -27.48
N THR E 356 27.69 8.66 -27.03
CA THR E 356 28.88 9.34 -27.49
C THR E 356 29.06 9.18 -28.99
N LEU E 357 28.82 7.98 -29.50
CA LEU E 357 28.89 7.77 -30.95
C LEU E 357 27.89 8.65 -31.67
N MET E 358 26.68 8.76 -31.12
CA MET E 358 25.65 9.57 -31.76
C MET E 358 26.05 11.03 -31.80
N ASP E 359 26.65 11.53 -30.72
CA ASP E 359 27.08 12.93 -30.70
C ASP E 359 28.11 13.21 -31.79
N GLY E 360 29.07 12.31 -31.96
CA GLY E 360 30.05 12.48 -33.02
C GLY E 360 29.48 12.30 -34.41
N LEU E 361 28.36 11.59 -34.55
CA LEU E 361 27.72 11.44 -35.85
C LEU E 361 27.24 12.76 -36.42
N LYS E 362 27.02 13.77 -35.57
CA LYS E 362 26.52 15.05 -36.06
C LYS E 362 27.44 15.61 -37.14
N GLN E 363 28.75 15.53 -36.93
CA GLN E 363 29.71 16.06 -37.88
C GLN E 363 30.20 15.02 -38.87
N ARG E 364 29.66 13.80 -38.82
CA ARG E 364 30.10 12.77 -39.74
C ARG E 364 29.60 13.05 -41.15
N ALA E 365 30.16 12.34 -42.12
CA ALA E 365 29.91 12.58 -43.53
C ALA E 365 28.63 11.87 -43.96
N HIS E 366 27.51 12.57 -43.82
CA HIS E 366 26.22 12.11 -44.36
C HIS E 366 25.93 10.67 -43.95
N VAL E 367 26.07 10.39 -42.65
CA VAL E 367 25.74 9.10 -42.08
C VAL E 367 24.45 9.24 -41.29
N ILE E 368 23.49 8.36 -41.56
CA ILE E 368 22.21 8.36 -40.87
C ILE E 368 22.01 7.00 -40.23
N VAL E 369 21.28 6.98 -39.13
CA VAL E 369 20.98 5.76 -38.39
C VAL E 369 19.48 5.59 -38.32
N MET E 370 19.02 4.35 -38.44
CA MET E 370 17.60 4.01 -38.34
C MET E 370 17.48 2.87 -37.33
N ALA E 371 17.13 3.21 -36.10
CA ALA E 371 16.99 2.22 -35.03
C ALA E 371 15.53 1.86 -34.87
N ALA E 372 15.25 0.57 -34.75
CA ALA E 372 13.89 0.06 -34.62
C ALA E 372 13.66 -0.38 -33.18
N THR E 373 12.56 0.07 -32.60
CA THR E 373 12.20 -0.26 -31.23
C THR E 373 10.70 -0.50 -31.15
N ASN E 374 10.28 -1.18 -30.09
CA ASN E 374 8.86 -1.51 -29.95
C ASN E 374 8.02 -0.25 -29.77
N ARG E 375 8.50 0.70 -28.98
CA ARG E 375 7.71 1.87 -28.63
C ARG E 375 8.65 2.97 -28.16
N PRO E 376 8.20 4.23 -28.16
CA PRO E 376 9.08 5.30 -27.68
C PRO E 376 9.50 5.14 -26.23
N ASN E 377 8.65 4.56 -25.39
CA ASN E 377 8.96 4.38 -23.97
C ASN E 377 9.83 3.15 -23.71
N SER E 378 10.17 2.40 -24.74
CA SER E 378 10.96 1.19 -24.57
C SER E 378 12.46 1.46 -24.53
N ILE E 379 12.89 2.71 -24.67
CA ILE E 379 14.31 3.04 -24.72
C ILE E 379 14.59 4.20 -23.78
N ASP E 380 15.86 4.34 -23.43
CA ASP E 380 16.30 5.41 -22.55
C ASP E 380 16.03 6.77 -23.21
N PRO E 381 15.38 7.71 -22.52
CA PRO E 381 15.14 9.02 -23.15
C PRO E 381 16.40 9.75 -23.55
N ALA E 382 17.54 9.45 -22.93
CA ALA E 382 18.77 10.12 -23.32
C ALA E 382 19.10 9.90 -24.79
N LEU E 383 18.63 8.79 -25.36
CA LEU E 383 18.83 8.54 -26.78
C LEU E 383 17.87 9.34 -27.67
N ARG E 384 16.89 10.01 -27.09
CA ARG E 384 15.88 10.73 -27.85
C ARG E 384 16.13 12.24 -27.87
N ARG E 385 17.29 12.70 -27.42
CA ARG E 385 17.58 14.12 -27.38
C ARG E 385 18.04 14.62 -28.75
N PHE E 386 18.09 15.93 -28.88
CA PHE E 386 18.50 16.55 -30.14
C PHE E 386 19.94 16.16 -30.46
N GLY E 387 20.23 16.03 -31.75
CA GLY E 387 21.48 15.43 -32.17
C GLY E 387 21.48 13.92 -32.12
N ARG E 388 20.35 13.32 -31.80
CA ARG E 388 20.21 11.88 -31.65
C ARG E 388 18.86 11.51 -32.25
N PHE E 389 18.32 10.36 -31.87
CA PHE E 389 17.10 9.84 -32.50
C PHE E 389 15.95 10.77 -32.11
N ASP E 390 15.87 11.90 -32.82
CA ASP E 390 14.86 12.91 -32.57
C ASP E 390 13.68 12.83 -33.53
N ARG E 391 13.89 12.31 -34.73
CA ARG E 391 12.82 12.15 -35.71
C ARG E 391 12.27 10.73 -35.62
N GLU E 392 10.94 10.63 -35.58
CA GLU E 392 10.27 9.36 -35.37
C GLU E 392 9.29 9.08 -36.50
N VAL E 393 9.12 7.80 -36.80
CA VAL E 393 8.14 7.33 -37.78
C VAL E 393 7.41 6.14 -37.16
N ASP E 394 6.08 6.17 -37.22
CA ASP E 394 5.25 5.13 -36.63
C ASP E 394 4.80 4.19 -37.74
N ILE E 395 5.49 3.06 -37.89
CA ILE E 395 5.11 2.09 -38.90
C ILE E 395 3.70 1.59 -38.66
N GLY E 396 3.36 1.29 -37.41
CA GLY E 396 2.00 0.94 -37.09
C GLY E 396 1.58 -0.40 -37.67
N ILE E 397 0.27 -0.62 -37.66
CA ILE E 397 -0.33 -1.87 -38.12
C ILE E 397 -0.88 -1.65 -39.52
N PRO E 398 -0.63 -2.57 -40.46
CA PRO E 398 -1.20 -2.40 -41.80
C PRO E 398 -2.73 -2.44 -41.76
N ASP E 399 -3.34 -1.71 -42.68
CA ASP E 399 -4.78 -1.63 -42.80
C ASP E 399 -5.25 -2.59 -43.90
N ALA E 400 -6.54 -2.53 -44.22
CA ALA E 400 -7.10 -3.47 -45.18
C ALA E 400 -6.36 -3.42 -46.50
N THR E 401 -6.13 -2.22 -47.03
CA THR E 401 -5.37 -2.09 -48.27
C THR E 401 -3.94 -2.59 -48.09
N GLY E 402 -3.32 -2.24 -46.96
CA GLY E 402 -1.98 -2.73 -46.70
C GLY E 402 -1.94 -4.24 -46.55
N ARG E 403 -2.95 -4.81 -45.91
CA ARG E 403 -3.02 -6.27 -45.80
C ARG E 403 -3.15 -6.91 -47.17
N LEU E 404 -3.97 -6.32 -48.04
CA LEU E 404 -4.09 -6.85 -49.40
C LEU E 404 -2.75 -6.78 -50.12
N GLU E 405 -2.03 -5.67 -49.98
CA GLU E 405 -0.74 -5.53 -50.64
C GLU E 405 0.25 -6.57 -50.11
N ILE E 406 0.27 -6.78 -48.80
CA ILE E 406 1.19 -7.76 -48.22
C ILE E 406 0.84 -9.16 -48.71
N LEU E 407 -0.45 -9.48 -48.76
CA LEU E 407 -0.86 -10.78 -49.26
C LEU E 407 -0.44 -10.96 -50.71
N GLN E 408 -0.60 -9.92 -51.53
CA GLN E 408 -0.16 -9.99 -52.92
C GLN E 408 1.35 -10.24 -52.99
N ILE E 409 2.12 -9.56 -52.16
CA ILE E 409 3.56 -9.73 -52.18
C ILE E 409 3.93 -11.16 -51.80
N HIS E 410 3.29 -11.71 -50.77
CA HIS E 410 3.64 -13.04 -50.31
C HIS E 410 3.11 -14.13 -51.24
N THR E 411 2.05 -13.84 -51.98
CA THR E 411 1.44 -14.81 -52.89
C THR E 411 1.96 -14.69 -54.31
N LYS E 412 3.00 -13.89 -54.53
CA LYS E 412 3.49 -13.66 -55.89
C LYS E 412 3.95 -14.96 -56.54
N ASN E 413 4.67 -15.80 -55.80
CA ASN E 413 5.24 -17.04 -56.33
C ASN E 413 4.39 -18.25 -55.99
N MET E 414 3.06 -18.08 -55.96
CA MET E 414 2.14 -19.14 -55.58
C MET E 414 1.08 -19.31 -56.67
N LYS E 415 0.66 -20.56 -56.88
CA LYS E 415 -0.40 -20.88 -57.80
C LYS E 415 -1.70 -21.03 -57.02
N LEU E 416 -2.71 -20.24 -57.39
CA LEU E 416 -3.96 -20.19 -56.65
C LEU E 416 -5.13 -20.34 -57.62
N ALA E 417 -6.14 -21.09 -57.19
CA ALA E 417 -7.34 -21.27 -58.00
C ALA E 417 -8.12 -19.95 -58.07
N ASP E 418 -8.91 -19.82 -59.14
CA ASP E 418 -9.62 -18.57 -59.39
C ASP E 418 -10.58 -18.22 -58.26
N ASP E 419 -11.03 -19.20 -57.47
CA ASP E 419 -11.98 -18.92 -56.41
C ASP E 419 -11.40 -17.99 -55.35
N VAL E 420 -10.08 -17.93 -55.21
CA VAL E 420 -9.46 -17.12 -54.17
C VAL E 420 -9.52 -15.65 -54.59
N ASP E 421 -9.95 -14.80 -53.67
CA ASP E 421 -9.85 -13.35 -53.82
C ASP E 421 -9.13 -12.81 -52.59
N LEU E 422 -7.91 -12.33 -52.79
CA LEU E 422 -7.12 -11.82 -51.67
C LEU E 422 -7.82 -10.67 -50.97
N GLU E 423 -8.73 -9.98 -51.66
CA GLU E 423 -9.44 -8.87 -51.03
C GLU E 423 -10.27 -9.35 -49.85
N GLN E 424 -10.91 -10.51 -49.97
CA GLN E 424 -11.74 -11.01 -48.87
C GLN E 424 -10.89 -11.26 -47.63
N VAL E 425 -9.81 -12.02 -47.77
CA VAL E 425 -8.96 -12.33 -46.62
C VAL E 425 -8.36 -11.05 -46.06
N ALA E 426 -7.94 -10.13 -46.93
CA ALA E 426 -7.37 -8.87 -46.44
C ALA E 426 -8.39 -8.09 -45.62
N ASN E 427 -9.63 -8.00 -46.11
CA ASN E 427 -10.67 -7.31 -45.37
C ASN E 427 -11.01 -8.03 -44.08
N GLU E 428 -10.77 -9.34 -44.02
CA GLU E 428 -11.12 -10.12 -42.83
C GLU E 428 -9.97 -10.22 -41.84
N THR E 429 -8.72 -10.26 -42.30
CA THR E 429 -7.58 -10.55 -41.43
C THR E 429 -7.27 -9.35 -40.53
N HIS E 430 -8.21 -9.07 -39.63
CA HIS E 430 -8.01 -8.00 -38.65
C HIS E 430 -6.98 -8.43 -37.61
N GLY E 431 -6.16 -7.48 -37.18
CA GLY E 431 -5.18 -7.72 -36.15
C GLY E 431 -3.91 -8.39 -36.61
N HIS E 432 -3.80 -8.74 -37.87
CA HIS E 432 -2.59 -9.35 -38.40
C HIS E 432 -1.58 -8.29 -38.80
N VAL E 433 -0.31 -8.68 -38.83
CA VAL E 433 0.77 -7.81 -39.26
C VAL E 433 1.50 -8.49 -40.42
N GLY E 434 2.56 -7.85 -40.90
CA GLY E 434 3.25 -8.40 -42.07
C GLY E 434 3.70 -9.82 -41.87
N ALA E 435 4.29 -10.11 -40.70
CA ALA E 435 4.78 -11.46 -40.45
C ALA E 435 3.64 -12.47 -40.41
N ASP E 436 2.53 -12.12 -39.75
CA ASP E 436 1.43 -13.07 -39.61
C ASP E 436 0.83 -13.44 -40.95
N LEU E 437 0.70 -12.47 -41.86
CA LEU E 437 0.15 -12.76 -43.18
C LEU E 437 1.03 -13.76 -43.92
N ALA E 438 2.35 -13.62 -43.80
CA ALA E 438 3.24 -14.61 -44.40
C ALA E 438 2.99 -15.98 -43.81
N ALA E 439 2.81 -16.05 -42.48
CA ALA E 439 2.50 -17.33 -41.86
C ALA E 439 1.17 -17.88 -42.36
N LEU E 440 0.17 -17.00 -42.55
CA LEU E 440 -1.12 -17.45 -43.05
C LEU E 440 -0.98 -18.05 -44.45
N CYS E 441 -0.24 -17.38 -45.33
CA CYS E 441 -0.05 -17.90 -46.68
C CYS E 441 0.69 -19.22 -46.65
N SER E 442 1.73 -19.32 -45.80
CA SER E 442 2.47 -20.57 -45.69
C SER E 442 1.57 -21.69 -45.20
N GLU E 443 0.73 -21.41 -44.21
CA GLU E 443 -0.17 -22.43 -43.68
C GLU E 443 -1.17 -22.87 -44.74
N ALA E 444 -1.70 -21.93 -45.51
CA ALA E 444 -2.64 -22.30 -46.58
C ALA E 444 -1.96 -23.20 -47.61
N ALA E 445 -0.75 -22.81 -48.04
CA ALA E 445 -0.05 -23.63 -49.02
C ALA E 445 0.25 -25.02 -48.48
N LEU E 446 0.67 -25.10 -47.21
CA LEU E 446 1.01 -26.39 -46.63
C LEU E 446 -0.23 -27.25 -46.44
N GLN E 447 -1.37 -26.64 -46.10
CA GLN E 447 -2.60 -27.42 -46.04
C GLN E 447 -2.96 -27.96 -47.41
N ALA E 448 -2.81 -27.14 -48.46
CA ALA E 448 -3.07 -27.63 -49.80
C ALA E 448 -2.19 -28.84 -50.11
N ILE E 449 -0.88 -28.70 -49.86
CA ILE E 449 0.04 -29.79 -50.16
C ILE E 449 -0.34 -31.05 -49.38
N ARG E 450 -0.54 -30.92 -48.08
CA ARG E 450 -0.83 -32.08 -47.25
C ARG E 450 -2.14 -32.74 -47.66
N LYS E 451 -3.17 -31.94 -47.97
CA LYS E 451 -4.43 -32.51 -48.41
C LYS E 451 -4.26 -33.28 -49.70
N LYS E 452 -3.42 -32.79 -50.62
CA LYS E 452 -3.14 -33.52 -51.84
C LYS E 452 -1.95 -34.46 -51.72
N MET E 453 -1.08 -34.25 -50.73
CA MET E 453 0.13 -35.07 -50.62
C MET E 453 -0.22 -36.52 -50.32
N ASP E 454 -1.20 -36.76 -49.44
CA ASP E 454 -1.54 -38.13 -49.06
C ASP E 454 -1.92 -38.95 -50.30
N LEU E 455 -2.74 -38.38 -51.19
CA LEU E 455 -3.10 -39.08 -52.41
C LEU E 455 -1.91 -39.28 -53.33
N ILE E 456 -0.86 -38.48 -53.19
CA ILE E 456 0.34 -38.61 -54.01
C ILE E 456 1.44 -39.29 -53.20
N THR E 462 13.74 -31.22 -56.95
CA THR E 462 13.74 -32.17 -55.84
C THR E 462 12.33 -32.37 -55.31
N ILE E 463 11.38 -32.46 -56.23
CA ILE E 463 9.96 -32.60 -55.91
C ILE E 463 9.36 -33.67 -56.82
N ASP E 464 8.05 -33.86 -56.71
CA ASP E 464 7.32 -34.77 -57.57
C ASP E 464 7.05 -34.19 -58.96
N ALA E 465 7.75 -33.11 -59.32
CA ALA E 465 7.69 -32.53 -60.66
C ALA E 465 6.34 -31.89 -60.92
N GLU E 466 5.65 -32.31 -61.99
CA GLU E 466 4.44 -31.62 -62.41
C GLU E 466 3.38 -31.65 -61.31
N VAL E 467 3.30 -32.76 -60.57
CA VAL E 467 2.26 -32.89 -59.55
C VAL E 467 2.32 -31.73 -58.56
N MET E 468 3.53 -31.39 -58.11
CA MET E 468 3.69 -30.21 -57.25
C MET E 468 3.59 -28.93 -58.05
N ASN E 469 4.11 -28.93 -59.29
CA ASN E 469 3.94 -27.77 -60.15
C ASN E 469 2.47 -27.52 -60.50
N SER E 470 1.64 -28.57 -60.42
CA SER E 470 0.21 -28.43 -60.62
C SER E 470 -0.52 -28.03 -59.34
N LEU E 471 0.19 -27.85 -58.24
CA LEU E 471 -0.43 -27.47 -56.98
C LEU E 471 -1.19 -26.15 -57.16
N ALA E 472 -2.42 -26.12 -56.66
CA ALA E 472 -3.26 -24.94 -56.75
C ALA E 472 -3.99 -24.76 -55.43
N VAL E 473 -3.77 -23.62 -54.78
CA VAL E 473 -4.44 -23.32 -53.52
C VAL E 473 -5.86 -22.83 -53.82
N THR E 474 -6.75 -23.01 -52.84
CA THR E 474 -8.15 -22.67 -53.00
C THR E 474 -8.60 -21.84 -51.80
N MET E 475 -9.73 -21.15 -51.98
CA MET E 475 -10.24 -20.28 -50.93
C MET E 475 -10.54 -21.04 -49.65
N ASP E 476 -10.92 -22.31 -49.77
CA ASP E 476 -11.17 -23.11 -48.57
C ASP E 476 -9.90 -23.30 -47.76
N ASP E 477 -8.77 -23.53 -48.43
CA ASP E 477 -7.51 -23.65 -47.72
C ASP E 477 -7.15 -22.36 -47.00
N PHE E 478 -7.35 -21.22 -47.66
CA PHE E 478 -7.11 -19.94 -46.99
C PHE E 478 -8.02 -19.79 -45.77
N ARG E 479 -9.30 -20.14 -45.92
CA ARG E 479 -10.22 -20.02 -44.80
C ARG E 479 -9.77 -20.88 -43.63
N TRP E 480 -9.38 -22.12 -43.90
CA TRP E 480 -8.93 -23.01 -42.82
C TRP E 480 -7.68 -22.46 -42.16
N ALA E 481 -6.67 -22.12 -42.95
CA ALA E 481 -5.47 -21.52 -42.38
C ALA E 481 -5.80 -20.24 -41.63
N LEU E 482 -6.81 -19.50 -42.11
CA LEU E 482 -7.25 -18.30 -41.40
C LEU E 482 -7.77 -18.64 -40.02
N SER E 483 -8.59 -19.68 -39.91
CA SER E 483 -9.15 -20.08 -38.63
C SER E 483 -8.13 -20.74 -37.71
N GLN E 484 -6.95 -21.07 -38.22
CA GLN E 484 -5.92 -21.74 -37.43
C GLN E 484 -4.72 -20.83 -37.16
N SER E 485 -4.92 -19.52 -37.20
CA SER E 485 -3.86 -18.55 -36.96
C SER E 485 -4.23 -17.67 -35.78
N ASN E 486 -3.23 -17.30 -34.99
CA ASN E 486 -3.41 -16.41 -33.85
C ASN E 486 -2.67 -15.11 -34.12
N PRO E 487 -3.33 -14.07 -34.60
CA PRO E 487 -2.61 -12.83 -34.90
C PRO E 487 -1.96 -12.24 -33.66
N SER E 488 -0.83 -11.58 -33.86
CA SER E 488 0.00 -11.08 -32.77
C SER E 488 -0.27 -9.61 -32.44
N ALA E 489 -1.25 -8.98 -33.07
CA ALA E 489 -1.52 -7.57 -32.84
C ALA E 489 -3.02 -7.32 -32.72
N LEU E 490 -3.72 -8.19 -32.00
CA LEU E 490 -5.15 -7.98 -31.80
C LEU E 490 -5.43 -6.84 -30.85
N ARG E 491 -4.61 -6.66 -29.83
CA ARG E 491 -4.86 -5.70 -28.77
C ARG E 491 -4.21 -4.34 -29.02
N GLU E 492 -3.54 -4.16 -30.16
CA GLU E 492 -2.94 -2.87 -30.47
C GLU E 492 -4.01 -1.89 -30.93
N THR E 493 -3.87 -0.63 -30.51
CA THR E 493 -4.80 0.40 -30.93
C THR E 493 -4.71 0.59 -32.44
N VAL E 494 -5.81 0.34 -33.13
CA VAL E 494 -5.82 0.40 -34.59
C VAL E 494 -6.07 1.84 -35.01
N VAL E 495 -5.19 2.34 -35.88
CA VAL E 495 -5.30 3.69 -36.43
C VAL E 495 -5.40 3.56 -37.95
N GLU E 496 -6.50 4.03 -38.51
CA GLU E 496 -6.73 3.92 -39.95
C GLU E 496 -7.96 4.75 -40.30
N VAL E 497 -8.08 5.08 -41.58
CA VAL E 497 -9.23 5.85 -42.07
C VAL E 497 -10.44 4.92 -42.09
N PRO E 498 -11.50 5.22 -41.35
CA PRO E 498 -12.66 4.32 -41.35
C PRO E 498 -13.33 4.28 -42.72
N GLN E 499 -13.87 3.11 -43.06
CA GLN E 499 -14.56 2.93 -44.32
C GLN E 499 -16.02 3.35 -44.26
N VAL E 500 -16.53 3.71 -43.08
CA VAL E 500 -17.91 4.17 -42.98
C VAL E 500 -18.09 5.40 -43.87
N THR E 501 -19.34 5.63 -44.28
CA THR E 501 -19.71 6.79 -45.08
C THR E 501 -21.02 7.35 -44.54
N TRP E 502 -21.30 8.59 -44.93
CA TRP E 502 -22.51 9.26 -44.45
C TRP E 502 -23.76 8.44 -44.75
N GLU E 503 -23.79 7.75 -45.89
CA GLU E 503 -24.97 7.00 -46.26
C GLU E 503 -25.23 5.83 -45.31
N ASP E 504 -24.26 5.44 -44.50
CA ASP E 504 -24.50 4.38 -43.53
C ASP E 504 -25.56 4.82 -42.51
N ILE E 505 -25.51 6.07 -42.08
CA ILE E 505 -26.55 6.62 -41.22
C ILE E 505 -27.61 7.34 -42.04
N GLY E 506 -27.19 8.11 -43.03
CA GLY E 506 -28.14 8.73 -43.95
C GLY E 506 -29.15 9.63 -43.29
N GLY E 507 -28.74 10.42 -42.30
CA GLY E 507 -29.67 11.30 -41.63
C GLY E 507 -28.93 12.30 -40.77
N LEU E 508 -29.71 13.09 -40.03
CA LEU E 508 -29.17 14.11 -39.14
C LEU E 508 -28.31 15.11 -39.92
N GLU E 509 -28.96 15.82 -40.83
CA GLU E 509 -28.25 16.78 -41.67
C GLU E 509 -27.60 17.87 -40.83
N ASP E 510 -28.29 18.32 -39.77
CA ASP E 510 -27.70 19.36 -38.92
C ASP E 510 -26.44 18.86 -38.22
N VAL E 511 -26.47 17.62 -37.72
CA VAL E 511 -25.27 17.06 -37.09
C VAL E 511 -24.17 16.92 -38.13
N LYS E 512 -24.52 16.55 -39.36
CA LYS E 512 -23.53 16.49 -40.42
C LYS E 512 -22.89 17.84 -40.65
N ARG E 513 -23.70 18.90 -40.67
CA ARG E 513 -23.16 20.25 -40.87
C ARG E 513 -22.25 20.65 -39.71
N GLU E 514 -22.65 20.34 -38.49
CA GLU E 514 -21.81 20.68 -37.33
C GLU E 514 -20.47 19.97 -37.40
N LEU E 515 -20.51 18.66 -37.67
CA LEU E 515 -19.27 17.89 -37.76
C LEU E 515 -18.40 18.41 -38.90
N GLN E 516 -19.01 18.74 -40.03
CA GLN E 516 -18.25 19.33 -41.12
C GLN E 516 -17.55 20.60 -40.66
N GLU E 517 -18.32 21.54 -40.09
CA GLU E 517 -17.73 22.79 -39.66
C GLU E 517 -16.56 22.56 -38.72
N LEU E 518 -16.69 21.61 -37.80
CA LEU E 518 -15.69 21.46 -36.75
C LEU E 518 -14.53 20.55 -37.13
N VAL E 519 -14.61 19.77 -38.21
CA VAL E 519 -13.55 18.81 -38.51
C VAL E 519 -12.98 18.97 -39.91
N GLN E 520 -13.76 19.51 -40.85
CA GLN E 520 -13.39 19.54 -42.26
C GLN E 520 -12.79 20.88 -42.67
N TYR E 521 -13.51 21.97 -42.41
CA TYR E 521 -12.99 23.28 -42.79
C TYR E 521 -11.64 23.58 -42.17
N PRO E 522 -11.40 23.32 -40.88
CA PRO E 522 -10.07 23.62 -40.33
C PRO E 522 -8.94 22.92 -41.06
N VAL E 523 -9.17 21.71 -41.55
CA VAL E 523 -8.16 20.97 -42.28
C VAL E 523 -8.25 21.21 -43.78
N GLU E 524 -9.29 21.89 -44.26
CA GLU E 524 -9.45 22.17 -45.67
C GLU E 524 -9.24 23.63 -46.04
N HIS E 525 -9.58 24.56 -45.15
CA HIS E 525 -9.43 25.99 -45.40
C HIS E 525 -8.74 26.66 -44.20
N PRO E 526 -7.48 26.32 -43.95
CA PRO E 526 -6.75 27.06 -42.90
C PRO E 526 -6.64 28.54 -43.20
N ASP E 527 -6.53 28.90 -44.47
CA ASP E 527 -6.40 30.31 -44.83
C ASP E 527 -7.61 31.11 -44.36
N LYS E 528 -8.80 30.51 -44.42
CA LYS E 528 -9.98 31.20 -43.93
C LYS E 528 -9.89 31.45 -42.43
N PHE E 529 -9.41 30.47 -41.67
CA PHE E 529 -9.28 30.64 -40.24
C PHE E 529 -8.24 31.69 -39.89
N LEU E 530 -7.17 31.80 -40.69
CA LEU E 530 -6.18 32.84 -40.45
C LEU E 530 -6.71 34.22 -40.83
N LYS E 531 -7.40 34.31 -41.97
CA LYS E 531 -7.92 35.60 -42.42
C LYS E 531 -8.80 36.24 -41.37
N PHE E 532 -9.57 35.43 -40.64
CA PHE E 532 -10.31 35.90 -39.49
C PHE E 532 -9.56 35.53 -38.21
N GLY E 533 -10.08 36.02 -37.09
CA GLY E 533 -9.44 35.76 -35.81
C GLY E 533 -10.05 34.57 -35.10
N MET E 534 -10.45 33.55 -35.87
CA MET E 534 -11.09 32.37 -35.33
C MET E 534 -10.05 31.28 -35.07
N THR E 535 -10.27 30.52 -34.01
CA THR E 535 -9.40 29.41 -33.65
C THR E 535 -10.20 28.11 -33.66
N PRO E 536 -9.72 27.04 -34.30
CA PRO E 536 -10.53 25.82 -34.38
C PRO E 536 -10.88 25.29 -33.00
N SER E 537 -12.10 24.78 -32.88
CA SER E 537 -12.55 24.18 -31.63
C SER E 537 -11.80 22.88 -31.38
N LYS E 538 -11.58 22.58 -30.10
CA LYS E 538 -10.81 21.39 -29.75
C LYS E 538 -11.59 20.11 -29.96
N GLY E 539 -12.90 20.14 -29.74
CA GLY E 539 -13.71 18.94 -29.89
C GLY E 539 -15.16 19.20 -29.56
N VAL E 540 -15.96 18.14 -29.68
CA VAL E 540 -17.38 18.17 -29.40
C VAL E 540 -17.71 17.04 -28.43
N LEU E 541 -18.98 16.91 -28.10
CA LEU E 541 -19.44 15.87 -27.17
C LEU E 541 -20.82 15.41 -27.60
N PHE E 542 -20.92 14.17 -28.08
CA PHE E 542 -22.21 13.58 -28.37
C PHE E 542 -22.89 13.13 -27.07
N TYR E 543 -24.20 12.92 -27.16
CA TYR E 543 -24.95 12.38 -26.04
C TYR E 543 -26.34 12.01 -26.53
N GLY E 544 -26.88 10.92 -26.01
CA GLY E 544 -28.18 10.45 -26.41
C GLY E 544 -28.46 9.04 -25.93
N PRO E 545 -29.48 8.41 -26.51
CA PRO E 545 -29.84 7.04 -26.08
C PRO E 545 -28.75 6.05 -26.45
N PRO E 546 -28.66 4.93 -25.75
CA PRO E 546 -27.66 3.92 -26.10
C PRO E 546 -27.85 3.43 -27.53
N GLY E 547 -26.73 3.22 -28.22
CA GLY E 547 -26.76 2.65 -29.55
C GLY E 547 -27.66 3.37 -30.53
N CYS E 548 -27.28 4.58 -30.91
CA CYS E 548 -28.02 5.34 -31.90
C CYS E 548 -27.18 5.75 -33.10
N GLY E 549 -25.86 5.64 -33.04
CA GLY E 549 -25.01 5.91 -34.19
C GLY E 549 -23.87 6.87 -33.91
N LYS E 550 -23.61 7.15 -32.63
CA LYS E 550 -22.53 8.08 -32.29
C LYS E 550 -21.21 7.63 -32.89
N THR E 551 -20.83 6.36 -32.66
CA THR E 551 -19.64 5.83 -33.29
C THR E 551 -19.73 5.90 -34.81
N LEU E 552 -20.92 5.62 -35.34
CA LEU E 552 -21.11 5.69 -36.79
C LEU E 552 -20.87 7.10 -37.30
N LEU E 553 -21.39 8.11 -36.61
CA LEU E 553 -21.19 9.48 -37.05
C LEU E 553 -19.73 9.90 -36.96
N ALA E 554 -19.07 9.51 -35.87
CA ALA E 554 -17.65 9.85 -35.73
C ALA E 554 -16.83 9.22 -36.84
N LYS E 555 -17.08 7.95 -37.13
CA LYS E 555 -16.36 7.28 -38.21
C LYS E 555 -16.67 7.93 -39.55
N ALA E 556 -17.93 8.32 -39.77
CA ALA E 556 -18.29 8.94 -41.04
C ALA E 556 -17.56 10.26 -41.23
N ILE E 557 -17.52 11.09 -40.19
CA ILE E 557 -16.84 12.38 -40.32
C ILE E 557 -15.35 12.16 -40.52
N ALA E 558 -14.77 11.18 -39.82
CA ALA E 558 -13.36 10.88 -40.05
C ALA E 558 -13.13 10.46 -41.50
N ASN E 559 -14.06 9.68 -42.06
CA ASN E 559 -13.94 9.25 -43.45
C ASN E 559 -14.02 10.43 -44.41
N GLU E 560 -14.94 11.38 -44.14
CA GLU E 560 -15.14 12.48 -45.06
C GLU E 560 -13.87 13.29 -45.25
N CYS E 561 -13.18 13.59 -44.16
CA CYS E 561 -11.93 14.36 -44.22
C CYS E 561 -10.73 13.50 -44.55
N GLN E 562 -10.90 12.18 -44.72
CA GLN E 562 -9.79 11.27 -44.93
C GLN E 562 -8.78 11.40 -43.81
N ALA E 563 -9.27 11.28 -42.59
CA ALA E 563 -8.46 11.43 -41.39
C ALA E 563 -8.48 10.15 -40.56
N ASN E 564 -7.37 9.88 -39.91
CA ASN E 564 -7.28 8.72 -39.03
C ASN E 564 -8.38 8.76 -37.98
N PHE E 565 -8.66 7.61 -37.38
CA PHE E 565 -9.69 7.49 -36.36
C PHE E 565 -9.21 6.53 -35.28
N ILE E 566 -9.13 7.01 -34.05
CA ILE E 566 -8.72 6.20 -32.90
C ILE E 566 -9.87 6.22 -31.90
N SER E 567 -10.35 5.04 -31.55
CA SER E 567 -11.47 4.88 -30.62
C SER E 567 -10.96 4.34 -29.29
N ILE E 568 -11.50 4.89 -28.20
CA ILE E 568 -11.14 4.48 -26.85
C ILE E 568 -12.43 4.05 -26.17
N LYS E 569 -12.68 2.75 -26.12
CA LYS E 569 -13.91 2.23 -25.53
C LYS E 569 -13.88 2.41 -24.02
N GLY E 570 -15.08 2.35 -23.42
CA GLY E 570 -15.23 2.52 -21.99
C GLY E 570 -14.43 1.56 -21.14
N PRO E 571 -14.36 0.28 -21.51
CA PRO E 571 -13.55 -0.65 -20.71
C PRO E 571 -12.11 -0.22 -20.57
N GLU E 572 -11.52 0.44 -21.58
CA GLU E 572 -10.16 0.92 -21.44
C GLU E 572 -10.04 1.98 -20.35
N LEU E 573 -10.99 2.92 -20.33
CA LEU E 573 -10.99 3.93 -19.28
C LEU E 573 -11.19 3.30 -17.91
N LEU E 574 -12.08 2.32 -17.83
CA LEU E 574 -12.29 1.63 -16.56
C LEU E 574 -11.02 0.91 -16.11
N THR E 575 -10.32 0.28 -17.05
CA THR E 575 -9.07 -0.39 -16.71
C THR E 575 -8.04 0.61 -16.20
N MET E 576 -7.95 1.76 -16.86
CA MET E 576 -7.03 2.78 -16.38
C MET E 576 -7.39 3.23 -14.97
N TRP E 577 -8.68 3.39 -14.69
CA TRP E 577 -9.11 3.83 -13.37
C TRP E 577 -8.78 2.79 -12.31
N PHE E 578 -9.16 1.53 -12.55
CA PHE E 578 -8.93 0.48 -11.55
C PHE E 578 -7.45 0.28 -11.29
N GLY E 579 -6.65 0.20 -12.35
CA GLY E 579 -5.23 -0.01 -12.21
C GLY E 579 -4.43 1.23 -11.87
N GLU E 580 -5.10 2.38 -11.75
CA GLU E 580 -4.42 3.64 -11.47
C GLU E 580 -3.34 3.91 -12.52
N SER E 581 -3.64 3.59 -13.77
CA SER E 581 -2.74 3.79 -14.89
C SER E 581 -3.14 5.01 -15.72
N GLU E 582 -3.60 6.08 -15.06
CA GLU E 582 -4.03 7.26 -15.79
C GLU E 582 -2.89 7.88 -16.59
N ALA E 583 -1.64 7.54 -16.27
CA ALA E 583 -0.51 8.06 -17.03
C ALA E 583 -0.53 7.61 -18.47
N ASN E 584 -1.33 6.60 -18.81
CA ASN E 584 -1.40 6.13 -20.19
C ASN E 584 -2.16 7.10 -21.09
N VAL E 585 -2.93 8.02 -20.52
CA VAL E 585 -3.65 8.98 -21.35
C VAL E 585 -2.68 9.80 -22.18
N ARG E 586 -1.54 10.17 -21.59
CA ARG E 586 -0.52 10.88 -22.34
C ARG E 586 -0.08 10.06 -23.55
N GLU E 587 0.06 8.75 -23.39
CA GLU E 587 0.45 7.91 -24.52
C GLU E 587 -0.63 7.90 -25.60
N ILE E 588 -1.89 7.84 -25.20
CA ILE E 588 -2.98 7.87 -26.19
C ILE E 588 -2.92 9.17 -26.97
N PHE E 589 -2.76 10.30 -26.27
CA PHE E 589 -2.74 11.59 -26.96
C PHE E 589 -1.52 11.73 -27.85
N ASP E 590 -0.38 11.19 -27.42
CA ASP E 590 0.79 11.18 -28.29
C ASP E 590 0.53 10.36 -29.54
N LYS E 591 -0.14 9.22 -29.40
CA LYS E 591 -0.49 8.42 -30.56
C LYS E 591 -1.37 9.23 -31.51
N ALA E 592 -2.38 9.91 -30.97
CA ALA E 592 -3.24 10.74 -31.80
C ALA E 592 -2.45 11.86 -32.46
N ARG E 593 -1.58 12.52 -31.69
CA ARG E 593 -0.78 13.61 -32.26
C ARG E 593 0.14 13.09 -33.35
N GLN E 594 0.78 11.94 -33.12
CA GLN E 594 1.76 11.43 -34.08
C GLN E 594 1.13 11.17 -35.44
N ALA E 595 -0.16 10.83 -35.47
CA ALA E 595 -0.89 10.54 -36.70
C ALA E 595 -2.02 11.56 -36.82
N ALA E 596 -1.78 12.64 -37.55
CA ALA E 596 -2.75 13.70 -37.71
C ALA E 596 -2.92 14.03 -39.19
N PRO E 597 -4.08 14.56 -39.60
CA PRO E 597 -5.26 14.86 -38.78
C PRO E 597 -5.96 13.59 -38.31
N CYS E 598 -6.44 13.58 -37.06
CA CYS E 598 -7.06 12.40 -36.49
C CYS E 598 -8.29 12.81 -35.71
N VAL E 599 -9.24 11.87 -35.60
CA VAL E 599 -10.47 12.11 -34.85
C VAL E 599 -10.46 11.21 -33.63
N LEU E 600 -9.94 11.72 -32.52
CA LEU E 600 -9.89 10.95 -31.28
C LEU E 600 -11.29 10.85 -30.69
N PHE E 601 -11.80 9.63 -30.59
CA PHE E 601 -13.17 9.38 -30.17
C PHE E 601 -13.16 8.62 -28.86
N PHE E 602 -13.79 9.20 -27.83
CA PHE E 602 -13.90 8.58 -26.52
C PHE E 602 -15.33 8.06 -26.37
N ASP E 603 -15.49 6.75 -26.41
CA ASP E 603 -16.81 6.15 -26.57
C ASP E 603 -17.70 6.42 -25.36
N GLU E 604 -17.19 6.13 -24.16
CA GLU E 604 -17.99 6.23 -22.94
C GLU E 604 -17.19 7.03 -21.91
N LEU E 605 -17.33 8.35 -21.95
CA LEU E 605 -16.66 9.19 -20.95
C LEU E 605 -17.33 9.07 -19.59
N ASP E 606 -18.57 8.59 -19.53
CA ASP E 606 -19.30 8.47 -18.28
C ASP E 606 -19.11 7.12 -17.61
N SER E 607 -18.29 6.23 -18.18
CA SER E 607 -18.15 4.90 -17.61
C SER E 607 -17.63 4.97 -16.17
N ILE E 608 -16.62 5.80 -15.93
CA ILE E 608 -16.08 5.93 -14.59
C ILE E 608 -17.12 6.53 -13.65
N ALA E 609 -17.87 7.53 -14.13
CA ALA E 609 -18.90 8.13 -13.30
C ALA E 609 -19.94 7.10 -12.88
N LYS E 610 -20.38 6.26 -13.81
CA LYS E 610 -21.33 5.21 -13.47
C LYS E 610 -20.71 4.20 -12.51
N ALA E 611 -19.46 3.83 -12.74
CA ALA E 611 -18.82 2.82 -11.89
C ALA E 611 -18.74 3.28 -10.44
N ARG E 612 -18.74 4.59 -10.20
CA ARG E 612 -18.69 5.13 -8.86
C ARG E 612 -20.07 5.46 -8.30
N GLY E 613 -21.14 5.15 -9.05
CA GLY E 613 -22.49 5.46 -8.62
C GLY E 613 -23.10 6.60 -9.41
N GLY E 614 -24.28 6.38 -9.97
CA GLY E 614 -24.94 7.37 -10.77
C GLY E 614 -25.45 8.54 -9.94
N GLY E 617 -23.90 7.59 -6.49
CA GLY E 617 -22.68 8.32 -6.22
C GLY E 617 -21.99 7.85 -4.95
N ASP E 618 -20.67 8.02 -4.90
CA ASP E 618 -19.88 7.59 -3.75
C ASP E 618 -19.64 8.71 -2.74
N GLY E 619 -20.25 9.88 -2.94
CA GLY E 619 -20.12 10.97 -2.00
C GLY E 619 -19.04 11.99 -2.32
N GLY E 620 -18.47 11.95 -3.54
CA GLY E 620 -17.46 12.89 -3.94
C GLY E 620 -17.88 13.67 -5.18
N GLY E 621 -16.98 14.54 -5.62
CA GLY E 621 -17.21 15.32 -6.81
C GLY E 621 -16.98 14.51 -8.08
N ALA E 622 -17.34 15.12 -9.21
CA ALA E 622 -17.21 14.44 -10.49
C ALA E 622 -15.75 14.20 -10.88
N ALA E 623 -14.82 14.91 -10.27
CA ALA E 623 -13.42 14.79 -10.66
C ALA E 623 -12.90 13.40 -10.36
N ASP E 624 -12.07 12.88 -11.27
CA ASP E 624 -11.42 11.59 -11.09
C ASP E 624 -10.15 11.58 -11.91
N ARG E 625 -9.26 10.63 -11.59
CA ARG E 625 -7.91 10.67 -12.13
C ARG E 625 -7.89 10.62 -13.65
N VAL E 626 -8.68 9.72 -14.25
CA VAL E 626 -8.61 9.52 -15.69
C VAL E 626 -9.11 10.76 -16.44
N ILE E 627 -10.27 11.27 -16.03
CA ILE E 627 -10.79 12.47 -16.70
C ILE E 627 -9.88 13.66 -16.42
N ASN E 628 -9.29 13.71 -15.22
CA ASN E 628 -8.34 14.78 -14.93
C ASN E 628 -7.15 14.74 -15.88
N GLN E 629 -6.62 13.55 -16.15
CA GLN E 629 -5.52 13.44 -17.09
C GLN E 629 -5.97 13.79 -18.51
N ILE E 630 -7.19 13.43 -18.87
CA ILE E 630 -7.71 13.82 -20.18
C ILE E 630 -7.73 15.34 -20.28
N LEU E 631 -8.20 16.02 -19.24
CA LEU E 631 -8.21 17.48 -19.23
C LEU E 631 -6.80 18.03 -19.36
N THR E 632 -5.87 17.47 -18.59
CA THR E 632 -4.49 17.96 -18.62
C THR E 632 -3.89 17.83 -20.02
N GLU E 633 -4.13 16.70 -20.68
CA GLU E 633 -3.57 16.52 -22.01
C GLU E 633 -4.27 17.41 -23.03
N MET E 634 -5.58 17.59 -22.91
CA MET E 634 -6.30 18.47 -23.83
C MET E 634 -5.80 19.90 -23.73
N ASP E 635 -5.56 20.37 -22.51
CA ASP E 635 -5.06 21.73 -22.34
C ASP E 635 -3.69 21.91 -22.99
N GLY E 636 -2.84 20.90 -22.90
CA GLY E 636 -1.50 20.98 -23.46
C GLY E 636 -1.42 20.49 -24.88
N MET E 637 -2.48 20.70 -25.65
CA MET E 637 -2.53 20.30 -27.06
C MET E 637 -2.45 21.55 -27.93
N SER E 638 -1.56 21.52 -28.91
CA SER E 638 -1.39 22.65 -29.81
C SER E 638 -2.46 22.64 -30.88
N THR E 639 -3.16 23.77 -31.03
CA THR E 639 -4.20 23.86 -32.04
C THR E 639 -3.64 23.77 -33.45
N LYS E 640 -2.33 23.93 -33.61
CA LYS E 640 -1.74 23.81 -34.95
C LYS E 640 -1.94 22.40 -35.49
N LYS E 641 -1.77 21.39 -34.65
CA LYS E 641 -2.13 20.03 -35.04
C LYS E 641 -3.64 19.91 -35.18
N ASN E 642 -4.07 18.98 -36.03
CA ASN E 642 -5.49 18.82 -36.36
C ASN E 642 -6.10 17.62 -35.64
N VAL E 643 -5.71 17.36 -34.40
CA VAL E 643 -6.31 16.29 -33.62
C VAL E 643 -7.61 16.81 -33.01
N PHE E 644 -8.70 16.09 -33.23
CA PHE E 644 -10.02 16.48 -32.76
C PHE E 644 -10.56 15.43 -31.80
N ILE E 645 -11.07 15.89 -30.66
CA ILE E 645 -11.60 15.01 -29.62
C ILE E 645 -13.11 14.97 -29.75
N ILE E 646 -13.67 13.76 -29.79
CA ILE E 646 -15.11 13.57 -29.78
C ILE E 646 -15.47 12.74 -28.57
N GLY E 647 -16.41 13.25 -27.76
CA GLY E 647 -16.92 12.51 -26.63
C GLY E 647 -18.19 11.76 -26.99
N ALA E 648 -18.65 10.97 -26.02
CA ALA E 648 -19.88 10.22 -26.19
C ALA E 648 -20.35 9.66 -24.86
N THR E 649 -21.62 9.87 -24.54
CA THR E 649 -22.17 9.43 -23.26
C THR E 649 -23.66 9.22 -23.40
N ASN E 650 -24.22 8.46 -22.46
CA ASN E 650 -25.66 8.28 -22.36
C ASN E 650 -26.26 9.05 -21.18
N ARG E 651 -25.43 9.71 -20.39
CA ARG E 651 -25.86 10.47 -19.22
C ARG E 651 -25.21 11.84 -19.30
N PRO E 652 -25.74 12.73 -20.14
CA PRO E 652 -25.09 14.04 -20.31
C PRO E 652 -25.07 14.89 -19.05
N ASP E 653 -25.71 14.43 -17.97
CA ASP E 653 -25.76 15.21 -16.73
C ASP E 653 -24.66 14.82 -15.76
N ILE E 654 -24.26 13.55 -15.72
CA ILE E 654 -23.24 13.09 -14.77
C ILE E 654 -21.83 13.30 -15.28
N ILE E 655 -21.66 13.78 -16.52
CA ILE E 655 -20.32 14.06 -17.01
C ILE E 655 -19.68 15.15 -16.15
N ASP E 656 -18.37 15.07 -16.00
CA ASP E 656 -17.65 16.06 -15.22
C ASP E 656 -17.86 17.44 -15.83
N PRO E 657 -18.33 18.43 -15.07
CA PRO E 657 -18.55 19.76 -15.66
C PRO E 657 -17.30 20.37 -16.26
N ALA E 658 -16.12 19.99 -15.77
CA ALA E 658 -14.89 20.61 -16.26
C ALA E 658 -14.68 20.33 -17.75
N ILE E 659 -14.96 19.10 -18.19
CA ILE E 659 -14.68 18.73 -19.57
C ILE E 659 -15.52 19.52 -20.56
N LEU E 660 -16.59 20.15 -20.09
CA LEU E 660 -17.45 20.96 -20.96
C LEU E 660 -17.08 22.44 -20.94
N ARG E 661 -16.02 22.81 -20.21
CA ARG E 661 -15.63 24.20 -20.11
C ARG E 661 -15.14 24.71 -21.46
N PRO E 662 -15.30 26.00 -21.75
CA PRO E 662 -14.78 26.54 -23.00
C PRO E 662 -13.30 26.24 -23.16
N GLY E 663 -12.90 25.87 -24.37
CA GLY E 663 -11.56 25.41 -24.64
C GLY E 663 -11.37 23.92 -24.51
N ARG E 664 -12.36 23.19 -24.00
CA ARG E 664 -12.33 21.73 -23.93
C ARG E 664 -13.75 21.23 -24.18
N LEU E 665 -13.96 20.60 -25.34
CA LEU E 665 -15.26 20.02 -25.67
C LEU E 665 -16.38 21.00 -25.36
N ASP E 666 -16.33 22.14 -26.04
CA ASP E 666 -17.24 23.25 -25.76
C ASP E 666 -18.51 23.19 -26.61
N GLN E 667 -18.93 22.00 -27.04
CA GLN E 667 -20.15 21.84 -27.81
C GLN E 667 -20.82 20.53 -27.44
N LEU E 668 -22.14 20.55 -27.35
CA LEU E 668 -22.95 19.36 -27.10
C LEU E 668 -23.83 19.13 -28.31
N ILE E 669 -23.73 17.94 -28.89
CA ILE E 669 -24.51 17.55 -30.06
C ILE E 669 -25.39 16.37 -29.68
N TYR E 670 -26.70 16.57 -29.69
CA TYR E 670 -27.63 15.52 -29.32
C TYR E 670 -27.88 14.61 -30.52
N ILE E 671 -27.67 13.32 -30.34
CA ILE E 671 -27.90 12.33 -31.39
C ILE E 671 -29.25 11.69 -31.13
N PRO E 672 -30.33 12.13 -31.78
CA PRO E 672 -31.66 11.59 -31.48
C PRO E 672 -31.83 10.20 -32.06
N LEU E 673 -32.96 9.59 -31.72
CA LEU E 673 -33.28 8.28 -32.26
C LEU E 673 -33.45 8.38 -33.78
N PRO E 674 -33.07 7.35 -34.52
CA PRO E 674 -33.09 7.45 -35.98
C PRO E 674 -34.50 7.69 -36.50
N ASP E 675 -34.59 8.49 -37.57
CA ASP E 675 -35.86 8.80 -38.20
C ASP E 675 -36.18 7.76 -39.26
N GLU E 676 -37.34 7.90 -39.89
CA GLU E 676 -37.79 6.91 -40.86
C GLU E 676 -36.80 6.77 -42.01
N LYS E 677 -36.37 7.89 -42.58
CA LYS E 677 -35.40 7.83 -43.68
C LYS E 677 -34.06 7.28 -43.17
N SER E 678 -33.62 7.74 -42.01
CA SER E 678 -32.39 7.20 -41.44
C SER E 678 -32.55 5.72 -41.10
N ARG E 679 -33.74 5.33 -40.66
CA ARG E 679 -33.98 3.91 -40.38
C ARG E 679 -33.90 3.08 -41.65
N VAL E 680 -34.44 3.58 -42.75
CA VAL E 680 -34.29 2.89 -44.03
C VAL E 680 -32.82 2.79 -44.41
N ALA E 681 -32.08 3.88 -44.22
CA ALA E 681 -30.66 3.85 -44.55
C ALA E 681 -29.91 2.81 -43.74
N ILE E 682 -30.17 2.75 -42.43
CA ILE E 682 -29.44 1.81 -41.58
C ILE E 682 -29.84 0.38 -41.90
N LEU E 683 -31.13 0.15 -42.17
CA LEU E 683 -31.56 -1.19 -42.58
C LEU E 683 -30.86 -1.61 -43.87
N LYS E 684 -30.81 -0.72 -44.86
CA LYS E 684 -30.13 -1.05 -46.11
C LYS E 684 -28.66 -1.33 -45.87
N ALA E 685 -28.00 -0.51 -45.04
CA ALA E 685 -26.58 -0.71 -44.78
C ALA E 685 -26.33 -2.05 -44.11
N ASN E 686 -27.19 -2.44 -43.15
CA ASN E 686 -26.99 -3.70 -42.44
C ASN E 686 -27.08 -4.89 -43.39
N LEU E 687 -28.04 -4.87 -44.30
CA LEU E 687 -28.26 -5.98 -45.22
C LEU E 687 -27.34 -5.93 -46.43
N ARG E 688 -26.36 -5.03 -46.45
CA ARG E 688 -25.50 -4.89 -47.62
C ARG E 688 -24.71 -6.16 -47.92
N LYS E 689 -24.54 -7.05 -46.94
CA LYS E 689 -23.75 -8.26 -47.12
C LYS E 689 -24.61 -9.53 -47.01
N SER E 690 -25.93 -9.40 -47.10
CA SER E 690 -26.84 -10.53 -46.97
C SER E 690 -27.72 -10.61 -48.20
N PRO E 691 -27.65 -11.68 -49.00
CA PRO E 691 -28.53 -11.77 -50.17
C PRO E 691 -29.99 -11.70 -49.77
N VAL E 692 -30.67 -10.64 -50.20
CA VAL E 692 -32.04 -10.35 -49.79
C VAL E 692 -32.93 -10.45 -51.02
N ALA E 693 -34.04 -11.17 -50.87
CA ALA E 693 -35.00 -11.29 -51.96
C ALA E 693 -35.53 -9.91 -52.33
N LYS E 694 -35.72 -9.69 -53.63
CA LYS E 694 -36.23 -8.40 -54.10
C LYS E 694 -37.62 -8.09 -53.54
N ASP E 695 -38.34 -9.11 -53.07
CA ASP E 695 -39.70 -8.91 -52.59
C ASP E 695 -39.73 -7.95 -51.41
N VAL E 696 -38.81 -8.11 -50.45
CA VAL E 696 -38.89 -7.37 -49.21
C VAL E 696 -38.56 -5.91 -49.46
N ASP E 697 -39.42 -5.01 -48.99
CA ASP E 697 -39.22 -3.58 -49.11
C ASP E 697 -38.87 -3.03 -47.73
N LEU E 698 -37.64 -2.51 -47.60
CA LEU E 698 -37.19 -2.01 -46.31
C LEU E 698 -37.95 -0.77 -45.87
N GLU E 699 -38.53 -0.01 -46.81
CA GLU E 699 -39.25 1.19 -46.44
C GLU E 699 -40.44 0.87 -45.54
N PHE E 700 -41.20 -0.17 -45.86
CA PHE E 700 -42.29 -0.58 -44.99
C PHE E 700 -41.78 -0.99 -43.62
N LEU E 701 -40.73 -1.83 -43.58
CA LEU E 701 -40.18 -2.27 -42.31
C LEU E 701 -39.79 -1.08 -41.45
N ALA E 702 -39.20 -0.05 -42.07
CA ALA E 702 -38.81 1.13 -41.32
C ALA E 702 -40.02 1.96 -40.90
N LYS E 703 -41.10 1.91 -41.67
CA LYS E 703 -42.27 2.72 -41.36
C LYS E 703 -42.85 2.36 -39.99
N MET E 704 -43.11 1.07 -39.77
CA MET E 704 -43.79 0.63 -38.56
C MET E 704 -42.84 0.40 -37.38
N THR E 705 -41.53 0.50 -37.59
CA THR E 705 -40.55 0.34 -36.52
C THR E 705 -40.13 1.67 -35.93
N ASN E 706 -41.02 2.66 -35.93
CA ASN E 706 -40.71 3.94 -35.32
C ASN E 706 -40.38 3.76 -33.84
N GLY E 707 -39.39 4.52 -33.37
CA GLY E 707 -38.92 4.40 -32.01
C GLY E 707 -37.82 3.37 -31.82
N PHE E 708 -37.39 2.70 -32.88
CA PHE E 708 -36.31 1.72 -32.77
C PHE E 708 -34.96 2.41 -32.90
N SER E 709 -33.97 1.85 -32.22
CA SER E 709 -32.60 2.34 -32.34
C SER E 709 -31.84 1.52 -33.38
N GLY E 710 -30.66 2.01 -33.73
CA GLY E 710 -29.83 1.28 -34.69
C GLY E 710 -29.53 -0.13 -34.22
N ALA E 711 -29.28 -0.29 -32.93
CA ALA E 711 -29.02 -1.62 -32.39
C ALA E 711 -30.21 -2.54 -32.60
N ASP E 712 -31.43 -2.02 -32.39
CA ASP E 712 -32.61 -2.86 -32.55
C ASP E 712 -32.78 -3.30 -34.00
N LEU E 713 -32.54 -2.40 -34.96
CA LEU E 713 -32.68 -2.76 -36.36
C LEU E 713 -31.61 -3.78 -36.77
N THR E 714 -30.38 -3.59 -36.30
CA THR E 714 -29.35 -4.60 -36.55
C THR E 714 -29.75 -5.94 -35.94
N GLU E 715 -30.40 -5.90 -34.77
CA GLU E 715 -30.87 -7.13 -34.15
C GLU E 715 -31.93 -7.81 -35.02
N ILE E 716 -32.84 -7.02 -35.59
CA ILE E 716 -33.86 -7.61 -36.47
C ILE E 716 -33.20 -8.28 -37.66
N CYS E 717 -32.23 -7.60 -38.26
CA CYS E 717 -31.55 -8.17 -39.42
C CYS E 717 -30.82 -9.46 -39.04
N GLN E 718 -30.13 -9.46 -37.90
CA GLN E 718 -29.41 -10.66 -37.48
C GLN E 718 -30.38 -11.80 -37.18
N ARG E 719 -31.53 -11.50 -36.57
CA ARG E 719 -32.51 -12.54 -36.32
C ARG E 719 -33.03 -13.13 -37.61
N ALA E 720 -33.30 -12.28 -38.61
CA ALA E 720 -33.74 -12.79 -39.90
C ALA E 720 -32.70 -13.68 -40.53
N CYS E 721 -31.42 -13.26 -40.46
CA CYS E 721 -30.35 -14.10 -41.01
C CYS E 721 -30.26 -15.43 -40.29
N LYS E 722 -30.41 -15.41 -38.96
CA LYS E 722 -30.38 -16.65 -38.19
C LYS E 722 -31.51 -17.58 -38.61
N LEU E 723 -32.71 -17.04 -38.76
CA LEU E 723 -33.84 -17.86 -39.19
C LEU E 723 -33.60 -18.45 -40.58
N ALA E 724 -33.07 -17.64 -41.49
CA ALA E 724 -32.78 -18.14 -42.84
C ALA E 724 -31.76 -19.27 -42.80
N ILE E 725 -30.71 -19.09 -41.99
CA ILE E 725 -29.69 -20.13 -41.89
C ILE E 725 -30.29 -21.42 -41.32
N ARG E 726 -31.14 -21.29 -40.29
CA ARG E 726 -31.76 -22.48 -39.73
C ARG E 726 -32.63 -23.19 -40.75
N GLU E 727 -33.42 -22.42 -41.51
CA GLU E 727 -34.26 -23.04 -42.54
C GLU E 727 -33.41 -23.75 -43.58
N SER E 728 -32.32 -23.12 -44.01
CA SER E 728 -31.44 -23.75 -44.99
C SER E 728 -30.86 -25.04 -44.44
N ILE E 729 -30.43 -25.03 -43.18
CA ILE E 729 -29.83 -26.22 -42.59
C ILE E 729 -30.84 -27.35 -42.51
N GLU E 730 -32.07 -27.04 -42.07
CA GLU E 730 -33.09 -28.07 -41.97
C GLU E 730 -33.44 -28.62 -43.34
N SER E 731 -33.54 -27.75 -44.35
CA SER E 731 -33.81 -28.21 -45.70
C SER E 731 -32.69 -29.11 -46.22
N GLU E 732 -31.44 -28.76 -45.92
CA GLU E 732 -30.32 -29.59 -46.34
C GLU E 732 -30.37 -30.95 -45.65
N ILE E 733 -30.74 -30.98 -44.38
CA ILE E 733 -30.85 -32.25 -43.67
C ILE E 733 -31.95 -33.10 -44.30
N ARG E 734 -33.08 -32.49 -44.63
CA ARG E 734 -34.15 -33.23 -45.28
C ARG E 734 -33.71 -33.77 -46.64
N ARG E 735 -32.95 -32.97 -47.39
CA ARG E 735 -32.43 -33.44 -48.68
C ARG E 735 -31.49 -34.61 -48.48
N GLU E 736 -30.65 -34.55 -47.44
CA GLU E 736 -29.76 -35.68 -47.15
C GLU E 736 -30.55 -36.93 -46.82
N ARG E 737 -31.63 -36.79 -46.05
CA ARG E 737 -32.46 -37.95 -45.74
C ARG E 737 -33.11 -38.51 -47.01
N GLU E 738 -33.57 -37.62 -47.90
CA GLU E 738 -34.14 -38.07 -49.17
C GLU E 738 -33.10 -38.85 -49.96
N ARG E 739 -31.86 -38.35 -50.00
CA ARG E 739 -30.80 -39.07 -50.67
C ARG E 739 -30.57 -40.44 -50.04
N GLN E 740 -30.62 -40.50 -48.71
CA GLN E 740 -30.44 -41.77 -48.01
C GLN E 740 -31.50 -42.78 -48.44
N THR E 741 -32.78 -42.38 -48.39
CA THR E 741 -33.85 -43.32 -48.72
C THR E 741 -33.87 -43.64 -50.20
N ASN E 742 -33.54 -42.67 -51.06
CA ASN E 742 -33.57 -42.85 -52.50
C ASN E 742 -32.20 -42.46 -53.07
N PRO E 743 -31.25 -43.40 -53.10
CA PRO E 743 -29.92 -43.08 -53.63
C PRO E 743 -29.93 -42.93 -55.15
N SER E 744 -30.35 -41.77 -55.63
CA SER E 744 -30.38 -41.50 -57.07
C SER E 744 -29.85 -40.10 -57.35
N GLU E 750 -31.00 -31.05 -58.24
CA GLU E 750 -30.85 -30.50 -56.90
C GLU E 750 -30.54 -29.00 -56.97
N ASP E 751 -31.33 -28.20 -56.27
CA ASP E 751 -31.18 -26.75 -56.27
C ASP E 751 -31.24 -26.24 -54.84
N ASP E 752 -30.76 -25.02 -54.65
CA ASP E 752 -30.73 -24.39 -53.34
C ASP E 752 -32.15 -24.18 -52.82
N PRO E 753 -32.50 -24.68 -51.64
CA PRO E 753 -33.88 -24.47 -51.16
C PRO E 753 -34.21 -23.01 -50.89
N VAL E 754 -33.39 -22.32 -50.10
CA VAL E 754 -33.67 -20.95 -49.70
C VAL E 754 -32.45 -20.09 -49.97
N PRO E 755 -32.18 -19.72 -51.24
CA PRO E 755 -30.98 -18.94 -51.54
C PRO E 755 -31.03 -17.51 -51.04
N GLU E 756 -32.18 -17.02 -50.60
CA GLU E 756 -32.34 -15.64 -50.19
C GLU E 756 -33.08 -15.58 -48.87
N ILE E 757 -32.89 -14.48 -48.15
CA ILE E 757 -33.63 -14.24 -46.92
C ILE E 757 -35.07 -13.91 -47.29
N ARG E 758 -35.95 -14.88 -47.12
CA ARG E 758 -37.33 -14.72 -47.56
C ARG E 758 -38.09 -13.71 -46.69
N ARG E 759 -39.17 -13.17 -47.27
CA ARG E 759 -40.04 -12.26 -46.54
C ARG E 759 -40.50 -12.86 -45.22
N ASP E 760 -40.91 -14.13 -45.22
CA ASP E 760 -41.44 -14.73 -44.01
C ASP E 760 -40.41 -14.70 -42.88
N HIS E 761 -39.12 -14.70 -43.21
CA HIS E 761 -38.09 -14.61 -42.18
C HIS E 761 -38.17 -13.28 -41.45
N PHE E 762 -38.16 -12.18 -42.20
CA PHE E 762 -38.30 -10.87 -41.56
C PHE E 762 -39.62 -10.76 -40.83
N GLU E 763 -40.67 -11.42 -41.33
CA GLU E 763 -41.94 -11.39 -40.62
C GLU E 763 -41.80 -12.00 -39.23
N GLU E 764 -41.24 -13.20 -39.13
CA GLU E 764 -41.10 -13.86 -37.84
C GLU E 764 -40.12 -13.14 -36.94
N ALA E 765 -39.02 -12.64 -37.51
CA ALA E 765 -38.01 -11.96 -36.69
C ALA E 765 -38.60 -10.74 -35.99
N MET E 766 -39.44 -9.99 -36.69
CA MET E 766 -40.06 -8.81 -36.09
C MET E 766 -40.83 -9.16 -34.82
N ARG E 767 -41.32 -10.39 -34.70
CA ARG E 767 -41.96 -10.79 -33.46
C ARG E 767 -40.98 -10.71 -32.29
N PHE E 768 -39.71 -11.01 -32.54
CA PHE E 768 -38.69 -10.90 -31.50
C PHE E 768 -38.20 -9.47 -31.34
N ALA E 769 -38.67 -8.53 -32.15
CA ALA E 769 -38.25 -7.15 -32.04
C ALA E 769 -38.71 -6.57 -30.70
N ARG E 770 -37.93 -5.63 -30.17
CA ARG E 770 -38.30 -4.94 -28.95
C ARG E 770 -37.60 -3.58 -28.92
N ARG E 771 -38.35 -2.55 -28.57
CA ARG E 771 -37.76 -1.22 -28.43
C ARG E 771 -36.79 -1.21 -27.26
N SER E 772 -35.52 -0.90 -27.53
CA SER E 772 -34.50 -0.96 -26.50
C SER E 772 -34.65 0.17 -25.49
N VAL E 773 -34.90 1.39 -25.98
CA VAL E 773 -34.98 2.57 -25.13
C VAL E 773 -36.44 3.01 -25.05
N SER E 774 -36.93 3.15 -23.82
CA SER E 774 -38.32 3.54 -23.62
C SER E 774 -38.47 5.06 -23.74
N ASP E 775 -39.72 5.49 -23.92
CA ASP E 775 -40.00 6.91 -23.99
C ASP E 775 -39.53 7.63 -22.73
N ASN E 776 -39.52 6.93 -21.59
CA ASN E 776 -38.98 7.52 -20.37
C ASN E 776 -37.51 7.88 -20.56
N ASP E 777 -36.74 7.00 -21.22
CA ASP E 777 -35.36 7.32 -21.52
C ASP E 777 -35.27 8.51 -22.47
N ILE E 778 -36.14 8.54 -23.49
CA ILE E 778 -36.16 9.67 -24.42
C ILE E 778 -36.43 10.97 -23.69
N ARG E 779 -37.17 10.90 -22.58
CA ARG E 779 -37.53 12.11 -21.85
C ARG E 779 -36.28 12.82 -21.34
N LYS E 780 -35.31 12.07 -20.83
CA LYS E 780 -34.12 12.69 -20.25
C LYS E 780 -33.38 13.51 -21.31
N TYR E 781 -33.16 12.92 -22.49
CA TYR E 781 -32.41 13.63 -23.53
C TYR E 781 -33.23 14.79 -24.10
N GLU E 782 -34.53 14.58 -24.30
CA GLU E 782 -35.36 15.66 -24.81
C GLU E 782 -35.36 16.86 -23.86
N MET E 783 -35.51 16.60 -22.56
CA MET E 783 -35.46 17.69 -21.59
C MET E 783 -34.09 18.33 -21.54
N PHE E 784 -33.02 17.52 -21.63
CA PHE E 784 -31.68 18.09 -21.59
C PHE E 784 -31.48 19.03 -22.76
N ALA E 785 -31.88 18.61 -23.96
CA ALA E 785 -31.69 19.47 -25.13
C ALA E 785 -32.61 20.68 -25.09
N GLN E 786 -33.82 20.52 -24.56
CA GLN E 786 -34.75 21.64 -24.50
C GLN E 786 -34.31 22.69 -23.48
N THR E 787 -33.71 22.26 -22.38
CA THR E 787 -33.25 23.20 -21.36
C THR E 787 -31.89 23.76 -21.73
N LEU E 788 -30.87 22.91 -21.82
CA LEU E 788 -29.56 23.37 -22.26
C LEU E 788 -29.56 23.58 -23.76
N GLN E 789 -28.81 24.59 -24.20
CA GLN E 789 -28.66 24.91 -25.62
C GLN E 789 -29.89 25.64 -26.13
N GLN E 790 -30.93 25.77 -25.31
CA GLN E 790 -32.12 26.51 -25.68
C GLN E 790 -32.71 27.32 -24.54
N SER E 791 -32.01 27.40 -23.40
CA SER E 791 -32.58 28.06 -22.22
C SER E 791 -32.73 29.56 -22.46
N ARG E 792 -31.67 30.19 -22.97
CA ARG E 792 -31.65 31.64 -23.13
C ARG E 792 -31.10 32.02 -24.49
N GLY E 793 -31.50 31.28 -25.53
CA GLY E 793 -31.20 31.71 -26.88
C GLY E 793 -32.12 32.86 -27.26
N PHE E 794 -32.06 33.94 -26.49
CA PHE E 794 -33.04 35.01 -26.61
C PHE E 794 -33.00 35.66 -28.00
N GLY E 795 -31.80 35.85 -28.54
CA GLY E 795 -31.68 36.40 -29.89
C GLY E 795 -32.47 37.68 -30.02
N SER E 796 -33.25 37.77 -31.09
CA SER E 796 -34.12 38.93 -31.32
C SER E 796 -33.34 40.24 -31.16
N PHE E 797 -32.10 40.23 -31.62
CA PHE E 797 -31.20 41.37 -31.50
C PHE E 797 -30.92 41.97 -32.87
N ARG E 798 -30.73 43.28 -32.89
CA ARG E 798 -30.39 43.97 -34.13
C ARG E 798 -29.89 45.37 -33.80
N PHE E 799 -28.75 45.74 -34.35
CA PHE E 799 -28.19 47.06 -34.11
C PHE E 799 -29.09 48.12 -34.75
N PRO E 800 -29.06 49.36 -34.22
CA PRO E 800 -29.86 50.47 -34.74
C PRO E 800 -29.63 50.72 -36.22
N ASN F 225 34.81 29.33 -36.18
CA ASN F 225 34.88 28.38 -35.04
C ASN F 225 35.06 29.10 -33.72
N GLU F 226 34.55 30.33 -33.65
CA GLU F 226 34.60 31.15 -32.44
C GLU F 226 33.27 31.87 -32.30
N VAL F 227 32.42 31.38 -31.40
CA VAL F 227 31.08 31.93 -31.25
C VAL F 227 31.12 33.18 -30.40
N GLY F 228 30.10 34.03 -30.57
CA GLY F 228 30.00 35.27 -29.83
C GLY F 228 28.59 35.46 -29.29
N TYR F 229 28.42 36.60 -28.60
CA TYR F 229 27.12 36.89 -27.99
C TYR F 229 26.03 37.01 -29.04
N ASP F 230 26.33 37.65 -30.17
CA ASP F 230 25.31 37.82 -31.21
C ASP F 230 24.73 36.48 -31.64
N ASP F 231 25.52 35.41 -31.59
CA ASP F 231 24.99 34.09 -31.92
C ASP F 231 23.92 33.65 -30.94
N ILE F 232 24.13 33.92 -29.65
CA ILE F 232 23.15 33.55 -28.64
C ILE F 232 21.85 34.29 -28.90
N GLY F 233 20.73 33.65 -28.56
CA GLY F 233 19.43 34.26 -28.69
C GLY F 233 18.39 33.65 -27.77
N GLY F 234 17.52 34.48 -27.22
CA GLY F 234 16.48 34.01 -26.32
C GLY F 234 16.92 33.84 -24.89
N CYS F 235 18.18 34.09 -24.56
CA CYS F 235 18.69 34.00 -23.21
C CYS F 235 19.38 35.30 -22.81
N ARG F 236 18.81 36.43 -23.25
CA ARG F 236 19.46 37.72 -23.03
C ARG F 236 19.63 37.99 -21.54
N LYS F 237 18.58 37.75 -20.76
CA LYS F 237 18.65 38.03 -19.32
C LYS F 237 19.64 37.12 -18.63
N GLN F 238 19.52 35.80 -18.86
CA GLN F 238 20.44 34.86 -18.24
C GLN F 238 21.86 35.05 -18.76
N LEU F 239 22.00 35.41 -20.04
CA LEU F 239 23.33 35.69 -20.58
C LEU F 239 23.95 36.89 -19.86
N ALA F 240 23.16 37.94 -19.63
CA ALA F 240 23.67 39.10 -18.90
C ALA F 240 24.04 38.73 -17.47
N GLN F 241 23.23 37.88 -16.83
CA GLN F 241 23.54 37.44 -15.48
C GLN F 241 24.87 36.69 -15.45
N ILE F 242 25.06 35.76 -16.38
CA ILE F 242 26.32 35.02 -16.44
C ILE F 242 27.47 35.97 -16.72
N LYS F 243 27.25 36.96 -17.58
CA LYS F 243 28.28 37.95 -17.86
C LYS F 243 28.70 38.67 -16.59
N GLU F 244 27.74 39.26 -15.88
CA GLU F 244 28.07 39.97 -14.65
C GLU F 244 28.65 39.04 -13.60
N MET F 245 28.40 37.74 -13.71
CA MET F 245 28.92 36.81 -12.72
C MET F 245 30.36 36.37 -13.01
N VAL F 246 30.75 36.27 -14.27
CA VAL F 246 32.04 35.68 -14.63
C VAL F 246 32.98 36.69 -15.27
N GLU F 247 32.49 37.54 -16.18
CA GLU F 247 33.37 38.39 -16.96
C GLU F 247 34.27 39.24 -16.06
N LEU F 248 33.68 39.95 -15.10
CA LEU F 248 34.48 40.81 -14.24
C LEU F 248 35.53 40.01 -13.47
N PRO F 249 35.20 38.88 -12.85
CA PRO F 249 36.27 38.04 -12.28
C PRO F 249 37.33 37.63 -13.28
N LEU F 250 36.94 37.44 -14.55
CA LEU F 250 37.87 36.92 -15.54
C LEU F 250 38.75 38.02 -16.12
N ARG F 251 38.13 39.07 -16.68
CA ARG F 251 38.90 40.12 -17.32
C ARG F 251 39.50 41.10 -16.33
N HIS F 252 39.03 41.13 -15.09
CA HIS F 252 39.55 42.04 -14.07
C HIS F 252 39.81 41.26 -12.78
N PRO F 253 40.75 40.31 -12.81
CA PRO F 253 41.06 39.57 -11.58
C PRO F 253 41.58 40.46 -10.47
N ALA F 254 42.37 41.49 -10.81
CA ALA F 254 42.94 42.36 -9.79
C ALA F 254 41.84 43.03 -8.96
N LEU F 255 40.70 43.34 -9.58
CA LEU F 255 39.59 43.90 -8.82
C LEU F 255 39.15 42.95 -7.72
N PHE F 256 39.09 41.65 -8.03
CA PHE F 256 38.64 40.68 -7.03
C PHE F 256 39.73 40.40 -6.00
N LYS F 257 41.01 40.50 -6.39
CA LYS F 257 42.06 40.29 -5.39
C LYS F 257 42.13 41.46 -4.42
N ALA F 258 42.09 42.70 -4.93
CA ALA F 258 42.13 43.86 -4.06
C ALA F 258 40.96 43.87 -3.09
N ILE F 259 39.75 43.97 -3.63
CA ILE F 259 38.56 43.91 -2.79
C ILE F 259 38.33 42.48 -2.35
N GLY F 260 38.09 42.29 -1.06
CA GLY F 260 37.96 40.95 -0.50
C GLY F 260 36.64 40.28 -0.86
N VAL F 261 36.47 39.96 -2.14
CA VAL F 261 35.27 39.30 -2.64
C VAL F 261 35.68 38.09 -3.45
N LYS F 262 34.93 36.98 -3.29
CA LYS F 262 35.27 35.73 -3.94
C LYS F 262 34.49 35.55 -5.23
N PRO F 263 35.07 34.94 -6.25
CA PRO F 263 34.33 34.67 -7.48
C PRO F 263 33.66 33.30 -7.41
N PRO F 264 32.54 33.12 -8.10
CA PRO F 264 31.87 31.81 -8.06
C PRO F 264 32.79 30.70 -8.55
N ARG F 265 32.70 29.55 -7.87
CA ARG F 265 33.49 28.39 -8.24
C ARG F 265 32.73 27.41 -9.12
N GLY F 266 31.41 27.51 -9.16
CA GLY F 266 30.59 26.66 -10.01
C GLY F 266 29.29 27.33 -10.39
N ILE F 267 28.96 27.31 -11.67
CA ILE F 267 27.78 27.99 -12.20
C ILE F 267 26.95 26.93 -12.91
N LEU F 268 25.97 26.38 -12.23
CA LEU F 268 25.15 25.29 -12.76
C LEU F 268 23.99 25.89 -13.55
N LEU F 269 24.06 25.80 -14.88
CA LEU F 269 22.98 26.23 -15.75
C LEU F 269 22.02 25.06 -15.96
N TYR F 270 20.77 25.22 -15.57
CA TYR F 270 19.78 24.16 -15.68
C TYR F 270 18.58 24.64 -16.48
N GLY F 271 18.12 23.79 -17.39
CA GLY F 271 16.97 24.06 -18.21
C GLY F 271 16.67 22.88 -19.11
N PRO F 272 15.58 22.95 -19.86
CA PRO F 272 15.23 21.84 -20.74
C PRO F 272 16.29 21.66 -21.81
N PRO F 273 16.49 20.44 -22.28
CA PRO F 273 17.52 20.20 -23.29
C PRO F 273 17.21 20.89 -24.59
N GLY F 274 18.26 21.27 -25.31
CA GLY F 274 18.12 21.89 -26.61
C GLY F 274 18.14 23.40 -26.62
N THR F 275 18.20 24.04 -25.46
CA THR F 275 18.28 25.50 -25.39
C THR F 275 19.68 26.03 -25.69
N GLY F 276 20.60 25.17 -26.09
CA GLY F 276 21.94 25.63 -26.46
C GLY F 276 22.71 26.24 -25.32
N LYS F 277 22.68 25.62 -24.14
CA LYS F 277 23.48 26.11 -23.03
C LYS F 277 24.97 26.03 -23.35
N THR F 278 25.38 24.95 -24.02
CA THR F 278 26.78 24.83 -24.42
C THR F 278 27.21 26.02 -25.28
N LEU F 279 26.31 26.52 -26.13
CA LEU F 279 26.62 27.69 -26.92
C LEU F 279 26.83 28.91 -26.02
N ILE F 280 26.03 29.04 -24.98
CA ILE F 280 26.22 30.14 -24.03
C ILE F 280 27.60 30.04 -23.38
N ALA F 281 27.97 28.84 -22.94
CA ALA F 281 29.26 28.65 -22.31
C ALA F 281 30.40 28.98 -23.27
N ARG F 282 30.28 28.55 -24.52
CA ARG F 282 31.31 28.84 -25.51
C ARG F 282 31.40 30.34 -25.77
N ALA F 283 30.26 31.01 -25.92
CA ALA F 283 30.27 32.44 -26.21
C ALA F 283 30.89 33.23 -25.08
N VAL F 284 30.52 32.91 -23.83
CA VAL F 284 31.06 33.66 -22.70
C VAL F 284 32.57 33.50 -22.61
N ALA F 285 33.07 32.27 -22.81
CA ALA F 285 34.50 32.04 -22.70
C ALA F 285 35.26 32.78 -23.80
N ASN F 286 34.80 32.66 -25.05
CA ASN F 286 35.51 33.29 -26.16
C ASN F 286 35.52 34.80 -26.01
N GLU F 287 34.37 35.39 -25.64
CA GLU F 287 34.32 36.84 -25.50
C GLU F 287 35.25 37.34 -24.40
N THR F 288 35.50 36.51 -23.39
CA THR F 288 36.41 36.87 -22.31
C THR F 288 37.82 36.33 -22.52
N GLY F 289 38.07 35.64 -23.63
CA GLY F 289 39.40 35.16 -23.94
C GLY F 289 39.93 34.20 -22.90
N ALA F 290 39.12 33.23 -22.48
CA ALA F 290 39.48 32.24 -21.49
C ALA F 290 39.44 30.85 -22.11
N PHE F 291 40.43 30.03 -21.78
CA PHE F 291 40.48 28.67 -22.32
C PHE F 291 39.20 27.93 -21.95
N PHE F 292 38.66 27.20 -22.94
CA PHE F 292 37.36 26.54 -22.81
C PHE F 292 37.55 25.04 -23.00
N PHE F 293 37.45 24.28 -21.92
CA PHE F 293 37.50 22.83 -21.96
C PHE F 293 36.08 22.30 -21.81
N LEU F 294 35.66 21.47 -22.77
CA LEU F 294 34.31 20.90 -22.78
C LEU F 294 34.41 19.43 -22.42
N ILE F 295 33.91 19.07 -21.24
CA ILE F 295 33.86 17.68 -20.80
C ILE F 295 32.45 17.16 -21.08
N ASN F 296 32.36 16.13 -21.91
CA ASN F 296 31.07 15.55 -22.28
C ASN F 296 30.74 14.43 -21.29
N GLY F 297 29.58 14.54 -20.64
CA GLY F 297 29.18 13.59 -19.63
C GLY F 297 29.24 12.16 -20.12
N PRO F 298 28.40 11.83 -21.10
CA PRO F 298 28.41 10.45 -21.62
C PRO F 298 29.78 10.00 -22.10
N GLU F 299 30.56 10.89 -22.70
CA GLU F 299 31.89 10.52 -23.15
C GLU F 299 32.76 10.10 -21.98
N ILE F 300 32.68 10.84 -20.87
CA ILE F 300 33.47 10.50 -19.70
C ILE F 300 33.10 9.11 -19.19
N MET F 301 31.81 8.82 -19.12
CA MET F 301 31.33 7.54 -18.60
C MET F 301 31.31 6.44 -19.66
N SER F 302 31.67 6.74 -20.90
CA SER F 302 31.80 5.70 -21.91
C SER F 302 33.07 4.88 -21.71
N LYS F 303 34.03 5.39 -20.95
CA LYS F 303 35.30 4.72 -20.75
C LYS F 303 35.17 3.61 -19.72
N LEU F 304 36.23 2.82 -19.60
CA LEU F 304 36.28 1.74 -18.63
C LEU F 304 36.60 2.30 -17.24
N ALA F 305 36.62 1.42 -16.25
CA ALA F 305 36.91 1.84 -14.89
C ALA F 305 38.29 2.47 -14.80
N GLY F 306 38.38 3.60 -14.11
CA GLY F 306 39.61 4.35 -13.96
C GLY F 306 39.83 5.37 -15.05
N GLU F 307 39.58 5.00 -16.30
CA GLU F 307 39.74 5.94 -17.40
C GLU F 307 38.78 7.11 -17.32
N SER F 308 37.73 7.00 -16.52
CA SER F 308 36.80 8.10 -16.33
C SER F 308 37.39 9.16 -15.41
N GLU F 309 37.72 8.76 -14.17
CA GLU F 309 38.37 9.68 -13.26
C GLU F 309 39.67 10.20 -13.84
N SER F 310 40.37 9.38 -14.62
CA SER F 310 41.59 9.86 -15.27
C SER F 310 41.29 11.05 -16.17
N ASN F 311 40.26 10.94 -17.00
CA ASN F 311 39.90 12.03 -17.90
C ASN F 311 39.43 13.25 -17.11
N LEU F 312 38.66 13.04 -16.05
CA LEU F 312 38.17 14.18 -15.27
C LEU F 312 39.32 14.94 -14.64
N ARG F 313 40.25 14.22 -14.01
CA ARG F 313 41.41 14.86 -13.41
C ARG F 313 42.27 15.55 -14.46
N LYS F 314 42.44 14.90 -15.63
CA LYS F 314 43.23 15.50 -16.69
C LYS F 314 42.60 16.81 -17.15
N ALA F 315 41.28 16.83 -17.31
CA ALA F 315 40.61 18.05 -17.73
C ALA F 315 40.76 19.15 -16.69
N PHE F 316 40.54 18.81 -15.41
CA PHE F 316 40.65 19.83 -14.37
C PHE F 316 42.08 20.34 -14.24
N GLU F 317 43.08 19.52 -14.56
CA GLU F 317 44.45 19.99 -14.58
C GLU F 317 44.72 20.88 -15.78
N GLU F 318 44.19 20.50 -16.95
CA GLU F 318 44.39 21.30 -18.15
C GLU F 318 43.80 22.69 -17.99
N ALA F 319 42.63 22.79 -17.34
CA ALA F 319 42.04 24.10 -17.12
C ALA F 319 42.97 25.01 -16.34
N GLU F 320 43.75 24.45 -15.42
CA GLU F 320 44.70 25.27 -14.66
C GLU F 320 45.89 25.66 -15.52
N LYS F 321 46.40 24.73 -16.33
CA LYS F 321 47.56 25.04 -17.17
C LYS F 321 47.28 26.22 -18.07
N ASN F 322 46.04 26.41 -18.48
CA ASN F 322 45.64 27.52 -19.35
C ASN F 322 44.86 28.58 -18.59
N ALA F 323 45.13 28.72 -17.30
CA ALA F 323 44.41 29.70 -16.50
C ALA F 323 44.64 31.10 -17.06
N PRO F 324 43.60 31.94 -17.17
CA PRO F 324 42.20 31.69 -16.79
C PRO F 324 41.50 30.74 -17.75
N ALA F 325 40.50 30.00 -17.28
CA ALA F 325 39.83 29.02 -18.12
C ALA F 325 38.44 28.76 -17.55
N ILE F 326 37.60 28.13 -18.39
CA ILE F 326 36.25 27.75 -18.01
C ILE F 326 36.05 26.30 -18.43
N ILE F 327 35.54 25.48 -17.51
CA ILE F 327 35.26 24.07 -17.77
C ILE F 327 33.75 23.91 -17.88
N PHE F 328 33.31 23.28 -18.97
CA PHE F 328 31.90 22.98 -19.18
C PHE F 328 31.71 21.47 -19.11
N ILE F 329 30.84 21.03 -18.22
CA ILE F 329 30.52 19.61 -18.07
C ILE F 329 29.10 19.38 -18.56
N ASP F 330 28.96 19.03 -19.83
CA ASP F 330 27.65 18.79 -20.39
C ASP F 330 27.06 17.48 -19.88
N GLU F 331 25.74 17.48 -19.69
CA GLU F 331 25.02 16.32 -19.19
C GLU F 331 25.58 15.89 -17.82
N LEU F 332 25.49 16.81 -16.86
CA LEU F 332 25.99 16.51 -15.52
C LEU F 332 25.18 15.40 -14.87
N ASP F 333 23.86 15.41 -15.05
CA ASP F 333 23.03 14.39 -14.42
C ASP F 333 23.51 13.00 -14.77
N ALA F 334 23.99 12.80 -16.00
CA ALA F 334 24.56 11.51 -16.35
C ALA F 334 25.77 11.19 -15.49
N ILE F 335 26.63 12.18 -15.26
CA ILE F 335 27.84 11.96 -14.46
C ILE F 335 27.49 11.70 -13.01
N ALA F 336 26.62 12.54 -12.44
CA ALA F 336 26.29 12.49 -11.01
C ALA F 336 24.78 12.58 -10.82
N PRO F 337 24.06 11.50 -11.13
CA PRO F 337 22.61 11.51 -10.90
C PRO F 337 22.28 11.47 -9.42
N LYS F 338 20.99 11.40 -9.08
CA LYS F 338 20.59 11.37 -7.68
C LYS F 338 21.19 10.15 -6.99
N ARG F 339 21.52 10.31 -5.70
CA ARG F 339 22.17 9.23 -4.98
C ARG F 339 21.30 7.98 -4.96
N GLU F 340 20.00 8.14 -4.73
CA GLU F 340 19.08 7.02 -4.88
C GLU F 340 19.18 6.43 -6.28
N LYS F 341 19.46 7.28 -7.28
CA LYS F 341 19.67 6.82 -8.65
C LYS F 341 21.05 6.19 -8.85
N THR F 342 21.96 6.37 -7.90
CA THR F 342 23.29 5.77 -8.00
C THR F 342 23.24 4.35 -7.48
N HIS F 343 23.68 3.40 -8.30
CA HIS F 343 23.70 1.99 -7.93
C HIS F 343 25.11 1.42 -7.87
N GLY F 344 25.88 1.56 -8.93
CA GLY F 344 27.18 0.94 -8.99
C GLY F 344 28.20 1.60 -8.07
N GLU F 345 29.23 0.84 -7.74
CA GLU F 345 30.32 1.36 -6.92
C GLU F 345 31.16 2.37 -7.70
N VAL F 346 31.46 2.06 -8.96
CA VAL F 346 32.31 2.93 -9.77
C VAL F 346 31.64 4.28 -9.99
N GLU F 347 30.31 4.30 -10.14
CA GLU F 347 29.61 5.55 -10.34
C GLU F 347 29.76 6.46 -9.13
N ARG F 348 29.58 5.91 -7.93
CA ARG F 348 29.78 6.71 -6.72
C ARG F 348 31.22 7.13 -6.58
N ARG F 349 32.16 6.28 -6.99
CA ARG F 349 33.57 6.65 -6.94
C ARG F 349 33.85 7.84 -7.86
N ILE F 350 33.28 7.83 -9.06
CA ILE F 350 33.47 8.94 -9.98
C ILE F 350 32.83 10.21 -9.43
N VAL F 351 31.65 10.11 -8.83
CA VAL F 351 31.02 11.29 -8.26
C VAL F 351 31.87 11.86 -7.13
N SER F 352 32.42 10.99 -6.28
CA SER F 352 33.30 11.45 -5.21
C SER F 352 34.55 12.11 -5.79
N GLN F 353 35.09 11.54 -6.87
CA GLN F 353 36.24 12.17 -7.52
C GLN F 353 35.90 13.57 -8.00
N LEU F 354 34.74 13.73 -8.63
CA LEU F 354 34.33 15.04 -9.10
C LEU F 354 34.18 16.02 -7.94
N LEU F 355 33.55 15.57 -6.85
CA LEU F 355 33.36 16.45 -5.70
C LEU F 355 34.69 16.86 -5.09
N THR F 356 35.64 15.92 -5.01
CA THR F 356 36.96 16.27 -4.52
C THR F 356 37.63 17.29 -5.44
N LEU F 357 37.48 17.12 -6.75
CA LEU F 357 38.05 18.09 -7.68
C LEU F 357 37.45 19.47 -7.47
N MET F 358 36.13 19.56 -7.28
CA MET F 358 35.51 20.85 -7.04
C MET F 358 36.03 21.47 -5.75
N ASP F 359 36.16 20.66 -4.69
CA ASP F 359 36.74 21.17 -3.45
C ASP F 359 38.17 21.62 -3.67
N GLY F 360 38.92 20.91 -4.51
CA GLY F 360 40.30 21.25 -4.77
C GLY F 360 40.49 22.54 -5.54
N LEU F 361 39.40 23.15 -6.02
CA LEU F 361 39.50 24.42 -6.72
C LEU F 361 39.86 25.50 -5.71
N LYS F 362 41.14 25.85 -5.67
CA LYS F 362 41.60 26.84 -4.69
C LYS F 362 40.94 28.18 -4.94
N GLN F 363 41.15 29.10 -4.00
CA GLN F 363 40.49 30.41 -4.08
C GLN F 363 40.90 31.16 -5.34
N ARG F 364 42.17 31.08 -5.72
CA ARG F 364 42.70 31.81 -6.89
C ARG F 364 43.40 30.82 -7.81
N ALA F 365 42.66 30.29 -8.78
CA ALA F 365 43.23 29.57 -9.90
C ALA F 365 42.63 29.98 -11.23
N HIS F 366 41.60 30.82 -11.23
CA HIS F 366 40.95 31.29 -12.46
C HIS F 366 40.42 30.11 -13.28
N VAL F 367 39.55 29.32 -12.65
CA VAL F 367 38.89 28.20 -13.29
C VAL F 367 37.45 28.17 -12.80
N ILE F 368 36.52 28.58 -13.65
CA ILE F 368 35.09 28.56 -13.35
C ILE F 368 34.48 27.35 -14.04
N VAL F 369 33.65 26.60 -13.32
CA VAL F 369 33.05 25.38 -13.82
C VAL F 369 31.56 25.61 -14.03
N MET F 370 31.08 25.30 -15.23
CA MET F 370 29.66 25.36 -15.56
C MET F 370 29.20 23.99 -16.02
N ALA F 371 27.99 23.62 -15.63
CA ALA F 371 27.44 22.31 -15.96
C ALA F 371 25.97 22.45 -16.36
N ALA F 372 25.50 21.47 -17.11
CA ALA F 372 24.14 21.48 -17.64
C ALA F 372 23.33 20.35 -17.00
N THR F 373 22.06 20.63 -16.73
CA THR F 373 21.17 19.63 -16.18
C THR F 373 19.73 20.09 -16.38
N ASN F 374 18.81 19.13 -16.47
CA ASN F 374 17.42 19.46 -16.71
C ASN F 374 16.83 20.27 -15.56
N ARG F 375 17.05 19.82 -14.34
CA ARG F 375 16.50 20.44 -13.15
C ARG F 375 17.50 20.32 -12.02
N PRO F 376 17.41 21.18 -11.00
CA PRO F 376 18.37 21.08 -9.88
C PRO F 376 18.33 19.73 -9.18
N ASN F 377 17.18 19.08 -9.11
CA ASN F 377 17.06 17.80 -8.42
C ASN F 377 17.58 16.64 -9.24
N SER F 378 17.93 16.84 -10.51
CA SER F 378 18.43 15.77 -11.35
C SER F 378 19.83 15.32 -10.97
N ILE F 379 20.53 16.08 -10.11
CA ILE F 379 21.91 15.79 -9.76
C ILE F 379 21.99 15.48 -8.27
N ASP F 380 23.08 14.84 -7.89
CA ASP F 380 23.30 14.50 -6.49
C ASP F 380 23.35 15.80 -5.67
N PRO F 381 22.52 15.93 -4.62
CA PRO F 381 22.51 17.19 -3.87
C PRO F 381 23.86 17.57 -3.27
N ALA F 382 24.74 16.60 -3.05
CA ALA F 382 26.07 16.93 -2.53
C ALA F 382 26.85 17.82 -3.48
N LEU F 383 26.45 17.86 -4.76
CA LEU F 383 27.13 18.75 -5.71
C LEU F 383 26.70 20.20 -5.50
N ARG F 384 25.47 20.42 -5.05
CA ARG F 384 24.94 21.77 -4.88
C ARG F 384 25.31 22.37 -3.53
N ARG F 385 26.33 21.85 -2.87
CA ARG F 385 26.76 22.38 -1.59
C ARG F 385 27.70 23.56 -1.79
N PHE F 386 27.81 24.39 -0.75
CA PHE F 386 28.66 25.56 -0.83
C PHE F 386 30.09 25.17 -1.16
N GLY F 387 30.72 25.93 -2.06
CA GLY F 387 32.01 25.58 -2.59
C GLY F 387 31.96 24.76 -3.86
N ARG F 388 30.78 24.28 -4.25
CA ARG F 388 30.60 23.56 -5.51
C ARG F 388 29.23 23.91 -6.05
N PHE F 389 29.19 24.57 -7.20
CA PHE F 389 27.93 24.91 -7.85
C PHE F 389 27.00 25.65 -6.90
N ASP F 390 27.55 26.62 -6.17
CA ASP F 390 26.73 27.45 -5.30
C ASP F 390 25.85 28.41 -6.08
N ARG F 391 26.22 28.72 -7.32
CA ARG F 391 25.46 29.64 -8.16
C ARG F 391 24.81 28.87 -9.30
N GLU F 392 23.60 29.28 -9.68
CA GLU F 392 22.87 28.62 -10.75
C GLU F 392 22.01 29.64 -11.49
N VAL F 393 21.78 29.36 -12.77
CA VAL F 393 20.96 30.21 -13.62
C VAL F 393 19.94 29.32 -14.32
N ASP F 394 18.67 29.72 -14.27
CA ASP F 394 17.59 28.95 -14.90
C ASP F 394 17.41 29.47 -16.32
N ILE F 395 18.02 28.78 -17.29
CA ILE F 395 17.94 29.21 -18.67
C ILE F 395 16.50 29.18 -19.16
N GLY F 396 15.77 28.13 -18.82
CA GLY F 396 14.37 28.07 -19.20
C GLY F 396 14.19 27.97 -20.71
N ILE F 397 12.98 28.33 -21.15
CA ILE F 397 12.64 28.30 -22.57
C ILE F 397 12.47 29.73 -23.06
N PRO F 398 12.77 30.02 -24.32
CA PRO F 398 12.61 31.39 -24.82
C PRO F 398 11.15 31.81 -24.89
N ASP F 399 10.93 33.12 -24.80
CA ASP F 399 9.62 33.71 -24.96
C ASP F 399 9.45 34.18 -26.40
N ALA F 400 8.37 34.92 -26.67
CA ALA F 400 8.10 35.36 -28.03
C ALA F 400 9.28 36.14 -28.60
N THR F 401 9.79 37.11 -27.84
CA THR F 401 10.93 37.89 -28.30
C THR F 401 12.16 36.99 -28.48
N GLY F 402 12.39 36.09 -27.54
CA GLY F 402 13.51 35.16 -27.66
C GLY F 402 13.36 34.25 -28.86
N ARG F 403 12.13 33.78 -29.11
CA ARG F 403 11.90 32.94 -30.28
C ARG F 403 12.17 33.72 -31.57
N LEU F 404 11.74 34.98 -31.62
CA LEU F 404 12.03 35.79 -32.79
C LEU F 404 13.53 35.98 -32.97
N GLU F 405 14.25 36.20 -31.87
CA GLU F 405 15.70 36.34 -31.97
C GLU F 405 16.34 35.07 -32.50
N ILE F 406 15.89 33.92 -32.02
CA ILE F 406 16.43 32.64 -32.49
C ILE F 406 16.12 32.47 -33.98
N LEU F 407 14.90 32.80 -34.39
CA LEU F 407 14.53 32.66 -35.79
C LEU F 407 15.39 33.57 -36.67
N GLN F 408 15.62 34.81 -36.23
CA GLN F 408 16.47 35.70 -37.00
C GLN F 408 17.88 35.17 -37.08
N ILE F 409 18.40 34.61 -35.99
CA ILE F 409 19.74 34.04 -36.00
C ILE F 409 19.83 32.90 -37.00
N HIS F 410 18.83 32.02 -37.01
CA HIS F 410 18.88 30.84 -37.87
C HIS F 410 18.62 31.19 -39.33
N THR F 411 17.81 32.21 -39.59
CA THR F 411 17.41 32.55 -40.96
C THR F 411 18.56 33.15 -41.77
N LYS F 412 19.66 33.52 -41.14
CA LYS F 412 20.80 34.03 -41.88
C LYS F 412 21.40 32.92 -42.73
N ASN F 413 22.00 33.32 -43.86
CA ASN F 413 22.48 32.40 -44.88
C ASN F 413 21.35 31.65 -45.57
N MET F 414 20.12 32.16 -45.46
CA MET F 414 18.95 31.56 -46.11
C MET F 414 18.17 32.67 -46.79
N LYS F 415 17.59 32.34 -47.95
CA LYS F 415 16.84 33.30 -48.75
C LYS F 415 15.36 33.14 -48.45
N LEU F 416 14.69 34.27 -48.20
CA LEU F 416 13.28 34.28 -47.85
C LEU F 416 12.55 35.30 -48.70
N ALA F 417 11.27 35.04 -48.95
CA ALA F 417 10.42 35.96 -49.68
C ALA F 417 9.89 37.04 -48.73
N ASP F 418 9.14 37.99 -49.30
CA ASP F 418 8.54 39.04 -48.47
C ASP F 418 7.37 38.54 -47.65
N ASP F 419 6.76 37.43 -48.03
CA ASP F 419 5.66 36.88 -47.26
C ASP F 419 6.07 36.46 -45.87
N VAL F 420 7.36 36.14 -45.67
CA VAL F 420 7.80 35.66 -44.37
C VAL F 420 7.64 36.76 -43.34
N ASP F 421 7.00 36.44 -42.22
CA ASP F 421 6.80 37.36 -41.11
C ASP F 421 7.33 36.65 -39.87
N LEU F 422 8.64 36.76 -39.62
CA LEU F 422 9.24 36.06 -38.50
C LEU F 422 8.58 36.45 -37.19
N GLU F 423 8.07 37.68 -37.10
CA GLU F 423 7.28 38.07 -35.92
C GLU F 423 6.07 37.15 -35.78
N GLN F 424 5.36 36.93 -36.88
CA GLN F 424 4.20 36.05 -36.83
C GLN F 424 4.61 34.63 -36.46
N VAL F 425 5.67 34.12 -37.09
CA VAL F 425 6.09 32.75 -36.83
C VAL F 425 6.46 32.58 -35.37
N ALA F 426 7.19 33.56 -34.80
CA ALA F 426 7.50 33.51 -33.38
C ALA F 426 6.22 33.53 -32.55
N ASN F 427 5.24 34.34 -32.95
CA ASN F 427 4.00 34.41 -32.18
C ASN F 427 3.27 33.08 -32.16
N GLU F 428 3.19 32.39 -33.31
CA GLU F 428 2.48 31.12 -33.35
C GLU F 428 3.30 29.99 -32.74
N THR F 429 4.62 30.02 -32.88
CA THR F 429 5.46 28.92 -32.39
C THR F 429 5.54 28.96 -30.87
N HIS F 430 4.59 28.33 -30.20
CA HIS F 430 4.55 28.30 -28.74
C HIS F 430 5.13 26.99 -28.24
N GLY F 431 5.95 27.08 -27.20
CA GLY F 431 6.54 25.90 -26.59
C GLY F 431 7.78 25.39 -27.29
N HIS F 432 8.20 26.01 -28.37
CA HIS F 432 9.42 25.59 -29.05
C HIS F 432 10.64 26.04 -28.25
N VAL F 433 11.79 25.48 -28.62
CA VAL F 433 13.07 25.83 -28.02
C VAL F 433 14.06 26.12 -29.16
N GLY F 434 15.30 26.41 -28.78
CA GLY F 434 16.30 26.73 -29.78
C GLY F 434 16.49 25.64 -30.81
N ALA F 435 16.59 24.38 -30.35
CA ALA F 435 16.77 23.28 -31.28
C ALA F 435 15.56 23.10 -32.17
N ASP F 436 14.35 23.21 -31.61
CA ASP F 436 13.14 23.02 -32.40
C ASP F 436 13.08 24.02 -33.55
N LEU F 437 13.27 25.30 -33.25
CA LEU F 437 13.18 26.32 -34.30
C LEU F 437 14.19 26.06 -35.40
N ALA F 438 15.36 25.51 -35.06
CA ALA F 438 16.32 25.16 -36.09
C ALA F 438 15.74 24.10 -37.03
N ALA F 439 15.04 23.12 -36.48
CA ALA F 439 14.37 22.13 -37.32
C ALA F 439 13.23 22.74 -38.12
N LEU F 440 12.44 23.62 -37.48
CA LEU F 440 11.29 24.20 -38.17
C LEU F 440 11.73 24.97 -39.40
N CYS F 441 12.72 25.86 -39.26
CA CYS F 441 13.23 26.58 -40.42
C CYS F 441 13.83 25.61 -41.44
N SER F 442 14.52 24.58 -40.95
CA SER F 442 15.05 23.57 -41.87
C SER F 442 13.93 22.88 -42.64
N GLU F 443 12.84 22.54 -41.96
CA GLU F 443 11.72 21.89 -42.65
C GLU F 443 11.09 22.83 -43.67
N ALA F 444 10.96 24.11 -43.33
CA ALA F 444 10.41 25.07 -44.29
C ALA F 444 11.29 25.17 -45.53
N ALA F 445 12.61 25.26 -45.33
CA ALA F 445 13.52 25.35 -46.46
C ALA F 445 13.46 24.08 -47.30
N LEU F 446 13.42 22.92 -46.66
CA LEU F 446 13.34 21.67 -47.41
C LEU F 446 12.04 21.58 -48.19
N GLN F 447 10.92 22.00 -47.62
CA GLN F 447 9.67 22.02 -48.38
C GLN F 447 9.79 22.95 -49.57
N ALA F 448 10.36 24.14 -49.38
CA ALA F 448 10.58 25.04 -50.50
C ALA F 448 11.37 24.35 -51.60
N ILE F 449 12.40 23.58 -51.22
CA ILE F 449 13.18 22.86 -52.22
C ILE F 449 12.32 21.81 -52.91
N ARG F 450 11.53 21.05 -52.15
CA ARG F 450 10.78 19.95 -52.74
C ARG F 450 9.76 20.46 -53.76
N LYS F 451 9.08 21.57 -53.45
CA LYS F 451 8.13 22.12 -54.39
C LYS F 451 8.82 22.51 -55.70
N LYS F 452 10.00 23.10 -55.60
CA LYS F 452 10.77 23.47 -56.79
C LYS F 452 11.44 22.24 -57.40
N ILE F 463 19.10 20.91 -59.32
CA ILE F 463 20.25 20.50 -60.12
C ILE F 463 20.83 21.70 -60.87
N ASP F 464 22.13 21.63 -61.15
CA ASP F 464 22.84 22.66 -61.91
C ASP F 464 22.86 24.00 -61.20
N ALA F 465 22.54 24.02 -59.90
CA ALA F 465 22.55 25.20 -59.05
C ALA F 465 21.44 26.19 -59.41
N GLU F 466 20.63 25.90 -60.43
CA GLU F 466 19.53 26.81 -60.77
C GLU F 466 18.58 26.98 -59.58
N VAL F 467 18.30 25.87 -58.88
CA VAL F 467 17.34 25.91 -57.78
C VAL F 467 17.84 26.85 -56.68
N MET F 468 19.09 26.68 -56.23
CA MET F 468 19.52 27.49 -55.10
C MET F 468 19.82 28.90 -55.55
N ASN F 469 20.09 29.11 -56.85
CA ASN F 469 20.09 30.45 -57.41
C ASN F 469 18.73 31.11 -57.22
N SER F 470 17.64 30.35 -57.45
CA SER F 470 16.30 30.91 -57.38
C SER F 470 15.46 30.22 -56.33
N LEU F 471 16.03 30.01 -55.14
CA LEU F 471 15.31 29.39 -54.03
C LEU F 471 14.85 30.48 -53.07
N ALA F 472 13.55 30.53 -52.80
CA ALA F 472 12.97 31.48 -51.87
C ALA F 472 11.91 30.79 -51.05
N VAL F 473 12.04 30.86 -49.73
CA VAL F 473 11.10 30.23 -48.82
C VAL F 473 9.97 31.21 -48.54
N THR F 474 8.73 30.75 -48.70
CA THR F 474 7.56 31.58 -48.54
C THR F 474 6.84 31.25 -47.23
N MET F 475 5.95 32.16 -46.82
CA MET F 475 5.25 32.00 -45.55
C MET F 475 4.48 30.68 -45.50
N ASP F 476 3.95 30.23 -46.63
CA ASP F 476 3.20 28.98 -46.64
C ASP F 476 4.09 27.80 -46.26
N ASP F 477 5.33 27.79 -46.74
CA ASP F 477 6.25 26.73 -46.35
C ASP F 477 6.50 26.75 -44.85
N PHE F 478 6.68 27.94 -44.28
CA PHE F 478 6.87 28.04 -42.84
C PHE F 478 5.66 27.52 -42.08
N ARG F 479 4.46 27.87 -42.55
CA ARG F 479 3.25 27.39 -41.88
C ARG F 479 3.13 25.87 -41.96
N TRP F 480 3.43 25.30 -43.13
CA TRP F 480 3.38 23.85 -43.26
C TRP F 480 4.38 23.18 -42.35
N ALA F 481 5.61 23.70 -42.29
CA ALA F 481 6.60 23.13 -41.39
C ALA F 481 6.15 23.25 -39.94
N LEU F 482 5.52 24.38 -39.59
CA LEU F 482 5.00 24.56 -38.24
C LEU F 482 3.96 23.51 -37.92
N SER F 483 3.06 23.22 -38.87
CA SER F 483 2.05 22.18 -38.67
C SER F 483 2.64 20.78 -38.67
N GLN F 484 3.90 20.63 -39.03
CA GLN F 484 4.58 19.33 -39.08
C GLN F 484 5.73 19.28 -38.09
N SER F 485 5.51 19.79 -36.88
CA SER F 485 6.54 19.85 -35.86
C SER F 485 6.00 19.27 -34.57
N ASN F 486 6.92 18.77 -33.74
CA ASN F 486 6.59 18.20 -32.43
C ASN F 486 7.48 18.88 -31.39
N PRO F 487 7.12 20.09 -30.98
CA PRO F 487 7.97 20.82 -30.03
C PRO F 487 8.14 20.04 -28.74
N SER F 488 9.37 20.06 -28.21
CA SER F 488 9.66 19.29 -27.01
C SER F 488 9.05 19.93 -25.77
N ALA F 489 9.19 21.25 -25.64
CA ALA F 489 8.78 21.95 -24.41
C ALA F 489 7.33 22.43 -24.55
N LEU F 490 6.42 21.47 -24.51
CA LEU F 490 4.99 21.75 -24.46
C LEU F 490 4.40 21.51 -23.08
N ARG F 491 4.97 20.60 -22.30
CA ARG F 491 4.49 20.27 -20.97
C ARG F 491 5.37 20.87 -19.88
N GLU F 492 5.99 22.01 -20.17
CA GLU F 492 6.88 22.68 -19.23
C GLU F 492 6.28 24.02 -18.83
N THR F 493 6.42 24.35 -17.55
CA THR F 493 5.89 25.61 -17.05
C THR F 493 6.51 26.79 -17.79
N VAL F 494 5.68 27.77 -18.13
CA VAL F 494 6.12 28.96 -18.83
C VAL F 494 6.26 30.09 -17.83
N VAL F 495 7.38 30.80 -17.88
CA VAL F 495 7.67 31.90 -16.97
C VAL F 495 8.07 33.10 -17.82
N GLU F 496 7.12 33.98 -18.09
CA GLU F 496 7.38 35.16 -18.90
C GLU F 496 6.43 36.27 -18.47
N VAL F 497 6.80 37.50 -18.82
CA VAL F 497 5.96 38.65 -18.51
C VAL F 497 4.72 38.58 -19.39
N PRO F 498 3.52 38.49 -18.84
CA PRO F 498 2.32 38.43 -19.69
C PRO F 498 2.18 39.70 -20.50
N GLN F 499 1.61 39.56 -21.69
CA GLN F 499 1.47 40.66 -22.63
C GLN F 499 0.10 41.30 -22.61
N VAL F 500 -0.73 40.98 -21.61
CA VAL F 500 -2.06 41.54 -21.50
C VAL F 500 -1.99 42.80 -20.65
N THR F 501 -2.69 43.84 -21.09
CA THR F 501 -2.68 45.13 -20.41
C THR F 501 -3.96 45.28 -19.59
N TRP F 502 -4.15 46.45 -19.00
CA TRP F 502 -5.38 46.74 -18.28
C TRP F 502 -6.55 46.98 -19.23
N GLU F 503 -6.28 47.31 -20.49
CA GLU F 503 -7.33 47.54 -21.47
C GLU F 503 -7.85 46.25 -22.09
N ASP F 504 -7.18 45.12 -21.86
CA ASP F 504 -7.73 43.84 -22.29
C ASP F 504 -8.98 43.48 -21.51
N ILE F 505 -9.18 44.09 -20.34
CA ILE F 505 -10.39 43.91 -19.53
C ILE F 505 -11.08 45.25 -19.27
N GLY F 506 -10.32 46.25 -18.85
CA GLY F 506 -10.89 47.54 -18.54
C GLY F 506 -11.80 47.49 -17.34
N GLY F 507 -12.08 48.65 -16.74
CA GLY F 507 -12.97 48.69 -15.61
C GLY F 507 -12.35 48.09 -14.35
N LEU F 508 -13.21 47.95 -13.34
CA LEU F 508 -12.80 47.45 -12.03
C LEU F 508 -11.61 48.25 -11.50
N GLU F 509 -11.84 49.55 -11.33
CA GLU F 509 -10.77 50.44 -10.89
C GLU F 509 -10.31 50.10 -9.48
N ASP F 510 -11.24 49.75 -8.59
CA ASP F 510 -10.87 49.44 -7.22
C ASP F 510 -9.95 48.22 -7.15
N VAL F 511 -10.27 47.18 -7.92
CA VAL F 511 -9.42 45.99 -7.93
C VAL F 511 -8.05 46.32 -8.49
N LYS F 512 -8.01 47.16 -9.53
CA LYS F 512 -6.73 47.58 -10.08
C LYS F 512 -5.91 48.32 -9.04
N ARG F 513 -6.55 49.21 -8.28
CA ARG F 513 -5.84 49.95 -7.25
C ARG F 513 -5.31 49.03 -6.16
N GLU F 514 -6.14 48.07 -5.72
CA GLU F 514 -5.70 47.14 -4.69
C GLU F 514 -4.53 46.29 -5.18
N LEU F 515 -4.61 45.79 -6.42
CA LEU F 515 -3.53 44.99 -6.96
C LEU F 515 -2.26 45.82 -7.08
N GLN F 516 -2.38 47.08 -7.51
CA GLN F 516 -1.23 47.96 -7.56
C GLN F 516 -0.61 48.10 -6.18
N GLU F 517 -1.43 48.43 -5.18
CA GLU F 517 -0.90 48.61 -3.83
C GLU F 517 -0.19 47.35 -3.35
N LEU F 518 -0.74 46.17 -3.65
CA LEU F 518 -0.22 44.94 -3.08
C LEU F 518 0.90 44.30 -3.90
N VAL F 519 1.17 44.78 -5.11
CA VAL F 519 2.22 44.21 -5.93
C VAL F 519 3.24 45.26 -6.34
N GLN F 520 2.77 46.32 -7.00
CA GLN F 520 3.68 47.30 -7.57
C GLN F 520 4.44 48.06 -6.50
N TYR F 521 3.73 48.59 -5.50
CA TYR F 521 4.40 49.43 -4.50
C TYR F 521 5.52 48.71 -3.78
N PRO F 522 5.37 47.46 -3.32
CA PRO F 522 6.50 46.80 -2.65
C PRO F 522 7.76 46.73 -3.49
N VAL F 523 7.63 46.67 -4.82
CA VAL F 523 8.80 46.58 -5.68
C VAL F 523 9.24 47.95 -6.17
N GLU F 524 8.29 48.84 -6.47
CA GLU F 524 8.66 50.16 -6.99
C GLU F 524 9.33 51.02 -5.92
N HIS F 525 8.79 51.02 -4.71
CA HIS F 525 9.28 51.88 -3.63
C HIS F 525 9.49 51.06 -2.36
N PRO F 526 10.51 50.19 -2.35
CA PRO F 526 10.80 49.46 -1.11
C PRO F 526 11.19 50.36 0.04
N ASP F 527 11.84 51.49 -0.25
CA ASP F 527 12.33 52.36 0.80
C ASP F 527 11.19 52.89 1.65
N LYS F 528 10.06 53.25 1.03
CA LYS F 528 8.95 53.78 1.80
C LYS F 528 8.32 52.72 2.68
N PHE F 529 8.24 51.47 2.19
CA PHE F 529 7.77 50.40 3.04
C PHE F 529 8.71 50.19 4.23
N LEU F 530 10.02 50.28 3.99
CA LEU F 530 10.97 50.15 5.10
C LEU F 530 10.81 51.29 6.09
N LYS F 531 10.58 52.51 5.61
CA LYS F 531 10.52 53.67 6.50
C LYS F 531 9.40 53.53 7.51
N PHE F 532 8.23 53.05 7.08
CA PHE F 532 7.08 52.92 7.96
C PHE F 532 7.02 51.58 8.68
N GLY F 533 8.03 50.72 8.49
CA GLY F 533 8.01 49.44 9.16
C GLY F 533 6.83 48.58 8.78
N MET F 534 6.42 48.62 7.52
CA MET F 534 5.30 47.85 7.04
C MET F 534 5.78 46.54 6.44
N THR F 535 4.98 45.49 6.60
CA THR F 535 5.31 44.18 6.08
C THR F 535 4.47 43.94 4.83
N PRO F 536 5.07 43.86 3.63
CA PRO F 536 4.26 43.66 2.43
C PRO F 536 3.43 42.40 2.52
N SER F 537 2.20 42.48 2.01
CA SER F 537 1.29 41.35 2.06
C SER F 537 1.82 40.22 1.17
N LYS F 538 1.67 38.99 1.64
CA LYS F 538 2.25 37.85 0.93
C LYS F 538 1.43 37.47 -0.30
N GLY F 539 0.11 37.59 -0.23
CA GLY F 539 -0.71 37.15 -1.35
C GLY F 539 -2.12 37.69 -1.30
N VAL F 540 -2.87 37.37 -2.34
CA VAL F 540 -4.24 37.82 -2.51
C VAL F 540 -5.09 36.64 -2.94
N LEU F 541 -6.40 36.75 -2.68
CA LEU F 541 -7.36 35.74 -3.09
C LEU F 541 -8.49 36.39 -3.88
N PHE F 542 -8.75 35.90 -5.08
CA PHE F 542 -9.90 36.31 -5.86
C PHE F 542 -11.06 35.35 -5.64
N TYR F 543 -12.25 35.80 -6.04
CA TYR F 543 -13.41 34.92 -6.05
C TYR F 543 -14.55 35.63 -6.77
N GLY F 544 -15.32 34.87 -7.53
CA GLY F 544 -16.42 35.43 -8.29
C GLY F 544 -16.97 34.44 -9.28
N PRO F 545 -17.83 34.90 -10.19
CA PRO F 545 -18.41 34.00 -11.18
C PRO F 545 -17.32 33.39 -12.04
N PRO F 546 -17.53 32.17 -12.52
CA PRO F 546 -16.52 31.52 -13.37
C PRO F 546 -16.34 32.27 -14.69
N GLY F 547 -15.11 32.24 -15.19
CA GLY F 547 -14.82 32.88 -16.46
C GLY F 547 -15.10 34.36 -16.48
N CYS F 548 -14.78 35.07 -15.39
CA CYS F 548 -15.03 36.50 -15.28
C CYS F 548 -13.78 37.34 -15.43
N GLY F 549 -12.62 36.74 -15.67
CA GLY F 549 -11.41 37.48 -15.92
C GLY F 549 -10.42 37.51 -14.78
N LYS F 550 -10.52 36.59 -13.81
CA LYS F 550 -9.56 36.58 -12.72
C LYS F 550 -8.14 36.35 -13.23
N THR F 551 -7.97 35.35 -14.11
CA THR F 551 -6.67 35.14 -14.72
C THR F 551 -6.24 36.36 -15.53
N LEU F 552 -7.18 36.99 -16.22
CA LEU F 552 -6.86 38.18 -16.98
C LEU F 552 -6.38 39.30 -16.06
N LEU F 553 -7.04 39.49 -14.92
CA LEU F 553 -6.61 40.53 -13.99
C LEU F 553 -5.23 40.24 -13.43
N ALA F 554 -4.98 38.98 -13.06
CA ALA F 554 -3.66 38.63 -12.54
C ALA F 554 -2.57 38.87 -13.57
N LYS F 555 -2.82 38.45 -14.81
CA LYS F 555 -1.83 38.66 -15.87
C LYS F 555 -1.62 40.16 -16.12
N ALA F 556 -2.70 40.94 -16.09
CA ALA F 556 -2.56 42.38 -16.30
C ALA F 556 -1.72 43.03 -15.22
N ILE F 557 -1.95 42.68 -13.95
CA ILE F 557 -1.16 43.27 -12.89
C ILE F 557 0.29 42.83 -12.99
N ALA F 558 0.52 41.58 -13.37
CA ALA F 558 1.89 41.13 -13.56
C ALA F 558 2.57 41.91 -14.68
N ASN F 559 1.83 42.20 -15.75
CA ASN F 559 2.38 43.00 -16.84
C ASN F 559 2.69 44.42 -16.39
N GLU F 560 1.82 45.00 -15.56
CA GLU F 560 2.02 46.38 -15.14
C GLU F 560 3.35 46.58 -14.44
N CYS F 561 3.71 45.65 -13.57
CA CYS F 561 4.98 45.70 -12.85
C CYS F 561 6.12 45.01 -13.61
N GLN F 562 5.85 44.49 -14.81
CA GLN F 562 6.86 43.79 -15.59
C GLN F 562 7.47 42.64 -14.78
N ALA F 563 6.61 41.92 -14.07
CA ALA F 563 7.01 40.78 -13.27
C ALA F 563 6.47 39.50 -13.89
N ASN F 564 7.28 38.44 -13.85
CA ASN F 564 6.90 37.19 -14.47
C ASN F 564 5.57 36.68 -13.92
N PHE F 565 4.96 35.76 -14.66
CA PHE F 565 3.67 35.18 -14.29
C PHE F 565 3.75 33.67 -14.45
N ILE F 566 3.46 32.95 -13.37
CA ILE F 566 3.47 31.49 -13.37
C ILE F 566 2.06 31.03 -13.01
N SER F 567 1.45 30.25 -13.90
CA SER F 567 0.06 29.83 -13.75
C SER F 567 0.02 28.35 -13.37
N ILE F 568 -0.75 28.03 -12.33
CA ILE F 568 -0.95 26.67 -11.88
C ILE F 568 -2.44 26.37 -12.01
N LYS F 569 -2.81 25.67 -13.07
CA LYS F 569 -4.22 25.36 -13.30
C LYS F 569 -4.69 24.26 -12.35
N GLY F 570 -6.02 24.19 -12.17
CA GLY F 570 -6.61 23.24 -11.27
C GLY F 570 -6.27 21.80 -11.55
N PRO F 571 -6.21 21.38 -12.82
CA PRO F 571 -5.80 20.00 -13.09
C PRO F 571 -4.46 19.64 -12.49
N GLU F 572 -3.52 20.57 -12.39
CA GLU F 572 -2.24 20.25 -11.76
C GLU F 572 -2.41 19.94 -10.28
N LEU F 573 -3.20 20.74 -9.57
CA LEU F 573 -3.45 20.45 -8.16
C LEU F 573 -4.18 19.12 -8.00
N LEU F 574 -5.14 18.85 -8.89
CA LEU F 574 -5.83 17.56 -8.83
C LEU F 574 -4.87 16.41 -9.08
N THR F 575 -3.93 16.59 -10.01
CA THR F 575 -2.93 15.55 -10.25
C THR F 575 -2.07 15.34 -9.02
N MET F 576 -1.67 16.42 -8.35
CA MET F 576 -0.90 16.27 -7.12
C MET F 576 -1.69 15.49 -6.08
N TRP F 577 -2.97 15.83 -5.92
CA TRP F 577 -3.78 15.15 -4.92
C TRP F 577 -3.96 13.67 -5.25
N PHE F 578 -4.29 13.36 -6.49
CA PHE F 578 -4.56 11.97 -6.88
C PHE F 578 -3.31 11.12 -6.78
N GLY F 579 -2.19 11.61 -7.32
CA GLY F 579 -0.95 10.89 -7.27
C GLY F 579 -0.22 10.95 -5.96
N GLU F 580 -0.77 11.69 -4.98
CA GLU F 580 -0.14 11.86 -3.68
C GLU F 580 1.30 12.35 -3.85
N SER F 581 1.46 13.34 -4.72
CA SER F 581 2.75 13.97 -5.00
C SER F 581 2.75 15.43 -4.56
N GLU F 582 2.19 15.69 -3.38
CA GLU F 582 2.11 17.07 -2.89
C GLU F 582 3.48 17.68 -2.68
N ALA F 583 4.53 16.87 -2.63
CA ALA F 583 5.87 17.41 -2.46
C ALA F 583 6.30 18.27 -3.65
N ASN F 584 5.58 18.18 -4.78
CA ASN F 584 5.96 18.96 -5.94
C ASN F 584 5.67 20.44 -5.77
N VAL F 585 4.87 20.83 -4.78
CA VAL F 585 4.64 22.25 -4.53
C VAL F 585 5.95 22.95 -4.22
N ARG F 586 6.90 22.24 -3.60
CA ARG F 586 8.22 22.80 -3.38
C ARG F 586 8.85 23.23 -4.69
N GLU F 587 8.73 22.42 -5.74
CA GLU F 587 9.29 22.79 -7.03
C GLU F 587 8.64 24.05 -7.58
N ILE F 588 7.32 24.16 -7.46
CA ILE F 588 6.62 25.34 -7.97
C ILE F 588 7.10 26.59 -7.26
N PHE F 589 7.17 26.53 -5.92
CA PHE F 589 7.57 27.71 -5.17
C PHE F 589 9.04 28.05 -5.38
N ASP F 590 9.90 27.03 -5.54
CA ASP F 590 11.30 27.30 -5.84
C ASP F 590 11.45 27.96 -7.21
N LYS F 591 10.69 27.48 -8.20
CA LYS F 591 10.72 28.11 -9.52
C LYS F 591 10.25 29.55 -9.43
N ALA F 592 9.18 29.81 -8.67
CA ALA F 592 8.71 31.18 -8.51
C ALA F 592 9.77 32.05 -7.86
N ARG F 593 10.42 31.54 -6.82
CA ARG F 593 11.45 32.32 -6.13
C ARG F 593 12.61 32.62 -7.06
N GLN F 594 13.01 31.63 -7.88
CA GLN F 594 14.12 31.85 -8.80
C GLN F 594 13.83 32.98 -9.79
N ALA F 595 12.55 33.23 -10.07
CA ALA F 595 12.14 34.21 -11.06
C ALA F 595 11.65 35.52 -10.43
N ALA F 596 11.98 35.76 -9.17
CA ALA F 596 11.48 36.96 -8.51
C ALA F 596 11.98 38.20 -9.23
N PRO F 597 11.15 39.24 -9.38
CA PRO F 597 9.74 39.35 -8.95
C PRO F 597 8.84 38.44 -9.77
N CYS F 598 7.79 37.89 -9.17
CA CYS F 598 6.89 36.99 -9.87
C CYS F 598 5.52 37.05 -9.21
N VAL F 599 4.51 36.64 -9.98
CA VAL F 599 3.13 36.59 -9.50
C VAL F 599 2.67 35.15 -9.68
N LEU F 600 2.84 34.34 -8.63
CA LEU F 600 2.43 32.95 -8.70
C LEU F 600 0.91 32.87 -8.60
N PHE F 601 0.29 32.29 -9.63
CA PHE F 601 -1.16 32.27 -9.75
C PHE F 601 -1.67 30.85 -9.56
N PHE F 602 -2.63 30.68 -8.66
CA PHE F 602 -3.28 29.40 -8.41
C PHE F 602 -4.73 29.52 -8.87
N ASP F 603 -5.05 28.88 -10.00
CA ASP F 603 -6.30 29.18 -10.70
C ASP F 603 -7.51 28.75 -9.88
N GLU F 604 -7.53 27.50 -9.41
CA GLU F 604 -8.68 26.96 -8.68
C GLU F 604 -8.18 26.33 -7.39
N LEU F 605 -8.08 27.12 -6.33
CA LEU F 605 -7.67 26.59 -5.05
C LEU F 605 -8.72 25.66 -4.45
N ASP F 606 -9.96 25.73 -4.94
CA ASP F 606 -11.05 24.92 -4.40
C ASP F 606 -11.21 23.59 -5.14
N SER F 607 -10.36 23.29 -6.12
CA SER F 607 -10.55 22.10 -6.93
C SER F 607 -10.51 20.84 -6.08
N ILE F 608 -9.53 20.75 -5.18
CA ILE F 608 -9.43 19.57 -4.32
C ILE F 608 -10.61 19.52 -3.35
N ALA F 609 -10.98 20.67 -2.77
CA ALA F 609 -12.12 20.69 -1.86
C ALA F 609 -13.40 20.28 -2.58
N LYS F 610 -13.60 20.77 -3.80
CA LYS F 610 -14.78 20.37 -4.57
C LYS F 610 -14.70 18.90 -4.96
N ALA F 611 -13.50 18.40 -5.26
CA ALA F 611 -13.35 17.01 -5.69
C ALA F 611 -13.86 16.05 -4.63
N ARG F 612 -13.78 16.43 -3.37
CA ARG F 612 -14.28 15.60 -2.27
C ARG F 612 -15.72 15.92 -1.90
N GLY F 613 -16.34 16.88 -2.57
CA GLY F 613 -17.70 17.28 -2.27
C GLY F 613 -17.75 18.54 -1.43
N GLY F 614 -18.85 19.28 -1.56
CA GLY F 614 -19.03 20.51 -0.82
C GLY F 614 -19.78 20.32 0.48
N GLY F 617 -18.63 17.42 2.01
CA GLY F 617 -18.23 16.47 0.99
C GLY F 617 -18.03 15.08 1.55
N ASP F 618 -17.44 15.00 2.75
CA ASP F 618 -17.20 13.74 3.42
C ASP F 618 -17.06 14.03 4.91
N GLY F 619 -16.61 13.02 5.66
CA GLY F 619 -16.44 13.19 7.09
C GLY F 619 -15.24 14.04 7.47
N GLY F 620 -14.27 14.18 6.58
CA GLY F 620 -13.08 14.94 6.88
C GLY F 620 -13.32 16.44 6.86
N GLY F 621 -12.33 17.17 7.36
CA GLY F 621 -12.37 18.62 7.39
C GLY F 621 -11.86 19.22 6.09
N ALA F 622 -11.63 20.54 6.15
CA ALA F 622 -11.16 21.25 4.97
C ALA F 622 -9.69 20.99 4.68
N ALA F 623 -8.89 20.67 5.70
CA ALA F 623 -7.47 20.47 5.49
C ALA F 623 -7.22 19.26 4.60
N ASP F 624 -6.19 19.36 3.76
CA ASP F 624 -5.83 18.28 2.84
C ASP F 624 -4.32 18.32 2.64
N ARG F 625 -3.84 17.63 1.61
CA ARG F 625 -2.41 17.47 1.40
C ARG F 625 -1.82 18.66 0.64
N VAL F 626 -2.34 18.92 -0.55
CA VAL F 626 -1.73 19.93 -1.42
C VAL F 626 -1.87 21.31 -0.81
N ILE F 627 -3.05 21.64 -0.28
CA ILE F 627 -3.23 22.94 0.36
C ILE F 627 -2.31 23.05 1.58
N ASN F 628 -2.12 21.96 2.30
CA ASN F 628 -1.21 21.99 3.44
C ASN F 628 0.22 22.28 3.00
N GLN F 629 0.65 21.66 1.90
CA GLN F 629 2.00 21.94 1.40
C GLN F 629 2.11 23.39 0.94
N ILE F 630 1.06 23.92 0.31
CA ILE F 630 1.08 25.32 -0.10
C ILE F 630 1.20 26.22 1.12
N LEU F 631 0.45 25.92 2.18
CA LEU F 631 0.57 26.67 3.42
C LEU F 631 2.00 26.64 3.94
N THR F 632 2.59 25.44 4.00
CA THR F 632 3.95 25.31 4.51
C THR F 632 4.92 26.14 3.69
N GLU F 633 4.83 26.05 2.37
CA GLU F 633 5.75 26.79 1.51
C GLU F 633 5.57 28.29 1.67
N MET F 634 4.32 28.76 1.74
CA MET F 634 4.07 30.19 1.90
C MET F 634 4.62 30.70 3.22
N ASP F 635 4.43 29.93 4.30
CA ASP F 635 4.99 30.35 5.58
C ASP F 635 6.51 30.44 5.53
N GLY F 636 7.15 29.61 4.70
CA GLY F 636 8.60 29.62 4.59
C GLY F 636 9.17 30.69 3.69
N MET F 637 8.34 31.36 2.90
CA MET F 637 8.83 32.42 2.03
C MET F 637 9.31 33.60 2.86
N SER F 638 10.29 34.31 2.31
CA SER F 638 10.83 35.52 2.94
C SER F 638 10.26 36.74 2.25
N THR F 639 9.65 37.64 3.02
CA THR F 639 9.01 38.81 2.46
C THR F 639 10.00 39.75 1.78
N LYS F 640 11.30 39.60 2.03
CA LYS F 640 12.28 40.40 1.32
C LYS F 640 12.19 40.14 -0.18
N LYS F 641 12.02 38.87 -0.57
CA LYS F 641 11.75 38.56 -1.96
C LYS F 641 10.43 39.19 -2.39
N ASN F 642 10.16 39.14 -3.70
CA ASN F 642 8.97 39.76 -4.26
C ASN F 642 8.03 38.75 -4.90
N VAL F 643 8.14 37.48 -4.53
CA VAL F 643 7.19 36.48 -5.00
C VAL F 643 5.82 36.78 -4.39
N PHE F 644 4.80 36.80 -5.24
CA PHE F 644 3.45 37.18 -4.83
C PHE F 644 2.48 36.08 -5.22
N ILE F 645 1.64 35.66 -4.28
CA ILE F 645 0.68 34.60 -4.50
C ILE F 645 -0.69 35.21 -4.77
N ILE F 646 -1.34 34.77 -5.84
CA ILE F 646 -2.67 35.24 -6.21
C ILE F 646 -3.52 34.00 -6.44
N GLY F 647 -4.41 33.70 -5.50
CA GLY F 647 -5.33 32.59 -5.67
C GLY F 647 -6.63 33.02 -6.30
N ALA F 648 -7.38 32.04 -6.78
CA ALA F 648 -8.68 32.29 -7.39
C ALA F 648 -9.55 31.06 -7.18
N THR F 649 -10.84 31.30 -6.99
CA THR F 649 -11.77 30.22 -6.70
C THR F 649 -13.18 30.64 -7.10
N ASN F 650 -13.90 29.72 -7.74
CA ASN F 650 -15.31 29.94 -8.03
C ASN F 650 -16.20 29.60 -6.85
N ARG F 651 -15.67 28.92 -5.84
CA ARG F 651 -16.42 28.52 -4.65
C ARG F 651 -15.67 29.01 -3.43
N PRO F 652 -15.75 30.30 -3.12
CA PRO F 652 -14.94 30.87 -2.02
C PRO F 652 -15.32 30.38 -0.64
N ASP F 653 -16.31 29.50 -0.51
CA ASP F 653 -16.73 29.01 0.80
C ASP F 653 -16.08 27.69 1.18
N ILE F 654 -15.68 26.87 0.19
CA ILE F 654 -15.06 25.58 0.49
C ILE F 654 -13.54 25.66 0.50
N ILE F 655 -12.96 26.86 0.32
CA ILE F 655 -11.52 27.01 0.48
C ILE F 655 -11.17 26.83 1.95
N ASP F 656 -10.04 26.19 2.19
CA ASP F 656 -9.61 25.92 3.55
C ASP F 656 -9.47 27.23 4.31
N PRO F 657 -10.16 27.43 5.45
CA PRO F 657 -10.01 28.69 6.19
C PRO F 657 -8.60 28.92 6.70
N ALA F 658 -7.78 27.87 6.78
CA ALA F 658 -6.40 28.03 7.23
C ALA F 658 -5.55 28.81 6.24
N ILE F 659 -6.03 29.03 5.01
CA ILE F 659 -5.27 29.78 4.01
C ILE F 659 -5.57 31.27 4.04
N LEU F 660 -6.65 31.67 4.70
CA LEU F 660 -7.04 33.08 4.75
C LEU F 660 -6.56 33.77 6.01
N ARG F 661 -5.76 33.11 6.84
CA ARG F 661 -5.25 33.71 8.06
C ARG F 661 -4.24 34.80 7.71
N PRO F 662 -4.02 35.75 8.63
CA PRO F 662 -3.00 36.77 8.39
C PRO F 662 -1.62 36.14 8.22
N GLY F 663 -0.80 36.81 7.41
CA GLY F 663 0.45 36.22 6.97
C GLY F 663 0.31 35.28 5.79
N ARG F 664 -0.89 35.18 5.24
CA ARG F 664 -1.19 34.28 4.13
C ARG F 664 -2.14 35.03 3.20
N LEU F 665 -2.87 34.30 2.35
CA LEU F 665 -3.80 34.93 1.43
C LEU F 665 -4.93 35.53 2.25
N ASP F 666 -4.62 36.66 2.87
CA ASP F 666 -5.53 37.32 3.81
C ASP F 666 -6.35 38.42 3.18
N GLN F 667 -6.29 38.58 1.86
CA GLN F 667 -7.07 39.58 1.14
C GLN F 667 -8.05 38.88 0.22
N LEU F 668 -9.32 39.26 0.31
CA LEU F 668 -10.38 38.70 -0.51
C LEU F 668 -10.92 39.80 -1.42
N ILE F 669 -10.77 39.62 -2.73
CA ILE F 669 -11.20 40.58 -3.72
C ILE F 669 -12.25 39.92 -4.59
N TYR F 670 -13.44 40.51 -4.63
CA TYR F 670 -14.57 39.97 -5.38
C TYR F 670 -14.53 40.51 -6.80
N ILE F 671 -14.59 39.61 -7.78
CA ILE F 671 -14.55 39.98 -9.18
C ILE F 671 -15.97 39.96 -9.74
N PRO F 672 -16.67 41.09 -9.78
CA PRO F 672 -18.06 41.06 -10.25
C PRO F 672 -18.16 40.83 -11.75
N LEU F 673 -19.39 40.76 -12.26
CA LEU F 673 -19.57 40.66 -13.69
C LEU F 673 -19.18 41.97 -14.37
N PRO F 674 -18.66 41.91 -15.59
CA PRO F 674 -18.22 43.15 -16.25
C PRO F 674 -19.39 44.11 -16.45
N ASP F 675 -19.09 45.41 -16.33
CA ASP F 675 -20.05 46.45 -16.61
C ASP F 675 -20.01 46.78 -18.10
N GLU F 676 -20.77 47.80 -18.52
CA GLU F 676 -20.83 48.11 -19.94
C GLU F 676 -19.46 48.49 -20.50
N LYS F 677 -18.71 49.33 -19.77
CA LYS F 677 -17.38 49.69 -20.24
C LYS F 677 -16.48 48.46 -20.29
N SER F 678 -16.54 47.62 -19.25
CA SER F 678 -15.77 46.39 -19.26
C SER F 678 -16.18 45.50 -20.43
N ARG F 679 -17.47 45.43 -20.72
CA ARG F 679 -17.94 44.57 -21.80
C ARG F 679 -17.46 45.07 -23.16
N VAL F 680 -17.53 46.38 -23.40
CA VAL F 680 -17.03 46.90 -24.67
C VAL F 680 -15.52 46.70 -24.78
N ALA F 681 -14.80 46.87 -23.68
CA ALA F 681 -13.37 46.63 -23.71
C ALA F 681 -13.06 45.17 -24.03
N ILE F 682 -13.82 44.25 -23.42
CA ILE F 682 -13.61 42.82 -23.68
C ILE F 682 -13.89 42.50 -25.13
N LEU F 683 -14.99 43.03 -25.68
CA LEU F 683 -15.33 42.77 -27.07
C LEU F 683 -14.25 43.31 -28.00
N LYS F 684 -13.77 44.53 -27.74
CA LYS F 684 -12.71 45.09 -28.57
C LYS F 684 -11.45 44.24 -28.49
N ALA F 685 -11.10 43.77 -27.30
CA ALA F 685 -9.92 42.93 -27.15
C ALA F 685 -10.07 41.63 -27.92
N ASN F 686 -11.25 41.00 -27.84
CA ASN F 686 -11.45 39.73 -28.52
C ASN F 686 -11.37 39.87 -30.03
N LEU F 687 -11.99 40.92 -30.58
CA LEU F 687 -12.02 41.15 -32.02
C LEU F 687 -10.80 41.92 -32.51
N ARG F 688 -9.72 41.97 -31.70
CA ARG F 688 -8.56 42.78 -32.07
C ARG F 688 -7.93 42.27 -33.36
N LYS F 689 -7.80 40.96 -33.51
CA LYS F 689 -7.17 40.37 -34.68
C LYS F 689 -8.18 39.82 -35.68
N SER F 690 -9.46 40.15 -35.52
CA SER F 690 -10.50 39.72 -36.44
C SER F 690 -10.91 40.91 -37.31
N PRO F 691 -10.68 40.89 -38.62
CA PRO F 691 -11.17 41.99 -39.46
C PRO F 691 -12.68 42.13 -39.32
N VAL F 692 -13.10 43.26 -38.78
CA VAL F 692 -14.50 43.51 -38.42
C VAL F 692 -15.00 44.72 -39.19
N ALA F 693 -16.24 44.64 -39.66
CA ALA F 693 -16.84 45.74 -40.39
C ALA F 693 -16.99 46.96 -39.50
N LYS F 694 -16.80 48.15 -40.10
CA LYS F 694 -16.91 49.38 -39.34
C LYS F 694 -18.34 49.68 -38.92
N ASP F 695 -19.33 49.07 -39.57
CA ASP F 695 -20.73 49.37 -39.26
C ASP F 695 -21.12 48.84 -37.89
N VAL F 696 -20.60 47.68 -37.49
CA VAL F 696 -21.02 47.07 -36.23
C VAL F 696 -20.61 47.98 -35.08
N ASP F 697 -21.57 48.30 -34.21
CA ASP F 697 -21.35 49.20 -33.09
C ASP F 697 -21.14 48.35 -31.83
N LEU F 698 -19.89 48.20 -31.42
CA LEU F 698 -19.60 47.41 -30.22
C LEU F 698 -20.24 48.02 -28.99
N GLU F 699 -20.22 49.35 -28.88
CA GLU F 699 -20.86 50.00 -27.75
C GLU F 699 -22.31 49.54 -27.62
N PHE F 700 -23.04 49.54 -28.73
CA PHE F 700 -24.39 49.00 -28.72
C PHE F 700 -24.38 47.52 -28.39
N LEU F 701 -23.42 46.77 -28.94
CA LEU F 701 -23.33 45.34 -28.68
C LEU F 701 -23.29 45.06 -27.19
N ALA F 702 -22.41 45.74 -26.46
CA ALA F 702 -22.30 45.51 -25.03
C ALA F 702 -23.52 46.02 -24.28
N LYS F 703 -24.24 46.99 -24.85
CA LYS F 703 -25.37 47.58 -24.14
C LYS F 703 -26.47 46.55 -23.89
N MET F 704 -26.76 45.70 -24.87
CA MET F 704 -27.83 44.73 -24.79
C MET F 704 -27.38 43.39 -24.23
N THR F 705 -26.15 43.28 -23.74
CA THR F 705 -25.60 42.05 -23.18
C THR F 705 -25.23 42.23 -21.73
N ASN F 706 -26.03 42.99 -20.99
CA ASN F 706 -25.77 43.19 -19.57
C ASN F 706 -25.93 41.87 -18.82
N GLY F 707 -25.04 41.63 -17.87
CA GLY F 707 -25.02 40.39 -17.12
C GLY F 707 -24.22 39.28 -17.76
N PHE F 708 -23.73 39.47 -18.97
CA PHE F 708 -22.92 38.45 -19.62
C PHE F 708 -21.61 38.24 -18.86
N SER F 709 -21.15 37.01 -18.83
CA SER F 709 -19.84 36.72 -18.25
C SER F 709 -18.75 37.03 -19.27
N GLY F 710 -17.52 37.16 -18.77
CA GLY F 710 -16.41 37.46 -19.66
C GLY F 710 -16.23 36.41 -20.73
N ALA F 711 -16.41 35.14 -20.37
CA ALA F 711 -16.27 34.06 -21.35
C ALA F 711 -17.35 34.14 -22.42
N ASP F 712 -18.57 34.50 -22.02
CA ASP F 712 -19.69 34.49 -22.97
C ASP F 712 -19.42 35.40 -24.15
N LEU F 713 -18.75 36.53 -23.93
CA LEU F 713 -18.45 37.43 -25.05
C LEU F 713 -17.50 36.78 -26.04
N THR F 714 -16.52 36.02 -25.55
CA THR F 714 -15.66 35.27 -26.46
C THR F 714 -16.50 34.30 -27.29
N GLU F 715 -17.55 33.73 -26.70
CA GLU F 715 -18.45 32.89 -27.46
C GLU F 715 -19.21 33.71 -28.51
N ILE F 716 -19.65 34.91 -28.14
CA ILE F 716 -20.35 35.76 -29.10
C ILE F 716 -19.45 36.06 -30.29
N CYS F 717 -18.15 36.16 -30.07
CA CYS F 717 -17.24 36.47 -31.16
C CYS F 717 -16.94 35.23 -32.00
N GLN F 718 -16.57 34.12 -31.34
CA GLN F 718 -16.33 32.86 -32.06
C GLN F 718 -17.54 32.50 -32.90
N ARG F 719 -18.74 32.72 -32.37
CA ARG F 719 -19.91 32.81 -33.22
C ARG F 719 -19.87 34.12 -33.99
N ALA F 720 -20.36 34.07 -35.21
CA ALA F 720 -20.21 35.12 -36.21
C ALA F 720 -18.81 35.14 -36.79
N CYS F 721 -17.81 34.60 -36.10
CA CYS F 721 -16.56 34.34 -36.81
C CYS F 721 -16.66 33.02 -37.56
N LYS F 722 -17.19 32.00 -36.91
CA LYS F 722 -17.52 30.75 -37.59
C LYS F 722 -18.53 31.01 -38.70
N LEU F 723 -19.50 31.90 -38.47
CA LEU F 723 -20.50 32.19 -39.49
C LEU F 723 -19.87 32.91 -40.68
N ALA F 724 -18.99 33.89 -40.44
CA ALA F 724 -18.31 34.53 -41.55
C ALA F 724 -17.45 33.53 -42.33
N ILE F 725 -16.76 32.64 -41.62
CA ILE F 725 -15.95 31.63 -42.30
C ILE F 725 -16.82 30.73 -43.17
N ARG F 726 -17.95 30.28 -42.63
CA ARG F 726 -18.85 29.43 -43.41
C ARG F 726 -19.40 30.17 -44.62
N GLU F 727 -19.77 31.44 -44.44
CA GLU F 727 -20.27 32.23 -45.57
C GLU F 727 -19.22 32.32 -46.66
N SER F 728 -17.98 32.63 -46.28
CA SER F 728 -16.92 32.74 -47.27
C SER F 728 -16.68 31.42 -47.98
N ILE F 729 -16.67 30.32 -47.22
CA ILE F 729 -16.39 29.01 -47.83
C ILE F 729 -17.49 28.64 -48.82
N GLU F 730 -18.75 28.84 -48.44
CA GLU F 730 -19.85 28.51 -49.34
C GLU F 730 -19.84 29.41 -50.57
N SER F 731 -19.55 30.69 -50.39
CA SER F 731 -19.45 31.57 -51.55
C SER F 731 -18.34 31.11 -52.49
N GLU F 732 -17.19 30.73 -51.93
CA GLU F 732 -16.09 30.28 -52.76
C GLU F 732 -16.42 28.98 -53.49
N ILE F 733 -17.12 28.06 -52.82
CA ILE F 733 -17.50 26.82 -53.49
C ILE F 733 -18.50 27.11 -54.61
N ARG F 734 -19.40 28.07 -54.39
CA ARG F 734 -20.31 28.47 -55.45
C ARG F 734 -19.56 29.06 -56.63
N ARG F 735 -18.55 29.89 -56.36
CA ARG F 735 -17.74 30.45 -57.44
C ARG F 735 -17.03 29.35 -58.20
N GLU F 736 -16.47 28.37 -57.49
CA GLU F 736 -15.77 27.27 -58.15
C GLU F 736 -16.72 26.47 -59.03
N ARG F 737 -17.92 26.17 -58.53
CA ARG F 737 -18.89 25.42 -59.32
C ARG F 737 -19.31 26.22 -60.56
N GLU F 738 -19.51 27.53 -60.40
CA GLU F 738 -19.87 28.37 -61.53
C GLU F 738 -18.74 28.39 -62.57
N ARG F 739 -17.49 28.48 -62.10
CA ARG F 739 -16.36 28.41 -63.02
C ARG F 739 -16.36 27.09 -63.78
N GLN F 740 -16.66 25.99 -63.08
CA GLN F 740 -16.78 24.71 -63.75
C GLN F 740 -17.86 24.76 -64.83
N THR F 741 -19.01 25.36 -64.53
CA THR F 741 -20.07 25.51 -65.52
C THR F 741 -19.76 26.61 -66.53
N ASN F 742 -19.09 27.67 -66.10
CA ASN F 742 -18.79 28.81 -66.96
C ASN F 742 -17.30 28.81 -67.30
N PRO F 743 -16.90 28.40 -68.50
CA PRO F 743 -15.46 28.39 -68.82
C PRO F 743 -14.82 29.76 -68.81
N SER F 744 -15.59 30.83 -68.94
CA SER F 744 -15.05 32.18 -68.98
C SER F 744 -14.25 32.49 -67.72
N GLU F 750 -13.43 39.98 -60.09
CA GLU F 750 -13.67 39.08 -58.97
C GLU F 750 -13.35 39.77 -57.65
N ASP F 751 -14.30 39.72 -56.71
CA ASP F 751 -14.15 40.34 -55.41
C ASP F 751 -14.47 39.32 -54.32
N ASP F 752 -13.78 39.46 -53.19
CA ASP F 752 -13.99 38.52 -52.10
C ASP F 752 -15.44 38.56 -51.65
N PRO F 753 -16.12 37.41 -51.56
CA PRO F 753 -17.53 37.45 -51.14
C PRO F 753 -17.74 38.14 -49.82
N VAL F 754 -16.95 37.79 -48.81
CA VAL F 754 -17.05 38.37 -47.48
C VAL F 754 -15.66 38.79 -47.02
N PRO F 755 -15.16 39.94 -47.46
CA PRO F 755 -13.80 40.34 -47.06
C PRO F 755 -13.64 40.50 -45.55
N GLU F 756 -14.71 40.84 -44.84
CA GLU F 756 -14.62 41.06 -43.40
C GLU F 756 -15.94 40.64 -42.75
N ILE F 757 -15.89 40.46 -41.44
CA ILE F 757 -17.06 40.07 -40.68
C ILE F 757 -18.09 41.20 -40.73
N ARG F 758 -19.32 40.86 -41.11
CA ARG F 758 -20.37 41.84 -41.31
C ARG F 758 -21.25 41.96 -40.07
N ARG F 759 -22.13 42.96 -40.11
CA ARG F 759 -23.08 43.17 -39.03
C ARG F 759 -24.04 42.00 -38.91
N ASP F 760 -24.51 41.47 -40.04
CA ASP F 760 -25.49 40.39 -40.01
C ASP F 760 -24.99 39.20 -39.23
N HIS F 761 -23.68 38.92 -39.32
CA HIS F 761 -23.12 37.80 -38.56
C HIS F 761 -23.33 38.00 -37.06
N PHE F 762 -22.99 39.18 -36.55
CA PHE F 762 -23.24 39.47 -35.14
C PHE F 762 -24.74 39.48 -34.83
N GLU F 763 -25.58 39.77 -35.82
CA GLU F 763 -27.01 39.57 -35.62
C GLU F 763 -27.32 38.10 -35.34
N GLU F 764 -26.71 37.20 -36.12
CA GLU F 764 -27.02 35.79 -36.00
C GLU F 764 -26.35 35.14 -34.78
N ALA F 765 -25.23 35.68 -34.31
CA ALA F 765 -24.47 35.01 -33.25
C ALA F 765 -25.32 34.79 -32.01
N MET F 766 -26.05 35.82 -31.58
CA MET F 766 -26.94 35.97 -30.43
C MET F 766 -28.07 34.97 -30.46
N ARG F 767 -28.42 34.47 -31.64
CA ARG F 767 -29.31 33.32 -31.71
C ARG F 767 -28.66 32.07 -31.15
N PHE F 768 -27.35 32.10 -30.92
CA PHE F 768 -26.62 31.03 -30.26
C PHE F 768 -25.84 31.58 -29.06
N ALA F 769 -26.51 32.34 -28.20
CA ALA F 769 -25.91 32.92 -27.02
C ALA F 769 -26.74 32.61 -25.78
N ARG F 770 -26.06 32.35 -24.67
CA ARG F 770 -26.74 32.16 -23.40
C ARG F 770 -25.84 32.52 -22.22
N ARG F 771 -26.39 33.20 -21.23
CA ARG F 771 -25.64 33.53 -20.02
C ARG F 771 -25.13 32.26 -19.36
N SER F 772 -23.86 32.27 -18.98
CA SER F 772 -23.25 31.14 -18.31
C SER F 772 -23.32 31.23 -16.79
N VAL F 773 -23.86 32.32 -16.25
CA VAL F 773 -24.02 32.49 -14.80
C VAL F 773 -25.40 33.06 -14.55
N SER F 774 -26.18 32.38 -13.72
CA SER F 774 -27.53 32.82 -13.42
C SER F 774 -27.53 33.92 -12.37
N ASP F 775 -28.62 34.70 -12.35
CA ASP F 775 -28.77 35.72 -11.32
C ASP F 775 -28.72 35.11 -9.94
N ASN F 776 -29.06 33.83 -9.82
CA ASN F 776 -28.89 33.14 -8.55
C ASN F 776 -27.41 33.09 -8.16
N ASP F 777 -26.52 32.88 -9.13
CA ASP F 777 -25.11 32.80 -8.82
C ASP F 777 -24.54 34.15 -8.37
N ILE F 778 -24.91 35.23 -9.06
CA ILE F 778 -24.43 36.55 -8.64
C ILE F 778 -25.02 36.91 -7.29
N ARG F 779 -26.27 36.52 -7.03
CA ARG F 779 -26.82 36.69 -5.70
C ARG F 779 -25.99 35.93 -4.68
N LYS F 780 -25.57 34.71 -5.02
CA LYS F 780 -24.72 33.93 -4.14
C LYS F 780 -23.44 34.66 -3.79
N TYR F 781 -22.73 35.15 -4.80
CA TYR F 781 -21.48 35.85 -4.55
C TYR F 781 -21.70 37.14 -3.77
N GLU F 782 -22.77 37.87 -4.07
CA GLU F 782 -23.06 39.09 -3.32
C GLU F 782 -23.35 38.78 -1.87
N MET F 783 -24.09 37.70 -1.60
CA MET F 783 -24.36 37.30 -0.23
C MET F 783 -23.07 36.92 0.49
N PHE F 784 -22.18 36.20 -0.20
CA PHE F 784 -20.91 35.84 0.41
C PHE F 784 -20.10 37.10 0.75
N ALA F 785 -20.05 38.06 -0.17
CA ALA F 785 -19.32 39.30 0.10
C ALA F 785 -19.94 40.06 1.27
N GLN F 786 -21.27 40.13 1.32
CA GLN F 786 -21.94 40.80 2.42
C GLN F 786 -21.58 40.14 3.74
N THR F 787 -21.59 38.80 3.78
CA THR F 787 -21.20 38.10 4.99
C THR F 787 -19.76 38.43 5.37
N LEU F 788 -18.84 38.42 4.39
CA LEU F 788 -17.46 38.78 4.68
C LEU F 788 -17.35 40.22 5.14
N GLN F 789 -18.04 41.14 4.45
CA GLN F 789 -18.01 42.54 4.83
C GLN F 789 -18.87 42.84 6.05
N GLN F 790 -19.78 41.94 6.40
CA GLN F 790 -20.60 42.12 7.60
C GLN F 790 -19.69 42.40 8.79
N SER F 791 -20.23 43.00 9.84
CA SER F 791 -19.40 43.59 10.88
C SER F 791 -18.67 44.77 10.28
N ARG F 792 -17.42 45.00 10.66
CA ARG F 792 -16.66 46.15 10.17
C ARG F 792 -17.41 47.45 10.42
N GLY F 793 -18.26 47.45 11.45
CA GLY F 793 -19.08 48.59 11.80
C GLY F 793 -18.40 49.63 12.65
N PHE F 794 -17.10 49.48 12.91
CA PHE F 794 -16.36 50.43 13.73
C PHE F 794 -15.80 51.54 12.86
N GLY F 795 -16.46 51.81 11.73
CA GLY F 795 -16.05 52.87 10.84
C GLY F 795 -16.68 54.20 11.20
N SER F 796 -17.21 54.29 12.42
CA SER F 796 -17.85 55.52 12.92
C SER F 796 -17.18 55.95 14.20
N PHE F 797 -15.85 55.95 14.19
CA PHE F 797 -15.04 56.31 15.35
C PHE F 797 -14.14 57.48 14.98
N ARG F 798 -13.94 58.40 15.92
CA ARG F 798 -13.10 59.57 15.71
C ARG F 798 -12.31 59.85 16.96
N PHE F 799 -11.04 60.25 16.78
CA PHE F 799 -10.21 60.59 17.91
C PHE F 799 -10.72 61.85 18.59
N PRO F 800 -10.44 62.02 19.89
CA PRO F 800 -10.86 63.20 20.65
C PRO F 800 -10.23 64.49 20.13
N GLU G 226 47.56 32.00 11.92
CA GLU G 226 46.61 30.90 11.61
C GLU G 226 45.23 31.22 12.18
N VAL G 227 44.29 30.27 12.01
CA VAL G 227 42.92 30.50 12.46
C VAL G 227 42.85 30.39 13.97
N GLY G 228 42.12 31.33 14.60
CA GLY G 228 41.94 31.34 16.03
C GLY G 228 40.49 31.59 16.39
N TYR G 229 40.22 31.60 17.69
CA TYR G 229 38.85 31.77 18.16
C TYR G 229 38.22 33.05 17.63
N ASP G 230 39.02 34.09 17.40
CA ASP G 230 38.48 35.34 16.87
C ASP G 230 37.93 35.18 15.46
N ASP G 231 38.30 34.10 14.77
CA ASP G 231 37.81 33.84 13.43
C ASP G 231 36.48 33.10 13.41
N ILE G 232 35.93 32.75 14.57
CA ILE G 232 34.67 32.01 14.69
C ILE G 232 33.59 32.98 15.14
N GLY G 233 32.43 32.90 14.49
CA GLY G 233 31.30 33.70 14.88
C GLY G 233 30.01 32.91 14.75
N GLY G 234 29.06 33.23 15.62
CA GLY G 234 27.76 32.61 15.58
C GLY G 234 27.65 31.28 16.28
N CYS G 235 28.71 30.80 16.92
CA CYS G 235 28.69 29.54 17.65
C CYS G 235 29.34 29.70 19.00
N ARG G 236 29.08 30.83 19.67
CA ARG G 236 29.73 31.10 20.95
C ARG G 236 29.37 30.06 21.99
N LYS G 237 28.09 29.69 22.08
CA LYS G 237 27.68 28.70 23.07
C LYS G 237 28.30 27.34 22.76
N GLN G 238 28.13 26.86 21.53
CA GLN G 238 28.69 25.57 21.16
C GLN G 238 30.22 25.60 21.22
N LEU G 239 30.82 26.70 20.78
CA LEU G 239 32.27 26.79 20.84
C LEU G 239 32.76 26.73 22.29
N ALA G 240 32.05 27.40 23.20
CA ALA G 240 32.40 27.30 24.61
C ALA G 240 32.25 25.88 25.13
N GLN G 241 31.20 25.19 24.69
CA GLN G 241 31.04 23.79 25.10
C GLN G 241 32.21 22.94 24.63
N ILE G 242 32.61 23.10 23.37
CA ILE G 242 33.74 22.32 22.86
C ILE G 242 35.03 22.71 23.59
N LYS G 243 35.18 23.99 23.95
CA LYS G 243 36.34 24.39 24.71
C LYS G 243 36.39 23.69 26.05
N GLU G 244 35.29 23.77 26.82
CA GLU G 244 35.22 23.07 28.09
C GLU G 244 35.44 21.58 27.90
N MET G 245 35.10 21.04 26.74
CA MET G 245 35.20 19.62 26.50
C MET G 245 36.64 19.19 26.22
N VAL G 246 37.35 19.91 25.35
CA VAL G 246 38.62 19.43 24.82
C VAL G 246 39.77 20.39 25.11
N GLU G 247 39.64 21.27 26.10
CA GLU G 247 40.78 22.09 26.51
C GLU G 247 41.57 21.41 27.62
N LEU G 248 40.92 21.11 28.74
CA LEU G 248 41.59 20.42 29.82
C LEU G 248 42.20 19.09 29.38
N PRO G 249 41.51 18.25 28.60
CA PRO G 249 42.15 16.99 28.18
C PRO G 249 43.41 17.20 27.37
N LEU G 250 43.53 18.32 26.65
CA LEU G 250 44.68 18.57 25.79
C LEU G 250 45.75 19.41 26.47
N ARG G 251 45.37 20.49 27.15
CA ARG G 251 46.34 21.38 27.75
C ARG G 251 46.86 20.87 29.09
N HIS G 252 46.18 19.89 29.70
CA HIS G 252 46.64 19.26 30.93
C HIS G 252 46.51 17.75 30.81
N PRO G 253 47.27 17.13 29.90
CA PRO G 253 47.21 15.67 29.81
C PRO G 253 47.64 14.97 31.08
N ALA G 254 48.57 15.55 31.84
CA ALA G 254 49.06 14.90 33.04
C ALA G 254 47.94 14.68 34.04
N LEU G 255 47.07 15.68 34.22
CA LEU G 255 45.95 15.52 35.13
C LEU G 255 45.08 14.35 34.72
N PHE G 256 44.74 14.26 33.43
CA PHE G 256 43.93 13.14 32.95
C PHE G 256 44.69 11.84 33.07
N LYS G 257 45.98 11.84 32.73
CA LYS G 257 46.76 10.60 32.76
C LYS G 257 46.79 10.00 34.15
N ALA G 258 47.18 10.80 35.14
CA ALA G 258 47.28 10.29 36.52
C ALA G 258 45.91 9.95 37.08
N ILE G 259 44.93 10.84 36.88
CA ILE G 259 43.59 10.59 37.39
C ILE G 259 42.93 9.50 36.56
N GLY G 260 42.01 8.76 37.18
CA GLY G 260 41.33 7.68 36.51
C GLY G 260 40.26 8.09 35.53
N VAL G 261 39.90 9.37 35.50
CA VAL G 261 38.88 9.85 34.58
C VAL G 261 39.38 9.71 33.14
N LYS G 262 38.43 9.50 32.22
CA LYS G 262 38.76 9.36 30.81
C LYS G 262 38.26 10.57 30.02
N PRO G 263 39.00 11.01 29.01
CA PRO G 263 38.54 12.14 28.20
C PRO G 263 37.64 11.67 27.08
N PRO G 264 36.92 12.58 26.41
CA PRO G 264 36.11 12.16 25.27
C PRO G 264 36.98 11.54 24.18
N ARG G 265 36.44 10.49 23.56
CA ARG G 265 37.14 9.75 22.52
C ARG G 265 36.57 10.05 21.13
N GLY G 266 35.54 10.88 21.04
CA GLY G 266 34.97 11.26 19.76
C GLY G 266 33.85 12.26 19.95
N ILE G 267 33.87 13.35 19.18
CA ILE G 267 32.88 14.41 19.29
C ILE G 267 32.22 14.57 17.93
N LEU G 268 30.89 14.52 17.92
CA LEU G 268 30.11 14.56 16.69
C LEU G 268 29.45 15.93 16.57
N LEU G 269 30.05 16.80 15.76
CA LEU G 269 29.45 18.09 15.46
C LEU G 269 28.56 17.93 14.24
N TYR G 270 27.29 18.32 14.37
CA TYR G 270 26.37 18.24 13.24
C TYR G 270 25.54 19.51 13.16
N GLY G 271 25.17 19.85 11.93
CA GLY G 271 24.40 21.03 11.64
C GLY G 271 24.32 21.24 10.14
N PRO G 272 23.50 22.18 9.69
CA PRO G 272 23.37 22.42 8.25
C PRO G 272 24.71 22.76 7.63
N PRO G 273 24.98 22.32 6.40
CA PRO G 273 26.29 22.58 5.80
C PRO G 273 26.53 24.07 5.60
N GLY G 274 27.79 24.46 5.72
CA GLY G 274 28.20 25.83 5.51
C GLY G 274 28.33 26.67 6.76
N THR G 275 28.30 26.07 7.94
CA THR G 275 28.48 26.81 9.19
C THR G 275 29.93 26.89 9.61
N GLY G 276 30.86 26.43 8.77
CA GLY G 276 32.27 26.49 9.09
C GLY G 276 32.67 25.59 10.25
N LYS G 277 32.16 24.37 10.27
CA LYS G 277 32.55 23.44 11.33
C LYS G 277 34.04 23.13 11.27
N THR G 278 34.57 22.95 10.06
CA THR G 278 36.00 22.68 9.93
C THR G 278 36.82 23.83 10.48
N LEU G 279 36.35 25.07 10.29
CA LEU G 279 37.04 26.20 10.88
C LEU G 279 37.01 26.13 12.41
N ILE G 280 35.89 25.70 12.98
CA ILE G 280 35.81 25.55 14.43
C ILE G 280 36.83 24.53 14.90
N ALA G 281 36.91 23.39 14.21
CA ALA G 281 37.88 22.37 14.58
C ALA G 281 39.31 22.91 14.48
N ARG G 282 39.61 23.63 13.40
CA ARG G 282 40.95 24.18 13.23
C ARG G 282 41.28 25.17 14.34
N ALA G 283 40.33 26.04 14.69
CA ALA G 283 40.58 27.01 15.74
C ALA G 283 40.81 26.32 17.07
N VAL G 284 40.00 25.31 17.39
CA VAL G 284 40.17 24.60 18.65
C VAL G 284 41.53 23.92 18.70
N ALA G 285 41.93 23.28 17.59
CA ALA G 285 43.21 22.60 17.57
C ALA G 285 44.37 23.56 17.71
N ASN G 286 44.34 24.66 16.94
CA ASN G 286 45.47 25.58 16.92
C ASN G 286 45.59 26.34 18.24
N GLU G 287 44.49 26.88 18.74
CA GLU G 287 44.55 27.68 19.95
C GLU G 287 45.05 26.86 21.13
N THR G 288 44.82 25.56 21.12
CA THR G 288 45.33 24.66 22.15
C THR G 288 46.64 24.01 21.76
N GLY G 289 47.17 24.30 20.57
CA GLY G 289 48.43 23.75 20.13
C GLY G 289 48.39 22.29 19.74
N ALA G 290 47.23 21.65 19.82
CA ALA G 290 47.12 20.24 19.43
C ALA G 290 47.31 20.08 17.93
N PHE G 291 47.97 19.00 17.54
CA PHE G 291 48.14 18.72 16.13
C PHE G 291 46.79 18.49 15.48
N PHE G 292 46.63 19.00 14.26
CA PHE G 292 45.36 18.95 13.54
C PHE G 292 45.52 18.15 12.25
N PHE G 293 44.56 17.27 11.99
CA PHE G 293 44.52 16.47 10.78
C PHE G 293 43.13 16.55 10.18
N LEU G 294 43.06 16.63 8.85
CA LEU G 294 41.81 16.74 8.13
C LEU G 294 41.65 15.57 7.18
N ILE G 295 40.47 14.96 7.18
CA ILE G 295 40.14 13.88 6.28
C ILE G 295 38.83 14.25 5.58
N ASN G 296 38.85 14.26 4.26
CA ASN G 296 37.66 14.58 3.47
C ASN G 296 36.97 13.29 3.06
N GLY G 297 35.67 13.19 3.37
CA GLY G 297 34.91 12.01 3.03
C GLY G 297 34.91 11.75 1.54
N PRO G 298 34.53 12.75 0.75
CA PRO G 298 34.60 12.58 -0.70
C PRO G 298 35.99 12.23 -1.19
N GLU G 299 37.03 12.82 -0.60
CA GLU G 299 38.39 12.51 -1.02
C GLU G 299 38.72 11.05 -0.74
N ILE G 300 38.37 10.55 0.45
CA ILE G 300 38.66 9.16 0.78
C ILE G 300 37.88 8.23 -0.13
N MET G 301 36.60 8.53 -0.36
CA MET G 301 35.80 7.66 -1.22
C MET G 301 36.28 7.71 -2.67
N SER G 302 36.93 8.79 -3.07
CA SER G 302 37.44 8.88 -4.43
C SER G 302 38.48 7.81 -4.70
N LYS G 303 39.31 7.49 -3.70
CA LYS G 303 40.35 6.50 -3.87
C LYS G 303 39.75 5.15 -4.28
N LEU G 304 40.62 4.27 -4.77
CA LEU G 304 40.19 2.95 -5.22
C LEU G 304 40.03 2.01 -4.03
N ALA G 305 39.52 0.81 -4.31
CA ALA G 305 39.26 -0.16 -3.25
C ALA G 305 40.56 -0.54 -2.56
N GLY G 306 40.62 -0.32 -1.25
CA GLY G 306 41.81 -0.62 -0.47
C GLY G 306 42.61 0.63 -0.15
N GLU G 307 42.70 1.54 -1.11
CA GLU G 307 43.43 2.78 -0.87
C GLU G 307 42.71 3.66 0.14
N SER G 308 41.38 3.60 0.20
CA SER G 308 40.66 4.35 1.22
C SER G 308 41.03 3.86 2.62
N GLU G 309 41.05 2.54 2.81
CA GLU G 309 41.46 1.99 4.09
C GLU G 309 42.90 2.36 4.40
N SER G 310 43.78 2.27 3.40
CA SER G 310 45.17 2.62 3.61
C SER G 310 45.31 4.07 4.07
N ASN G 311 44.58 4.97 3.41
CA ASN G 311 44.67 6.39 3.75
C ASN G 311 44.11 6.67 5.13
N LEU G 312 43.00 6.03 5.50
CA LEU G 312 42.46 6.23 6.84
C LEU G 312 43.44 5.74 7.90
N ARG G 313 44.02 4.56 7.69
CA ARG G 313 45.00 4.04 8.64
C ARG G 313 46.21 4.96 8.74
N LYS G 314 46.69 5.47 7.60
CA LYS G 314 47.82 6.39 7.62
C LYS G 314 47.48 7.66 8.38
N ALA G 315 46.28 8.20 8.16
CA ALA G 315 45.89 9.42 8.85
C ALA G 315 45.85 9.21 10.36
N PHE G 316 45.25 8.10 10.80
CA PHE G 316 45.18 7.84 12.23
C PHE G 316 46.57 7.57 12.80
N GLU G 317 47.44 6.93 12.03
CA GLU G 317 48.82 6.71 12.49
C GLU G 317 49.53 8.04 12.68
N GLU G 318 49.39 8.96 11.72
CA GLU G 318 50.03 10.26 11.86
C GLU G 318 49.47 11.02 13.05
N ALA G 319 48.16 10.96 13.26
CA ALA G 319 47.57 11.62 14.41
C ALA G 319 48.13 11.06 15.71
N GLU G 320 48.25 9.73 15.80
CA GLU G 320 48.81 9.12 17.00
C GLU G 320 50.27 9.54 17.20
N LYS G 321 51.06 9.54 16.13
CA LYS G 321 52.50 9.78 16.26
C LYS G 321 52.77 11.17 16.83
N ASN G 322 52.06 12.18 16.34
CA ASN G 322 52.32 13.55 16.74
C ASN G 322 51.82 13.80 18.16
N ALA G 323 51.92 15.05 18.60
CA ALA G 323 51.50 15.47 19.92
C ALA G 323 49.99 15.27 20.04
N PRO G 324 49.39 15.54 21.21
CA PRO G 324 47.94 15.37 21.32
C PRO G 324 47.21 15.94 20.12
N ALA G 325 46.56 15.08 19.36
CA ALA G 325 46.08 15.41 18.03
C ALA G 325 44.56 15.59 18.04
N ILE G 326 44.05 16.06 16.89
CA ILE G 326 42.63 16.28 16.68
C ILE G 326 42.35 15.93 15.23
N ILE G 327 41.58 14.87 15.00
CA ILE G 327 41.24 14.43 13.65
C ILE G 327 39.83 14.91 13.35
N PHE G 328 39.67 15.64 12.24
CA PHE G 328 38.38 16.14 11.80
C PHE G 328 38.04 15.48 10.47
N ILE G 329 36.96 14.71 10.46
CA ILE G 329 36.53 13.97 9.28
C ILE G 329 35.36 14.74 8.70
N ASP G 330 35.65 15.64 7.77
CA ASP G 330 34.61 16.43 7.14
C ASP G 330 33.72 15.56 6.26
N GLU G 331 32.41 15.78 6.34
CA GLU G 331 31.43 15.00 5.60
C GLU G 331 31.59 13.52 5.92
N LEU G 332 31.36 13.19 7.19
CA LEU G 332 31.49 11.81 7.64
C LEU G 332 30.48 10.90 6.94
N ASP G 333 29.24 11.37 6.80
CA ASP G 333 28.20 10.52 6.22
C ASP G 333 28.59 10.03 4.83
N ALA G 334 29.45 10.77 4.12
CA ALA G 334 29.94 10.29 2.85
C ALA G 334 30.70 8.97 3.02
N ILE G 335 31.52 8.89 4.07
CA ILE G 335 32.24 7.64 4.35
C ILE G 335 31.29 6.57 4.87
N ALA G 336 30.47 6.93 5.86
CA ALA G 336 29.61 5.97 6.55
C ALA G 336 28.20 6.55 6.67
N PRO G 337 27.44 6.56 5.58
CA PRO G 337 26.05 7.01 5.67
C PRO G 337 25.16 5.94 6.28
N LYS G 338 23.85 6.15 6.29
CA LYS G 338 22.94 5.11 6.76
C LYS G 338 23.21 3.82 6.00
N ARG G 339 23.27 2.71 6.74
CA ARG G 339 23.59 1.42 6.11
C ARG G 339 22.68 1.17 4.92
N GLU G 340 21.41 1.52 5.04
CA GLU G 340 20.47 1.27 3.94
C GLU G 340 20.89 1.99 2.66
N LYS G 341 21.70 3.04 2.77
CA LYS G 341 22.22 3.73 1.61
C LYS G 341 23.55 3.15 1.12
N THR G 342 24.11 2.18 1.83
CA THR G 342 25.37 1.53 1.44
C THR G 342 25.02 0.11 1.00
N HIS G 343 24.97 -0.09 -0.32
CA HIS G 343 24.64 -1.40 -0.88
C HIS G 343 25.86 -2.18 -1.33
N GLY G 344 26.93 -1.50 -1.74
CA GLY G 344 28.13 -2.19 -2.13
C GLY G 344 28.89 -2.75 -0.94
N GLU G 345 29.81 -3.67 -1.22
CA GLU G 345 30.60 -4.29 -0.17
C GLU G 345 31.71 -3.35 0.32
N VAL G 346 32.29 -2.56 -0.59
CA VAL G 346 33.40 -1.70 -0.21
C VAL G 346 32.94 -0.68 0.84
N GLU G 347 31.70 -0.22 0.74
CA GLU G 347 31.18 0.71 1.73
C GLU G 347 31.18 0.07 3.11
N ARG G 348 30.70 -1.16 3.21
CA ARG G 348 30.71 -1.87 4.48
C ARG G 348 32.14 -2.04 4.98
N ARG G 349 33.07 -2.37 4.06
CA ARG G 349 34.45 -2.56 4.46
C ARG G 349 35.03 -1.28 5.04
N ILE G 350 34.77 -0.14 4.41
CA ILE G 350 35.34 1.11 4.89
C ILE G 350 34.71 1.51 6.21
N VAL G 351 33.40 1.29 6.36
CA VAL G 351 32.75 1.62 7.63
C VAL G 351 33.32 0.75 8.75
N SER G 352 33.53 -0.55 8.48
CA SER G 352 34.14 -1.42 9.46
C SER G 352 35.55 -0.96 9.80
N GLN G 353 36.30 -0.52 8.79
CA GLN G 353 37.64 0.00 9.05
C GLN G 353 37.59 1.21 9.97
N LEU G 354 36.65 2.12 9.72
CA LEU G 354 36.53 3.31 10.56
C LEU G 354 36.17 2.92 12.00
N LEU G 355 35.24 1.99 12.15
CA LEU G 355 34.86 1.56 13.50
C LEU G 355 36.03 0.89 14.21
N THR G 356 36.79 0.06 13.49
CA THR G 356 37.93 -0.61 14.10
C THR G 356 38.99 0.40 14.53
N LEU G 357 39.22 1.43 13.71
CA LEU G 357 40.17 2.46 14.12
C LEU G 357 39.66 3.25 15.31
N MET G 358 38.35 3.49 15.36
CA MET G 358 37.79 4.35 16.41
C MET G 358 37.96 3.72 17.79
N ASP G 359 37.54 2.47 17.95
CA ASP G 359 37.62 1.83 19.26
C ASP G 359 39.06 1.55 19.69
N GLY G 360 40.02 1.65 18.79
CA GLY G 360 41.41 1.49 19.11
C GLY G 360 42.10 2.74 19.61
N LEU G 361 41.35 3.84 19.77
CA LEU G 361 41.96 5.10 20.19
C LEU G 361 42.60 5.00 21.57
N LYS G 362 42.14 4.08 22.42
CA LYS G 362 42.70 3.98 23.77
C LYS G 362 44.18 3.66 23.71
N GLN G 363 44.56 2.71 22.85
CA GLN G 363 45.98 2.44 22.64
C GLN G 363 46.72 3.72 22.29
N ARG G 364 46.08 4.61 21.53
CA ARG G 364 46.64 5.91 21.24
C ARG G 364 46.50 6.82 22.47
N ALA G 365 47.33 7.87 22.51
CA ALA G 365 47.37 8.78 23.64
C ALA G 365 46.88 10.16 23.18
N HIS G 366 45.86 10.68 23.86
CA HIS G 366 45.33 12.02 23.62
C HIS G 366 45.10 12.25 22.13
N VAL G 367 44.19 11.46 21.56
CA VAL G 367 43.82 11.56 20.16
C VAL G 367 42.29 11.63 20.11
N ILE G 368 41.77 12.85 20.08
CA ILE G 368 40.33 13.07 19.92
C ILE G 368 40.02 13.08 18.43
N VAL G 369 38.80 12.69 18.09
CA VAL G 369 38.35 12.63 16.69
C VAL G 369 37.03 13.39 16.59
N MET G 370 37.00 14.38 15.71
CA MET G 370 35.80 15.15 15.42
C MET G 370 35.28 14.80 14.04
N ALA G 371 33.99 15.04 13.83
CA ALA G 371 33.36 14.73 12.55
C ALA G 371 32.21 15.70 12.31
N ALA G 372 31.87 15.87 11.04
CA ALA G 372 30.81 16.77 10.61
C ALA G 372 29.74 15.98 9.89
N THR G 373 28.47 16.28 10.20
CA THR G 373 27.36 15.55 9.61
C THR G 373 26.12 16.44 9.64
N ASN G 374 25.25 16.25 8.65
CA ASN G 374 24.05 17.08 8.57
C ASN G 374 23.15 16.87 9.78
N ARG G 375 22.92 15.61 10.16
CA ARG G 375 22.00 15.29 11.25
C ARG G 375 22.41 13.95 11.84
N PRO G 376 22.04 13.68 13.09
CA PRO G 376 22.47 12.43 13.73
C PRO G 376 22.02 11.19 13.00
N ASN G 377 20.85 11.21 12.37
CA ASN G 377 20.32 10.04 11.67
C ASN G 377 20.92 9.84 10.29
N SER G 378 22.00 10.54 9.96
CA SER G 378 22.63 10.40 8.65
C SER G 378 23.69 9.32 8.62
N ILE G 379 24.55 9.26 9.65
CA ILE G 379 25.66 8.30 9.67
C ILE G 379 25.14 6.95 10.12
N ASP G 380 25.93 5.91 9.91
CA ASP G 380 25.58 4.59 10.38
C ASP G 380 25.48 4.62 11.90
N PRO G 381 24.35 4.21 12.49
CA PRO G 381 24.21 4.27 13.96
C PRO G 381 25.27 3.46 14.70
N ALA G 382 26.00 2.58 14.01
CA ALA G 382 27.07 1.84 14.68
C ALA G 382 28.14 2.78 15.21
N LEU G 383 28.47 3.83 14.45
CA LEU G 383 29.48 4.78 14.89
C LEU G 383 29.07 5.45 16.18
N ARG G 384 27.81 5.87 16.29
CA ARG G 384 27.31 6.55 17.48
C ARG G 384 27.11 5.48 18.56
N ARG G 385 28.17 5.26 19.34
CA ARG G 385 28.17 4.23 20.36
C ARG G 385 29.24 4.56 21.39
N PHE G 386 29.04 4.08 22.61
CA PHE G 386 30.00 4.33 23.66
C PHE G 386 31.38 3.79 23.26
N GLY G 387 32.40 4.58 23.54
CA GLY G 387 33.75 4.30 23.03
C GLY G 387 34.00 5.01 21.73
N ARG G 388 33.13 4.81 20.75
CA ARG G 388 33.13 5.61 19.53
C ARG G 388 32.42 6.92 19.80
N PHE G 389 32.10 7.67 18.74
CA PHE G 389 31.40 8.95 18.89
C PHE G 389 30.29 8.83 19.91
N ASP G 390 30.42 9.55 21.03
CA ASP G 390 29.44 9.50 22.10
C ASP G 390 29.00 10.90 22.50
N ARG G 391 29.86 11.89 22.28
CA ARG G 391 29.54 13.28 22.58
C ARG G 391 29.15 14.00 21.30
N GLU G 392 28.21 14.93 21.42
CA GLU G 392 27.67 15.63 20.25
C GLU G 392 27.55 17.11 20.57
N VAL G 393 27.64 17.94 19.52
CA VAL G 393 27.52 19.38 19.66
C VAL G 393 26.68 19.93 18.51
N ASP G 394 25.43 20.27 18.79
CA ASP G 394 24.52 20.78 17.78
C ASP G 394 24.89 22.22 17.47
N ILE G 395 25.66 22.43 16.40
CA ILE G 395 26.08 23.78 16.03
C ILE G 395 24.87 24.63 15.67
N GLY G 396 23.97 24.08 14.88
CA GLY G 396 22.75 24.79 14.51
C GLY G 396 23.02 26.09 13.77
N ILE G 397 21.94 26.79 13.43
CA ILE G 397 22.03 28.04 12.68
C ILE G 397 22.48 29.16 13.62
N PRO G 398 23.32 30.09 13.18
CA PRO G 398 23.61 31.27 14.00
C PRO G 398 22.38 32.15 14.15
N ASP G 399 22.30 32.83 15.30
CA ASP G 399 21.18 33.71 15.58
C ASP G 399 21.54 35.15 15.22
N ALA G 400 20.63 36.07 15.53
CA ALA G 400 20.83 37.48 15.16
C ALA G 400 22.17 37.99 15.66
N THR G 401 22.48 37.74 16.93
CA THR G 401 23.79 38.10 17.46
C THR G 401 24.89 37.36 16.72
N GLY G 402 24.68 36.07 16.45
CA GLY G 402 25.65 35.30 15.69
C GLY G 402 25.83 35.83 14.29
N ARG G 403 24.73 36.20 13.63
CA ARG G 403 24.84 36.77 12.30
C ARG G 403 25.61 38.08 12.33
N LEU G 404 25.37 38.91 13.35
CA LEU G 404 26.13 40.16 13.47
C LEU G 404 27.62 39.88 13.66
N GLU G 405 27.95 38.90 14.50
CA GLU G 405 29.35 38.56 14.70
C GLU G 405 30.00 38.09 13.41
N ILE G 406 29.30 37.22 12.67
CA ILE G 406 29.83 36.73 11.40
C ILE G 406 30.04 37.88 10.43
N LEU G 407 29.06 38.79 10.34
CA LEU G 407 29.19 39.92 9.43
C LEU G 407 30.38 40.80 9.83
N GLN G 408 30.55 41.04 11.13
CA GLN G 408 31.70 41.81 11.57
C GLN G 408 33.00 41.10 11.21
N ILE G 409 32.99 39.76 11.16
CA ILE G 409 34.18 39.04 10.71
C ILE G 409 34.39 39.23 9.21
N HIS G 410 33.30 39.16 8.43
CA HIS G 410 33.43 39.13 6.98
C HIS G 410 33.58 40.51 6.34
N THR G 411 33.35 41.58 7.09
CA THR G 411 33.55 42.93 6.59
C THR G 411 34.86 43.54 7.09
N LYS G 412 35.76 42.72 7.64
CA LYS G 412 36.97 43.25 8.25
C LYS G 412 37.83 43.99 7.24
N ASN G 413 38.01 43.42 6.05
CA ASN G 413 38.89 44.00 5.03
C ASN G 413 38.13 44.85 4.02
N MET G 414 36.83 45.06 4.21
CA MET G 414 36.02 45.82 3.28
C MET G 414 35.82 47.24 3.79
N LYS G 415 35.90 48.20 2.87
CA LYS G 415 35.66 49.61 3.20
C LYS G 415 34.19 49.90 3.03
N LEU G 416 33.52 50.28 4.12
CA LEU G 416 32.09 50.49 4.13
C LEU G 416 31.77 51.85 4.74
N ALA G 417 30.81 52.55 4.14
CA ALA G 417 30.45 53.89 4.58
C ALA G 417 29.69 53.82 5.89
N ASP G 418 29.54 54.99 6.52
CA ASP G 418 28.87 55.07 7.82
C ASP G 418 27.39 54.72 7.72
N ASP G 419 26.79 54.81 6.53
CA ASP G 419 25.36 54.55 6.40
C ASP G 419 25.04 53.10 6.75
N VAL G 420 25.88 52.16 6.32
CA VAL G 420 25.61 50.74 6.58
C VAL G 420 25.75 50.46 8.07
N ASP G 421 24.78 49.72 8.62
CA ASP G 421 24.87 49.21 9.98
C ASP G 421 24.66 47.71 9.91
N LEU G 422 25.71 46.94 10.23
CA LEU G 422 25.61 45.49 10.16
C LEU G 422 24.59 44.95 11.16
N GLU G 423 24.18 45.75 12.14
CA GLU G 423 23.12 45.33 13.04
C GLU G 423 21.83 45.08 12.27
N GLN G 424 21.47 46.01 11.37
CA GLN G 424 20.27 45.82 10.57
C GLN G 424 20.40 44.60 9.66
N VAL G 425 21.58 44.40 9.07
CA VAL G 425 21.78 43.26 8.18
C VAL G 425 21.59 41.96 8.96
N ALA G 426 22.18 41.88 10.14
CA ALA G 426 22.04 40.68 10.95
C ALA G 426 20.59 40.46 11.36
N ASN G 427 19.89 41.54 11.72
CA ASN G 427 18.50 41.41 12.12
C ASN G 427 17.56 41.15 10.94
N GLU G 428 18.04 41.30 9.71
CA GLU G 428 17.22 41.07 8.53
C GLU G 428 17.51 39.76 7.82
N THR G 429 18.77 39.32 7.82
CA THR G 429 19.18 38.11 7.09
C THR G 429 18.77 36.86 7.87
N HIS G 430 17.47 36.72 8.09
CA HIS G 430 16.94 35.56 8.78
C HIS G 430 17.08 34.32 7.90
N GLY G 431 17.53 33.22 8.50
CA GLY G 431 17.69 31.98 7.78
C GLY G 431 18.99 31.84 7.02
N HIS G 432 19.97 32.68 7.28
CA HIS G 432 21.27 32.61 6.63
C HIS G 432 22.28 31.92 7.54
N VAL G 433 23.32 31.36 6.92
CA VAL G 433 24.45 30.78 7.63
C VAL G 433 25.70 31.55 7.27
N GLY G 434 26.84 31.16 7.82
CA GLY G 434 28.07 31.91 7.59
C GLY G 434 28.40 32.03 6.10
N ALA G 435 28.28 30.92 5.37
CA ALA G 435 28.54 30.97 3.93
C ALA G 435 27.59 31.92 3.24
N ASP G 436 26.32 31.91 3.63
CA ASP G 436 25.36 32.82 3.01
C ASP G 436 25.72 34.27 3.31
N LEU G 437 26.18 34.56 4.52
CA LEU G 437 26.56 35.94 4.85
C LEU G 437 27.79 36.37 4.07
N ALA G 438 28.76 35.46 3.90
CA ALA G 438 29.90 35.78 3.05
C ALA G 438 29.46 36.08 1.63
N ALA G 439 28.54 35.27 1.10
CA ALA G 439 28.02 35.52 -0.25
C ALA G 439 27.30 36.86 -0.31
N LEU G 440 26.55 37.21 0.73
CA LEU G 440 25.83 38.47 0.74
C LEU G 440 26.79 39.65 0.71
N CYS G 441 27.83 39.61 1.53
CA CYS G 441 28.81 40.69 1.53
C CYS G 441 29.51 40.78 0.19
N SER G 442 29.85 39.63 -0.40
CA SER G 442 30.47 39.63 -1.72
C SER G 442 29.56 40.28 -2.76
N GLU G 443 28.27 39.93 -2.74
CA GLU G 443 27.34 40.50 -3.71
C GLU G 443 27.19 41.99 -3.53
N ALA G 444 27.13 42.46 -2.28
CA ALA G 444 27.03 43.90 -2.03
C ALA G 444 28.25 44.63 -2.57
N ALA G 445 29.44 44.10 -2.30
CA ALA G 445 30.65 44.70 -2.83
C ALA G 445 30.65 44.69 -4.35
N LEU G 446 30.16 43.60 -4.95
CA LEU G 446 30.12 43.51 -6.40
C LEU G 446 29.19 44.56 -7.00
N GLN G 447 28.04 44.79 -6.38
CA GLN G 447 27.16 45.84 -6.90
C GLN G 447 27.80 47.21 -6.73
N ALA G 448 28.50 47.43 -5.62
CA ALA G 448 29.23 48.68 -5.46
C ALA G 448 30.21 48.88 -6.61
N ILE G 449 30.99 47.84 -6.91
CA ILE G 449 31.95 47.92 -8.01
C ILE G 449 31.24 48.21 -9.32
N ARG G 450 30.13 47.51 -9.58
CA ARG G 450 29.40 47.73 -10.82
C ARG G 450 28.90 49.16 -10.94
N LYS G 451 28.41 49.72 -9.84
CA LYS G 451 27.95 51.10 -9.86
C LYS G 451 29.11 52.05 -10.17
N LYS G 452 30.28 51.80 -9.58
CA LYS G 452 31.46 52.62 -9.82
C LYS G 452 32.42 51.95 -10.80
N MET G 453 31.90 51.21 -11.77
CA MET G 453 32.75 50.49 -12.72
C MET G 453 33.23 51.39 -13.85
N ASP G 454 32.29 51.91 -14.65
CA ASP G 454 32.67 52.64 -15.85
C ASP G 454 33.60 53.80 -15.53
N LEU G 455 33.44 54.42 -14.36
CA LEU G 455 34.35 55.51 -13.98
C LEU G 455 35.77 55.02 -13.85
N ILE G 456 35.97 53.84 -13.26
CA ILE G 456 37.30 53.27 -13.09
C ILE G 456 37.50 52.12 -14.07
N THR G 462 35.97 50.86 -18.65
CA THR G 462 37.21 50.67 -17.92
C THR G 462 38.30 51.60 -18.44
N ILE G 463 38.67 52.59 -17.62
CA ILE G 463 39.68 53.56 -17.98
C ILE G 463 40.85 53.55 -17.01
N ASP G 464 40.58 53.44 -15.70
CA ASP G 464 41.61 53.45 -14.68
C ASP G 464 41.46 52.20 -13.81
N ALA G 465 42.49 51.93 -13.01
CA ALA G 465 42.54 50.75 -12.17
C ALA G 465 42.61 51.09 -10.68
N GLU G 466 43.54 51.95 -10.28
CA GLU G 466 43.74 52.25 -8.86
C GLU G 466 42.71 53.23 -8.29
N VAL G 467 41.92 53.89 -9.15
CA VAL G 467 40.94 54.84 -8.65
C VAL G 467 39.88 54.16 -7.79
N MET G 468 39.79 52.83 -7.84
CA MET G 468 38.80 52.11 -7.06
C MET G 468 39.06 52.17 -5.56
N ASN G 469 40.22 52.67 -5.15
CA ASN G 469 40.55 52.70 -3.72
C ASN G 469 39.48 53.44 -2.92
N SER G 470 38.83 54.42 -3.54
CA SER G 470 37.79 55.20 -2.86
C SER G 470 36.42 54.58 -3.13
N LEU G 471 36.22 53.40 -2.55
CA LEU G 471 34.97 52.66 -2.65
C LEU G 471 34.45 52.37 -1.26
N ALA G 472 33.16 52.67 -1.04
CA ALA G 472 32.52 52.44 0.25
C ALA G 472 31.15 51.84 -0.01
N VAL G 473 30.99 50.54 0.28
CA VAL G 473 29.71 49.89 0.09
C VAL G 473 28.65 50.61 0.91
N THR G 474 27.51 50.89 0.29
CA THR G 474 26.43 51.61 0.92
C THR G 474 25.32 50.66 1.33
N MET G 475 24.40 51.16 2.14
CA MET G 475 23.27 50.36 2.58
C MET G 475 22.47 49.85 1.38
N ASP G 476 22.47 50.60 0.28
CA ASP G 476 21.78 50.12 -0.93
C ASP G 476 22.41 48.84 -1.44
N ASP G 477 23.75 48.75 -1.41
CA ASP G 477 24.41 47.54 -1.87
C ASP G 477 24.00 46.34 -1.05
N PHE G 478 24.00 46.49 0.28
CA PHE G 478 23.62 45.39 1.14
C PHE G 478 22.16 45.01 0.95
N ARG G 479 21.28 46.01 0.79
CA ARG G 479 19.87 45.71 0.57
C ARG G 479 19.67 44.94 -0.74
N TRP G 480 20.36 45.37 -1.79
CA TRP G 480 20.24 44.65 -3.06
C TRP G 480 20.77 43.22 -2.94
N ALA G 481 21.92 43.05 -2.28
CA ALA G 481 22.44 41.71 -2.07
C ALA G 481 21.45 40.85 -1.30
N LEU G 482 20.80 41.44 -0.30
CA LEU G 482 19.78 40.72 0.45
C LEU G 482 18.61 40.32 -0.44
N SER G 483 18.23 41.20 -1.37
CA SER G 483 17.15 40.87 -2.29
C SER G 483 17.50 39.64 -3.13
N GLN G 484 18.72 39.58 -3.64
CA GLN G 484 19.21 38.43 -4.39
C GLN G 484 20.03 37.50 -3.48
N SER G 485 19.35 36.92 -2.49
CA SER G 485 20.02 36.16 -1.45
C SER G 485 19.91 34.65 -1.67
N ASN G 486 18.69 34.12 -1.74
CA ASN G 486 18.46 32.69 -1.82
C ASN G 486 19.18 31.94 -0.69
N PRO G 487 18.81 32.21 0.56
CA PRO G 487 19.44 31.51 1.69
C PRO G 487 19.13 30.02 1.65
N SER G 488 19.89 29.27 2.45
CA SER G 488 19.83 27.82 2.44
C SER G 488 19.21 27.19 3.68
N ALA G 489 19.05 27.96 4.77
CA ALA G 489 18.54 27.42 6.03
C ALA G 489 17.10 27.85 6.29
N LEU G 490 16.37 28.26 5.25
CA LEU G 490 15.00 28.72 5.44
C LEU G 490 14.08 27.61 5.92
N ARG G 491 14.46 26.36 5.75
CA ARG G 491 13.61 25.21 6.05
C ARG G 491 14.13 24.43 7.25
N GLU G 492 14.62 25.12 8.26
CA GLU G 492 15.11 24.51 9.49
C GLU G 492 14.24 24.96 10.65
N THR G 493 14.56 24.45 11.84
CA THR G 493 13.87 24.80 13.07
C THR G 493 14.78 25.70 13.89
N VAL G 494 14.46 26.99 13.93
CA VAL G 494 15.28 27.95 14.66
C VAL G 494 15.11 27.71 16.16
N VAL G 495 16.23 27.62 16.87
CA VAL G 495 16.26 27.37 18.30
C VAL G 495 17.07 28.51 18.91
N GLU G 496 16.39 29.47 19.54
CA GLU G 496 17.07 30.58 20.18
C GLU G 496 16.13 31.21 21.18
N VAL G 497 16.70 32.04 22.06
CA VAL G 497 15.91 32.74 23.07
C VAL G 497 15.08 33.81 22.36
N PRO G 498 13.75 33.76 22.45
CA PRO G 498 12.95 34.79 21.77
C PRO G 498 13.19 36.16 22.37
N GLN G 499 13.06 37.18 21.52
CA GLN G 499 13.21 38.56 21.95
C GLN G 499 11.94 39.13 22.56
N VAL G 500 10.83 38.38 22.54
CA VAL G 500 9.60 38.86 23.13
C VAL G 500 9.76 38.97 24.65
N THR G 501 8.91 39.81 25.25
CA THR G 501 8.90 40.00 26.69
C THR G 501 7.48 40.27 27.14
N TRP G 502 7.27 40.20 28.45
CA TRP G 502 5.94 40.45 29.00
C TRP G 502 5.41 41.83 28.64
N GLU G 503 6.30 42.79 28.35
CA GLU G 503 5.84 44.11 27.96
C GLU G 503 5.07 44.05 26.65
N ASP G 504 5.51 43.23 25.72
CA ASP G 504 4.84 43.13 24.43
C ASP G 504 3.38 42.71 24.59
N ILE G 505 3.06 41.98 25.66
CA ILE G 505 1.70 41.55 25.95
C ILE G 505 1.45 41.83 27.43
N GLY G 506 0.82 42.96 27.72
CA GLY G 506 0.50 43.29 29.10
C GLY G 506 -0.63 42.45 29.64
N GLY G 507 -0.89 42.62 30.93
CA GLY G 507 -1.98 41.92 31.56
C GLY G 507 -1.69 40.44 31.75
N LEU G 508 -2.75 39.72 32.13
CA LEU G 508 -2.66 38.29 32.41
C LEU G 508 -1.58 38.01 33.45
N GLU G 509 -1.63 38.77 34.54
CA GLU G 509 -0.64 38.60 35.60
C GLU G 509 -0.74 37.22 36.23
N ASP G 510 -1.95 36.70 36.40
CA ASP G 510 -2.11 35.36 36.98
C ASP G 510 -1.49 34.30 36.07
N VAL G 511 -1.71 34.41 34.77
CA VAL G 511 -1.11 33.44 33.85
C VAL G 511 0.40 33.59 33.85
N LYS G 512 0.90 34.82 33.96
CA LYS G 512 2.34 35.01 34.08
C LYS G 512 2.89 34.32 35.31
N ARG G 513 2.18 34.44 36.43
CA ARG G 513 2.61 33.78 37.66
C ARG G 513 2.61 32.26 37.50
N GLU G 514 1.57 31.72 36.88
CA GLU G 514 1.51 30.28 36.68
C GLU G 514 2.65 29.79 35.81
N LEU G 515 2.90 30.50 34.70
CA LEU G 515 4.00 30.12 33.82
C LEU G 515 5.34 30.23 34.53
N GLN G 516 5.53 31.28 35.33
CA GLN G 516 6.75 31.41 36.10
C GLN G 516 6.91 30.21 37.02
N GLU G 517 5.87 29.90 37.79
CA GLU G 517 5.96 28.77 38.72
C GLU G 517 6.32 27.49 37.98
N LEU G 518 5.73 27.27 36.80
CA LEU G 518 5.89 26.00 36.13
C LEU G 518 7.16 25.91 35.27
N VAL G 519 7.84 27.03 35.01
CA VAL G 519 9.04 26.98 34.18
C VAL G 519 10.25 27.52 34.93
N GLN G 520 10.16 28.77 35.38
CA GLN G 520 11.32 29.43 35.97
C GLN G 520 11.76 28.76 37.26
N TYR G 521 10.81 28.43 38.15
CA TYR G 521 11.17 27.87 39.44
C TYR G 521 11.96 26.57 39.33
N PRO G 522 11.55 25.58 38.53
CA PRO G 522 12.33 24.33 38.46
C PRO G 522 13.75 24.52 37.96
N VAL G 523 14.05 25.62 37.28
CA VAL G 523 15.40 25.89 36.81
C VAL G 523 16.12 26.91 37.68
N GLU G 524 15.39 27.90 38.20
CA GLU G 524 15.99 28.92 39.07
C GLU G 524 16.06 28.49 40.52
N HIS G 525 15.37 27.42 40.91
CA HIS G 525 15.40 26.97 42.30
C HIS G 525 15.18 25.47 42.40
N PRO G 526 16.05 24.65 41.80
CA PRO G 526 15.88 23.20 41.94
C PRO G 526 15.97 22.73 43.38
N ASP G 527 16.75 23.43 44.21
CA ASP G 527 16.95 22.99 45.58
C ASP G 527 15.63 22.94 46.35
N LYS G 528 14.71 23.86 46.06
CA LYS G 528 13.42 23.83 46.72
C LYS G 528 12.66 22.56 46.37
N PHE G 529 12.64 22.19 45.09
CA PHE G 529 11.94 20.98 44.68
C PHE G 529 12.58 19.74 45.30
N LEU G 530 13.91 19.70 45.35
CA LEU G 530 14.57 18.57 46.01
C LEU G 530 14.21 18.51 47.49
N LYS G 531 14.20 19.66 48.16
CA LYS G 531 13.91 19.69 49.59
C LYS G 531 12.49 19.23 49.87
N PHE G 532 11.52 19.67 49.08
CA PHE G 532 10.13 19.34 49.31
C PHE G 532 9.68 18.10 48.55
N GLY G 533 10.57 17.44 47.82
CA GLY G 533 10.23 16.21 47.15
C GLY G 533 9.08 16.35 46.17
N MET G 534 9.13 17.37 45.33
CA MET G 534 8.09 17.64 44.34
C MET G 534 8.59 17.29 42.94
N THR G 535 7.67 16.94 42.07
CA THR G 535 7.98 16.60 40.69
C THR G 535 7.53 17.75 39.78
N PRO G 536 8.43 18.45 39.10
CA PRO G 536 8.01 19.55 38.24
C PRO G 536 7.04 19.08 37.17
N SER G 537 6.05 19.91 36.87
CA SER G 537 5.09 19.58 35.84
C SER G 537 5.78 19.43 34.48
N LYS G 538 5.33 18.47 33.70
CA LYS G 538 5.95 18.22 32.40
C LYS G 538 5.54 19.26 31.36
N GLY G 539 4.30 19.76 31.42
CA GLY G 539 3.86 20.72 30.43
C GLY G 539 2.53 21.32 30.82
N VAL G 540 2.09 22.26 29.99
CA VAL G 540 0.84 22.98 30.20
C VAL G 540 0.13 23.10 28.87
N LEU G 541 -1.16 23.41 28.92
CA LEU G 541 -1.99 23.55 27.74
C LEU G 541 -2.66 24.92 27.74
N PHE G 542 -2.68 25.56 26.58
CA PHE G 542 -3.37 26.82 26.37
C PHE G 542 -4.59 26.58 25.49
N TYR G 543 -5.74 27.12 25.90
CA TYR G 543 -6.94 27.06 25.08
C TYR G 543 -7.62 28.42 25.12
N GLY G 544 -7.97 28.94 23.94
CA GLY G 544 -8.58 30.24 23.85
C GLY G 544 -8.91 30.63 22.43
N PRO G 545 -9.46 31.83 22.24
CA PRO G 545 -9.85 32.28 20.91
C PRO G 545 -8.64 32.44 20.01
N PRO G 546 -8.82 32.35 18.70
CA PRO G 546 -7.69 32.55 17.79
C PRO G 546 -7.10 33.95 17.92
N GLY G 547 -5.78 34.04 17.78
CA GLY G 547 -5.10 35.32 17.71
C GLY G 547 -5.07 36.10 19.00
N CYS G 548 -5.20 35.43 20.15
CA CYS G 548 -5.20 36.10 21.43
C CYS G 548 -3.81 36.13 22.09
N GLY G 549 -2.78 35.63 21.41
CA GLY G 549 -1.42 35.79 21.88
C GLY G 549 -0.92 34.65 22.74
N LYS G 550 -1.22 33.41 22.34
CA LYS G 550 -0.65 32.26 23.05
C LYS G 550 0.84 32.11 22.74
N THR G 551 1.20 32.23 21.46
CA THR G 551 2.61 32.18 21.09
C THR G 551 3.39 33.30 21.76
N LEU G 552 2.78 34.47 21.90
CA LEU G 552 3.45 35.58 22.57
C LEU G 552 3.78 35.23 24.01
N LEU G 553 2.82 34.63 24.73
CA LEU G 553 3.07 34.25 26.12
C LEU G 553 4.14 33.17 26.21
N ALA G 554 4.09 32.17 25.32
CA ALA G 554 5.09 31.13 25.34
C ALA G 554 6.48 31.71 25.11
N LYS G 555 6.61 32.60 24.13
CA LYS G 555 7.90 33.22 23.86
C LYS G 555 8.35 34.08 25.03
N ALA G 556 7.42 34.80 25.67
CA ALA G 556 7.79 35.65 26.79
C ALA G 556 8.34 34.81 27.94
N ILE G 557 7.67 33.71 28.28
CA ILE G 557 8.16 32.88 29.36
C ILE G 557 9.50 32.27 28.98
N ALA G 558 9.64 31.78 27.75
CA ALA G 558 10.92 31.24 27.32
C ALA G 558 12.02 32.29 27.41
N ASN G 559 11.67 33.55 27.20
CA ASN G 559 12.66 34.63 27.24
C ASN G 559 13.05 34.97 28.68
N GLU G 560 12.09 34.93 29.60
CA GLU G 560 12.40 35.32 30.98
C GLU G 560 13.47 34.42 31.58
N CYS G 561 13.37 33.12 31.34
CA CYS G 561 14.34 32.16 31.88
C CYS G 561 15.53 31.95 30.96
N GLN G 562 15.63 32.70 29.86
CA GLN G 562 16.71 32.56 28.90
C GLN G 562 16.75 31.16 28.30
N ALA G 563 15.62 30.47 28.29
CA ALA G 563 15.53 29.13 27.72
C ALA G 563 15.16 29.22 26.24
N ASN G 564 15.71 28.29 25.47
CA ASN G 564 15.43 28.27 24.04
C ASN G 564 13.93 28.06 23.80
N PHE G 565 13.53 28.20 22.54
CA PHE G 565 12.13 28.10 22.16
C PHE G 565 12.04 27.43 20.81
N ILE G 566 11.29 26.33 20.74
CA ILE G 566 11.07 25.58 19.51
C ILE G 566 9.58 25.59 19.23
N SER G 567 9.21 25.98 18.01
CA SER G 567 7.82 26.08 17.60
C SER G 567 7.51 25.03 16.55
N ILE G 568 6.38 24.34 16.72
CA ILE G 568 5.94 23.31 15.79
C ILE G 568 4.54 23.72 15.34
N LYS G 569 4.47 24.37 14.18
CA LYS G 569 3.20 24.87 13.69
C LYS G 569 2.29 23.73 13.24
N GLY G 570 1.00 24.05 13.11
CA GLY G 570 0.01 23.07 12.71
C GLY G 570 0.28 22.40 11.39
N PRO G 571 0.74 23.12 10.37
CA PRO G 571 1.10 22.45 9.12
C PRO G 571 2.12 21.35 9.30
N GLU G 572 3.03 21.46 10.25
CA GLU G 572 3.99 20.38 10.49
C GLU G 572 3.29 19.11 10.96
N LEU G 573 2.38 19.25 11.92
CA LEU G 573 1.62 18.09 12.38
C LEU G 573 0.78 17.51 11.26
N LEU G 574 0.15 18.37 10.46
CA LEU G 574 -0.66 17.88 9.36
C LEU G 574 0.19 17.15 8.34
N THR G 575 1.39 17.65 8.07
CA THR G 575 2.29 16.96 7.14
C THR G 575 2.69 15.60 7.67
N MET G 576 3.03 15.53 8.96
CA MET G 576 3.39 14.24 9.55
C MET G 576 2.21 13.27 9.46
N TRP G 577 1.00 13.74 9.69
CA TRP G 577 -0.18 12.88 9.62
C TRP G 577 -0.42 12.39 8.20
N PHE G 578 -0.41 13.31 7.23
CA PHE G 578 -0.69 12.93 5.85
C PHE G 578 0.36 11.99 5.30
N GLY G 579 1.63 12.27 5.57
CA GLY G 579 2.71 11.44 5.07
C GLY G 579 2.97 10.19 5.87
N GLU G 580 2.19 9.95 6.92
CA GLU G 580 2.40 8.78 7.78
C GLU G 580 3.83 8.76 8.31
N SER G 581 4.35 9.94 8.66
CA SER G 581 5.70 10.10 9.16
C SER G 581 5.68 10.58 10.61
N GLU G 582 4.80 9.99 11.42
CA GLU G 582 4.74 10.34 12.83
C GLU G 582 6.05 10.04 13.54
N ALA G 583 6.90 9.19 12.97
CA ALA G 583 8.18 8.87 13.58
C ALA G 583 9.08 10.09 13.70
N ASN G 584 8.80 11.15 12.94
CA ASN G 584 9.60 12.37 13.04
C ASN G 584 9.38 13.10 14.35
N VAL G 585 8.38 12.74 15.14
CA VAL G 585 8.17 13.38 16.43
C VAL G 585 9.34 13.13 17.35
N ARG G 586 10.00 11.98 17.22
CA ARG G 586 11.17 11.70 18.04
C ARG G 586 12.27 12.72 17.78
N GLU G 587 12.44 13.12 16.52
CA GLU G 587 13.47 14.11 16.20
C GLU G 587 13.20 15.43 16.91
N ILE G 588 11.93 15.86 16.94
CA ILE G 588 11.59 17.11 17.59
C ILE G 588 11.97 17.08 19.06
N PHE G 589 11.62 16.00 19.75
CA PHE G 589 11.90 15.92 21.18
C PHE G 589 13.38 15.76 21.44
N ASP G 590 14.10 15.03 20.59
CA ASP G 590 15.54 14.94 20.73
C ASP G 590 16.18 16.31 20.60
N LYS G 591 15.74 17.08 19.61
CA LYS G 591 16.28 18.43 19.42
C LYS G 591 15.95 19.31 20.61
N ALA G 592 14.73 19.22 21.13
CA ALA G 592 14.35 20.02 22.29
C ALA G 592 15.20 19.67 23.51
N ARG G 593 15.42 18.37 23.74
CA ARG G 593 16.25 17.95 24.85
C ARG G 593 17.69 18.43 24.67
N GLN G 594 18.20 18.37 23.44
CA GLN G 594 19.57 18.81 23.18
C GLN G 594 19.80 20.26 23.54
N ALA G 595 18.73 21.07 23.58
CA ALA G 595 18.84 22.50 23.85
C ALA G 595 18.25 22.87 25.21
N ALA G 596 18.28 21.94 26.16
CA ALA G 596 17.69 22.20 27.45
C ALA G 596 18.44 23.31 28.18
N PRO G 597 17.76 24.17 28.94
CA PRO G 597 16.30 24.23 29.14
C PRO G 597 15.61 24.81 27.91
N CYS G 598 14.45 24.28 27.53
CA CYS G 598 13.78 24.72 26.33
C CYS G 598 12.28 24.63 26.53
N VAL G 599 11.55 25.42 25.75
CA VAL G 599 10.10 25.48 25.82
C VAL G 599 9.58 25.00 24.47
N LEU G 600 9.26 23.71 24.37
CA LEU G 600 8.73 23.13 23.15
C LEU G 600 7.27 23.52 23.04
N PHE G 601 6.94 24.31 22.02
CA PHE G 601 5.59 24.85 21.85
C PHE G 601 4.94 24.21 20.63
N PHE G 602 3.80 23.56 20.85
CA PHE G 602 3.02 22.97 19.77
C PHE G 602 1.88 23.92 19.45
N ASP G 603 1.98 24.61 18.31
CA ASP G 603 1.09 25.74 18.05
C ASP G 603 -0.37 25.31 17.94
N GLU G 604 -0.63 24.16 17.32
CA GLU G 604 -2.01 23.70 17.12
C GLU G 604 -2.04 22.19 17.32
N LEU G 605 -2.39 21.76 18.53
CA LEU G 605 -2.56 20.34 18.78
C LEU G 605 -3.82 19.78 18.15
N ASP G 606 -4.81 20.62 17.90
CA ASP G 606 -6.08 20.18 17.34
C ASP G 606 -6.09 20.12 15.82
N SER G 607 -4.96 20.43 15.17
CA SER G 607 -4.93 20.44 13.71
C SER G 607 -5.38 19.11 13.15
N ILE G 608 -4.80 18.00 13.64
CA ILE G 608 -5.13 16.69 13.11
C ILE G 608 -6.57 16.33 13.47
N ALA G 609 -7.00 16.65 14.69
CA ALA G 609 -8.38 16.37 15.06
C ALA G 609 -9.36 17.12 14.17
N LYS G 610 -9.09 18.40 13.90
CA LYS G 610 -9.95 19.17 13.01
C LYS G 610 -9.94 18.60 11.60
N ALA G 611 -8.77 18.20 11.10
CA ALA G 611 -8.67 17.70 9.75
C ALA G 611 -9.59 16.51 9.53
N ARG G 612 -9.86 15.73 10.58
CA ARG G 612 -10.74 14.58 10.48
C ARG G 612 -12.21 14.95 10.65
N GLY G 613 -12.52 16.22 10.89
CA GLY G 613 -13.89 16.66 11.06
C GLY G 613 -14.11 17.32 12.40
N GLY G 614 -13.48 16.81 13.44
CA GLY G 614 -13.61 17.36 14.77
C GLY G 614 -14.94 17.03 15.42
N GLY G 617 -16.06 15.10 13.12
CA GLY G 617 -15.08 14.04 13.07
C GLY G 617 -15.56 12.84 12.27
N ASP G 618 -14.68 11.88 12.08
CA ASP G 618 -15.02 10.64 11.38
C ASP G 618 -15.54 9.62 12.40
N GLY G 619 -15.70 8.37 11.98
CA GLY G 619 -16.25 7.34 12.85
C GLY G 619 -15.31 6.83 13.91
N GLY G 620 -14.03 7.21 13.86
CA GLY G 620 -13.05 6.73 14.81
C GLY G 620 -13.06 7.54 16.09
N GLY G 621 -12.11 7.21 16.97
CA GLY G 621 -11.95 7.89 18.22
C GLY G 621 -10.98 9.06 18.14
N ALA G 622 -10.82 9.74 19.27
CA ALA G 622 -9.95 10.91 19.30
C ALA G 622 -8.49 10.55 19.04
N ALA G 623 -8.08 9.33 19.41
CA ALA G 623 -6.68 8.96 19.25
C ALA G 623 -6.28 8.95 17.78
N ASP G 624 -5.03 9.31 17.52
CA ASP G 624 -4.49 9.32 16.17
C ASP G 624 -3.00 8.98 16.26
N ARG G 625 -2.26 9.26 15.19
CA ARG G 625 -0.87 8.83 15.10
C ARG G 625 0.09 9.86 15.72
N VAL G 626 0.05 11.09 15.24
CA VAL G 626 1.00 12.10 15.69
C VAL G 626 0.82 12.38 17.17
N ILE G 627 -0.43 12.53 17.62
CA ILE G 627 -0.67 12.79 19.03
C ILE G 627 -0.22 11.61 19.86
N ASN G 628 -0.39 10.39 19.34
CA ASN G 628 0.07 9.21 20.06
C ASN G 628 1.58 9.23 20.24
N GLN G 629 2.31 9.59 19.19
CA GLN G 629 3.77 9.69 19.32
C GLN G 629 4.16 10.80 20.29
N ILE G 630 3.41 11.90 20.29
CA ILE G 630 3.67 12.96 21.26
C ILE G 630 3.49 12.42 22.67
N LEU G 631 2.42 11.67 22.90
CA LEU G 631 2.20 11.07 24.21
C LEU G 631 3.34 10.14 24.60
N THR G 632 3.78 9.31 23.67
CA THR G 632 4.88 8.39 23.95
C THR G 632 6.13 9.15 24.36
N GLU G 633 6.50 10.17 23.59
CA GLU G 633 7.71 10.94 23.91
C GLU G 633 7.57 11.65 25.25
N MET G 634 6.39 12.23 25.51
CA MET G 634 6.18 12.92 26.77
C MET G 634 6.32 11.97 27.95
N ASP G 635 5.74 10.77 27.84
CA ASP G 635 5.87 9.79 28.92
C ASP G 635 7.31 9.32 29.06
N GLY G 636 8.06 9.25 27.96
CA GLY G 636 9.44 8.80 28.00
C GLY G 636 10.44 9.89 28.28
N MET G 637 10.00 11.05 28.77
CA MET G 637 10.89 12.17 29.07
C MET G 637 11.34 12.12 30.52
N SER G 638 12.53 12.67 30.76
CA SER G 638 13.08 12.77 32.11
C SER G 638 12.80 14.17 32.64
N THR G 639 12.16 14.25 33.81
CA THR G 639 11.77 15.54 34.36
C THR G 639 12.97 16.41 34.72
N LYS G 640 14.16 15.82 34.83
CA LYS G 640 15.34 16.58 35.22
C LYS G 640 15.94 17.37 34.06
N LYS G 641 15.45 17.19 32.84
CA LYS G 641 16.01 17.87 31.68
C LYS G 641 15.43 19.27 31.48
N ASN G 642 14.44 19.67 32.27
CA ASN G 642 13.86 21.01 32.27
C ASN G 642 13.06 21.33 31.01
N VAL G 643 12.97 20.41 30.05
CA VAL G 643 12.18 20.68 28.86
C VAL G 643 10.71 20.80 29.26
N PHE G 644 10.09 21.91 28.87
CA PHE G 644 8.73 22.23 29.27
C PHE G 644 7.85 22.27 28.03
N ILE G 645 6.92 21.34 27.93
CA ILE G 645 6.02 21.26 26.79
C ILE G 645 4.89 22.26 26.97
N ILE G 646 4.48 22.88 25.86
CA ILE G 646 3.33 23.79 25.86
C ILE G 646 2.51 23.49 24.61
N GLY G 647 1.19 23.52 24.78
CA GLY G 647 0.30 23.26 23.66
C GLY G 647 -0.80 24.30 23.60
N ALA G 648 -1.28 24.53 22.38
CA ALA G 648 -2.32 25.52 22.13
C ALA G 648 -3.40 24.91 21.25
N THR G 649 -4.62 25.43 21.40
CA THR G 649 -5.75 24.94 20.64
C THR G 649 -6.92 25.87 20.83
N ASN G 650 -7.69 26.08 19.75
CA ASN G 650 -8.91 26.86 19.82
C ASN G 650 -10.13 26.02 20.16
N ARG G 651 -9.96 24.71 20.32
CA ARG G 651 -11.05 23.80 20.65
C ARG G 651 -10.59 22.91 21.80
N PRO G 652 -10.72 23.36 23.05
CA PRO G 652 -10.30 22.52 24.18
C PRO G 652 -11.05 21.22 24.28
N ASP G 653 -12.18 21.08 23.60
CA ASP G 653 -12.99 19.87 23.69
C ASP G 653 -12.41 18.74 22.83
N ILE G 654 -12.18 19.01 21.55
CA ILE G 654 -11.78 17.95 20.62
C ILE G 654 -10.38 17.44 20.87
N ILE G 655 -9.59 18.11 21.72
CA ILE G 655 -8.27 17.61 22.05
C ILE G 655 -8.40 16.24 22.68
N ASP G 656 -7.46 15.36 22.37
CA ASP G 656 -7.51 13.99 22.88
C ASP G 656 -7.49 14.02 24.40
N PRO G 657 -8.47 13.43 25.09
CA PRO G 657 -8.42 13.41 26.55
C PRO G 657 -7.22 12.67 27.10
N ALA G 658 -6.59 11.80 26.31
CA ALA G 658 -5.46 11.03 26.80
C ALA G 658 -4.23 11.89 27.09
N ILE G 659 -4.23 13.14 26.66
CA ILE G 659 -3.07 14.02 26.85
C ILE G 659 -3.17 14.88 28.09
N LEU G 660 -4.34 14.96 28.72
CA LEU G 660 -4.54 15.82 29.88
C LEU G 660 -4.37 15.09 31.21
N ARG G 661 -4.00 13.81 31.18
CA ARG G 661 -3.83 13.06 32.41
C ARG G 661 -2.60 13.55 33.18
N PRO G 662 -2.52 13.26 34.48
CA PRO G 662 -1.33 13.64 35.23
C PRO G 662 -0.08 13.01 34.62
N GLY G 663 1.03 13.75 34.71
CA GLY G 663 2.24 13.37 34.02
C GLY G 663 2.28 13.80 32.57
N ARG G 664 1.40 14.71 32.18
CA ARG G 664 1.29 15.19 30.81
C ARG G 664 0.82 16.64 30.88
N LEU G 665 0.22 17.15 29.80
CA LEU G 665 -0.28 18.51 29.84
C LEU G 665 -1.48 18.57 30.76
N ASP G 666 -1.22 18.48 32.07
CA ASP G 666 -2.26 18.38 33.08
C ASP G 666 -2.79 19.72 33.53
N GLN G 667 -2.21 20.83 33.06
CA GLN G 667 -2.67 22.16 33.40
C GLN G 667 -3.29 22.81 32.18
N LEU G 668 -4.52 23.28 32.32
CA LEU G 668 -5.22 23.99 31.27
C LEU G 668 -5.34 25.45 31.67
N ILE G 669 -4.75 26.33 30.87
CA ILE G 669 -4.75 27.76 31.13
C ILE G 669 -5.54 28.44 30.02
N TYR G 670 -6.57 29.19 30.41
CA TYR G 670 -7.41 29.89 29.47
C TYR G 670 -6.79 31.24 29.14
N ILE G 671 -6.57 31.50 27.85
CA ILE G 671 -6.01 32.76 27.40
C ILE G 671 -7.16 33.62 26.86
N PRO G 672 -7.79 34.45 27.69
CA PRO G 672 -8.94 35.22 27.20
C PRO G 672 -8.53 36.29 26.20
N LEU G 673 -9.50 37.02 25.67
CA LEU G 673 -9.19 38.16 24.83
C LEU G 673 -8.47 39.22 25.65
N PRO G 674 -7.52 39.93 25.04
CA PRO G 674 -6.75 40.93 25.80
C PRO G 674 -7.66 41.98 26.41
N ASP G 675 -7.36 42.35 27.64
CA ASP G 675 -8.08 43.43 28.31
C ASP G 675 -7.52 44.78 27.86
N GLU G 676 -8.05 45.85 28.44
CA GLU G 676 -7.70 47.19 27.96
C GLU G 676 -6.20 47.44 28.07
N LYS G 677 -5.60 47.12 29.22
CA LYS G 677 -4.18 47.35 29.40
C LYS G 677 -3.38 46.50 28.41
N SER G 678 -3.76 45.23 28.25
CA SER G 678 -3.06 44.38 27.30
C SER G 678 -3.26 44.87 25.87
N ARG G 679 -4.42 45.45 25.57
CA ARG G 679 -4.63 46.02 24.24
C ARG G 679 -3.70 47.21 24.01
N VAL G 680 -3.55 48.07 25.03
CA VAL G 680 -2.63 49.19 24.92
C VAL G 680 -1.21 48.68 24.68
N ALA G 681 -0.80 47.67 25.44
CA ALA G 681 0.54 47.12 25.28
C ALA G 681 0.74 46.53 23.89
N ILE G 682 -0.27 45.81 23.39
CA ILE G 682 -0.18 45.22 22.07
C ILE G 682 -0.04 46.30 21.01
N LEU G 683 -0.86 47.35 21.12
CA LEU G 683 -0.78 48.44 20.14
C LEU G 683 0.60 49.09 20.18
N LYS G 684 1.11 49.36 21.38
CA LYS G 684 2.42 49.99 21.50
C LYS G 684 3.51 49.11 20.89
N ALA G 685 3.46 47.80 21.18
CA ALA G 685 4.46 46.90 20.63
C ALA G 685 4.38 46.82 19.12
N ASN G 686 3.16 46.81 18.57
CA ASN G 686 3.00 46.72 17.13
C ASN G 686 3.60 47.93 16.42
N LEU G 687 3.37 49.12 16.97
CA LEU G 687 3.88 50.35 16.39
C LEU G 687 5.24 50.75 16.94
N ARG G 688 6.02 49.79 17.43
CA ARG G 688 7.33 50.09 18.00
C ARG G 688 8.38 50.32 16.93
N LYS G 689 8.06 50.08 15.66
CA LYS G 689 8.99 50.31 14.56
C LYS G 689 8.52 51.42 13.64
N SER G 690 7.22 51.66 13.53
CA SER G 690 6.69 52.66 12.61
C SER G 690 6.79 54.05 13.22
N PRO G 691 6.97 55.08 12.38
CA PRO G 691 6.97 56.46 12.88
C PRO G 691 5.54 56.96 13.10
N VAL G 692 5.17 57.16 14.35
CA VAL G 692 3.81 57.52 14.73
C VAL G 692 3.84 58.91 15.36
N ALA G 693 2.98 59.79 14.86
CA ALA G 693 2.89 61.13 15.43
C ALA G 693 2.45 61.06 16.88
N LYS G 694 3.07 61.89 17.73
CA LYS G 694 2.69 61.94 19.13
C LYS G 694 1.22 62.32 19.30
N ASP G 695 0.64 62.96 18.28
CA ASP G 695 -0.76 63.37 18.37
C ASP G 695 -1.69 62.18 18.56
N VAL G 696 -1.26 60.99 18.12
CA VAL G 696 -2.10 59.81 18.29
C VAL G 696 -2.23 59.47 19.77
N ASP G 697 -3.31 58.77 20.11
CA ASP G 697 -3.60 58.38 21.50
C ASP G 697 -3.92 56.89 21.52
N LEU G 698 -2.89 56.07 21.70
CA LEU G 698 -3.09 54.62 21.72
C LEU G 698 -4.04 54.22 22.84
N GLU G 699 -4.02 54.93 23.97
CA GLU G 699 -4.94 54.61 25.06
C GLU G 699 -6.38 54.72 24.60
N PHE G 700 -6.70 55.78 23.86
CA PHE G 700 -8.06 55.94 23.34
C PHE G 700 -8.41 54.82 22.37
N LEU G 701 -7.46 54.45 21.50
CA LEU G 701 -7.72 53.39 20.53
C LEU G 701 -8.05 52.08 21.25
N ALA G 702 -7.27 51.74 22.27
CA ALA G 702 -7.56 50.55 23.05
C ALA G 702 -8.90 50.67 23.76
N LYS G 703 -9.21 51.87 24.27
CA LYS G 703 -10.47 52.06 24.98
C LYS G 703 -11.67 51.79 24.09
N MET G 704 -11.62 52.26 22.84
CA MET G 704 -12.74 52.11 21.93
C MET G 704 -12.68 50.82 21.11
N THR G 705 -11.74 49.92 21.41
CA THR G 705 -11.57 48.68 20.65
C THR G 705 -11.75 47.47 21.55
N ASN G 706 -12.69 47.53 22.48
CA ASN G 706 -12.94 46.40 23.36
C ASN G 706 -13.44 45.19 22.57
N GLY G 707 -13.01 44.00 22.98
CA GLY G 707 -13.40 42.77 22.33
C GLY G 707 -12.50 42.34 21.19
N PHE G 708 -11.53 43.17 20.80
CA PHE G 708 -10.63 42.81 19.73
C PHE G 708 -9.55 41.86 20.24
N SER G 709 -9.00 41.08 19.33
CA SER G 709 -7.91 40.17 19.61
C SER G 709 -6.59 40.75 19.13
N GLY G 710 -5.50 40.05 19.44
CA GLY G 710 -4.20 40.51 18.99
C GLY G 710 -4.11 40.64 17.49
N ALA G 711 -4.66 39.67 16.76
CA ALA G 711 -4.63 39.73 15.31
C ALA G 711 -5.38 40.94 14.79
N ASP G 712 -6.53 41.26 15.38
CA ASP G 712 -7.31 42.40 14.91
C ASP G 712 -6.56 43.71 15.12
N LEU G 713 -5.93 43.88 16.28
CA LEU G 713 -5.16 45.09 16.53
C LEU G 713 -3.95 45.17 15.60
N THR G 714 -3.29 44.05 15.35
CA THR G 714 -2.19 44.06 14.40
C THR G 714 -2.67 44.43 13.00
N GLU G 715 -3.85 43.95 12.63
CA GLU G 715 -4.43 44.33 11.34
C GLU G 715 -4.69 45.84 11.29
N ILE G 716 -5.25 46.38 12.37
CA ILE G 716 -5.49 47.83 12.42
C ILE G 716 -4.20 48.58 12.22
N CYS G 717 -3.14 48.16 12.92
CA CYS G 717 -1.87 48.86 12.80
C CYS G 717 -1.29 48.74 11.40
N GLN G 718 -1.36 47.55 10.80
CA GLN G 718 -0.82 47.37 9.45
C GLN G 718 -1.59 48.21 8.44
N ARG G 719 -2.91 48.31 8.61
CA ARG G 719 -3.71 49.13 7.70
C ARG G 719 -3.27 50.59 7.75
N ALA G 720 -3.02 51.10 8.96
CA ALA G 720 -2.63 52.50 9.09
C ALA G 720 -1.34 52.78 8.32
N CYS G 721 -0.36 51.89 8.43
CA CYS G 721 0.88 52.09 7.67
C CYS G 721 0.62 52.05 6.17
N LYS G 722 -0.24 51.14 5.71
CA LYS G 722 -0.51 51.05 4.29
C LYS G 722 -1.10 52.35 3.76
N LEU G 723 -2.07 52.92 4.48
CA LEU G 723 -2.65 54.19 4.05
C LEU G 723 -1.59 55.28 3.99
N ALA G 724 -0.67 55.29 4.96
CA ALA G 724 0.42 56.27 4.93
C ALA G 724 1.30 56.05 3.70
N ILE G 725 1.62 54.79 3.39
CA ILE G 725 2.43 54.51 2.21
C ILE G 725 1.73 54.99 0.96
N ARG G 726 0.43 54.67 0.84
CA ARG G 726 -0.32 55.11 -0.32
C ARG G 726 -0.35 56.64 -0.41
N GLU G 727 -0.59 57.30 0.72
CA GLU G 727 -0.54 58.77 0.73
C GLU G 727 0.85 59.27 0.39
N SER G 728 1.88 58.63 0.94
CA SER G 728 3.24 59.07 0.68
C SER G 728 3.61 58.92 -0.80
N ILE G 729 3.25 57.78 -1.40
CA ILE G 729 3.68 57.50 -2.77
C ILE G 729 3.09 58.53 -3.72
N GLU G 730 1.79 58.78 -3.63
CA GLU G 730 1.15 59.70 -4.55
C GLU G 730 1.77 61.10 -4.47
N SER G 731 2.30 61.47 -3.31
CA SER G 731 2.94 62.77 -3.19
C SER G 731 4.20 62.86 -4.03
N GLU G 732 4.96 61.76 -4.12
CA GLU G 732 6.14 61.75 -4.97
C GLU G 732 5.76 61.94 -6.44
N ILE G 733 4.68 61.29 -6.87
CA ILE G 733 4.22 61.48 -8.25
C ILE G 733 3.70 62.90 -8.45
N ARG G 734 3.12 63.50 -7.41
CA ARG G 734 2.75 64.91 -7.50
C ARG G 734 3.99 65.79 -7.68
N ARG G 735 5.07 65.46 -6.98
CA ARG G 735 6.32 66.19 -7.18
C ARG G 735 6.82 66.01 -8.61
N GLU G 736 6.66 64.81 -9.17
CA GLU G 736 7.01 64.60 -10.57
C GLU G 736 6.17 65.46 -11.50
N ARG G 737 4.87 65.58 -11.21
CA ARG G 737 4.00 66.47 -11.98
C ARG G 737 4.50 67.90 -11.88
N GLU G 738 4.92 68.32 -10.68
CA GLU G 738 5.48 69.66 -10.52
C GLU G 738 6.72 69.83 -11.37
N ARG G 739 7.59 68.82 -11.40
CA ARG G 739 8.80 68.88 -12.23
C ARG G 739 8.44 69.04 -13.70
N GLN G 740 7.44 68.30 -14.17
CA GLN G 740 7.10 68.31 -15.59
C GLN G 740 6.40 69.61 -15.98
N THR G 741 5.24 69.89 -15.35
CA THR G 741 4.48 71.07 -15.71
C THR G 741 5.22 72.35 -15.38
N ASN G 742 5.90 72.39 -14.22
CA ASN G 742 6.59 73.58 -13.74
C ASN G 742 8.01 73.19 -13.34
N PRO G 743 8.88 72.91 -14.31
CA PRO G 743 10.26 72.51 -13.96
C PRO G 743 11.02 73.58 -13.20
N SER G 744 10.66 74.85 -13.36
CA SER G 744 11.33 75.93 -12.65
C SER G 744 11.07 75.85 -11.15
N GLU G 750 12.76 71.17 -0.72
CA GLU G 750 11.85 70.03 -0.62
C GLU G 750 11.77 69.53 0.82
N ASP G 751 10.63 68.94 1.18
CA ASP G 751 10.43 68.40 2.50
C ASP G 751 9.47 67.23 2.42
N ASP G 752 9.51 66.37 3.43
CA ASP G 752 8.71 65.16 3.42
C ASP G 752 7.23 65.50 3.46
N PRO G 753 6.42 65.04 2.51
CA PRO G 753 4.98 65.33 2.56
C PRO G 753 4.34 64.76 3.82
N VAL G 754 4.50 63.46 4.03
CA VAL G 754 4.00 62.79 5.23
C VAL G 754 5.19 62.18 5.97
N PRO G 755 5.66 62.78 7.06
CA PRO G 755 6.83 62.22 7.75
C PRO G 755 6.53 61.04 8.64
N GLU G 756 5.28 60.88 9.10
CA GLU G 756 4.96 59.82 10.03
C GLU G 756 3.46 59.53 9.95
N ILE G 757 3.09 58.35 10.43
CA ILE G 757 1.67 58.00 10.50
C ILE G 757 0.94 59.06 11.32
N ARG G 758 -0.32 59.27 11.00
CA ARG G 758 -1.06 60.42 11.49
C ARG G 758 -2.43 60.01 12.01
N ARG G 759 -2.97 60.85 12.90
CA ARG G 759 -4.33 60.71 13.39
C ARG G 759 -5.29 60.33 12.28
N ASP G 760 -5.19 61.02 11.14
CA ASP G 760 -6.13 60.79 10.05
C ASP G 760 -6.04 59.37 9.53
N HIS G 761 -4.82 58.84 9.38
CA HIS G 761 -4.67 57.49 8.87
C HIS G 761 -5.37 56.48 9.77
N PHE G 762 -5.08 56.53 11.07
CA PHE G 762 -5.74 55.61 12.00
C PHE G 762 -7.24 55.81 11.98
N GLU G 763 -7.71 57.04 11.79
CA GLU G 763 -9.14 57.26 11.68
C GLU G 763 -9.71 56.53 10.47
N GLU G 764 -9.02 56.57 9.34
CA GLU G 764 -9.44 55.83 8.16
C GLU G 764 -9.03 54.36 8.20
N ALA G 765 -7.99 54.03 8.96
CA ALA G 765 -7.52 52.65 9.00
C ALA G 765 -8.51 51.73 9.70
N MET G 766 -9.19 52.21 10.73
CA MET G 766 -10.20 51.43 11.41
C MET G 766 -11.53 51.41 10.65
N ARG G 767 -11.55 51.93 9.42
CA ARG G 767 -12.67 51.73 8.53
C ARG G 767 -12.87 50.26 8.19
N PHE G 768 -11.83 49.43 8.34
CA PHE G 768 -11.88 48.02 8.01
C PHE G 768 -11.52 47.18 9.23
N ALA G 769 -12.08 47.53 10.39
CA ALA G 769 -11.82 46.80 11.63
C ALA G 769 -13.02 45.95 11.98
N ARG G 770 -12.81 44.65 12.11
CA ARG G 770 -13.89 43.71 12.43
C ARG G 770 -13.39 42.73 13.47
N ARG G 771 -14.22 42.46 14.47
CA ARG G 771 -13.84 41.52 15.53
C ARG G 771 -13.83 40.10 14.96
N SER G 772 -12.66 39.49 14.92
CA SER G 772 -12.53 38.16 14.33
C SER G 772 -13.34 37.12 15.10
N VAL G 773 -13.31 37.20 16.43
CA VAL G 773 -14.02 36.25 17.28
C VAL G 773 -15.31 36.90 17.75
N SER G 774 -16.43 36.23 17.50
CA SER G 774 -17.73 36.79 17.82
C SER G 774 -18.05 36.59 19.31
N ASP G 775 -18.99 37.41 19.80
CA ASP G 775 -19.49 37.22 21.15
C ASP G 775 -20.07 35.82 21.32
N ASN G 776 -20.53 35.21 20.23
CA ASN G 776 -21.04 33.85 20.29
C ASN G 776 -19.93 32.83 20.52
N ASP G 777 -18.72 33.12 20.03
CA ASP G 777 -17.63 32.15 20.15
C ASP G 777 -16.96 32.20 21.50
N ILE G 778 -16.70 33.40 22.03
CA ILE G 778 -16.11 33.54 23.36
C ILE G 778 -16.96 32.80 24.39
N ARG G 779 -18.24 32.59 24.09
CA ARG G 779 -19.12 31.83 24.97
C ARG G 779 -18.49 30.48 25.31
N LYS G 780 -18.05 29.75 24.29
CA LYS G 780 -17.55 28.40 24.51
C LYS G 780 -16.35 28.38 25.44
N TYR G 781 -15.38 29.28 25.21
CA TYR G 781 -14.18 29.26 26.04
C TYR G 781 -14.49 29.69 27.47
N GLU G 782 -15.18 30.82 27.63
CA GLU G 782 -15.54 31.26 28.97
C GLU G 782 -16.33 30.18 29.70
N MET G 783 -17.16 29.44 28.96
CA MET G 783 -18.06 28.46 29.54
C MET G 783 -17.30 27.20 29.95
N PHE G 784 -16.33 26.76 29.15
CA PHE G 784 -15.46 25.66 29.58
C PHE G 784 -14.68 26.05 30.83
N ALA G 785 -14.16 27.28 30.86
CA ALA G 785 -13.42 27.74 32.04
C ALA G 785 -14.31 27.72 33.27
N GLN G 786 -15.51 28.27 33.16
CA GLN G 786 -16.43 28.29 34.29
C GLN G 786 -16.81 26.88 34.72
N THR G 787 -17.03 25.99 33.76
CA THR G 787 -17.37 24.61 34.09
C THR G 787 -16.24 23.95 34.87
N LEU G 788 -15.00 24.15 34.43
CA LEU G 788 -13.87 23.58 35.16
C LEU G 788 -13.78 24.17 36.56
N GLN G 789 -13.97 25.48 36.68
CA GLN G 789 -13.83 26.13 37.99
C GLN G 789 -14.90 25.67 38.96
N GLN G 790 -16.17 25.66 38.53
CA GLN G 790 -17.27 25.35 39.43
C GLN G 790 -17.15 23.95 40.02
N SER G 791 -16.39 23.06 39.37
CA SER G 791 -16.15 21.74 39.95
C SER G 791 -15.37 21.80 41.25
N ARG G 792 -14.74 22.94 41.55
CA ARG G 792 -13.95 23.07 42.77
C ARG G 792 -14.85 23.36 43.96
N GLY G 793 -15.88 22.53 44.16
CA GLY G 793 -16.79 22.74 45.27
C GLY G 793 -16.20 22.35 46.62
N PHE G 794 -15.17 21.52 46.63
CA PHE G 794 -14.57 21.04 47.87
C PHE G 794 -13.62 22.11 48.40
N GLY G 795 -14.21 23.18 48.91
CA GLY G 795 -13.46 24.27 49.51
C GLY G 795 -13.89 24.45 50.96
N SER G 796 -13.24 25.41 51.62
CA SER G 796 -13.48 25.76 53.02
C SER G 796 -13.06 24.65 53.97
N PHE G 797 -12.46 23.56 53.47
CA PHE G 797 -11.95 22.50 54.32
C PHE G 797 -11.06 23.07 55.42
N ARG G 798 -11.48 22.90 56.67
CA ARG G 798 -10.77 23.44 57.82
C ARG G 798 -10.33 22.29 58.71
N PHE G 799 -9.06 22.29 59.08
CA PHE G 799 -8.56 21.26 59.98
C PHE G 799 -9.22 21.40 61.35
N PRO G 800 -9.05 20.40 62.23
CA PRO G 800 -9.69 20.43 63.55
C PRO G 800 -9.29 21.65 64.37
N ASN H 225 44.58 -5.18 34.44
CA ASN H 225 44.11 -5.71 33.12
C ASN H 225 43.38 -7.04 33.28
N GLU H 226 43.50 -7.64 34.46
CA GLU H 226 42.79 -8.88 34.79
C GLU H 226 41.60 -8.55 35.67
N VAL H 227 40.40 -8.79 35.16
CA VAL H 227 39.17 -8.41 35.84
C VAL H 227 38.64 -9.59 36.63
N GLY H 228 37.79 -9.28 37.62
CA GLY H 228 37.17 -10.31 38.43
C GLY H 228 35.71 -9.97 38.69
N TYR H 229 35.03 -10.93 39.34
CA TYR H 229 33.61 -10.74 39.62
C TYR H 229 33.35 -9.46 40.40
N ASP H 230 34.28 -9.07 41.27
CA ASP H 230 34.07 -7.87 42.07
C ASP H 230 33.88 -6.65 41.18
N ASP H 231 34.67 -6.53 40.13
CA ASP H 231 34.54 -5.38 39.22
C ASP H 231 33.17 -5.36 38.55
N ILE H 232 32.69 -6.53 38.14
CA ILE H 232 31.40 -6.59 37.46
C ILE H 232 30.31 -6.12 38.40
N GLY H 233 29.51 -5.14 37.93
CA GLY H 233 28.41 -4.64 38.71
C GLY H 233 27.19 -4.44 37.83
N GLY H 234 26.08 -4.11 38.48
CA GLY H 234 24.82 -3.86 37.81
C GLY H 234 23.94 -5.09 37.66
N CYS H 235 24.54 -6.21 37.28
CA CYS H 235 23.82 -7.46 37.06
C CYS H 235 24.28 -8.49 38.08
N ARG H 236 23.33 -9.05 38.82
CA ARG H 236 23.60 -10.09 39.81
C ARG H 236 22.90 -11.40 39.48
N LYS H 237 21.60 -11.35 39.19
CA LYS H 237 20.89 -12.57 38.80
C LYS H 237 21.47 -13.14 37.51
N GLN H 238 21.72 -12.28 36.53
CA GLN H 238 22.30 -12.74 35.28
C GLN H 238 23.71 -13.28 35.48
N LEU H 239 24.49 -12.63 36.34
CA LEU H 239 25.83 -13.13 36.62
C LEU H 239 25.77 -14.51 37.27
N ALA H 240 24.84 -14.71 38.20
CA ALA H 240 24.69 -16.02 38.81
C ALA H 240 24.27 -17.07 37.79
N GLN H 241 23.35 -16.70 36.89
CA GLN H 241 22.94 -17.63 35.84
C GLN H 241 24.13 -18.03 34.98
N ILE H 242 24.93 -17.06 34.55
CA ILE H 242 26.08 -17.36 33.71
C ILE H 242 27.08 -18.22 34.49
N LYS H 243 27.25 -17.93 35.78
CA LYS H 243 28.17 -18.71 36.59
C LYS H 243 27.74 -20.17 36.65
N GLU H 244 26.49 -20.41 37.01
CA GLU H 244 26.02 -21.79 37.09
C GLU H 244 26.09 -22.47 35.73
N MET H 245 25.91 -21.70 34.65
CA MET H 245 25.98 -22.30 33.31
C MET H 245 27.40 -22.72 32.96
N VAL H 246 28.38 -21.88 33.25
CA VAL H 246 29.69 -21.97 32.63
C VAL H 246 30.74 -22.51 33.60
N GLU H 247 30.79 -21.98 34.82
CA GLU H 247 31.91 -22.27 35.72
C GLU H 247 32.01 -23.75 36.02
N LEU H 248 30.90 -24.41 36.31
CA LEU H 248 30.96 -25.82 36.68
C LEU H 248 31.51 -26.69 35.57
N PRO H 249 30.99 -26.64 34.33
CA PRO H 249 31.59 -27.47 33.28
C PRO H 249 33.04 -27.17 33.01
N LEU H 250 33.45 -25.90 33.12
CA LEU H 250 34.83 -25.55 32.82
C LEU H 250 35.78 -25.98 33.94
N ARG H 251 35.36 -25.80 35.19
CA ARG H 251 36.24 -26.06 36.33
C ARG H 251 36.28 -27.54 36.72
N HIS H 252 35.45 -28.39 36.12
CA HIS H 252 35.47 -29.83 36.40
C HIS H 252 35.17 -30.58 35.12
N PRO H 253 36.10 -30.56 34.15
CA PRO H 253 35.84 -31.24 32.87
C PRO H 253 35.53 -32.72 33.03
N ALA H 254 36.19 -33.39 33.97
CA ALA H 254 35.98 -34.84 34.12
C ALA H 254 34.55 -35.15 34.53
N LEU H 255 33.97 -34.33 35.41
CA LEU H 255 32.62 -34.58 35.89
C LEU H 255 31.64 -34.67 34.73
N PHE H 256 31.65 -33.67 33.85
CA PHE H 256 30.73 -33.68 32.72
C PHE H 256 31.06 -34.80 31.74
N LYS H 257 32.37 -35.03 31.51
CA LYS H 257 32.76 -36.14 30.64
C LYS H 257 32.33 -37.48 31.23
N ALA H 258 32.52 -37.65 32.55
CA ALA H 258 32.10 -38.88 33.20
C ALA H 258 30.58 -39.01 33.20
N ILE H 259 29.88 -37.95 33.60
CA ILE H 259 28.44 -37.97 33.63
C ILE H 259 27.91 -37.87 32.19
N GLY H 260 26.69 -38.39 31.98
CA GLY H 260 26.06 -38.28 30.69
C GLY H 260 25.32 -36.98 30.50
N VAL H 261 26.07 -35.89 30.35
CA VAL H 261 25.50 -34.55 30.26
C VAL H 261 26.05 -33.86 29.02
N LYS H 262 25.27 -32.94 28.47
CA LYS H 262 25.70 -32.11 27.35
C LYS H 262 26.16 -30.77 27.89
N PRO H 263 27.46 -30.45 27.87
CA PRO H 263 27.89 -29.13 28.32
C PRO H 263 27.46 -28.05 27.35
N PRO H 264 27.30 -26.82 27.82
CA PRO H 264 26.90 -25.74 26.91
C PRO H 264 27.96 -25.50 25.84
N ARG H 265 27.50 -25.11 24.65
CA ARG H 265 28.38 -24.84 23.52
C ARG H 265 28.39 -23.35 23.16
N GLY H 266 27.21 -22.76 22.95
CA GLY H 266 27.13 -21.35 22.62
C GLY H 266 26.12 -20.62 23.49
N ILE H 267 26.58 -19.59 24.20
CA ILE H 267 25.74 -18.79 25.07
C ILE H 267 25.61 -17.41 24.46
N LEU H 268 24.38 -16.97 24.23
CA LEU H 268 24.10 -15.71 23.57
C LEU H 268 23.57 -14.72 24.59
N LEU H 269 24.39 -13.74 24.95
CA LEU H 269 23.99 -12.67 25.85
C LEU H 269 23.52 -11.49 25.00
N TYR H 270 22.31 -10.99 25.28
CA TYR H 270 21.84 -9.80 24.60
C TYR H 270 21.36 -8.76 25.60
N GLY H 271 21.45 -7.51 25.19
CA GLY H 271 21.04 -6.38 25.99
C GLY H 271 21.47 -5.10 25.31
N PRO H 272 20.98 -3.95 25.80
CA PRO H 272 21.38 -2.69 25.19
C PRO H 272 22.88 -2.49 25.31
N PRO H 273 23.49 -1.83 24.33
CA PRO H 273 24.95 -1.70 24.35
C PRO H 273 25.43 -0.86 25.51
N GLY H 274 26.66 -1.14 25.94
CA GLY H 274 27.28 -0.41 27.02
C GLY H 274 26.99 -0.93 28.40
N THR H 275 26.56 -2.18 28.53
CA THR H 275 26.29 -2.81 29.82
C THR H 275 27.46 -3.63 30.32
N GLY H 276 28.65 -3.44 29.74
CA GLY H 276 29.82 -4.17 30.19
C GLY H 276 29.73 -5.67 29.96
N LYS H 277 29.24 -6.07 28.79
CA LYS H 277 29.12 -7.50 28.50
C LYS H 277 30.48 -8.13 28.25
N THR H 278 31.33 -7.46 27.46
CA THR H 278 32.68 -7.98 27.26
C THR H 278 33.43 -8.08 28.58
N LEU H 279 33.21 -7.12 29.47
CA LEU H 279 33.80 -7.20 30.80
C LEU H 279 33.27 -8.42 31.55
N ILE H 280 31.98 -8.72 31.41
CA ILE H 280 31.41 -9.89 32.06
C ILE H 280 32.10 -11.15 31.56
N ALA H 281 32.27 -11.26 30.24
CA ALA H 281 32.93 -12.44 29.68
C ALA H 281 34.37 -12.54 30.16
N ARG H 282 35.09 -11.43 30.18
CA ARG H 282 36.47 -11.44 30.65
C ARG H 282 36.54 -11.88 32.11
N ALA H 283 35.65 -11.35 32.94
CA ALA H 283 35.66 -11.72 34.35
C ALA H 283 35.37 -13.19 34.54
N VAL H 284 34.39 -13.73 33.81
CA VAL H 284 34.05 -15.14 33.95
C VAL H 284 35.24 -15.99 33.52
N ALA H 285 35.86 -15.65 32.38
CA ALA H 285 36.99 -16.44 31.90
C ALA H 285 38.15 -16.40 32.88
N ASN H 286 38.46 -15.21 33.41
CA ASN H 286 39.58 -15.08 34.34
C ASN H 286 39.32 -15.85 35.62
N GLU H 287 38.15 -15.65 36.23
CA GLU H 287 37.85 -16.33 37.48
C GLU H 287 37.82 -17.84 37.30
N THR H 288 37.25 -18.31 36.21
CA THR H 288 37.26 -19.74 35.90
C THR H 288 38.62 -20.22 35.40
N GLY H 289 39.52 -19.31 35.06
CA GLY H 289 40.86 -19.68 34.63
C GLY H 289 40.95 -20.20 33.22
N ALA H 290 39.89 -20.10 32.43
CA ALA H 290 39.91 -20.59 31.06
C ALA H 290 40.53 -19.56 30.13
N PHE H 291 41.22 -20.05 29.11
CA PHE H 291 41.81 -19.17 28.12
C PHE H 291 40.72 -18.34 27.45
N PHE H 292 40.95 -17.04 27.35
CA PHE H 292 39.97 -16.10 26.84
C PHE H 292 40.41 -15.54 25.50
N PHE H 293 39.46 -15.39 24.58
CA PHE H 293 39.71 -14.83 23.26
C PHE H 293 38.61 -13.83 22.94
N LEU H 294 38.98 -12.77 22.22
CA LEU H 294 38.05 -11.71 21.84
C LEU H 294 38.04 -11.57 20.32
N ILE H 295 36.84 -11.40 19.77
CA ILE H 295 36.66 -11.21 18.33
C ILE H 295 35.68 -10.06 18.15
N ASN H 296 36.18 -8.93 17.66
CA ASN H 296 35.34 -7.76 17.40
C ASN H 296 34.79 -7.88 15.98
N GLY H 297 33.47 -7.83 15.86
CA GLY H 297 32.82 -8.03 14.58
C GLY H 297 33.31 -7.06 13.52
N PRO H 298 33.31 -5.77 13.83
CA PRO H 298 33.85 -4.80 12.86
C PRO H 298 35.29 -5.09 12.47
N GLU H 299 36.11 -5.52 13.43
CA GLU H 299 37.50 -5.84 13.11
C GLU H 299 37.57 -7.00 12.11
N ILE H 300 36.77 -8.04 12.32
CA ILE H 300 36.78 -9.18 11.40
C ILE H 300 36.28 -8.75 10.03
N MET H 301 35.21 -7.95 9.98
CA MET H 301 34.66 -7.53 8.69
C MET H 301 35.55 -6.53 7.99
N SER H 302 36.47 -5.89 8.70
CA SER H 302 37.37 -4.92 8.06
C SER H 302 38.31 -5.60 7.08
N LYS H 303 38.74 -6.82 7.40
CA LYS H 303 39.73 -7.50 6.57
C LYS H 303 39.17 -7.77 5.17
N LEU H 304 40.08 -7.86 4.20
CA LEU H 304 39.70 -8.21 2.85
C LEU H 304 39.17 -9.64 2.81
N ALA H 305 38.29 -9.91 1.86
CA ALA H 305 37.67 -11.22 1.75
C ALA H 305 38.74 -12.29 1.65
N GLY H 306 38.56 -13.36 2.42
CA GLY H 306 39.57 -14.41 2.51
C GLY H 306 40.41 -14.25 3.76
N GLU H 307 40.76 -13.01 4.09
CA GLU H 307 41.47 -12.74 5.33
C GLU H 307 40.55 -12.80 6.54
N SER H 308 39.29 -12.41 6.37
CA SER H 308 38.32 -12.55 7.46
C SER H 308 38.11 -14.01 7.83
N GLU H 309 38.01 -14.88 6.83
CA GLU H 309 37.89 -16.30 7.07
C GLU H 309 39.12 -16.83 7.80
N SER H 310 40.30 -16.40 7.37
CA SER H 310 41.53 -16.83 8.03
C SER H 310 41.54 -16.39 9.48
N ASN H 311 41.13 -15.16 9.76
CA ASN H 311 41.12 -14.67 11.12
C ASN H 311 40.17 -15.47 11.99
N LEU H 312 38.96 -15.74 11.49
CA LEU H 312 37.99 -16.49 12.28
C LEU H 312 38.49 -17.91 12.55
N ARG H 313 39.00 -18.58 11.51
CA ARG H 313 39.50 -19.94 11.69
C ARG H 313 40.66 -19.97 12.67
N LYS H 314 41.58 -19.00 12.56
CA LYS H 314 42.71 -18.95 13.47
C LYS H 314 42.23 -18.73 14.90
N ALA H 315 41.27 -17.84 15.10
CA ALA H 315 40.76 -17.59 16.44
C ALA H 315 40.19 -18.87 17.04
N PHE H 316 39.35 -19.58 16.29
CA PHE H 316 38.76 -20.80 16.83
C PHE H 316 39.83 -21.86 17.07
N GLU H 317 40.82 -21.96 16.18
CA GLU H 317 41.89 -22.94 16.38
C GLU H 317 42.69 -22.65 17.63
N GLU H 318 43.03 -21.39 17.87
CA GLU H 318 43.76 -21.03 19.08
C GLU H 318 42.91 -21.31 20.31
N ALA H 319 41.61 -21.00 20.25
CA ALA H 319 40.75 -21.31 21.38
C ALA H 319 40.75 -22.80 21.68
N GLU H 320 40.71 -23.63 20.64
CA GLU H 320 40.79 -25.07 20.84
C GLU H 320 42.14 -25.46 21.43
N LYS H 321 43.22 -24.84 20.98
CA LYS H 321 44.56 -25.25 21.39
C LYS H 321 44.73 -25.17 22.90
N ASN H 322 44.23 -24.10 23.51
CA ASN H 322 44.40 -23.87 24.95
C ASN H 322 43.17 -24.31 25.74
N ALA H 323 42.55 -25.41 25.32
CA ALA H 323 41.36 -25.88 26.01
C ALA H 323 41.66 -26.13 27.49
N PRO H 324 40.77 -25.76 28.40
CA PRO H 324 39.45 -25.11 28.19
C PRO H 324 39.59 -23.65 27.77
N ALA H 325 38.64 -23.13 27.00
CA ALA H 325 38.74 -21.77 26.50
C ALA H 325 37.34 -21.20 26.31
N ILE H 326 37.27 -19.87 26.26
CA ILE H 326 36.04 -19.14 26.00
C ILE H 326 36.30 -18.15 24.87
N ILE H 327 35.44 -18.18 23.86
CA ILE H 327 35.53 -17.27 22.72
C ILE H 327 34.39 -16.28 22.82
N PHE H 328 34.73 -14.98 22.82
CA PHE H 328 33.74 -13.92 22.86
C PHE H 328 33.74 -13.20 21.52
N ILE H 329 32.58 -13.14 20.88
CA ILE H 329 32.43 -12.43 19.62
C ILE H 329 31.63 -11.15 19.87
N ASP H 330 32.33 -10.06 20.16
CA ASP H 330 31.66 -8.80 20.43
C ASP H 330 31.01 -8.27 19.16
N GLU H 331 29.81 -7.70 19.31
CA GLU H 331 29.05 -7.19 18.18
C GLU H 331 28.86 -8.28 17.12
N LEU H 332 28.23 -9.37 17.55
CA LEU H 332 28.02 -10.50 16.65
C LEU H 332 27.12 -10.10 15.49
N ASP H 333 26.07 -9.31 15.75
CA ASP H 333 25.13 -8.97 14.70
C ASP H 333 25.82 -8.33 13.51
N ALA H 334 26.91 -7.58 13.75
CA ALA H 334 27.67 -7.01 12.65
C ALA H 334 28.25 -8.12 11.76
N ILE H 335 28.48 -9.30 12.32
CA ILE H 335 28.98 -10.41 11.52
C ILE H 335 27.83 -11.15 10.85
N ALA H 336 26.75 -11.40 11.58
CA ALA H 336 25.61 -12.18 11.09
C ALA H 336 24.32 -11.43 11.37
N PRO H 337 24.07 -10.34 10.66
CA PRO H 337 22.80 -9.62 10.83
C PRO H 337 21.64 -10.37 10.20
N LYS H 338 20.47 -9.75 10.15
CA LYS H 338 19.31 -10.37 9.50
C LYS H 338 19.72 -10.93 8.14
N ARG H 339 19.26 -12.15 7.86
CA ARG H 339 19.71 -12.84 6.65
C ARG H 339 19.41 -12.00 5.40
N GLU H 340 18.20 -11.49 5.29
CA GLU H 340 17.86 -10.66 4.14
C GLU H 340 18.75 -9.43 4.06
N LYS H 341 19.23 -8.95 5.19
CA LYS H 341 20.03 -7.72 5.20
C LYS H 341 21.30 -7.89 4.38
N THR H 342 21.98 -9.02 4.51
CA THR H 342 23.21 -9.24 3.77
C THR H 342 22.91 -9.27 2.27
N HIS H 343 23.70 -8.51 1.51
CA HIS H 343 23.50 -8.39 0.07
C HIS H 343 24.57 -9.15 -0.72
N GLY H 344 25.84 -8.87 -0.46
CA GLY H 344 26.90 -9.50 -1.21
C GLY H 344 27.09 -10.96 -0.83
N GLU H 345 27.88 -11.65 -1.66
CA GLU H 345 28.16 -13.06 -1.41
C GLU H 345 29.13 -13.25 -0.25
N VAL H 346 30.00 -12.27 -0.01
CA VAL H 346 31.01 -12.42 1.03
C VAL H 346 30.37 -12.48 2.41
N GLU H 347 29.32 -11.69 2.63
CA GLU H 347 28.64 -11.70 3.92
C GLU H 347 28.02 -13.07 4.20
N ARG H 348 27.31 -13.62 3.21
CA ARG H 348 26.74 -14.95 3.36
C ARG H 348 27.83 -15.98 3.55
N ARG H 349 28.95 -15.83 2.84
CA ARG H 349 30.05 -16.78 2.96
C ARG H 349 30.60 -16.79 4.39
N ILE H 350 30.83 -15.61 4.96
CA ILE H 350 31.40 -15.55 6.30
C ILE H 350 30.39 -16.05 7.33
N VAL H 351 29.11 -15.75 7.14
CA VAL H 351 28.10 -16.24 8.07
C VAL H 351 28.05 -17.76 8.03
N SER H 352 28.10 -18.34 6.83
CA SER H 352 28.10 -19.79 6.71
C SER H 352 29.34 -20.39 7.34
N GLN H 353 30.49 -19.73 7.18
CA GLN H 353 31.70 -20.21 7.82
C GLN H 353 31.58 -20.20 9.34
N LEU H 354 30.99 -19.14 9.89
CA LEU H 354 30.77 -19.08 11.34
C LEU H 354 29.86 -20.22 11.77
N LEU H 355 28.79 -20.47 11.02
CA LEU H 355 27.90 -21.57 11.37
C LEU H 355 28.62 -22.90 11.34
N THR H 356 29.42 -23.14 10.30
CA THR H 356 30.16 -24.39 10.20
C THR H 356 31.13 -24.55 11.37
N LEU H 357 31.82 -23.48 11.74
CA LEU H 357 32.75 -23.54 12.86
C LEU H 357 32.01 -23.82 14.16
N MET H 358 30.82 -23.25 14.33
CA MET H 358 30.07 -23.45 15.56
C MET H 358 29.75 -24.92 15.77
N ASP H 359 29.31 -25.61 14.71
CA ASP H 359 28.95 -27.01 14.82
C ASP H 359 30.16 -27.93 14.93
N GLY H 360 31.37 -27.42 14.75
CA GLY H 360 32.57 -28.21 14.92
C GLY H 360 33.16 -28.07 16.30
N LEU H 361 32.29 -27.87 17.30
CA LEU H 361 32.73 -27.68 18.67
C LEU H 361 32.78 -28.97 19.47
N LYS H 362 31.99 -29.98 19.09
CA LYS H 362 31.99 -31.23 19.84
C LYS H 362 33.36 -31.88 19.80
N GLN H 363 33.99 -31.91 18.62
CA GLN H 363 35.32 -32.47 18.50
C GLN H 363 36.34 -31.72 19.36
N ARG H 364 36.05 -30.48 19.72
CA ARG H 364 36.94 -29.69 20.55
C ARG H 364 36.77 -30.10 22.02
N ALA H 365 37.35 -29.33 22.92
CA ALA H 365 37.34 -29.65 24.36
C ALA H 365 36.88 -28.42 25.14
N HIS H 366 35.61 -28.42 25.55
CA HIS H 366 35.08 -27.42 26.48
C HIS H 366 35.36 -26.01 26.00
N VAL H 367 35.14 -25.76 24.71
CA VAL H 367 35.31 -24.44 24.12
C VAL H 367 33.92 -23.82 24.04
N ILE H 368 33.54 -23.11 25.08
CA ILE H 368 32.28 -22.37 25.08
C ILE H 368 32.45 -21.10 24.28
N VAL H 369 31.41 -20.70 23.56
CA VAL H 369 31.43 -19.50 22.74
C VAL H 369 30.33 -18.56 23.25
N MET H 370 30.73 -17.34 23.59
CA MET H 370 29.81 -16.31 24.06
C MET H 370 29.72 -15.20 23.03
N ALA H 371 28.53 -14.64 22.84
CA ALA H 371 28.32 -13.59 21.86
C ALA H 371 27.44 -12.51 22.46
N ALA H 372 27.61 -11.29 21.94
CA ALA H 372 26.87 -10.13 22.40
C ALA H 372 26.02 -9.59 21.25
N THR H 373 24.78 -9.23 21.56
CA THR H 373 23.86 -8.74 20.54
C THR H 373 22.82 -7.86 21.22
N ASN H 374 22.27 -6.92 20.44
CA ASN H 374 21.25 -6.02 21.00
C ASN H 374 19.98 -6.77 21.34
N ARG H 375 19.47 -7.57 20.41
CA ARG H 375 18.21 -8.26 20.58
C ARG H 375 18.30 -9.65 19.96
N PRO H 376 17.48 -10.60 20.44
CA PRO H 376 17.58 -11.97 19.90
C PRO H 376 17.32 -12.04 18.40
N ASN H 377 16.47 -11.19 17.87
CA ASN H 377 16.14 -11.19 16.44
C ASN H 377 17.11 -10.35 15.62
N SER H 378 18.13 -9.77 16.24
CA SER H 378 19.06 -8.91 15.52
C SER H 378 20.14 -9.68 14.79
N ILE H 379 20.18 -11.01 14.93
CA ILE H 379 21.18 -11.83 14.28
C ILE H 379 20.50 -12.78 13.31
N ASP H 380 21.30 -13.49 12.53
CA ASP H 380 20.76 -14.46 11.60
C ASP H 380 20.05 -15.57 12.37
N PRO H 381 18.79 -15.88 12.05
CA PRO H 381 18.06 -16.88 12.85
C PRO H 381 18.68 -18.26 12.80
N ALA H 382 19.51 -18.56 11.79
CA ALA H 382 20.13 -19.87 11.71
C ALA H 382 21.03 -20.14 12.91
N LEU H 383 21.62 -19.09 13.48
CA LEU H 383 22.52 -19.28 14.61
C LEU H 383 21.78 -19.82 15.83
N ARG H 384 20.58 -19.31 16.09
CA ARG H 384 19.80 -19.73 17.26
C ARG H 384 19.21 -21.11 17.01
N ARG H 385 20.08 -22.12 17.06
CA ARG H 385 19.70 -23.50 16.85
C ARG H 385 20.43 -24.38 17.86
N PHE H 386 20.11 -25.66 17.84
CA PHE H 386 20.76 -26.61 18.74
C PHE H 386 22.15 -26.96 18.22
N GLY H 387 23.13 -26.97 19.13
CA GLY H 387 24.51 -27.04 18.74
C GLY H 387 25.12 -25.70 18.41
N ARG H 388 24.32 -24.64 18.41
CA ARG H 388 24.77 -23.29 18.11
C ARG H 388 24.30 -22.42 19.27
N PHE H 389 24.29 -21.10 19.07
CA PHE H 389 24.01 -20.17 20.15
C PHE H 389 22.55 -20.34 20.55
N ASP H 390 22.31 -21.37 21.37
CA ASP H 390 20.97 -21.70 21.87
C ASP H 390 20.71 -21.11 23.25
N ARG H 391 21.65 -21.30 24.19
CA ARG H 391 21.47 -20.73 25.52
C ARG H 391 21.46 -19.22 25.45
N GLU H 392 20.64 -18.59 26.30
CA GLU H 392 20.44 -17.15 26.26
C GLU H 392 20.50 -16.58 27.67
N VAL H 393 21.08 -15.39 27.79
CA VAL H 393 21.06 -14.62 29.03
C VAL H 393 20.76 -13.17 28.66
N ASP H 394 19.85 -12.54 29.40
CA ASP H 394 19.41 -11.19 29.09
C ASP H 394 19.96 -10.25 30.15
N ILE H 395 21.08 -9.60 29.83
CA ILE H 395 21.68 -8.65 30.77
C ILE H 395 20.76 -7.46 31.00
N GLY H 396 20.05 -7.04 29.95
CA GLY H 396 19.07 -5.98 30.12
C GLY H 396 19.69 -4.71 30.64
N ILE H 397 19.01 -4.09 31.60
CA ILE H 397 19.43 -2.81 32.16
C ILE H 397 19.60 -2.96 33.67
N PRO H 398 20.65 -2.40 34.26
CA PRO H 398 20.77 -2.47 35.73
C PRO H 398 19.61 -1.77 36.41
N ASP H 399 19.19 -2.34 37.55
CA ASP H 399 18.13 -1.76 38.35
C ASP H 399 18.74 -0.81 39.39
N ALA H 400 17.93 -0.35 40.33
CA ALA H 400 18.41 0.61 41.32
C ALA H 400 19.58 0.04 42.10
N THR H 401 19.45 -1.19 42.58
CA THR H 401 20.55 -1.83 43.31
C THR H 401 21.76 -2.01 42.40
N GLY H 402 21.53 -2.47 41.17
CA GLY H 402 22.64 -2.60 40.24
C GLY H 402 23.26 -1.27 39.89
N ARG H 403 22.44 -0.23 39.74
CA ARG H 403 22.98 1.09 39.46
C ARG H 403 23.85 1.57 40.61
N LEU H 404 23.41 1.34 41.85
CA LEU H 404 24.24 1.71 43.00
C LEU H 404 25.53 0.91 43.02
N GLU H 405 25.47 -0.37 42.68
CA GLU H 405 26.68 -1.17 42.58
C GLU H 405 27.65 -0.56 41.59
N ILE H 406 27.16 -0.21 40.40
CA ILE H 406 28.02 0.36 39.36
C ILE H 406 28.60 1.68 39.83
N LEU H 407 27.79 2.53 40.45
CA LEU H 407 28.27 3.82 40.92
C LEU H 407 29.36 3.65 41.97
N GLN H 408 29.16 2.72 42.90
CA GLN H 408 30.19 2.45 43.90
C GLN H 408 31.47 1.96 43.25
N ILE H 409 31.34 1.08 42.25
CA ILE H 409 32.52 0.54 41.59
C ILE H 409 33.30 1.64 40.89
N HIS H 410 32.60 2.52 40.16
CA HIS H 410 33.28 3.54 39.38
C HIS H 410 33.90 4.61 40.28
N THR H 411 33.21 4.99 41.35
CA THR H 411 33.70 6.01 42.26
C THR H 411 34.74 5.47 43.24
N LYS H 412 35.26 4.27 42.99
CA LYS H 412 36.23 3.68 43.91
C LYS H 412 37.52 4.51 43.99
N ASN H 413 37.86 5.22 42.92
CA ASN H 413 39.11 5.97 42.84
C ASN H 413 38.86 7.47 42.76
N MET H 414 37.95 7.97 43.58
CA MET H 414 37.64 9.39 43.60
C MET H 414 37.41 9.84 45.03
N LYS H 415 37.63 11.13 45.27
CA LYS H 415 37.37 11.74 46.56
C LYS H 415 35.98 12.35 46.56
N LEU H 416 35.13 11.89 47.48
CA LEU H 416 33.75 12.32 47.55
C LEU H 416 33.45 12.85 48.95
N ALA H 417 32.84 14.03 49.02
CA ALA H 417 32.52 14.63 50.30
C ALA H 417 31.40 13.83 50.98
N ASP H 418 31.29 14.02 52.31
CA ASP H 418 30.23 13.36 53.06
C ASP H 418 28.86 13.83 52.62
N ASP H 419 28.78 14.96 51.92
CA ASP H 419 27.49 15.47 51.47
C ASP H 419 26.82 14.51 50.50
N VAL H 420 27.59 13.85 49.65
CA VAL H 420 27.03 13.00 48.60
C VAL H 420 26.62 11.66 49.18
N ASP H 421 25.52 11.10 48.66
CA ASP H 421 25.08 9.75 48.99
C ASP H 421 24.84 9.03 47.66
N LEU H 422 25.77 8.17 47.28
CA LEU H 422 25.68 7.51 45.98
C LEU H 422 24.38 6.72 45.85
N GLU H 423 23.80 6.30 46.97
CA GLU H 423 22.53 5.58 46.91
C GLU H 423 21.44 6.47 46.30
N GLN H 424 21.37 7.72 46.75
CA GLN H 424 20.37 8.63 46.19
C GLN H 424 20.61 8.88 44.71
N VAL H 425 21.87 9.04 44.32
CA VAL H 425 22.18 9.25 42.90
C VAL H 425 21.73 8.04 42.08
N ALA H 426 22.04 6.84 42.56
CA ALA H 426 21.62 5.63 41.86
C ALA H 426 20.10 5.59 41.74
N ASN H 427 19.39 6.00 42.79
CA ASN H 427 17.93 6.04 42.71
C ASN H 427 17.47 7.04 41.65
N GLU H 428 18.10 8.21 41.60
CA GLU H 428 17.66 9.25 40.67
C GLU H 428 17.93 8.86 39.23
N THR H 429 19.10 8.28 38.96
CA THR H 429 19.53 8.05 37.58
C THR H 429 18.77 6.90 36.95
N HIS H 430 17.49 7.10 36.66
CA HIS H 430 16.70 6.10 35.97
C HIS H 430 17.00 6.12 34.48
N GLY H 431 16.97 4.95 33.86
CA GLY H 431 17.17 4.83 32.43
C GLY H 431 18.61 4.78 31.97
N HIS H 432 19.57 4.90 32.87
CA HIS H 432 20.97 4.84 32.50
C HIS H 432 21.45 3.40 32.46
N VAL H 433 22.61 3.21 31.84
CA VAL H 433 23.31 1.93 31.85
C VAL H 433 24.70 2.15 32.43
N GLY H 434 25.51 1.10 32.49
CA GLY H 434 26.82 1.22 33.13
C GLY H 434 27.66 2.30 32.50
N ALA H 435 27.73 2.33 31.17
CA ALA H 435 28.53 3.35 30.50
C ALA H 435 28.00 4.75 30.80
N ASP H 436 26.69 4.91 30.86
CA ASP H 436 26.12 6.21 31.18
C ASP H 436 26.52 6.66 32.58
N LEU H 437 26.52 5.73 33.55
CA LEU H 437 26.91 6.09 34.90
C LEU H 437 28.39 6.42 34.98
N ALA H 438 29.23 5.70 34.23
CA ALA H 438 30.64 6.05 34.17
C ALA H 438 30.83 7.46 33.61
N ALA H 439 30.09 7.78 32.56
CA ALA H 439 30.14 9.13 31.99
C ALA H 439 29.68 10.15 33.01
N LEU H 440 28.64 9.82 33.79
CA LEU H 440 28.16 10.76 34.81
C LEU H 440 29.22 11.01 35.87
N CYS H 441 29.90 9.96 36.31
CA CYS H 441 30.96 10.14 37.30
C CYS H 441 32.08 11.00 36.75
N SER H 442 32.49 10.73 35.50
CA SER H 442 33.52 11.55 34.88
C SER H 442 33.08 13.00 34.77
N GLU H 443 31.82 13.22 34.39
CA GLU H 443 31.31 14.57 34.26
C GLU H 443 31.30 15.29 35.59
N ALA H 444 30.91 14.60 36.67
CA ALA H 444 30.92 15.23 37.99
C ALA H 444 32.34 15.59 38.40
N ALA H 445 33.30 14.68 38.18
CA ALA H 445 34.68 14.97 38.54
C ALA H 445 35.20 16.18 37.77
N LEU H 446 34.91 16.23 36.46
CA LEU H 446 35.38 17.36 35.66
C LEU H 446 34.66 18.64 36.02
N GLN H 447 33.39 18.56 36.44
CA GLN H 447 32.69 19.75 36.92
C GLN H 447 33.35 20.29 38.17
N ALA H 448 33.71 19.41 39.11
CA ALA H 448 34.43 19.86 40.29
C ALA H 448 35.76 20.49 39.90
N ILE H 449 36.47 19.86 38.96
CA ILE H 449 37.75 20.42 38.50
C ILE H 449 37.54 21.82 37.95
N ARG H 450 36.52 22.00 37.10
CA ARG H 450 36.25 23.31 36.52
C ARG H 450 35.94 24.32 37.60
N LYS H 451 35.13 23.95 38.59
CA LYS H 451 34.75 24.89 39.63
C LYS H 451 35.95 25.31 40.48
N LYS H 452 36.85 24.38 40.76
CA LYS H 452 37.99 24.65 41.62
C LYS H 452 39.29 24.93 40.85
N MET H 453 39.59 24.14 39.82
CA MET H 453 40.85 24.34 39.09
C MET H 453 40.89 25.70 38.42
N ASP H 454 39.75 26.17 37.91
CA ASP H 454 39.72 27.47 37.25
C ASP H 454 40.23 28.57 38.16
N LEU H 455 40.04 28.43 39.47
CA LEU H 455 40.55 29.43 40.41
C LEU H 455 42.07 29.57 40.32
N ILE H 456 42.75 28.54 39.84
CA ILE H 456 44.19 28.62 39.62
C ILE H 456 44.46 28.99 38.17
N THR H 462 48.03 28.77 34.62
CA THR H 462 48.62 28.24 35.84
C THR H 462 47.79 27.08 36.38
N ILE H 463 48.42 26.24 37.20
CA ILE H 463 47.76 25.07 37.76
C ILE H 463 48.51 24.68 39.03
N ASP H 464 47.75 24.19 40.02
CA ASP H 464 48.30 23.75 41.30
C ASP H 464 47.90 22.30 41.53
N ALA H 465 48.90 21.46 41.82
CA ALA H 465 48.61 20.06 42.10
C ALA H 465 47.97 19.87 43.47
N GLU H 466 48.23 20.79 44.40
CA GLU H 466 47.64 20.68 45.73
C GLU H 466 46.12 20.72 45.66
N VAL H 467 45.57 21.58 44.79
CA VAL H 467 44.12 21.65 44.64
C VAL H 467 43.57 20.32 44.14
N MET H 468 44.25 19.71 43.16
CA MET H 468 43.80 18.40 42.67
C MET H 468 43.86 17.37 43.79
N ASN H 469 44.92 17.40 44.60
CA ASN H 469 45.02 16.47 45.71
C ASN H 469 43.88 16.65 46.70
N SER H 470 43.53 17.90 46.99
CA SER H 470 42.43 18.21 47.90
C SER H 470 41.06 18.20 47.22
N LEU H 471 41.02 17.94 45.92
CA LEU H 471 39.74 17.97 45.20
C LEU H 471 38.79 16.93 45.76
N ALA H 472 37.53 17.33 45.92
CA ALA H 472 36.49 16.43 46.42
C ALA H 472 35.16 16.86 45.84
N VAL H 473 34.49 15.95 45.11
CA VAL H 473 33.22 16.27 44.50
C VAL H 473 32.13 16.33 45.57
N THR H 474 31.07 17.08 45.28
CA THR H 474 29.95 17.25 46.20
C THR H 474 28.66 16.92 45.47
N MET H 475 27.57 16.81 46.24
CA MET H 475 26.30 16.40 45.67
C MET H 475 25.81 17.41 44.64
N ASP H 476 26.20 18.67 44.77
CA ASP H 476 25.84 19.65 43.75
C ASP H 476 26.45 19.29 42.40
N ASP H 477 27.72 18.87 42.40
CA ASP H 477 28.35 18.45 41.17
C ASP H 477 27.63 17.25 40.56
N PHE H 478 27.26 16.27 41.38
CA PHE H 478 26.55 15.11 40.86
C PHE H 478 25.20 15.49 40.29
N ARG H 479 24.48 16.38 40.97
CA ARG H 479 23.17 16.81 40.46
C ARG H 479 23.32 17.54 39.14
N TRP H 480 24.29 18.46 39.04
CA TRP H 480 24.49 19.17 37.79
C TRP H 480 24.87 18.21 36.67
N ALA H 481 25.77 17.26 36.96
CA ALA H 481 26.15 16.29 35.94
C ALA H 481 24.95 15.47 35.50
N LEU H 482 24.11 15.06 36.45
CA LEU H 482 22.89 14.35 36.11
C LEU H 482 22.00 15.20 35.22
N SER H 483 22.05 16.53 35.38
CA SER H 483 21.30 17.40 34.49
C SER H 483 21.74 17.22 33.05
N GLN H 484 23.05 17.16 32.82
CA GLN H 484 23.61 16.93 31.48
C GLN H 484 24.04 15.46 31.40
N SER H 485 23.04 14.58 31.23
CA SER H 485 23.28 13.14 31.21
C SER H 485 22.99 12.52 29.85
N ASN H 486 21.79 12.68 29.32
CA ASN H 486 21.40 12.08 28.05
C ASN H 486 21.58 10.57 28.12
N PRO H 487 20.78 9.86 28.91
CA PRO H 487 20.90 8.40 28.97
C PRO H 487 20.51 7.75 27.65
N SER H 488 21.12 6.60 27.37
CA SER H 488 20.94 5.90 26.12
C SER H 488 19.93 4.76 26.19
N ALA H 489 19.32 4.53 27.36
CA ALA H 489 18.38 3.43 27.53
C ALA H 489 17.05 3.93 28.11
N LEU H 490 16.70 5.18 27.82
CA LEU H 490 15.45 5.72 28.33
C LEU H 490 14.24 5.05 27.68
N ARG H 491 14.37 4.64 26.43
CA ARG H 491 13.25 4.08 25.68
C ARG H 491 13.16 2.57 25.75
N GLU H 492 14.01 1.92 26.54
CA GLU H 492 13.99 0.48 26.65
C GLU H 492 12.86 0.03 27.56
N THR H 493 12.59 -1.27 27.55
CA THR H 493 11.58 -1.88 28.41
C THR H 493 12.24 -2.37 29.69
N VAL H 494 11.80 -1.85 30.82
CA VAL H 494 12.42 -2.13 32.11
C VAL H 494 11.60 -3.21 32.82
N VAL H 495 12.27 -4.27 33.25
CA VAL H 495 11.68 -5.32 34.06
C VAL H 495 12.43 -5.37 35.38
N GLU H 496 11.69 -5.29 36.48
CA GLU H 496 12.29 -5.26 37.80
C GLU H 496 11.19 -5.35 38.84
N VAL H 497 11.49 -5.95 39.98
CA VAL H 497 10.52 -6.10 41.05
C VAL H 497 10.15 -4.70 41.54
N PRO H 498 8.89 -4.30 41.47
CA PRO H 498 8.53 -2.95 41.91
C PRO H 498 8.74 -2.77 43.40
N GLN H 499 9.12 -1.54 43.78
CA GLN H 499 9.27 -1.20 45.18
C GLN H 499 7.94 -0.93 45.86
N VAL H 500 6.86 -0.77 45.10
CA VAL H 500 5.55 -0.60 45.69
C VAL H 500 5.25 -1.80 46.58
N THR H 501 4.50 -1.55 47.65
CA THR H 501 4.13 -2.60 48.60
C THR H 501 2.66 -2.41 48.99
N TRP H 502 2.11 -3.42 49.64
CA TRP H 502 0.70 -3.37 50.01
C TRP H 502 0.39 -2.14 50.87
N GLU H 503 1.34 -1.71 51.69
CA GLU H 503 1.10 -0.54 52.54
C GLU H 503 0.87 0.71 51.71
N ASP H 504 1.48 0.80 50.53
CA ASP H 504 1.29 1.96 49.68
C ASP H 504 -0.16 2.14 49.27
N ILE H 505 -0.93 1.06 49.24
CA ILE H 505 -2.37 1.14 48.97
C ILE H 505 -3.10 0.25 49.98
N GLY H 506 -3.58 0.86 51.06
CA GLY H 506 -4.30 0.09 52.06
C GLY H 506 -5.69 -0.30 51.60
N GLY H 507 -6.26 -1.27 52.31
CA GLY H 507 -7.60 -1.73 52.00
C GLY H 507 -7.63 -2.74 50.87
N LEU H 508 -8.85 -3.10 50.50
CA LEU H 508 -9.11 -4.10 49.45
C LEU H 508 -8.50 -5.44 49.84
N GLU H 509 -8.97 -5.96 50.99
CA GLU H 509 -8.46 -7.23 51.48
C GLU H 509 -8.88 -8.39 50.58
N ASP H 510 -10.12 -8.37 50.09
CA ASP H 510 -10.58 -9.45 49.23
C ASP H 510 -9.79 -9.50 47.93
N VAL H 511 -9.52 -8.33 47.34
CA VAL H 511 -8.71 -8.30 46.12
C VAL H 511 -7.29 -8.76 46.43
N LYS H 512 -6.77 -8.40 47.60
CA LYS H 512 -5.46 -8.89 48.00
C LYS H 512 -5.44 -10.40 48.06
N ARG H 513 -6.46 -11.00 48.66
CA ARG H 513 -6.52 -12.45 48.75
C ARG H 513 -6.66 -13.09 47.37
N GLU H 514 -7.47 -12.51 46.49
CA GLU H 514 -7.63 -13.07 45.16
C GLU H 514 -6.33 -13.02 44.39
N LEU H 515 -5.65 -11.87 44.42
CA LEU H 515 -4.37 -11.76 43.72
C LEU H 515 -3.36 -12.73 44.31
N GLN H 516 -3.38 -12.91 45.63
CA GLN H 516 -2.49 -13.90 46.24
C GLN H 516 -2.79 -15.29 45.68
N GLU H 517 -4.05 -15.72 45.75
CA GLU H 517 -4.40 -17.04 45.26
C GLU H 517 -4.03 -17.20 43.79
N LEU H 518 -4.03 -16.11 43.02
CA LEU H 518 -3.73 -16.23 41.60
C LEU H 518 -2.23 -16.30 41.31
N VAL H 519 -1.42 -15.48 42.01
CA VAL H 519 -0.05 -15.29 41.62
C VAL H 519 0.95 -15.94 42.58
N GLN H 520 0.63 -16.03 43.87
CA GLN H 520 1.58 -16.52 44.87
C GLN H 520 1.48 -18.02 45.06
N TYR H 521 0.27 -18.53 45.32
CA TYR H 521 0.11 -19.96 45.57
C TYR H 521 0.72 -20.82 44.48
N PRO H 522 0.53 -20.54 43.19
CA PRO H 522 1.12 -21.40 42.16
C PRO H 522 2.61 -21.23 41.99
N VAL H 523 3.27 -20.44 42.85
CA VAL H 523 4.73 -20.33 42.81
C VAL H 523 5.31 -20.68 44.16
N GLU H 524 4.53 -20.50 45.22
CA GLU H 524 4.95 -20.88 46.57
C GLU H 524 4.41 -22.25 46.99
N HIS H 525 3.48 -22.83 46.24
CA HIS H 525 2.94 -24.13 46.57
C HIS H 525 2.51 -24.89 45.32
N PRO H 526 3.42 -25.15 44.38
CA PRO H 526 3.03 -25.92 43.21
C PRO H 526 2.54 -27.33 43.54
N ASP H 527 3.12 -27.94 44.58
CA ASP H 527 2.74 -29.30 44.93
C ASP H 527 1.26 -29.40 45.22
N LYS H 528 0.64 -28.36 45.78
CA LYS H 528 -0.79 -28.40 46.02
C LYS H 528 -1.56 -28.51 44.71
N PHE H 529 -1.19 -27.72 43.71
CA PHE H 529 -1.87 -27.78 42.43
C PHE H 529 -1.66 -29.14 41.76
N LEU H 530 -0.44 -29.69 41.84
CA LEU H 530 -0.21 -31.00 41.27
C LEU H 530 -1.03 -32.07 41.97
N LYS H 531 -1.07 -32.02 43.30
CA LYS H 531 -1.79 -33.04 44.06
C LYS H 531 -3.29 -32.99 43.79
N PHE H 532 -3.87 -31.79 43.77
CA PHE H 532 -5.30 -31.65 43.54
C PHE H 532 -5.65 -31.53 42.07
N GLY H 533 -4.66 -31.55 41.18
CA GLY H 533 -4.92 -31.50 39.77
C GLY H 533 -5.71 -30.29 39.34
N MET H 534 -5.12 -29.10 39.49
CA MET H 534 -5.74 -27.86 39.08
C MET H 534 -4.83 -27.14 38.09
N THR H 535 -5.44 -26.32 37.24
CA THR H 535 -4.71 -25.54 36.25
C THR H 535 -4.70 -24.08 36.68
N PRO H 536 -3.55 -23.50 37.03
CA PRO H 536 -3.54 -22.11 37.49
C PRO H 536 -4.10 -21.18 36.42
N SER H 537 -4.84 -20.18 36.86
CA SER H 537 -5.41 -19.21 35.94
C SER H 537 -4.32 -18.45 35.21
N LYS H 538 -4.47 -18.32 33.90
CA LYS H 538 -3.44 -17.64 33.10
C LYS H 538 -3.33 -16.17 33.49
N GLY H 539 -4.45 -15.50 33.71
CA GLY H 539 -4.41 -14.08 34.01
C GLY H 539 -5.73 -13.60 34.54
N VAL H 540 -5.77 -12.31 34.88
CA VAL H 540 -6.95 -11.66 35.42
C VAL H 540 -7.11 -10.31 34.73
N LEU H 541 -8.31 -9.75 34.84
CA LEU H 541 -8.63 -8.46 34.23
C LEU H 541 -9.16 -7.53 35.30
N PHE H 542 -8.54 -6.36 35.43
CA PHE H 542 -9.04 -5.31 36.30
C PHE H 542 -10.00 -4.41 35.53
N TYR H 543 -10.83 -3.68 36.27
CA TYR H 543 -11.72 -2.70 35.67
C TYR H 543 -12.31 -1.80 36.74
N GLY H 544 -12.26 -0.49 36.53
CA GLY H 544 -12.76 0.44 37.50
C GLY H 544 -12.53 1.88 37.09
N PRO H 545 -12.83 2.82 37.99
CA PRO H 545 -12.70 4.23 37.63
C PRO H 545 -11.24 4.59 37.37
N PRO H 546 -10.99 5.59 36.53
CA PRO H 546 -9.60 5.97 36.25
C PRO H 546 -8.87 6.41 37.51
N GLY H 547 -7.59 6.06 37.58
CA GLY H 547 -6.74 6.53 38.67
C GLY H 547 -7.14 6.05 40.04
N CYS H 548 -7.52 4.77 40.15
CA CYS H 548 -7.87 4.17 41.43
C CYS H 548 -6.81 3.22 41.97
N GLY H 549 -5.76 2.94 41.20
CA GLY H 549 -4.64 2.16 41.71
C GLY H 549 -4.54 0.77 41.14
N LYS H 550 -5.05 0.56 39.93
CA LYS H 550 -4.90 -0.75 39.28
C LYS H 550 -3.43 -1.08 39.08
N THR H 551 -2.66 -0.13 38.54
CA THR H 551 -1.22 -0.33 38.43
C THR H 551 -0.60 -0.50 39.81
N LEU H 552 -1.09 0.23 40.80
CA LEU H 552 -0.60 0.07 42.16
C LEU H 552 -0.79 -1.36 42.65
N LEU H 553 -1.99 -1.91 42.44
CA LEU H 553 -2.26 -3.27 42.89
C LEU H 553 -1.41 -4.28 42.15
N ALA H 554 -1.26 -4.12 40.82
CA ALA H 554 -0.44 -5.05 40.06
C ALA H 554 1.00 -5.02 40.55
N LYS H 555 1.55 -3.83 40.76
CA LYS H 555 2.92 -3.72 41.24
C LYS H 555 3.05 -4.29 42.64
N ALA H 556 2.04 -4.08 43.49
CA ALA H 556 2.11 -4.61 44.84
C ALA H 556 2.13 -6.13 44.83
N ILE H 557 1.29 -6.75 44.01
CA ILE H 557 1.26 -8.22 43.96
C ILE H 557 2.57 -8.74 43.38
N ALA H 558 3.12 -8.05 42.39
CA ALA H 558 4.42 -8.44 41.87
C ALA H 558 5.49 -8.37 42.96
N ASN H 559 5.43 -7.32 43.78
CA ASN H 559 6.38 -7.18 44.88
C ASN H 559 6.21 -8.32 45.88
N GLU H 560 4.97 -8.71 46.16
CA GLU H 560 4.74 -9.74 47.17
C GLU H 560 5.45 -11.04 46.81
N CYS H 561 5.37 -11.45 45.55
CA CYS H 561 5.97 -12.70 45.10
C CYS H 561 7.41 -12.53 44.61
N GLN H 562 7.96 -11.32 44.68
CA GLN H 562 9.30 -11.06 44.18
C GLN H 562 9.43 -11.50 42.72
N ALA H 563 8.45 -11.08 41.92
CA ALA H 563 8.39 -11.42 40.50
C ALA H 563 8.51 -10.15 39.67
N ASN H 564 9.22 -10.24 38.56
CA ASN H 564 9.42 -9.08 37.70
C ASN H 564 8.10 -8.57 37.17
N PHE H 565 8.02 -7.25 36.97
CA PHE H 565 6.80 -6.58 36.55
C PHE H 565 7.08 -5.82 35.26
N ILE H 566 6.29 -6.11 34.22
CA ILE H 566 6.42 -5.46 32.93
C ILE H 566 5.11 -4.76 32.62
N SER H 567 5.18 -3.47 32.33
CA SER H 567 4.02 -2.64 32.05
C SER H 567 4.00 -2.26 30.57
N ILE H 568 2.86 -2.46 29.93
CA ILE H 568 2.66 -2.11 28.54
C ILE H 568 1.58 -1.05 28.49
N LYS H 569 1.98 0.22 28.47
CA LYS H 569 1.03 1.31 28.45
C LYS H 569 0.19 1.25 27.18
N GLY H 570 -0.98 1.93 27.22
CA GLY H 570 -1.84 2.00 26.07
C GLY H 570 -1.21 2.57 24.83
N PRO H 571 -0.37 3.61 24.95
CA PRO H 571 0.30 4.13 23.74
C PRO H 571 1.07 3.08 22.97
N GLU H 572 1.65 2.09 23.63
CA GLU H 572 2.35 1.04 22.89
C GLU H 572 1.38 0.24 22.02
N LEU H 573 0.24 -0.14 22.58
CA LEU H 573 -0.77 -0.85 21.79
C LEU H 573 -1.27 0.01 20.65
N LEU H 574 -1.50 1.29 20.90
CA LEU H 574 -1.97 2.18 19.84
C LEU H 574 -0.93 2.32 18.74
N THR H 575 0.35 2.39 19.13
CA THR H 575 1.42 2.45 18.13
C THR H 575 1.46 1.18 17.29
N MET H 576 1.32 0.02 17.94
CA MET H 576 1.28 -1.23 17.19
C MET H 576 0.13 -1.24 16.21
N TRP H 577 -1.05 -0.77 16.63
CA TRP H 577 -2.21 -0.74 15.75
C TRP H 577 -1.99 0.20 14.58
N PHE H 578 -1.55 1.43 14.86
CA PHE H 578 -1.39 2.43 13.81
C PHE H 578 -0.33 2.01 12.80
N GLY H 579 0.79 1.50 13.28
CA GLY H 579 1.84 1.07 12.39
C GLY H 579 1.61 -0.28 11.75
N GLU H 580 0.49 -0.94 12.06
CA GLU H 580 0.21 -2.27 11.55
C GLU H 580 1.38 -3.21 11.87
N SER H 581 1.94 -3.04 13.08
CA SER H 581 3.09 -3.81 13.50
C SER H 581 2.73 -4.68 14.70
N GLU H 582 1.57 -5.36 14.62
CA GLU H 582 1.11 -6.17 15.74
C GLU H 582 2.07 -7.32 16.04
N ALA H 583 2.99 -7.63 15.12
CA ALA H 583 3.93 -8.71 15.37
C ALA H 583 4.81 -8.45 16.58
N ASN H 584 4.91 -7.20 17.04
CA ASN H 584 5.70 -6.90 18.22
C ASN H 584 5.13 -7.53 19.48
N VAL H 585 3.85 -7.92 19.47
CA VAL H 585 3.27 -8.56 20.64
C VAL H 585 4.02 -9.83 20.98
N ARG H 586 4.58 -10.49 19.96
CA ARG H 586 5.38 -11.69 20.21
C ARG H 586 6.58 -11.38 21.09
N GLU H 587 7.25 -10.27 20.82
CA GLU H 587 8.45 -9.93 21.58
C GLU H 587 8.12 -9.62 23.03
N ILE H 588 6.97 -9.00 23.29
CA ILE H 588 6.58 -8.70 24.66
C ILE H 588 6.43 -9.98 25.46
N PHE H 589 5.70 -10.95 24.91
CA PHE H 589 5.49 -12.21 25.62
C PHE H 589 6.79 -12.99 25.74
N ASP H 590 7.65 -12.91 24.72
CA ASP H 590 8.94 -13.57 24.79
C ASP H 590 9.77 -13.00 25.94
N LYS H 591 9.82 -11.67 26.05
CA LYS H 591 10.57 -11.05 27.13
C LYS H 591 9.98 -11.40 28.48
N ALA H 592 8.64 -11.41 28.59
CA ALA H 592 8.02 -11.78 29.85
C ALA H 592 8.37 -13.21 30.23
N ARG H 593 8.36 -14.13 29.25
CA ARG H 593 8.72 -15.51 29.53
C ARG H 593 10.17 -15.62 29.99
N GLN H 594 11.06 -14.87 29.35
CA GLN H 594 12.49 -14.99 29.67
C GLN H 594 12.79 -14.53 31.09
N ALA H 595 11.88 -13.81 31.75
CA ALA H 595 12.08 -13.29 33.10
C ALA H 595 11.08 -13.89 34.08
N ALA H 596 10.70 -15.15 33.87
CA ALA H 596 9.72 -15.77 34.74
C ALA H 596 10.31 -16.00 36.13
N PRO H 597 9.48 -15.93 37.18
CA PRO H 597 8.06 -15.59 37.19
C PRO H 597 7.86 -14.10 36.94
N CYS H 598 6.72 -13.69 36.38
CA CYS H 598 6.53 -12.31 36.00
C CYS H 598 5.05 -11.99 36.02
N VAL H 599 4.73 -10.69 35.99
CA VAL H 599 3.36 -10.20 35.96
C VAL H 599 3.29 -9.24 34.76
N LEU H 600 2.92 -9.75 33.60
CA LEU H 600 2.79 -8.92 32.42
C LEU H 600 1.52 -8.06 32.56
N PHE H 601 1.70 -6.75 32.52
CA PHE H 601 0.61 -5.80 32.78
C PHE H 601 0.30 -5.04 31.50
N PHE H 602 -0.97 -5.07 31.11
CA PHE H 602 -1.47 -4.32 29.95
C PHE H 602 -2.34 -3.20 30.49
N ASP H 603 -1.81 -1.98 30.45
CA ASP H 603 -2.43 -0.88 31.19
C ASP H 603 -3.82 -0.56 30.66
N GLU H 604 -3.99 -0.56 29.34
CA GLU H 604 -5.28 -0.20 28.73
C GLU H 604 -5.53 -1.12 27.55
N LEU H 605 -6.24 -2.23 27.79
CA LEU H 605 -6.64 -3.10 26.70
C LEU H 605 -7.74 -2.49 25.85
N ASP H 606 -8.43 -1.46 26.36
CA ASP H 606 -9.51 -0.81 25.65
C ASP H 606 -9.02 0.29 24.71
N SER H 607 -7.73 0.58 24.70
CA SER H 607 -7.23 1.70 23.92
C SER H 607 -7.55 1.54 22.44
N ILE H 608 -7.22 0.38 21.88
CA ILE H 608 -7.46 0.17 20.44
C ILE H 608 -8.95 0.18 20.15
N ALA H 609 -9.74 -0.50 20.98
CA ALA H 609 -11.19 -0.50 20.76
C ALA H 609 -11.76 0.90 20.92
N LYS H 610 -11.27 1.65 21.91
CA LYS H 610 -11.76 3.01 22.10
C LYS H 610 -11.40 3.91 20.93
N ALA H 611 -10.25 3.66 20.29
CA ALA H 611 -9.83 4.47 19.15
C ALA H 611 -10.80 4.34 17.98
N ARG H 612 -11.65 3.32 17.98
CA ARG H 612 -12.63 3.12 16.91
C ARG H 612 -14.05 3.38 17.39
N GLY H 613 -14.22 4.11 18.49
CA GLY H 613 -15.53 4.37 19.04
C GLY H 613 -15.94 3.35 20.08
N GLY H 614 -16.10 2.09 19.66
CA GLY H 614 -16.39 1.01 20.59
C GLY H 614 -17.85 0.92 20.97
N ASN H 615 -18.32 1.85 21.81
CA ASN H 615 -19.72 1.82 22.24
C ASN H 615 -20.67 1.73 21.05
N ILE H 616 -20.39 2.52 20.01
CA ILE H 616 -21.07 2.39 18.72
C ILE H 616 -20.07 2.17 17.59
N GLY H 617 -19.01 2.98 17.56
CA GLY H 617 -17.91 2.78 16.62
C GLY H 617 -18.35 2.60 15.19
N ASP H 618 -17.46 2.06 14.37
CA ASP H 618 -17.77 1.77 12.97
C ASP H 618 -18.51 0.44 12.88
N GLY H 619 -18.67 -0.07 11.65
CA GLY H 619 -19.40 -1.31 11.45
C GLY H 619 -18.62 -2.57 11.79
N GLY H 620 -17.34 -2.43 12.14
CA GLY H 620 -16.53 -3.59 12.45
C GLY H 620 -16.89 -4.20 13.81
N GLY H 621 -16.37 -5.40 14.03
CA GLY H 621 -16.59 -6.12 15.26
C GLY H 621 -15.60 -5.73 16.34
N ALA H 622 -15.55 -6.55 17.38
CA ALA H 622 -14.68 -6.29 18.52
C ALA H 622 -13.27 -6.82 18.33
N ALA H 623 -13.00 -7.61 17.29
CA ALA H 623 -11.69 -8.17 17.06
C ALA H 623 -10.82 -7.21 16.26
N ASP H 624 -9.52 -7.23 16.55
CA ASP H 624 -8.57 -6.39 15.86
C ASP H 624 -7.24 -7.13 15.77
N ARG H 625 -6.18 -6.40 15.43
CA ARG H 625 -4.89 -7.03 15.17
C ARG H 625 -4.14 -7.32 16.47
N VAL H 626 -3.87 -6.27 17.25
CA VAL H 626 -3.03 -6.43 18.43
C VAL H 626 -3.70 -7.33 19.45
N ILE H 627 -5.00 -7.17 19.66
CA ILE H 627 -5.71 -8.01 20.62
C ILE H 627 -5.72 -9.45 20.13
N ASN H 628 -5.84 -9.66 18.82
CA ASN H 628 -5.79 -11.02 18.28
C ASN H 628 -4.43 -11.65 18.54
N GLN H 629 -3.34 -10.88 18.36
CA GLN H 629 -2.02 -11.42 18.65
C GLN H 629 -1.86 -11.72 20.14
N ILE H 630 -2.41 -10.86 21.00
CA ILE H 630 -2.36 -11.13 22.43
C ILE H 630 -3.08 -12.44 22.74
N LEU H 631 -4.24 -12.64 22.13
CA LEU H 631 -4.98 -13.89 22.33
C LEU H 631 -4.16 -15.08 21.87
N THR H 632 -3.53 -14.97 20.71
CA THR H 632 -2.71 -16.07 20.20
C THR H 632 -1.59 -16.40 21.17
N GLU H 633 -0.87 -15.38 21.64
CA GLU H 633 0.25 -15.62 22.53
C GLU H 633 -0.21 -16.22 23.85
N MET H 634 -1.33 -15.72 24.39
CA MET H 634 -1.84 -16.30 25.63
C MET H 634 -2.22 -17.76 25.44
N ASP H 635 -2.88 -18.07 24.32
CA ASP H 635 -3.20 -19.47 24.04
C ASP H 635 -1.96 -20.32 23.92
N GLY H 636 -0.87 -19.74 23.40
CA GLY H 636 0.36 -20.48 23.22
C GLY H 636 1.31 -20.39 24.41
N MET H 637 0.79 -19.95 25.55
CA MET H 637 1.59 -19.79 26.76
C MET H 637 1.38 -20.99 27.67
N SER H 638 2.47 -21.69 27.99
CA SER H 638 2.41 -22.84 28.89
C SER H 638 2.37 -22.36 30.33
N THR H 639 1.39 -22.82 31.10
CA THR H 639 1.21 -22.35 32.47
C THR H 639 2.36 -22.75 33.37
N LYS H 640 3.17 -23.72 32.97
CA LYS H 640 4.29 -24.17 33.80
C LYS H 640 5.35 -23.08 33.96
N LYS H 641 5.33 -22.04 33.13
CA LYS H 641 6.32 -20.99 33.21
C LYS H 641 5.97 -19.92 34.23
N ASN H 642 4.74 -19.91 34.75
CA ASN H 642 4.33 -18.98 35.80
C ASN H 642 4.50 -17.52 35.34
N VAL H 643 3.79 -17.18 34.26
CA VAL H 643 3.66 -15.81 33.80
C VAL H 643 2.18 -15.47 33.81
N PHE H 644 1.81 -14.45 34.56
CA PHE H 644 0.41 -14.11 34.79
C PHE H 644 0.10 -12.77 34.15
N ILE H 645 -0.93 -12.74 33.31
CA ILE H 645 -1.31 -11.54 32.58
C ILE H 645 -2.37 -10.79 33.38
N ILE H 646 -2.13 -9.50 33.59
CA ILE H 646 -3.10 -8.62 34.23
C ILE H 646 -3.46 -7.52 33.26
N GLY H 647 -4.75 -7.35 33.01
CA GLY H 647 -5.26 -6.31 32.14
C GLY H 647 -6.03 -5.27 32.92
N ALA H 648 -6.02 -4.04 32.43
CA ALA H 648 -6.77 -2.95 33.06
C ALA H 648 -7.50 -2.17 31.98
N THR H 649 -8.63 -1.60 32.35
CA THR H 649 -9.45 -0.86 31.40
C THR H 649 -10.47 -0.02 32.16
N ASN H 650 -10.68 1.20 31.68
CA ASN H 650 -11.76 2.03 32.19
C ASN H 650 -13.08 1.77 31.47
N ARG H 651 -13.06 0.99 30.41
CA ARG H 651 -14.25 0.68 29.61
C ARG H 651 -14.33 -0.83 29.43
N PRO H 652 -14.70 -1.56 30.48
CA PRO H 652 -14.71 -3.02 30.37
C PRO H 652 -15.63 -3.55 29.29
N ASP H 653 -16.70 -2.81 28.95
CA ASP H 653 -17.67 -3.31 27.99
C ASP H 653 -17.04 -3.52 26.62
N ILE H 654 -16.21 -2.59 26.16
CA ILE H 654 -15.70 -2.63 24.79
C ILE H 654 -14.50 -3.55 24.68
N ILE H 655 -14.17 -4.25 25.78
CA ILE H 655 -13.13 -5.26 25.71
C ILE H 655 -13.61 -6.42 24.85
N ASP H 656 -12.72 -6.96 24.03
CA ASP H 656 -13.09 -8.04 23.13
C ASP H 656 -13.60 -9.23 23.94
N PRO H 657 -14.82 -9.72 23.69
CA PRO H 657 -15.30 -10.87 24.45
C PRO H 657 -14.44 -12.11 24.27
N ALA H 658 -13.64 -12.19 23.22
CA ALA H 658 -12.82 -13.36 22.98
C ALA H 658 -11.68 -13.49 23.98
N ILE H 659 -11.43 -12.47 24.80
CA ILE H 659 -10.35 -12.51 25.77
C ILE H 659 -10.84 -12.76 27.19
N LEU H 660 -12.15 -12.89 27.39
CA LEU H 660 -12.72 -13.14 28.70
C LEU H 660 -13.11 -14.60 28.89
N ARG H 661 -12.77 -15.48 27.96
CA ARG H 661 -13.14 -16.88 28.02
C ARG H 661 -12.15 -17.66 28.89
N PRO H 662 -12.54 -18.86 29.33
CA PRO H 662 -11.60 -19.70 30.07
C PRO H 662 -10.36 -20.02 29.25
N GLY H 663 -9.23 -20.16 29.93
CA GLY H 663 -7.94 -20.28 29.29
C GLY H 663 -7.31 -18.96 28.96
N ARG H 664 -7.98 -17.85 29.23
CA ARG H 664 -7.46 -16.50 29.04
C ARG H 664 -7.82 -15.72 30.29
N LEU H 665 -7.71 -14.39 30.21
CA LEU H 665 -8.24 -13.57 31.29
C LEU H 665 -9.65 -14.04 31.58
N ASP H 666 -9.88 -14.62 32.76
CA ASP H 666 -11.13 -15.30 33.05
C ASP H 666 -11.82 -14.82 34.31
N GLN H 667 -11.14 -14.07 35.17
CA GLN H 667 -11.72 -13.51 36.37
C GLN H 667 -11.69 -11.99 36.27
N LEU H 668 -12.77 -11.35 36.70
CA LEU H 668 -12.91 -9.90 36.66
C LEU H 668 -12.93 -9.37 38.08
N ILE H 669 -11.98 -8.50 38.39
CA ILE H 669 -11.86 -7.91 39.73
C ILE H 669 -12.17 -6.43 39.60
N TYR H 670 -13.20 -5.99 40.30
CA TYR H 670 -13.58 -4.57 40.32
C TYR H 670 -12.73 -3.83 41.33
N ILE H 671 -12.09 -2.75 40.89
CA ILE H 671 -11.25 -1.94 41.76
C ILE H 671 -12.02 -0.68 42.14
N PRO H 672 -12.75 -0.67 43.25
CA PRO H 672 -13.58 0.49 43.57
C PRO H 672 -12.76 1.68 44.02
N LEU H 673 -13.44 2.80 44.20
CA LEU H 673 -12.78 3.99 44.71
C LEU H 673 -12.34 3.76 46.15
N PRO H 674 -11.20 4.31 46.55
CA PRO H 674 -10.66 4.00 47.87
C PRO H 674 -11.61 4.42 48.98
N ASP H 675 -11.69 3.59 50.01
CA ASP H 675 -12.48 3.90 51.20
C ASP H 675 -11.65 4.79 52.13
N GLU H 676 -12.13 5.00 53.35
CA GLU H 676 -11.44 5.91 54.27
C GLU H 676 -10.03 5.42 54.57
N LYS H 677 -9.90 4.16 54.97
CA LYS H 677 -8.58 3.64 55.34
C LYS H 677 -7.64 3.65 54.14
N SER H 678 -8.14 3.26 52.97
CA SER H 678 -7.31 3.29 51.77
C SER H 678 -6.86 4.70 51.45
N ARG H 679 -7.75 5.68 51.61
CA ARG H 679 -7.37 7.07 51.36
C ARG H 679 -6.31 7.54 52.36
N VAL H 680 -6.44 7.15 53.62
CA VAL H 680 -5.41 7.50 54.61
C VAL H 680 -4.08 6.91 54.19
N ALA H 681 -4.07 5.65 53.77
CA ALA H 681 -2.83 5.01 53.35
C ALA H 681 -2.25 5.71 52.14
N ILE H 682 -3.09 6.09 51.18
CA ILE H 682 -2.61 6.75 49.98
C ILE H 682 -1.98 8.09 50.34
N LEU H 683 -2.66 8.87 51.18
CA LEU H 683 -2.12 10.16 51.59
C LEU H 683 -0.79 10.00 52.31
N LYS H 684 -0.69 9.02 53.20
CA LYS H 684 0.57 8.78 53.90
C LYS H 684 1.66 8.40 52.91
N ALA H 685 1.34 7.57 51.92
CA ALA H 685 2.34 7.13 50.96
C ALA H 685 2.78 8.29 50.07
N ASN H 686 1.85 9.16 49.69
CA ASN H 686 2.20 10.26 48.79
C ASN H 686 3.21 11.20 49.44
N LEU H 687 3.04 11.48 50.73
CA LEU H 687 3.88 12.43 51.44
C LEU H 687 5.10 11.79 52.07
N ARG H 688 5.33 10.50 51.83
CA ARG H 688 6.46 9.82 52.44
C ARG H 688 7.78 10.50 52.10
N LYS H 689 7.86 11.15 50.95
CA LYS H 689 9.09 11.79 50.49
C LYS H 689 9.10 13.30 50.74
N SER H 690 8.09 13.83 51.44
CA SER H 690 8.01 15.26 51.67
C SER H 690 8.17 15.58 53.15
N PRO H 691 8.71 16.77 53.48
CA PRO H 691 8.76 17.20 54.89
C PRO H 691 7.43 17.78 55.32
N VAL H 692 6.73 17.06 56.20
CA VAL H 692 5.38 17.42 56.61
C VAL H 692 5.39 17.71 58.11
N ALA H 693 4.78 18.83 58.49
CA ALA H 693 4.68 19.16 59.90
C ALA H 693 3.80 18.16 60.64
N LYS H 694 4.08 17.99 61.92
CA LYS H 694 3.31 17.04 62.73
C LYS H 694 1.88 17.49 62.93
N ASP H 695 1.62 18.80 62.86
CA ASP H 695 0.28 19.30 63.12
C ASP H 695 -0.75 18.78 62.12
N VAL H 696 -0.31 18.38 60.93
CA VAL H 696 -1.26 17.82 59.98
C VAL H 696 -1.89 16.57 60.58
N ASP H 697 -3.08 16.23 60.07
CA ASP H 697 -3.80 15.03 60.49
C ASP H 697 -4.37 14.39 59.23
N LEU H 698 -3.59 13.48 58.63
CA LEU H 698 -4.03 12.83 57.40
C LEU H 698 -5.33 12.07 57.60
N GLU H 699 -5.61 11.64 58.84
CA GLU H 699 -6.86 10.93 59.10
C GLU H 699 -8.05 11.83 58.79
N PHE H 700 -8.05 13.05 59.31
CA PHE H 700 -9.17 13.95 59.07
C PHE H 700 -9.27 14.30 57.60
N LEU H 701 -8.14 14.60 56.95
CA LEU H 701 -8.17 14.96 55.54
C LEU H 701 -8.76 13.82 54.72
N ALA H 702 -8.36 12.58 55.00
CA ALA H 702 -8.94 11.44 54.30
C ALA H 702 -10.43 11.33 54.59
N LYS H 703 -10.83 11.56 55.84
CA LYS H 703 -12.24 11.45 56.18
C LYS H 703 -13.07 12.45 55.39
N MET H 704 -12.59 13.69 55.27
CA MET H 704 -13.35 14.68 54.52
C MET H 704 -13.46 14.32 53.05
N THR H 705 -12.37 13.85 52.45
CA THR H 705 -12.34 13.54 51.03
C THR H 705 -12.92 12.15 50.81
N ASN H 706 -14.20 12.09 50.51
CA ASN H 706 -14.89 10.84 50.20
C ASN H 706 -15.16 10.78 48.71
N GLY H 707 -14.84 9.63 48.11
CA GLY H 707 -14.99 9.45 46.68
C GLY H 707 -13.82 9.93 45.86
N PHE H 708 -12.82 10.55 46.49
CA PHE H 708 -11.63 10.96 45.77
C PHE H 708 -10.83 9.73 45.35
N SER H 709 -10.31 9.78 44.13
CA SER H 709 -9.47 8.69 43.63
C SER H 709 -8.03 8.90 44.09
N GLY H 710 -7.16 7.95 43.74
CA GLY H 710 -5.75 8.12 44.04
C GLY H 710 -5.16 9.33 43.33
N ALA H 711 -5.57 9.56 42.08
CA ALA H 711 -5.06 10.70 41.34
C ALA H 711 -5.45 12.00 42.01
N ASP H 712 -6.67 12.10 42.52
CA ASP H 712 -7.11 13.33 43.17
C ASP H 712 -6.30 13.62 44.43
N LEU H 713 -6.04 12.58 45.24
CA LEU H 713 -5.26 12.79 46.45
C LEU H 713 -3.82 13.16 46.12
N THR H 714 -3.25 12.50 45.11
CA THR H 714 -1.90 12.87 44.67
C THR H 714 -1.86 14.31 44.19
N GLU H 715 -2.91 14.75 43.47
CA GLU H 715 -2.98 16.13 43.02
C GLU H 715 -3.05 17.08 44.21
N ILE H 716 -3.81 16.72 45.24
CA ILE H 716 -3.90 17.56 46.44
C ILE H 716 -2.53 17.70 47.07
N CYS H 717 -1.82 16.58 47.22
CA CYS H 717 -0.50 16.64 47.83
C CYS H 717 0.46 17.48 47.01
N GLN H 718 0.42 17.32 45.68
CA GLN H 718 1.30 18.11 44.82
C GLN H 718 0.96 19.59 44.89
N ARG H 719 -0.33 19.94 44.98
CA ARG H 719 -0.70 21.33 45.10
C ARG H 719 -0.20 21.92 46.41
N ALA H 720 -0.33 21.17 47.51
CA ALA H 720 0.21 21.67 48.78
C ALA H 720 1.71 21.86 48.69
N CYS H 721 2.41 20.90 48.07
CA CYS H 721 3.85 21.03 47.90
C CYS H 721 4.21 22.26 47.07
N LYS H 722 3.44 22.51 46.00
CA LYS H 722 3.68 23.69 45.16
C LYS H 722 3.50 24.96 45.95
N LEU H 723 2.45 25.04 46.76
CA LEU H 723 2.24 26.23 47.58
C LEU H 723 3.40 26.43 48.55
N ALA H 724 3.87 25.34 49.16
CA ALA H 724 5.01 25.46 50.06
C ALA H 724 6.23 25.96 49.34
N ILE H 725 6.52 25.44 48.15
CA ILE H 725 7.69 25.85 47.40
C ILE H 725 7.60 27.33 47.03
N ARG H 726 6.43 27.76 46.55
CA ARG H 726 6.27 29.15 46.17
C ARG H 726 6.44 30.07 47.37
N GLU H 727 5.86 29.70 48.51
CA GLU H 727 6.03 30.51 49.71
C GLU H 727 7.50 30.59 50.10
N SER H 728 8.20 29.47 50.05
CA SER H 728 9.62 29.48 50.42
C SER H 728 10.42 30.40 49.50
N ILE H 729 10.19 30.31 48.19
CA ILE H 729 10.96 31.11 47.25
C ILE H 729 10.64 32.60 47.43
N GLU H 730 9.36 32.94 47.58
CA GLU H 730 9.00 34.34 47.79
C GLU H 730 9.61 34.88 49.06
N SER H 731 9.57 34.09 50.14
CA SER H 731 10.18 34.54 51.40
C SER H 731 11.68 34.72 51.25
N GLU H 732 12.34 33.82 50.51
CA GLU H 732 13.78 33.97 50.31
C GLU H 732 14.11 35.24 49.54
N ILE H 733 13.33 35.54 48.48
CA ILE H 733 13.58 36.76 47.72
C ILE H 733 13.34 37.99 48.59
N ARG H 734 12.27 37.97 49.38
CA ARG H 734 11.99 39.09 50.27
C ARG H 734 13.11 39.26 51.30
N ARG H 735 13.66 38.15 51.80
CA ARG H 735 14.78 38.24 52.73
C ARG H 735 16.01 38.83 52.05
N GLU H 736 16.26 38.45 50.79
CA GLU H 736 17.37 39.04 50.06
C GLU H 736 17.19 40.54 49.93
N ARG H 737 15.97 40.99 49.59
CA ARG H 737 15.74 42.43 49.49
C ARG H 737 15.89 43.11 50.83
N GLU H 738 15.43 42.47 51.91
CA GLU H 738 15.59 43.03 53.24
C GLU H 738 17.07 43.22 53.58
N ARG H 739 17.89 42.21 53.26
CA ARG H 739 19.32 42.35 53.46
C ARG H 739 19.90 43.48 52.62
N GLN H 740 19.40 43.61 51.39
CA GLN H 740 19.88 44.69 50.52
C GLN H 740 19.61 46.05 51.15
N THR H 741 18.38 46.26 51.67
CA THR H 741 18.04 47.54 52.27
C THR H 741 18.65 47.70 53.66
N ASN H 742 18.77 46.61 54.42
CA ASN H 742 19.33 46.64 55.77
C ASN H 742 20.38 45.54 55.89
N PRO H 743 21.53 45.71 55.23
CA PRO H 743 22.61 44.71 55.34
C PRO H 743 23.38 44.82 56.64
N SER H 744 22.84 44.18 57.68
CA SER H 744 23.43 44.21 59.01
C SER H 744 24.91 43.87 58.97
N GLU H 750 20.16 33.14 60.85
CA GLU H 750 18.93 32.95 60.09
C GLU H 750 18.46 31.50 60.15
N ASP H 751 17.24 31.27 59.69
CA ASP H 751 16.67 29.93 59.65
C ASP H 751 15.64 29.87 58.53
N ASP H 752 15.32 28.65 58.11
CA ASP H 752 14.39 28.47 57.01
C ASP H 752 13.00 28.96 57.43
N PRO H 753 12.41 29.93 56.72
CA PRO H 753 11.06 30.38 57.10
C PRO H 753 10.01 29.28 57.04
N VAL H 754 10.12 28.36 56.09
CA VAL H 754 9.14 27.29 55.91
C VAL H 754 9.85 25.96 55.78
N PRO H 755 10.42 25.43 56.87
CA PRO H 755 11.17 24.17 56.75
C PRO H 755 10.32 22.98 56.36
N GLU H 756 8.99 23.07 56.50
CA GLU H 756 8.12 21.94 56.24
C GLU H 756 6.75 22.47 55.82
N ILE H 757 5.95 21.56 55.25
CA ILE H 757 4.64 21.91 54.72
C ILE H 757 3.69 22.13 55.90
N ARG H 758 3.39 23.39 56.20
CA ARG H 758 2.40 23.72 57.20
C ARG H 758 1.01 23.33 56.71
N ARG H 759 0.12 22.99 57.64
CA ARG H 759 -1.19 22.49 57.26
C ARG H 759 -2.07 23.56 56.64
N ASP H 760 -1.77 24.84 56.83
CA ASP H 760 -2.50 25.88 56.12
C ASP H 760 -2.25 25.78 54.62
N HIS H 761 -1.09 25.28 54.21
CA HIS H 761 -0.87 24.98 52.80
C HIS H 761 -1.87 23.94 52.31
N PHE H 762 -2.07 22.88 53.09
CA PHE H 762 -3.04 21.85 52.71
C PHE H 762 -4.44 22.42 52.65
N GLU H 763 -4.80 23.25 53.63
CA GLU H 763 -6.12 23.87 53.61
C GLU H 763 -6.30 24.73 52.36
N GLU H 764 -5.28 25.51 52.01
CA GLU H 764 -5.32 26.29 50.78
C GLU H 764 -5.37 25.38 49.55
N ALA H 765 -4.59 24.29 49.58
CA ALA H 765 -4.55 23.39 48.42
C ALA H 765 -5.91 22.74 48.18
N MET H 766 -6.60 22.36 49.25
CA MET H 766 -7.89 21.70 49.10
C MET H 766 -8.90 22.55 48.35
N ARG H 767 -8.70 23.87 48.33
CA ARG H 767 -9.58 24.73 47.54
C ARG H 767 -9.51 24.40 46.05
N PHE H 768 -8.41 23.82 45.60
CA PHE H 768 -8.22 23.45 44.20
C PHE H 768 -8.53 21.98 43.93
N ALA H 769 -9.11 21.27 44.89
CA ALA H 769 -9.39 19.86 44.73
C ALA H 769 -10.54 19.64 43.75
N ARG H 770 -10.51 18.47 43.11
CA ARG H 770 -11.58 18.07 42.20
C ARG H 770 -11.82 16.57 42.34
N ARG H 771 -13.03 16.15 41.97
CA ARG H 771 -13.39 14.74 41.91
C ARG H 771 -13.33 14.33 40.45
N SER H 772 -12.25 13.64 40.07
CA SER H 772 -12.09 13.25 38.67
C SER H 772 -13.24 12.35 38.22
N VAL H 773 -13.62 11.39 39.04
CA VAL H 773 -14.75 10.52 38.75
C VAL H 773 -16.00 11.16 39.31
N SER H 774 -17.15 10.77 38.76
CA SER H 774 -18.44 11.31 39.16
C SER H 774 -19.38 10.17 39.52
N ASP H 775 -20.43 10.52 40.27
CA ASP H 775 -21.39 9.50 40.69
C ASP H 775 -21.99 8.78 39.50
N ASN H 776 -22.08 9.44 38.35
CA ASN H 776 -22.55 8.76 37.14
C ASN H 776 -21.62 7.60 36.78
N ASP H 777 -20.31 7.85 36.80
CA ASP H 777 -19.35 6.79 36.50
C ASP H 777 -19.40 5.70 37.56
N ILE H 778 -19.55 6.08 38.83
CA ILE H 778 -19.67 5.09 39.90
C ILE H 778 -20.85 4.19 39.63
N ARG H 779 -22.01 4.77 39.32
CA ARG H 779 -23.20 3.97 39.05
C ARG H 779 -23.00 3.11 37.82
N LYS H 780 -22.30 3.63 36.80
CA LYS H 780 -22.03 2.81 35.62
C LYS H 780 -21.25 1.56 35.98
N TYR H 781 -20.18 1.72 36.76
CA TYR H 781 -19.37 0.56 37.13
C TYR H 781 -20.14 -0.39 38.04
N GLU H 782 -20.93 0.15 38.98
CA GLU H 782 -21.73 -0.72 39.84
C GLU H 782 -22.76 -1.48 39.03
N MET H 783 -23.34 -0.84 38.01
CA MET H 783 -24.27 -1.53 37.13
C MET H 783 -23.57 -2.66 36.39
N PHE H 784 -22.36 -2.41 35.90
CA PHE H 784 -21.61 -3.47 35.23
C PHE H 784 -21.39 -4.64 36.18
N ALA H 785 -20.97 -4.36 37.40
CA ALA H 785 -20.71 -5.42 38.37
C ALA H 785 -21.98 -6.19 38.69
N GLN H 786 -23.10 -5.49 38.89
CA GLN H 786 -24.35 -6.17 39.19
C GLN H 786 -24.80 -7.04 38.02
N THR H 787 -24.65 -6.53 36.79
CA THR H 787 -25.01 -7.32 35.62
C THR H 787 -24.18 -8.60 35.55
N LEU H 788 -22.88 -8.50 35.86
CA LEU H 788 -22.07 -9.71 35.95
C LEU H 788 -22.58 -10.63 37.06
N GLN H 789 -23.07 -10.04 38.15
CA GLN H 789 -23.48 -10.81 39.32
C GLN H 789 -24.84 -11.48 39.15
N GLN H 790 -25.67 -11.02 38.22
CA GLN H 790 -27.03 -11.55 38.12
C GLN H 790 -27.02 -13.06 37.88
N SER H 791 -26.20 -13.52 36.94
CA SER H 791 -26.20 -14.94 36.57
C SER H 791 -25.73 -15.85 37.70
N ARG H 792 -25.12 -15.30 38.75
CA ARG H 792 -24.64 -16.10 39.86
C ARG H 792 -25.75 -16.49 40.83
N GLY H 793 -27.01 -16.30 40.45
CA GLY H 793 -28.10 -16.63 41.35
C GLY H 793 -28.09 -18.08 41.79
N PHE H 794 -27.54 -18.97 40.97
CA PHE H 794 -27.42 -20.36 41.36
C PHE H 794 -26.58 -20.46 42.63
N GLY H 795 -27.16 -21.07 43.65
CA GLY H 795 -26.52 -21.14 44.94
C GLY H 795 -27.45 -21.80 45.95
N SER H 796 -27.05 -21.69 47.22
CA SER H 796 -27.79 -22.37 48.28
C SER H 796 -27.88 -23.87 48.01
N PHE H 797 -26.90 -24.38 47.26
CA PHE H 797 -26.85 -25.81 46.95
C PHE H 797 -26.91 -26.62 48.24
N ARG H 798 -27.32 -27.87 48.15
CA ARG H 798 -27.47 -28.69 49.35
C ARG H 798 -27.38 -30.16 48.96
N PHE H 799 -26.28 -30.81 49.33
CA PHE H 799 -26.19 -32.25 49.15
C PHE H 799 -27.16 -32.94 50.10
N PRO H 800 -27.78 -34.06 49.66
CA PRO H 800 -28.77 -34.76 50.47
C PRO H 800 -28.17 -35.38 51.73
N ASN I 225 29.06 -47.60 18.27
CA ASN I 225 28.92 -46.16 17.93
C ASN I 225 27.86 -45.96 16.84
N GLU I 226 27.69 -46.97 15.99
CA GLU I 226 26.72 -46.89 14.91
C GLU I 226 25.31 -46.84 15.47
N VAL I 227 24.45 -46.05 14.82
CA VAL I 227 23.09 -45.82 15.29
C VAL I 227 22.18 -46.87 14.69
N GLY I 228 21.11 -47.19 15.43
CA GLY I 228 20.11 -48.14 14.97
C GLY I 228 18.70 -47.61 15.19
N TYR I 229 17.73 -48.41 14.74
CA TYR I 229 16.34 -48.01 14.87
C TYR I 229 15.97 -47.74 16.33
N ASP I 230 16.57 -48.49 17.27
CA ASP I 230 16.22 -48.31 18.67
C ASP I 230 16.59 -46.91 19.16
N ASP I 231 17.74 -46.40 18.75
CA ASP I 231 18.16 -45.08 19.21
C ASP I 231 17.17 -43.99 18.80
N ILE I 232 16.51 -44.17 17.66
CA ILE I 232 15.50 -43.20 17.23
C ILE I 232 14.26 -43.34 18.09
N GLY I 233 13.51 -42.26 18.22
CA GLY I 233 12.29 -42.26 19.01
C GLY I 233 11.40 -41.11 18.63
N GLY I 234 10.10 -41.31 18.81
CA GLY I 234 9.12 -40.27 18.56
C GLY I 234 8.63 -40.17 17.13
N CYS I 235 9.16 -40.99 16.22
CA CYS I 235 8.78 -40.93 14.82
C CYS I 235 8.61 -42.34 14.27
N ARG I 236 7.91 -43.19 15.03
CA ARG I 236 7.75 -44.58 14.62
C ARG I 236 7.01 -44.67 13.29
N LYS I 237 5.95 -43.88 13.11
CA LYS I 237 5.20 -43.91 11.86
C LYS I 237 6.09 -43.50 10.69
N GLN I 238 6.78 -42.36 10.82
CA GLN I 238 7.64 -41.90 9.75
C GLN I 238 8.84 -42.81 9.57
N LEU I 239 9.35 -43.40 10.65
CA LEU I 239 10.43 -44.35 10.53
C LEU I 239 10.00 -45.56 9.71
N ALA I 240 8.80 -46.07 9.97
CA ALA I 240 8.29 -47.19 9.18
C ALA I 240 8.09 -46.80 7.72
N GLN I 241 7.56 -45.60 7.49
CA GLN I 241 7.38 -45.13 6.12
C GLN I 241 8.71 -45.09 5.38
N ILE I 242 9.73 -44.48 6.00
CA ILE I 242 11.04 -44.39 5.37
C ILE I 242 11.63 -45.77 5.16
N LYS I 243 11.44 -46.67 6.12
CA LYS I 243 11.95 -48.03 5.97
C LYS I 243 11.35 -48.69 4.74
N GLU I 244 10.01 -48.70 4.65
CA GLU I 244 9.39 -49.31 3.48
C GLU I 244 9.81 -48.61 2.19
N MET I 245 10.11 -47.31 2.27
CA MET I 245 10.52 -46.58 1.07
C MET I 245 11.89 -47.02 0.57
N VAL I 246 12.86 -47.09 1.47
CA VAL I 246 14.26 -47.19 1.08
C VAL I 246 14.84 -48.59 1.28
N GLU I 247 14.54 -49.24 2.41
CA GLU I 247 15.17 -50.51 2.73
C GLU I 247 15.08 -51.50 1.57
N LEU I 248 13.87 -51.86 1.18
CA LEU I 248 13.69 -52.86 0.14
C LEU I 248 14.45 -52.51 -1.14
N PRO I 249 14.40 -51.29 -1.67
CA PRO I 249 15.22 -50.98 -2.83
C PRO I 249 16.70 -51.25 -2.63
N LEU I 250 17.24 -50.99 -1.44
CA LEU I 250 18.66 -51.18 -1.18
C LEU I 250 18.98 -52.55 -0.61
N ARG I 251 18.02 -53.20 0.07
CA ARG I 251 18.29 -54.50 0.66
C ARG I 251 18.37 -55.59 -0.41
N HIS I 252 17.67 -55.41 -1.53
CA HIS I 252 17.68 -56.36 -2.64
C HIS I 252 17.89 -55.60 -3.94
N PRO I 253 19.10 -55.10 -4.18
CA PRO I 253 19.34 -54.35 -5.42
C PRO I 253 19.00 -55.11 -6.68
N ALA I 254 19.22 -56.43 -6.68
CA ALA I 254 18.98 -57.22 -7.89
C ALA I 254 17.50 -57.18 -8.30
N LEU I 255 16.60 -57.26 -7.32
CA LEU I 255 15.17 -57.31 -7.63
C LEU I 255 14.75 -56.09 -8.44
N PHE I 256 15.11 -54.89 -7.97
CA PHE I 256 14.65 -53.68 -8.65
C PHE I 256 15.28 -53.54 -10.03
N LYS I 257 16.56 -53.89 -10.17
CA LYS I 257 17.24 -53.72 -11.44
C LYS I 257 16.57 -54.54 -12.54
N ALA I 258 16.24 -55.79 -12.25
CA ALA I 258 15.67 -56.67 -13.27
C ALA I 258 14.17 -56.49 -13.40
N ILE I 259 13.47 -56.24 -12.28
CA ILE I 259 12.03 -56.07 -12.35
C ILE I 259 11.67 -54.81 -13.14
N GLY I 260 12.49 -53.77 -13.02
CA GLY I 260 12.26 -52.54 -13.76
C GLY I 260 11.34 -51.55 -13.11
N VAL I 261 11.14 -51.64 -11.79
CA VAL I 261 10.24 -50.73 -11.08
C VAL I 261 10.99 -49.43 -10.78
N LYS I 262 10.27 -48.41 -10.34
CA LYS I 262 10.83 -47.08 -10.11
C LYS I 262 11.18 -46.93 -8.63
N PRO I 263 12.44 -47.13 -8.23
CA PRO I 263 12.82 -46.82 -6.85
C PRO I 263 12.81 -45.33 -6.62
N PRO I 264 12.59 -44.89 -5.38
CA PRO I 264 12.70 -43.45 -5.09
C PRO I 264 14.11 -42.95 -5.37
N ARG I 265 14.20 -41.72 -5.88
CA ARG I 265 15.47 -41.08 -6.15
C ARG I 265 15.83 -40.06 -5.07
N GLY I 266 14.93 -39.12 -4.80
CA GLY I 266 15.14 -38.14 -3.76
C GLY I 266 14.02 -38.14 -2.74
N ILE I 267 14.38 -38.11 -1.46
CA ILE I 267 13.42 -38.14 -0.36
C ILE I 267 13.64 -36.90 0.49
N LEU I 268 12.56 -36.21 0.83
CA LEU I 268 12.60 -34.95 1.55
C LEU I 268 11.98 -35.16 2.93
N LEU I 269 12.82 -35.22 3.96
CA LEU I 269 12.38 -35.35 5.34
C LEU I 269 12.39 -33.95 5.95
N TYR I 270 11.22 -33.31 6.02
CA TYR I 270 11.12 -31.96 6.51
C TYR I 270 10.36 -31.91 7.83
N GLY I 271 10.90 -31.14 8.77
CA GLY I 271 10.29 -30.93 10.07
C GLY I 271 11.03 -29.86 10.83
N PRO I 272 10.46 -29.40 11.95
CA PRO I 272 11.13 -28.36 12.72
C PRO I 272 12.51 -28.80 13.14
N PRO I 273 13.46 -27.88 13.20
CA PRO I 273 14.84 -28.27 13.52
C PRO I 273 14.95 -28.91 14.90
N GLY I 274 15.84 -29.88 15.01
CA GLY I 274 16.09 -30.56 16.27
C GLY I 274 15.41 -31.90 16.42
N THR I 275 14.67 -32.36 15.42
CA THR I 275 13.98 -33.64 15.50
C THR I 275 14.88 -34.82 15.18
N GLY I 276 16.20 -34.62 15.17
CA GLY I 276 17.12 -35.73 14.92
C GLY I 276 16.95 -36.37 13.57
N LYS I 277 16.68 -35.56 12.54
CA LYS I 277 16.52 -36.11 11.20
C LYS I 277 17.81 -36.76 10.70
N THR I 278 18.95 -36.11 10.98
CA THR I 278 20.23 -36.71 10.63
C THR I 278 20.39 -38.07 11.29
N LEU I 279 19.94 -38.19 12.55
CA LEU I 279 19.98 -39.49 13.22
C LEU I 279 19.08 -40.50 12.51
N ILE I 280 17.91 -40.07 12.06
CA ILE I 280 17.03 -40.97 11.32
C ILE I 280 17.75 -41.51 10.10
N ALA I 281 18.33 -40.62 9.31
CA ALA I 281 18.99 -41.04 8.08
C ALA I 281 20.19 -41.94 8.36
N ARG I 282 20.98 -41.58 9.38
CA ARG I 282 22.15 -42.39 9.73
C ARG I 282 21.73 -43.78 10.17
N ALA I 283 20.69 -43.87 11.00
CA ALA I 283 20.21 -45.17 11.46
C ALA I 283 19.71 -46.00 10.29
N VAL I 284 18.97 -45.38 9.37
CA VAL I 284 18.49 -46.11 8.20
C VAL I 284 19.66 -46.64 7.39
N ALA I 285 20.67 -45.79 7.16
CA ALA I 285 21.82 -46.21 6.37
C ALA I 285 22.56 -47.36 7.04
N ASN I 286 22.81 -47.25 8.34
CA ASN I 286 23.53 -48.30 9.05
C ASN I 286 22.75 -49.61 9.04
N GLU I 287 21.44 -49.54 9.32
CA GLU I 287 20.63 -50.76 9.35
C GLU I 287 20.59 -51.41 7.97
N THR I 288 20.47 -50.61 6.91
CA THR I 288 20.52 -51.16 5.56
C THR I 288 21.94 -51.39 5.08
N GLY I 289 22.95 -50.93 5.82
CA GLY I 289 24.33 -51.16 5.45
C GLY I 289 24.71 -50.54 4.12
N ALA I 290 24.71 -49.21 4.07
CA ALA I 290 25.07 -48.50 2.84
C ALA I 290 25.85 -47.24 3.21
N PHE I 291 26.65 -46.77 2.25
CA PHE I 291 27.44 -45.56 2.46
C PHE I 291 26.52 -44.40 2.81
N PHE I 292 26.80 -43.73 3.92
CA PHE I 292 26.05 -42.56 4.36
C PHE I 292 26.96 -41.35 4.24
N PHE I 293 26.76 -40.55 3.20
CA PHE I 293 27.53 -39.34 2.97
C PHE I 293 26.72 -38.14 3.44
N LEU I 294 27.26 -37.40 4.41
CA LEU I 294 26.59 -36.25 4.99
C LEU I 294 27.18 -34.98 4.38
N ILE I 295 26.34 -34.22 3.69
CA ILE I 295 26.77 -32.97 3.07
C ILE I 295 26.11 -31.81 3.80
N ASN I 296 26.80 -31.25 4.78
CA ASN I 296 26.25 -30.13 5.54
C ASN I 296 26.24 -28.87 4.67
N GLY I 297 25.09 -28.19 4.63
CA GLY I 297 24.90 -27.06 3.75
C GLY I 297 25.87 -25.93 4.02
N PRO I 298 25.83 -25.38 5.23
CA PRO I 298 26.73 -24.28 5.56
C PRO I 298 28.20 -24.60 5.32
N GLU I 299 28.62 -25.85 5.56
CA GLU I 299 30.00 -26.22 5.29
C GLU I 299 30.34 -26.06 3.82
N ILE I 300 29.45 -26.51 2.93
CA ILE I 300 29.70 -26.39 1.51
C ILE I 300 29.68 -24.93 1.08
N MET I 301 28.77 -24.14 1.67
CA MET I 301 28.69 -22.73 1.31
C MET I 301 29.87 -21.93 1.82
N SER I 302 30.53 -22.39 2.89
CA SER I 302 31.70 -21.69 3.39
C SER I 302 32.88 -21.74 2.43
N LYS I 303 32.83 -22.61 1.42
CA LYS I 303 33.93 -22.77 0.49
C LYS I 303 33.94 -21.61 -0.50
N LEU I 304 34.95 -21.60 -1.36
CA LEU I 304 35.10 -20.58 -2.38
C LEU I 304 34.38 -21.00 -3.67
N ALA I 305 34.19 -20.04 -4.56
CA ALA I 305 33.53 -20.32 -5.83
C ALA I 305 34.28 -21.41 -6.58
N GLY I 306 33.55 -22.38 -7.09
CA GLY I 306 34.15 -23.52 -7.74
C GLY I 306 34.51 -24.60 -6.75
N GLU I 307 35.04 -24.21 -5.59
CA GLU I 307 35.33 -25.17 -4.54
C GLU I 307 34.05 -25.84 -4.05
N SER I 308 32.97 -25.07 -3.90
CA SER I 308 31.71 -25.65 -3.46
C SER I 308 31.18 -26.65 -4.49
N GLU I 309 31.20 -26.27 -5.77
CA GLU I 309 30.76 -27.19 -6.81
C GLU I 309 31.66 -28.41 -6.85
N SER I 310 32.97 -28.22 -6.67
CA SER I 310 33.89 -29.35 -6.67
C SER I 310 33.55 -30.32 -5.54
N ASN I 311 33.28 -29.78 -4.35
CA ASN I 311 32.94 -30.64 -3.22
C ASN I 311 31.63 -31.37 -3.46
N LEU I 312 30.63 -30.69 -4.03
CA LEU I 312 29.35 -31.34 -4.29
C LEU I 312 29.52 -32.47 -5.30
N ARG I 313 30.24 -32.22 -6.39
CA ARG I 313 30.49 -33.26 -7.38
C ARG I 313 31.25 -34.42 -6.76
N LYS I 314 32.25 -34.12 -5.93
CA LYS I 314 33.02 -35.17 -5.28
C LYS I 314 32.14 -36.02 -4.39
N ALA I 315 31.23 -35.38 -3.64
CA ALA I 315 30.34 -36.13 -2.76
C ALA I 315 29.43 -37.05 -3.56
N PHE I 316 28.85 -36.53 -4.64
CA PHE I 316 27.97 -37.37 -5.45
C PHE I 316 28.73 -38.51 -6.09
N GLU I 317 29.94 -38.25 -6.60
CA GLU I 317 30.75 -39.31 -7.19
C GLU I 317 31.12 -40.37 -6.16
N GLU I 318 31.48 -39.94 -4.95
CA GLU I 318 31.82 -40.89 -3.90
C GLU I 318 30.61 -41.76 -3.55
N ALA I 319 29.42 -41.15 -3.46
CA ALA I 319 28.22 -41.94 -3.23
C ALA I 319 28.01 -42.93 -4.37
N GLU I 320 28.29 -42.52 -5.60
CA GLU I 320 28.16 -43.42 -6.74
C GLU I 320 29.12 -44.60 -6.62
N LYS I 321 30.34 -44.36 -6.17
CA LYS I 321 31.36 -45.41 -6.19
C LYS I 321 30.96 -46.59 -5.32
N ASN I 322 30.40 -46.34 -4.14
CA ASN I 322 30.09 -47.38 -3.17
C ASN I 322 28.62 -47.78 -3.21
N ALA I 323 28.03 -47.81 -4.40
CA ALA I 323 26.62 -48.18 -4.51
C ALA I 323 26.40 -49.56 -3.91
N PRO I 324 25.33 -49.75 -3.12
CA PRO I 324 24.28 -48.78 -2.74
C PRO I 324 24.81 -47.72 -1.79
N ALA I 325 24.26 -46.51 -1.87
CA ALA I 325 24.75 -45.39 -1.06
C ALA I 325 23.59 -44.47 -0.74
N ILE I 326 23.78 -43.65 0.29
CA ILE I 326 22.79 -42.67 0.73
C ILE I 326 23.51 -41.34 0.95
N ILE I 327 22.93 -40.27 0.42
CA ILE I 327 23.45 -38.91 0.59
C ILE I 327 22.41 -38.11 1.36
N PHE I 328 22.83 -37.56 2.51
CA PHE I 328 21.95 -36.72 3.33
C PHE I 328 22.48 -35.30 3.27
N ILE I 329 21.75 -34.43 2.56
CA ILE I 329 22.13 -33.03 2.44
C ILE I 329 21.45 -32.30 3.60
N ASP I 330 22.11 -32.30 4.75
CA ASP I 330 21.57 -31.63 5.92
C ASP I 330 21.50 -30.13 5.66
N GLU I 331 20.41 -29.52 6.11
CA GLU I 331 20.17 -28.09 5.88
C GLU I 331 20.19 -27.76 4.40
N LEU I 332 19.42 -28.53 3.63
CA LEU I 332 19.34 -28.28 2.19
C LEU I 332 18.77 -26.90 1.90
N ASP I 333 17.94 -26.36 2.80
CA ASP I 333 17.39 -25.04 2.60
C ASP I 333 18.49 -24.01 2.38
N ALA I 334 19.58 -24.11 3.16
CA ALA I 334 20.68 -23.17 3.00
C ALA I 334 21.25 -23.24 1.59
N ILE I 335 21.53 -24.45 1.10
CA ILE I 335 22.16 -24.60 -0.20
C ILE I 335 21.25 -24.07 -1.30
N ALA I 336 19.96 -24.41 -1.24
CA ALA I 336 19.01 -24.09 -2.31
C ALA I 336 17.76 -23.46 -1.70
N PRO I 337 17.88 -22.24 -1.20
CA PRO I 337 16.70 -21.56 -0.65
C PRO I 337 15.75 -21.14 -1.76
N LYS I 338 14.66 -20.47 -1.41
CA LYS I 338 13.79 -19.91 -2.43
C LYS I 338 14.59 -18.92 -3.28
N ARG I 339 14.15 -18.75 -4.53
CA ARG I 339 14.84 -17.82 -5.43
C ARG I 339 15.01 -16.46 -4.76
N GLU I 340 13.94 -15.96 -4.13
CA GLU I 340 13.97 -14.60 -3.60
C GLU I 340 15.10 -14.40 -2.61
N LYS I 341 15.58 -15.46 -1.97
CA LYS I 341 16.65 -15.36 -0.98
C LYS I 341 18.03 -15.58 -1.59
N THR I 342 18.13 -15.82 -2.88
CA THR I 342 19.41 -15.96 -3.57
C THR I 342 19.53 -14.86 -4.61
N HIS I 343 20.62 -14.10 -4.55
CA HIS I 343 20.84 -12.95 -5.41
C HIS I 343 22.10 -13.08 -6.25
N GLY I 344 23.19 -13.61 -5.70
CA GLY I 344 24.43 -13.68 -6.44
C GLY I 344 24.38 -14.75 -7.53
N GLU I 345 25.34 -14.64 -8.45
CA GLU I 345 25.44 -15.62 -9.53
C GLU I 345 25.94 -16.96 -9.03
N VAL I 346 26.86 -16.95 -8.06
CA VAL I 346 27.41 -18.19 -7.55
C VAL I 346 26.34 -19.03 -6.87
N GLU I 347 25.39 -18.38 -6.20
CA GLU I 347 24.32 -19.11 -5.54
C GLU I 347 23.47 -19.86 -6.56
N ARG I 348 23.04 -19.16 -7.61
CA ARG I 348 22.26 -19.81 -8.65
C ARG I 348 23.07 -20.90 -9.34
N ARG I 349 24.38 -20.68 -9.50
CA ARG I 349 25.23 -21.70 -10.09
C ARG I 349 25.26 -22.96 -9.23
N ILE I 350 25.37 -22.79 -7.91
CA ILE I 350 25.37 -23.95 -7.02
C ILE I 350 24.03 -24.67 -7.09
N VAL I 351 22.93 -23.91 -7.12
CA VAL I 351 21.61 -24.54 -7.19
C VAL I 351 21.46 -25.33 -8.49
N SER I 352 21.91 -24.75 -9.60
CA SER I 352 21.82 -25.44 -10.88
C SER I 352 22.69 -26.69 -10.88
N GLN I 353 23.88 -26.60 -10.28
CA GLN I 353 24.74 -27.78 -10.19
C GLN I 353 24.05 -28.89 -9.40
N LEU I 354 23.41 -28.53 -8.28
CA LEU I 354 22.71 -29.52 -7.49
C LEU I 354 21.58 -30.15 -8.29
N LEU I 355 20.80 -29.33 -9.01
CA LEU I 355 19.70 -29.86 -9.80
C LEU I 355 20.21 -30.81 -10.89
N THR I 356 21.29 -30.41 -11.57
CA THR I 356 21.84 -31.26 -12.61
C THR I 356 22.34 -32.58 -12.04
N LEU I 357 23.00 -32.54 -10.88
CA LEU I 357 23.46 -33.77 -10.26
C LEU I 357 22.28 -34.65 -9.88
N MET I 358 21.20 -34.05 -9.39
CA MET I 358 20.04 -34.84 -8.98
C MET I 358 19.48 -35.63 -10.15
N ASP I 359 19.35 -35.01 -11.31
CA ASP I 359 18.86 -35.70 -12.51
C ASP I 359 19.91 -36.61 -13.13
N GLY I 360 21.16 -36.54 -12.67
CA GLY I 360 22.20 -37.41 -13.16
C GLY I 360 22.19 -38.80 -12.56
N LEU I 361 21.27 -39.07 -11.62
CA LEU I 361 21.17 -40.39 -11.01
C LEU I 361 20.70 -41.46 -11.98
N LYS I 362 20.23 -41.06 -13.17
CA LYS I 362 19.73 -42.05 -14.13
C LYS I 362 20.77 -43.12 -14.41
N GLN I 363 22.01 -42.72 -14.70
CA GLN I 363 23.07 -43.69 -14.91
C GLN I 363 23.55 -44.31 -13.60
N ARG I 364 23.42 -43.57 -12.50
CA ARG I 364 23.85 -44.07 -11.21
C ARG I 364 22.94 -45.20 -10.75
N ALA I 365 23.51 -46.07 -9.90
CA ALA I 365 22.79 -47.25 -9.43
C ALA I 365 22.65 -47.17 -7.91
N HIS I 366 21.41 -47.26 -7.44
CA HIS I 366 21.10 -47.32 -6.02
C HIS I 366 21.79 -46.21 -5.24
N VAL I 367 21.44 -44.97 -5.59
CA VAL I 367 21.92 -43.78 -4.88
C VAL I 367 20.69 -42.97 -4.51
N ILE I 368 20.17 -43.20 -3.30
CA ILE I 368 18.99 -42.50 -2.80
C ILE I 368 19.47 -41.33 -1.97
N VAL I 369 19.07 -40.12 -2.36
CA VAL I 369 19.52 -38.89 -1.74
C VAL I 369 18.41 -38.34 -0.87
N MET I 370 18.65 -38.28 0.43
CA MET I 370 17.73 -37.66 1.37
C MET I 370 18.18 -36.24 1.69
N ALA I 371 17.22 -35.40 2.07
CA ALA I 371 17.53 -34.01 2.40
C ALA I 371 16.54 -33.52 3.44
N ALA I 372 17.02 -32.67 4.33
CA ALA I 372 16.24 -32.15 5.44
C ALA I 372 16.05 -30.65 5.28
N THR I 373 14.81 -30.19 5.46
CA THR I 373 14.49 -28.77 5.38
C THR I 373 13.31 -28.49 6.29
N ASN I 374 13.17 -27.24 6.70
CA ASN I 374 12.11 -26.88 7.64
C ASN I 374 10.74 -27.14 7.04
N ARG I 375 10.54 -26.81 5.77
CA ARG I 375 9.24 -26.94 5.14
C ARG I 375 9.44 -27.13 3.64
N PRO I 376 8.47 -27.71 2.94
CA PRO I 376 8.63 -27.92 1.50
C PRO I 376 8.82 -26.63 0.72
N ASN I 377 8.22 -25.53 1.16
CA ASN I 377 8.30 -24.26 0.45
C ASN I 377 9.53 -23.44 0.86
N SER I 378 10.38 -23.97 1.73
CA SER I 378 11.61 -23.29 2.12
C SER I 378 12.77 -23.58 1.18
N ILE I 379 12.54 -24.35 0.11
CA ILE I 379 13.57 -24.69 -0.85
C ILE I 379 13.10 -24.27 -2.25
N ASP I 380 14.04 -24.23 -3.17
CA ASP I 380 13.71 -23.88 -4.54
C ASP I 380 12.72 -24.89 -5.12
N PRO I 381 11.57 -24.44 -5.64
CA PRO I 381 10.59 -25.42 -6.16
C PRO I 381 11.11 -26.25 -7.30
N ALA I 382 12.17 -25.81 -7.98
CA ALA I 382 12.74 -26.61 -9.07
C ALA I 382 13.20 -27.98 -8.60
N LEU I 383 13.46 -28.14 -7.30
CA LEU I 383 13.87 -29.43 -6.76
C LEU I 383 12.71 -30.38 -6.56
N ARG I 384 11.48 -29.87 -6.59
CA ARG I 384 10.30 -30.71 -6.38
C ARG I 384 9.88 -31.45 -7.64
N ARG I 385 10.50 -31.18 -8.78
CA ARG I 385 10.11 -31.81 -10.02
C ARG I 385 10.39 -33.32 -9.96
N PHE I 386 9.67 -34.06 -10.80
CA PHE I 386 9.85 -35.50 -10.85
C PHE I 386 11.28 -35.84 -11.28
N GLY I 387 11.84 -36.87 -10.67
CA GLY I 387 13.23 -37.22 -10.89
C GLY I 387 14.10 -36.68 -9.78
N ARG I 388 13.79 -35.46 -9.32
CA ARG I 388 14.43 -34.87 -8.17
C ARG I 388 13.61 -35.22 -6.92
N PHE I 389 13.90 -34.56 -5.80
CA PHE I 389 13.15 -34.83 -4.58
C PHE I 389 11.66 -34.78 -4.83
N ASP I 390 11.01 -35.92 -4.77
CA ASP I 390 9.56 -36.02 -4.96
C ASP I 390 8.87 -36.67 -3.77
N ARG I 391 9.46 -37.70 -3.18
CA ARG I 391 8.90 -38.31 -1.99
C ARG I 391 9.09 -37.39 -0.79
N GLU I 392 8.08 -37.32 0.07
CA GLU I 392 8.10 -36.45 1.23
C GLU I 392 7.74 -37.25 2.48
N VAL I 393 8.47 -37.00 3.57
CA VAL I 393 8.18 -37.58 4.87
C VAL I 393 8.16 -36.44 5.88
N ASP I 394 7.02 -36.24 6.53
CA ASP I 394 6.86 -35.17 7.50
C ASP I 394 7.20 -35.73 8.87
N ILE I 395 8.44 -35.50 9.31
CA ILE I 395 8.85 -35.97 10.63
C ILE I 395 8.00 -35.32 11.70
N GLY I 396 7.79 -34.02 11.61
CA GLY I 396 6.93 -33.31 12.54
C GLY I 396 7.40 -33.41 13.97
N ILE I 397 6.72 -32.71 14.87
CA ILE I 397 7.04 -32.75 16.29
C ILE I 397 6.56 -34.09 16.85
N PRO I 398 7.15 -34.59 17.93
CA PRO I 398 6.70 -35.87 18.48
C PRO I 398 5.37 -35.77 19.23
N ASP I 399 4.91 -36.87 19.79
CA ASP I 399 3.67 -36.95 20.55
C ASP I 399 3.97 -37.43 21.96
N ALA I 400 2.91 -37.58 22.76
CA ALA I 400 3.08 -37.97 24.15
C ALA I 400 3.84 -39.30 24.25
N THR I 401 3.38 -40.32 23.53
CA THR I 401 4.10 -41.59 23.52
C THR I 401 5.49 -41.42 22.92
N GLY I 402 5.59 -40.62 21.85
CA GLY I 402 6.90 -40.34 21.29
C GLY I 402 7.80 -39.61 22.26
N ARG I 403 7.25 -38.66 22.99
CA ARG I 403 8.05 -37.95 23.99
C ARG I 403 8.52 -38.91 25.08
N LEU I 404 7.66 -39.84 25.49
CA LEU I 404 8.09 -40.84 26.47
C LEU I 404 9.21 -41.70 25.91
N GLU I 405 9.11 -42.10 24.64
CA GLU I 405 10.17 -42.88 24.04
C GLU I 405 11.48 -42.10 24.01
N ILE I 406 11.41 -40.82 23.65
CA ILE I 406 12.62 -40.00 23.60
C ILE I 406 13.23 -39.89 24.99
N LEU I 407 12.39 -39.65 26.01
CA LEU I 407 12.91 -39.53 27.37
C LEU I 407 13.54 -40.83 27.83
N GLN I 408 12.92 -41.97 27.52
CA GLN I 408 13.52 -43.25 27.88
C GLN I 408 14.86 -43.44 27.20
N ILE I 409 14.96 -43.06 25.92
CA ILE I 409 16.22 -43.22 25.20
C ILE I 409 17.29 -42.36 25.82
N HIS I 410 16.98 -41.09 26.11
CA HIS I 410 18.00 -40.17 26.61
C HIS I 410 18.30 -40.40 28.09
N THR I 411 17.30 -40.77 28.88
CA THR I 411 17.51 -41.07 30.30
C THR I 411 18.07 -42.47 30.53
N LYS I 412 18.54 -43.13 29.48
CA LYS I 412 19.06 -44.49 29.63
C LYS I 412 20.19 -44.54 30.65
N ASN I 413 21.29 -43.86 30.36
CA ASN I 413 22.47 -43.92 31.24
C ASN I 413 22.27 -43.13 32.52
N MET I 414 21.29 -42.25 32.56
CA MET I 414 21.06 -41.45 33.77
C MET I 414 20.60 -42.34 34.91
N LYS I 415 21.04 -41.99 36.13
CA LYS I 415 20.65 -42.70 37.33
C LYS I 415 19.56 -41.88 38.03
N LEU I 416 18.33 -42.41 38.03
CA LEU I 416 17.19 -41.71 38.58
C LEU I 416 16.64 -42.44 39.79
N ALA I 417 15.89 -41.72 40.61
CA ALA I 417 15.21 -42.32 41.73
C ALA I 417 13.97 -43.08 41.25
N ASP I 418 13.32 -43.76 42.18
CA ASP I 418 12.13 -44.55 41.85
C ASP I 418 10.85 -43.72 41.86
N ASP I 419 10.93 -42.44 42.22
CA ASP I 419 9.76 -41.58 42.26
C ASP I 419 9.56 -40.77 40.98
N VAL I 420 10.40 -40.96 39.97
CA VAL I 420 10.33 -40.22 38.72
C VAL I 420 9.66 -41.13 37.69
N ASP I 421 8.40 -40.84 37.39
CA ASP I 421 7.67 -41.57 36.35
C ASP I 421 7.81 -40.80 35.04
N LEU I 422 8.64 -41.32 34.13
CA LEU I 422 8.87 -40.62 32.87
C LEU I 422 7.58 -40.42 32.08
N GLU I 423 6.56 -41.24 32.33
CA GLU I 423 5.28 -41.03 31.65
C GLU I 423 4.71 -39.66 31.97
N GLN I 424 4.76 -39.28 33.26
CA GLN I 424 4.23 -37.97 33.65
C GLN I 424 5.03 -36.85 33.02
N VAL I 425 6.35 -36.96 33.00
CA VAL I 425 7.18 -35.92 32.40
C VAL I 425 6.88 -35.79 30.91
N ALA I 426 6.79 -36.93 30.21
CA ALA I 426 6.48 -36.89 28.79
C ALA I 426 5.13 -36.24 28.54
N ASN I 427 4.12 -36.60 29.33
CA ASN I 427 2.81 -35.97 29.18
C ASN I 427 2.87 -34.48 29.47
N GLU I 428 3.72 -34.07 30.40
CA GLU I 428 3.80 -32.66 30.77
C GLU I 428 4.51 -31.83 29.72
N THR I 429 5.59 -32.34 29.14
CA THR I 429 6.37 -31.60 28.15
C THR I 429 5.56 -31.49 26.87
N HIS I 430 4.95 -30.33 26.65
CA HIS I 430 4.13 -30.08 25.47
C HIS I 430 4.88 -29.14 24.54
N GLY I 431 4.98 -29.51 23.27
CA GLY I 431 5.65 -28.71 22.27
C GLY I 431 7.15 -28.91 22.18
N HIS I 432 7.71 -29.84 22.95
CA HIS I 432 9.14 -30.09 22.91
C HIS I 432 9.49 -30.99 21.72
N VAL I 433 10.78 -30.98 21.38
CA VAL I 433 11.33 -31.88 20.38
C VAL I 433 12.45 -32.68 21.04
N GLY I 434 13.09 -33.57 20.27
CA GLY I 434 14.11 -34.43 20.87
C GLY I 434 15.22 -33.64 21.53
N ALA I 435 15.71 -32.60 20.84
CA ALA I 435 16.78 -31.80 21.41
C ALA I 435 16.34 -31.11 22.69
N ASP I 436 15.12 -30.59 22.71
CA ASP I 436 14.62 -29.92 23.90
C ASP I 436 14.52 -30.89 25.08
N LEU I 437 14.05 -32.11 24.83
CA LEU I 437 13.96 -33.09 25.91
C LEU I 437 15.35 -33.50 26.39
N ALA I 438 16.30 -33.64 25.48
CA ALA I 438 17.67 -33.94 25.91
C ALA I 438 18.22 -32.81 26.78
N ALA I 439 17.97 -31.57 26.39
CA ALA I 439 18.39 -30.43 27.21
C ALA I 439 17.71 -30.46 28.58
N LEU I 440 16.44 -30.84 28.61
CA LEU I 440 15.73 -30.93 29.88
C LEU I 440 16.36 -31.99 30.78
N CYS I 441 16.70 -33.15 30.22
CA CYS I 441 17.35 -34.19 31.01
C CYS I 441 18.67 -33.70 31.56
N SER I 442 19.47 -33.03 30.72
CA SER I 442 20.75 -32.50 31.18
C SER I 442 20.53 -31.48 32.30
N GLU I 443 19.54 -30.60 32.14
CA GLU I 443 19.29 -29.56 33.14
C GLU I 443 18.89 -30.17 34.47
N ALA I 444 18.00 -31.16 34.45
CA ALA I 444 17.59 -31.80 35.70
C ALA I 444 18.77 -32.49 36.36
N ALA I 445 19.56 -33.22 35.58
CA ALA I 445 20.73 -33.89 36.15
C ALA I 445 21.68 -32.89 36.77
N LEU I 446 21.90 -31.77 36.09
CA LEU I 446 22.86 -30.78 36.59
C LEU I 446 22.33 -30.08 37.83
N GLN I 447 21.02 -29.84 37.92
CA GLN I 447 20.48 -29.32 39.17
C GLN I 447 20.71 -30.31 40.30
N ALA I 448 20.50 -31.60 40.04
CA ALA I 448 20.75 -32.59 41.07
C ALA I 448 22.21 -32.54 41.53
N ILE I 449 23.14 -32.50 40.58
CA ILE I 449 24.55 -32.52 40.95
C ILE I 449 24.92 -31.25 41.69
N ARG I 450 24.38 -30.11 41.27
CA ARG I 450 24.66 -28.85 41.96
C ARG I 450 24.14 -28.90 43.39
N LYS I 451 22.95 -29.46 43.60
CA LYS I 451 22.44 -29.64 44.94
C LYS I 451 23.37 -30.53 45.76
N LYS I 452 23.96 -31.54 45.11
CA LYS I 452 24.85 -32.46 45.82
C LYS I 452 26.32 -32.06 45.73
N MET I 453 26.73 -31.39 44.65
CA MET I 453 28.14 -31.12 44.45
C MET I 453 28.70 -30.20 45.53
N ASP I 454 27.96 -29.16 45.89
CA ASP I 454 28.44 -28.23 46.91
C ASP I 454 28.79 -28.96 48.20
N LEU I 455 28.02 -30.00 48.53
CA LEU I 455 28.32 -30.79 49.72
C LEU I 455 29.67 -31.50 49.59
N ILE I 456 29.95 -32.04 48.41
CA ILE I 456 31.21 -32.75 48.18
C ILE I 456 32.34 -31.74 48.04
N THR I 462 39.16 -32.17 45.66
CA THR I 462 37.96 -31.39 45.35
C THR I 462 36.72 -32.27 45.36
N ILE I 463 36.67 -33.23 44.43
CA ILE I 463 35.55 -34.16 44.30
C ILE I 463 36.07 -35.58 44.40
N ASP I 464 35.51 -36.36 45.32
CA ASP I 464 35.88 -37.77 45.43
C ASP I 464 35.26 -38.60 44.33
N ALA I 465 34.14 -38.16 43.76
CA ALA I 465 33.42 -38.74 42.65
C ALA I 465 32.61 -39.97 43.07
N GLU I 466 32.78 -40.49 44.28
CA GLU I 466 31.98 -41.63 44.71
C GLU I 466 30.60 -41.19 45.18
N VAL I 467 30.55 -40.11 45.96
CA VAL I 467 29.26 -39.53 46.33
C VAL I 467 28.53 -39.06 45.08
N MET I 468 29.28 -38.52 44.11
CA MET I 468 28.67 -38.14 42.85
C MET I 468 28.11 -39.36 42.12
N ASN I 469 28.87 -40.47 42.12
CA ASN I 469 28.34 -41.71 41.57
C ASN I 469 27.13 -42.21 42.33
N SER I 470 26.97 -41.81 43.59
CA SER I 470 25.80 -42.18 44.38
C SER I 470 24.62 -41.26 44.13
N LEU I 471 24.77 -40.22 43.31
CA LEU I 471 23.68 -39.29 43.07
C LEU I 471 22.58 -39.94 42.24
N ALA I 472 21.35 -39.47 42.45
CA ALA I 472 20.19 -39.98 41.73
C ALA I 472 19.21 -38.83 41.54
N VAL I 473 19.01 -38.42 40.28
CA VAL I 473 18.06 -37.35 40.00
C VAL I 473 16.67 -37.76 40.45
N THR I 474 15.95 -36.82 41.03
CA THR I 474 14.61 -37.04 41.57
C THR I 474 13.59 -36.30 40.72
N MET I 475 12.31 -36.51 41.06
CA MET I 475 11.23 -35.92 40.28
C MET I 475 11.20 -34.41 40.43
N ASP I 476 11.52 -33.90 41.62
CA ASP I 476 11.51 -32.46 41.84
C ASP I 476 12.49 -31.76 40.89
N ASP I 477 13.63 -32.39 40.60
CA ASP I 477 14.55 -31.84 39.64
C ASP I 477 13.92 -31.72 38.25
N PHE I 478 13.17 -32.75 37.83
CA PHE I 478 12.50 -32.68 36.54
C PHE I 478 11.44 -31.60 36.53
N ARG I 479 10.70 -31.44 37.63
CA ARG I 479 9.71 -30.38 37.70
C ARG I 479 10.37 -29.02 37.57
N TRP I 480 11.48 -28.81 38.28
CA TRP I 480 12.20 -27.55 38.18
C TRP I 480 12.68 -27.30 36.77
N ALA I 481 13.23 -28.34 36.12
CA ALA I 481 13.67 -28.19 34.74
C ALA I 481 12.52 -27.81 33.84
N LEU I 482 11.36 -28.44 34.02
CA LEU I 482 10.18 -28.05 33.27
C LEU I 482 9.85 -26.59 33.50
N SER I 483 10.06 -26.10 34.72
CA SER I 483 9.82 -24.69 35.00
C SER I 483 10.76 -23.78 34.23
N GLN I 484 11.86 -24.30 33.70
CA GLN I 484 12.87 -23.50 33.03
C GLN I 484 13.34 -24.19 31.74
N SER I 485 12.39 -24.70 30.95
CA SER I 485 12.73 -25.43 29.74
C SER I 485 12.72 -24.54 28.50
N ASN I 486 11.66 -23.76 28.31
CA ASN I 486 11.53 -22.90 27.13
C ASN I 486 11.61 -23.73 25.86
N PRO I 487 10.59 -24.54 25.57
CA PRO I 487 10.60 -25.34 24.33
C PRO I 487 10.79 -24.49 23.10
N SER I 488 11.05 -25.16 21.98
CA SER I 488 11.40 -24.51 20.73
C SER I 488 10.40 -24.75 19.60
N ALA I 489 9.38 -25.58 19.80
CA ALA I 489 8.41 -25.91 18.77
C ALA I 489 6.99 -25.73 19.28
N LEU I 490 6.78 -24.71 20.12
CA LEU I 490 5.47 -24.51 20.71
C LEU I 490 4.43 -24.19 19.65
N ARG I 491 4.77 -23.32 18.70
CA ARG I 491 3.78 -22.85 17.73
C ARG I 491 3.56 -23.79 16.57
N GLU I 492 4.38 -24.83 16.43
CA GLU I 492 4.19 -25.78 15.34
C GLU I 492 2.83 -26.45 15.47
N THR I 493 2.11 -26.54 14.36
CA THR I 493 0.79 -27.15 14.37
C THR I 493 0.87 -28.58 14.88
N VAL I 494 0.12 -28.87 15.94
CA VAL I 494 0.15 -30.19 16.55
C VAL I 494 -0.80 -31.12 15.78
N VAL I 495 -0.30 -32.28 15.39
CA VAL I 495 -1.05 -33.26 14.63
C VAL I 495 -0.87 -34.61 15.31
N GLU I 496 -1.92 -35.08 15.98
CA GLU I 496 -1.85 -36.36 16.68
C GLU I 496 -3.26 -36.89 16.87
N VAL I 497 -3.35 -38.19 17.15
CA VAL I 497 -4.64 -38.80 17.45
C VAL I 497 -5.08 -38.31 18.83
N PRO I 498 -6.21 -37.62 18.96
CA PRO I 498 -6.59 -37.10 20.27
C PRO I 498 -6.87 -38.22 21.26
N GLN I 499 -6.60 -37.95 22.52
CA GLN I 499 -6.82 -38.92 23.59
C GLN I 499 -8.24 -38.87 24.15
N VAL I 500 -9.07 -37.93 23.67
CA VAL I 500 -10.47 -37.92 24.08
C VAL I 500 -11.17 -39.17 23.56
N THR I 501 -12.24 -39.56 24.24
CA THR I 501 -13.04 -40.71 23.86
C THR I 501 -14.51 -40.36 24.01
N TRP I 502 -15.37 -41.28 23.56
CA TRP I 502 -16.80 -41.04 23.62
C TRP I 502 -17.31 -40.92 25.04
N GLU I 503 -16.57 -41.45 26.02
CA GLU I 503 -17.01 -41.37 27.41
C GLU I 503 -16.76 -40.01 28.03
N ASP I 504 -15.91 -39.17 27.43
CA ASP I 504 -15.68 -37.84 27.95
C ASP I 504 -16.96 -37.01 27.88
N ILE I 505 -17.72 -37.15 26.80
CA ILE I 505 -19.00 -36.48 26.64
C ILE I 505 -20.09 -37.56 26.59
N GLY I 506 -21.10 -37.40 27.43
CA GLY I 506 -22.19 -38.36 27.52
C GLY I 506 -23.34 -37.95 26.62
N GLY I 507 -24.08 -38.93 26.13
CA GLY I 507 -25.25 -38.66 25.33
C GLY I 507 -24.93 -38.22 23.92
N LEU I 508 -25.95 -37.68 23.26
CA LEU I 508 -25.86 -37.28 21.85
C LEU I 508 -25.53 -38.50 20.98
N GLU I 509 -26.42 -39.49 21.04
CA GLU I 509 -26.21 -40.71 20.27
C GLU I 509 -26.49 -40.50 18.79
N ASP I 510 -27.43 -39.63 18.45
CA ASP I 510 -27.67 -39.32 17.04
C ASP I 510 -26.45 -38.67 16.41
N VAL I 511 -25.85 -37.71 17.11
CA VAL I 511 -24.63 -37.08 16.62
C VAL I 511 -23.51 -38.11 16.52
N LYS I 512 -23.46 -39.04 17.48
CA LYS I 512 -22.46 -40.09 17.43
C LYS I 512 -22.62 -40.94 16.18
N ARG I 513 -23.86 -41.32 15.87
CA ARG I 513 -24.12 -42.13 14.68
C ARG I 513 -23.75 -41.37 13.41
N GLU I 514 -24.12 -40.08 13.35
CA GLU I 514 -23.82 -39.30 12.15
C GLU I 514 -22.32 -39.15 11.95
N LEU I 515 -21.58 -38.86 13.03
CA LEU I 515 -20.12 -38.76 12.93
C LEU I 515 -19.52 -40.09 12.51
N GLN I 516 -20.02 -41.19 13.08
CA GLN I 516 -19.53 -42.50 12.68
C GLN I 516 -19.73 -42.72 11.19
N GLU I 517 -20.95 -42.49 10.71
CA GLU I 517 -21.23 -42.71 9.29
C GLU I 517 -20.35 -41.83 8.41
N LEU I 518 -20.16 -40.57 8.81
CA LEU I 518 -19.37 -39.66 7.99
C LEU I 518 -17.92 -40.09 7.92
N VAL I 519 -17.32 -40.45 9.05
CA VAL I 519 -15.87 -40.65 9.11
C VAL I 519 -15.50 -42.13 9.07
N GLN I 520 -15.96 -42.89 10.05
CA GLN I 520 -15.49 -44.25 10.22
C GLN I 520 -15.86 -45.13 9.03
N TYR I 521 -17.09 -45.02 8.55
CA TYR I 521 -17.53 -45.88 7.46
C TYR I 521 -16.68 -45.73 6.21
N PRO I 522 -16.46 -44.54 5.67
CA PRO I 522 -15.64 -44.43 4.45
C PRO I 522 -14.20 -44.87 4.65
N VAL I 523 -13.69 -44.89 5.88
CA VAL I 523 -12.31 -45.29 6.12
C VAL I 523 -12.18 -46.75 6.52
N GLU I 524 -13.27 -47.40 6.93
CA GLU I 524 -13.23 -48.79 7.34
C GLU I 524 -13.92 -49.74 6.36
N HIS I 525 -14.83 -49.25 5.52
CA HIS I 525 -15.53 -50.06 4.53
C HIS I 525 -15.54 -49.36 3.19
N PRO I 526 -14.38 -49.20 2.55
CA PRO I 526 -14.37 -48.66 1.18
C PRO I 526 -15.13 -49.54 0.20
N ASP I 527 -15.07 -50.86 0.41
CA ASP I 527 -15.69 -51.77 -0.54
C ASP I 527 -17.19 -51.53 -0.65
N LYS I 528 -17.86 -51.28 0.49
CA LYS I 528 -19.29 -51.05 0.45
C LYS I 528 -19.62 -49.76 -0.31
N PHE I 529 -18.85 -48.70 -0.08
CA PHE I 529 -19.09 -47.45 -0.79
C PHE I 529 -18.90 -47.63 -2.29
N LEU I 530 -17.87 -48.38 -2.69
CA LEU I 530 -17.71 -48.66 -4.11
C LEU I 530 -18.85 -49.50 -4.65
N LYS I 531 -19.31 -50.48 -3.86
CA LYS I 531 -20.35 -51.38 -4.32
C LYS I 531 -21.65 -50.62 -4.58
N PHE I 532 -22.04 -49.75 -3.66
CA PHE I 532 -23.29 -49.01 -3.81
C PHE I 532 -23.13 -47.69 -4.54
N GLY I 533 -21.89 -47.28 -4.84
CA GLY I 533 -21.66 -46.10 -5.65
C GLY I 533 -22.15 -44.80 -5.03
N MET I 534 -21.54 -44.37 -3.93
CA MET I 534 -21.81 -43.08 -3.33
C MET I 534 -20.48 -42.41 -2.98
N THR I 535 -20.42 -41.10 -3.19
CA THR I 535 -19.23 -40.34 -2.87
C THR I 535 -19.28 -39.90 -1.41
N PRO I 536 -18.27 -40.23 -0.59
CA PRO I 536 -18.32 -39.82 0.81
C PRO I 536 -18.44 -38.30 0.96
N SER I 537 -19.21 -37.87 1.94
CA SER I 537 -19.38 -36.45 2.19
C SER I 537 -18.04 -35.84 2.61
N LYS I 538 -17.75 -34.65 2.06
CA LYS I 538 -16.47 -34.02 2.35
C LYS I 538 -16.35 -33.62 3.81
N GLY I 539 -17.42 -33.12 4.40
CA GLY I 539 -17.35 -32.67 5.78
C GLY I 539 -18.74 -32.39 6.33
N VAL I 540 -18.74 -31.84 7.54
CA VAL I 540 -19.97 -31.52 8.25
C VAL I 540 -19.74 -30.27 9.08
N LEU I 541 -20.80 -29.48 9.25
CA LEU I 541 -20.74 -28.24 10.00
C LEU I 541 -21.50 -28.40 11.32
N PHE I 542 -20.82 -28.15 12.42
CA PHE I 542 -21.47 -28.09 13.73
C PHE I 542 -22.03 -26.69 13.97
N TYR I 543 -22.94 -26.61 14.93
CA TYR I 543 -23.47 -25.32 15.36
C TYR I 543 -24.23 -25.48 16.66
N GLY I 544 -23.96 -24.59 17.62
CA GLY I 544 -24.61 -24.68 18.91
C GLY I 544 -24.09 -23.65 19.88
N PRO I 545 -24.58 -23.70 21.13
CA PRO I 545 -24.16 -22.71 22.11
C PRO I 545 -22.67 -22.82 22.38
N PRO I 546 -22.03 -21.73 22.79
CA PRO I 546 -20.58 -21.77 23.01
C PRO I 546 -20.20 -22.81 24.06
N GLY I 547 -19.09 -23.49 23.80
CA GLY I 547 -18.53 -24.41 24.79
C GLY I 547 -19.46 -25.52 25.22
N CYS I 548 -20.12 -26.18 24.28
CA CYS I 548 -20.99 -27.30 24.57
C CYS I 548 -20.38 -28.64 24.21
N GLY I 549 -19.17 -28.66 23.65
CA GLY I 549 -18.49 -29.92 23.38
C GLY I 549 -18.22 -30.19 21.92
N LYS I 550 -18.34 -29.17 21.07
CA LYS I 550 -18.05 -29.36 19.65
C LYS I 550 -16.63 -29.88 19.45
N THR I 551 -15.65 -29.23 20.09
CA THR I 551 -14.28 -29.71 20.03
C THR I 551 -14.18 -31.11 20.61
N LEU I 552 -14.86 -31.36 21.72
CA LEU I 552 -14.83 -32.68 22.32
C LEU I 552 -15.38 -33.73 21.37
N LEU I 553 -16.51 -33.44 20.72
CA LEU I 553 -17.09 -34.40 19.79
C LEU I 553 -16.16 -34.66 18.61
N ALA I 554 -15.57 -33.60 18.06
CA ALA I 554 -14.66 -33.78 16.93
C ALA I 554 -13.47 -34.64 17.33
N LYS I 555 -12.87 -34.36 18.48
CA LYS I 555 -11.73 -35.14 18.93
C LYS I 555 -12.14 -36.58 19.21
N ALA I 556 -13.34 -36.79 19.74
CA ALA I 556 -13.80 -38.15 20.01
C ALA I 556 -13.93 -38.94 18.73
N ILE I 557 -14.55 -38.34 17.70
CA ILE I 557 -14.72 -39.08 16.45
C ILE I 557 -13.37 -39.34 15.81
N ALA I 558 -12.45 -38.38 15.90
CA ALA I 558 -11.10 -38.61 15.41
C ALA I 558 -10.43 -39.76 16.15
N ASN I 559 -10.70 -39.86 17.46
CA ASN I 559 -10.09 -40.92 18.26
C ASN I 559 -10.62 -42.29 17.87
N GLU I 560 -11.94 -42.42 17.72
CA GLU I 560 -12.52 -43.73 17.46
C GLU I 560 -11.95 -44.35 16.18
N CYS I 561 -11.83 -43.55 15.12
CA CYS I 561 -11.27 -44.04 13.87
C CYS I 561 -9.75 -44.10 13.90
N GLN I 562 -9.11 -43.62 14.97
CA GLN I 562 -7.66 -43.58 15.07
C GLN I 562 -7.08 -42.80 13.89
N ALA I 563 -7.52 -41.55 13.76
CA ALA I 563 -7.08 -40.65 12.72
C ALA I 563 -6.59 -39.36 13.34
N ASN I 564 -5.65 -38.71 12.66
CA ASN I 564 -5.08 -37.48 13.19
C ASN I 564 -6.14 -36.38 13.25
N PHE I 565 -5.82 -35.34 14.02
CA PHE I 565 -6.77 -34.26 14.27
C PHE I 565 -6.01 -32.94 14.29
N ILE I 566 -6.34 -32.06 13.37
CA ILE I 566 -5.74 -30.72 13.28
C ILE I 566 -6.81 -29.70 13.64
N SER I 567 -6.50 -28.84 14.61
CA SER I 567 -7.42 -27.83 15.09
C SER I 567 -6.93 -26.46 14.66
N ILE I 568 -7.72 -25.77 13.84
CA ILE I 568 -7.42 -24.42 13.38
C ILE I 568 -8.31 -23.49 14.17
N LYS I 569 -7.76 -22.86 15.20
CA LYS I 569 -8.55 -21.99 16.06
C LYS I 569 -8.92 -20.71 15.32
N GLY I 570 -9.89 -19.98 15.89
CA GLY I 570 -10.32 -18.72 15.33
C GLY I 570 -9.24 -17.67 15.20
N PRO I 571 -8.37 -17.51 16.20
CA PRO I 571 -7.29 -16.54 16.05
C PRO I 571 -6.41 -16.76 14.84
N GLU I 572 -6.19 -18.01 14.42
CA GLU I 572 -5.41 -18.25 13.22
C GLU I 572 -6.09 -17.68 11.99
N LEU I 573 -7.40 -17.92 11.85
CA LEU I 573 -8.14 -17.37 10.72
C LEU I 573 -8.13 -15.85 10.77
N LEU I 574 -8.31 -15.27 11.96
CA LEU I 574 -8.30 -13.82 12.07
C LEU I 574 -6.94 -13.24 11.70
N THR I 575 -5.87 -13.91 12.12
CA THR I 575 -4.53 -13.47 11.73
C THR I 575 -4.35 -13.51 10.23
N MET I 576 -4.80 -14.60 9.60
CA MET I 576 -4.70 -14.71 8.15
C MET I 576 -5.49 -13.60 7.46
N TRP I 577 -6.68 -13.29 7.98
CA TRP I 577 -7.48 -12.23 7.39
C TRP I 577 -6.81 -10.87 7.53
N PHE I 578 -6.34 -10.54 8.75
CA PHE I 578 -5.73 -9.24 8.99
C PHE I 578 -4.46 -9.08 8.16
N GLY I 579 -3.63 -10.11 8.10
CA GLY I 579 -2.41 -10.04 7.32
C GLY I 579 -2.61 -10.20 5.84
N GLU I 580 -3.83 -10.45 5.38
CA GLU I 580 -4.11 -10.68 3.97
C GLU I 580 -3.21 -11.79 3.43
N SER I 581 -2.99 -12.82 4.24
CA SER I 581 -2.17 -13.96 3.91
C SER I 581 -3.02 -15.21 3.73
N GLU I 582 -4.18 -15.06 3.10
CA GLU I 582 -5.08 -16.19 2.89
C GLU I 582 -4.40 -17.35 2.17
N ALA I 583 -3.24 -17.12 1.55
CA ALA I 583 -2.53 -18.22 0.92
C ALA I 583 -2.08 -19.27 1.93
N ASN I 584 -2.10 -18.94 3.23
CA ASN I 584 -1.77 -19.92 4.25
C ASN I 584 -2.78 -21.05 4.33
N VAL I 585 -3.99 -20.85 3.81
CA VAL I 585 -4.98 -21.92 3.82
C VAL I 585 -4.46 -23.14 3.08
N ARG I 586 -3.73 -22.91 1.98
CA ARG I 586 -3.20 -24.04 1.22
C ARG I 586 -2.25 -24.87 2.07
N GLU I 587 -1.45 -24.23 2.91
CA GLU I 587 -0.53 -24.96 3.77
C GLU I 587 -1.28 -25.87 4.72
N ILE I 588 -2.37 -25.37 5.31
CA ILE I 588 -3.14 -26.17 6.26
C ILE I 588 -3.71 -27.40 5.58
N PHE I 589 -4.34 -27.21 4.41
CA PHE I 589 -4.93 -28.33 3.70
C PHE I 589 -3.88 -29.32 3.23
N ASP I 590 -2.72 -28.82 2.79
CA ASP I 590 -1.64 -29.72 2.39
C ASP I 590 -1.17 -30.55 3.59
N LYS I 591 -1.02 -29.92 4.75
CA LYS I 591 -0.62 -30.66 5.94
C LYS I 591 -1.65 -31.72 6.30
N ALA I 592 -2.94 -31.36 6.23
CA ALA I 592 -3.98 -32.33 6.54
C ALA I 592 -3.96 -33.49 5.55
N ARG I 593 -3.75 -33.19 4.27
CA ARG I 593 -3.66 -34.24 3.27
C ARG I 593 -2.47 -35.16 3.54
N GLN I 594 -1.33 -34.58 3.93
CA GLN I 594 -0.14 -35.39 4.18
C GLN I 594 -0.32 -36.34 5.36
N ALA I 595 -1.31 -36.09 6.22
CA ALA I 595 -1.54 -36.89 7.41
C ALA I 595 -2.90 -37.56 7.35
N ALA I 596 -3.26 -38.07 6.18
CA ALA I 596 -4.56 -38.73 6.03
C ALA I 596 -4.54 -40.10 6.69
N PRO I 597 -5.66 -40.53 7.26
CA PRO I 597 -6.95 -39.83 7.40
C PRO I 597 -6.87 -38.72 8.44
N CYS I 598 -7.62 -37.62 8.26
CA CYS I 598 -7.54 -36.48 9.15
C CYS I 598 -8.93 -35.91 9.37
N VAL I 599 -9.08 -35.17 10.47
CA VAL I 599 -10.36 -34.64 10.89
C VAL I 599 -10.29 -33.13 10.98
N LEU I 600 -9.49 -32.51 10.10
CA LEU I 600 -9.25 -31.07 10.12
C LEU I 600 -10.45 -30.31 10.68
N PHE I 601 -10.19 -29.49 11.69
CA PHE I 601 -11.24 -28.87 12.49
C PHE I 601 -11.05 -27.36 12.49
N PHE I 602 -12.10 -26.63 12.11
CA PHE I 602 -12.09 -25.18 12.10
C PHE I 602 -12.94 -24.71 13.27
N ASP I 603 -12.28 -24.19 14.31
CA ASP I 603 -12.96 -23.99 15.60
C ASP I 603 -14.07 -22.97 15.49
N GLU I 604 -13.83 -21.84 14.83
CA GLU I 604 -14.81 -20.76 14.72
C GLU I 604 -14.79 -20.24 13.29
N LEU I 605 -15.62 -20.83 12.43
CA LEU I 605 -15.71 -20.36 11.05
C LEU I 605 -16.34 -18.98 10.97
N ASP I 606 -17.08 -18.57 11.98
CA ASP I 606 -17.76 -17.28 11.97
C ASP I 606 -16.92 -16.16 12.57
N SER I 607 -15.69 -16.45 12.99
CA SER I 607 -14.86 -15.42 13.61
C SER I 607 -14.68 -14.23 12.68
N ILE I 608 -14.35 -14.50 11.41
CA ILE I 608 -14.17 -13.41 10.46
C ILE I 608 -15.49 -12.71 10.20
N ALA I 609 -16.59 -13.47 10.15
CA ALA I 609 -17.90 -12.84 9.93
C ALA I 609 -18.24 -11.87 11.05
N LYS I 610 -18.01 -12.28 12.30
CA LYS I 610 -18.23 -11.37 13.43
C LYS I 610 -17.28 -10.19 13.38
N ALA I 611 -16.01 -10.43 13.03
CA ALA I 611 -15.04 -9.35 12.98
C ALA I 611 -15.42 -8.32 11.93
N ARG I 612 -15.89 -8.77 10.76
CA ARG I 612 -16.31 -7.85 9.72
C ARG I 612 -17.55 -7.05 10.10
N GLY I 613 -18.25 -7.46 11.16
CA GLY I 613 -19.46 -6.75 11.57
C GLY I 613 -20.53 -7.71 12.05
N GLY I 614 -20.43 -8.98 11.65
CA GLY I 614 -21.41 -9.97 12.03
C GLY I 614 -22.51 -10.10 11.00
N ASN I 615 -23.71 -10.45 11.45
CA ASN I 615 -24.84 -10.55 10.53
C ASN I 615 -25.06 -9.25 9.78
N ILE I 616 -24.87 -8.12 10.47
CA ILE I 616 -25.03 -6.82 9.81
C ILE I 616 -23.91 -6.60 8.80
N GLY I 617 -22.72 -7.13 9.05
CA GLY I 617 -21.63 -6.99 8.12
C GLY I 617 -21.15 -5.55 8.02
N ASP I 618 -20.52 -5.25 6.89
CA ASP I 618 -20.03 -3.92 6.58
C ASP I 618 -20.41 -3.53 5.16
N GLY I 619 -21.65 -3.79 4.78
CA GLY I 619 -22.12 -3.47 3.44
C GLY I 619 -21.70 -4.45 2.37
N GLY I 620 -21.13 -5.60 2.75
CA GLY I 620 -20.69 -6.57 1.79
C GLY I 620 -21.26 -7.94 2.11
N GLY I 621 -21.19 -8.82 1.11
CA GLY I 621 -21.69 -10.17 1.27
C GLY I 621 -20.81 -11.00 2.18
N ALA I 622 -21.30 -12.20 2.50
CA ALA I 622 -20.59 -13.08 3.42
C ALA I 622 -19.24 -13.50 2.89
N ALA I 623 -19.01 -13.42 1.59
CA ALA I 623 -17.75 -13.88 1.02
C ALA I 623 -16.59 -13.06 1.55
N ASP I 624 -15.46 -13.73 1.79
CA ASP I 624 -14.25 -13.08 2.26
C ASP I 624 -13.05 -13.89 1.79
N ARG I 625 -11.86 -13.38 2.09
CA ARG I 625 -10.64 -13.99 1.57
C ARG I 625 -10.45 -15.40 2.11
N VAL I 626 -10.48 -15.53 3.44
CA VAL I 626 -10.11 -16.80 4.06
C VAL I 626 -11.14 -17.87 3.77
N ILE I 627 -12.42 -17.54 3.92
CA ILE I 627 -13.47 -18.51 3.65
C ILE I 627 -13.47 -18.89 2.18
N ASN I 628 -13.19 -17.92 1.30
CA ASN I 628 -13.11 -18.23 -0.12
C ASN I 628 -11.98 -19.21 -0.41
N GLN I 629 -10.83 -19.01 0.24
CA GLN I 629 -9.73 -19.96 0.05
C GLN I 629 -10.10 -21.33 0.59
N ILE I 630 -10.83 -21.37 1.70
CA ILE I 630 -11.30 -22.66 2.22
C ILE I 630 -12.19 -23.34 1.20
N LEU I 631 -13.10 -22.58 0.59
CA LEU I 631 -13.98 -23.16 -0.43
C LEU I 631 -13.17 -23.70 -1.60
N THR I 632 -12.18 -22.93 -2.06
CA THR I 632 -11.37 -23.38 -3.18
C THR I 632 -10.63 -24.66 -2.85
N GLU I 633 -10.00 -24.72 -1.68
CA GLU I 633 -9.25 -25.91 -1.30
C GLU I 633 -10.18 -27.11 -1.16
N MET I 634 -11.37 -26.90 -0.59
CA MET I 634 -12.32 -28.00 -0.45
C MET I 634 -12.75 -28.51 -1.82
N ASP I 635 -13.02 -27.60 -2.76
CA ASP I 635 -13.35 -28.03 -4.11
C ASP I 635 -12.18 -28.76 -4.75
N GLY I 636 -10.95 -28.45 -4.34
CA GLY I 636 -9.77 -29.12 -4.85
C GLY I 636 -9.40 -30.38 -4.13
N MET I 637 -10.20 -30.84 -3.17
CA MET I 637 -9.87 -32.04 -2.40
C MET I 637 -10.27 -33.29 -3.17
N SER I 638 -9.33 -34.22 -3.29
CA SER I 638 -9.62 -35.52 -3.87
C SER I 638 -10.28 -36.40 -2.82
N THR I 639 -11.51 -36.84 -3.09
CA THR I 639 -12.32 -37.52 -2.08
C THR I 639 -11.80 -38.91 -1.75
N LYS I 640 -10.78 -39.41 -2.47
CA LYS I 640 -10.18 -40.70 -2.17
C LYS I 640 -9.05 -40.59 -1.16
N LYS I 641 -9.01 -39.53 -0.35
CA LYS I 641 -7.94 -39.33 0.61
C LYS I 641 -8.38 -39.47 2.06
N ASN I 642 -9.67 -39.38 2.35
CA ASN I 642 -10.20 -39.58 3.71
C ASN I 642 -9.79 -38.44 4.63
N VAL I 643 -9.85 -37.21 4.14
CA VAL I 643 -9.66 -36.02 4.96
C VAL I 643 -11.02 -35.34 5.09
N PHE I 644 -11.47 -35.17 6.34
CA PHE I 644 -12.81 -34.68 6.63
C PHE I 644 -12.72 -33.32 7.31
N ILE I 645 -13.47 -32.37 6.80
CA ILE I 645 -13.55 -31.02 7.37
C ILE I 645 -14.71 -30.98 8.34
N ILE I 646 -14.47 -30.47 9.53
CA ILE I 646 -15.50 -30.32 10.55
C ILE I 646 -15.50 -28.85 10.95
N GLY I 647 -16.47 -28.10 10.46
CA GLY I 647 -16.62 -26.71 10.87
C GLY I 647 -17.27 -26.60 12.22
N ALA I 648 -17.25 -25.39 12.76
CA ALA I 648 -17.84 -25.12 14.06
C ALA I 648 -18.14 -23.63 14.17
N THR I 649 -19.31 -23.31 14.70
CA THR I 649 -19.74 -21.92 14.82
C THR I 649 -20.83 -21.83 15.87
N ASN I 650 -21.06 -20.61 16.34
CA ASN I 650 -22.13 -20.32 17.27
C ASN I 650 -23.25 -19.51 16.63
N ARG I 651 -23.08 -19.07 15.39
CA ARG I 651 -24.09 -18.29 14.66
C ARG I 651 -24.23 -18.89 13.27
N PRO I 652 -25.02 -19.94 13.12
CA PRO I 652 -25.20 -20.54 11.78
C PRO I 652 -25.88 -19.62 10.79
N ASP I 653 -26.38 -18.46 11.23
CA ASP I 653 -27.07 -17.53 10.36
C ASP I 653 -26.15 -16.53 9.68
N ILE I 654 -24.85 -16.52 10.02
CA ILE I 654 -23.91 -15.58 9.44
C ILE I 654 -22.78 -16.26 8.68
N ILE I 655 -22.68 -17.60 8.73
CA ILE I 655 -21.68 -18.29 7.95
C ILE I 655 -21.99 -18.13 6.47
N ASP I 656 -20.94 -18.07 5.66
CA ASP I 656 -21.13 -17.87 4.23
C ASP I 656 -21.90 -19.03 3.64
N PRO I 657 -23.03 -18.79 2.94
CA PRO I 657 -23.80 -19.90 2.39
C PRO I 657 -23.01 -20.77 1.43
N ALA I 658 -21.98 -20.21 0.77
CA ALA I 658 -21.25 -20.98 -0.22
C ALA I 658 -20.54 -22.19 0.37
N ILE I 659 -20.39 -22.23 1.70
CA ILE I 659 -19.75 -23.38 2.34
C ILE I 659 -20.71 -24.53 2.55
N LEU I 660 -22.02 -24.27 2.55
CA LEU I 660 -23.01 -25.31 2.77
C LEU I 660 -23.53 -25.92 1.47
N ARG I 661 -23.05 -25.46 0.32
CA ARG I 661 -23.54 -25.99 -0.94
C ARG I 661 -23.20 -27.48 -1.05
N PRO I 662 -24.02 -28.26 -1.76
CA PRO I 662 -23.72 -29.69 -1.88
C PRO I 662 -22.33 -29.93 -2.44
N GLY I 663 -21.66 -30.94 -1.91
CA GLY I 663 -20.28 -31.21 -2.25
C GLY I 663 -19.27 -30.58 -1.32
N ARG I 664 -19.72 -29.81 -0.33
CA ARG I 664 -18.81 -29.21 0.64
C ARG I 664 -19.62 -28.83 1.87
N LEU I 665 -19.31 -29.44 3.01
CA LEU I 665 -20.00 -29.16 4.27
C LEU I 665 -21.50 -29.16 4.07
N ASP I 666 -22.01 -30.30 3.60
CA ASP I 666 -23.41 -30.42 3.19
C ASP I 666 -24.31 -30.95 4.30
N GLN I 667 -23.88 -30.86 5.55
CA GLN I 667 -24.69 -31.30 6.68
C GLN I 667 -24.49 -30.36 7.85
N LEU I 668 -25.58 -30.08 8.57
CA LEU I 668 -25.55 -29.25 9.77
C LEU I 668 -26.02 -30.08 10.94
N ILE I 669 -25.23 -30.11 12.01
CA ILE I 669 -25.51 -30.90 13.20
C ILE I 669 -25.60 -29.96 14.38
N TYR I 670 -26.70 -30.04 15.11
CA TYR I 670 -26.92 -29.21 16.29
C TYR I 670 -26.34 -29.89 17.51
N ILE I 671 -25.51 -29.18 18.26
CA ILE I 671 -24.89 -29.71 19.46
C ILE I 671 -25.56 -29.07 20.67
N PRO I 672 -26.71 -29.59 21.13
CA PRO I 672 -27.45 -28.90 22.20
C PRO I 672 -26.71 -28.91 23.52
N LEU I 673 -27.32 -28.30 24.53
CA LEU I 673 -26.74 -28.33 25.86
C LEU I 673 -26.77 -29.76 26.41
N PRO I 674 -25.74 -30.17 27.14
CA PRO I 674 -25.73 -31.55 27.65
C PRO I 674 -26.90 -31.83 28.57
N ASP I 675 -27.41 -33.05 28.51
CA ASP I 675 -28.49 -33.50 29.37
C ASP I 675 -27.93 -34.11 30.65
N GLU I 676 -28.82 -34.64 31.48
CA GLU I 676 -28.41 -35.11 32.80
C GLU I 676 -27.28 -36.13 32.70
N LYS I 677 -27.47 -37.15 31.86
CA LYS I 677 -26.40 -38.15 31.67
C LYS I 677 -25.15 -37.49 31.09
N SER I 678 -25.34 -36.58 30.14
CA SER I 678 -24.20 -35.87 29.57
C SER I 678 -23.49 -35.05 30.64
N ARG I 679 -24.24 -34.39 31.52
CA ARG I 679 -23.62 -33.60 32.57
C ARG I 679 -22.86 -34.50 33.55
N VAL I 680 -23.42 -35.67 33.87
CA VAL I 680 -22.73 -36.60 34.75
C VAL I 680 -21.41 -37.02 34.11
N ALA I 681 -21.44 -37.34 32.82
CA ALA I 681 -20.21 -37.74 32.13
C ALA I 681 -19.20 -36.60 32.13
N ILE I 682 -19.67 -35.37 31.90
CA ILE I 682 -18.77 -34.23 31.85
C ILE I 682 -18.11 -34.03 33.22
N LEU I 683 -18.90 -34.09 34.28
CA LEU I 683 -18.35 -33.93 35.63
C LEU I 683 -17.33 -35.02 35.92
N LYS I 684 -17.70 -36.27 35.70
CA LYS I 684 -16.77 -37.37 35.96
C LYS I 684 -15.50 -37.24 35.15
N ALA I 685 -15.60 -36.66 33.94
CA ALA I 685 -14.39 -36.45 33.15
C ALA I 685 -13.55 -35.32 33.72
N ASN I 686 -14.18 -34.20 34.10
CA ASN I 686 -13.43 -33.07 34.62
C ASN I 686 -12.68 -33.42 35.89
N LEU I 687 -13.34 -34.13 36.81
CA LEU I 687 -12.74 -34.51 38.08
C LEU I 687 -12.00 -35.84 37.99
N ARG I 688 -11.56 -36.24 36.80
CA ARG I 688 -10.87 -37.51 36.65
C ARG I 688 -9.45 -37.47 37.21
N LYS I 689 -8.91 -36.28 37.47
CA LYS I 689 -7.55 -36.13 37.93
C LYS I 689 -7.45 -35.61 39.36
N SER I 690 -8.58 -35.37 40.03
CA SER I 690 -8.57 -34.80 41.37
C SER I 690 -9.07 -35.82 42.38
N PRO I 691 -8.40 -35.99 43.52
CA PRO I 691 -8.94 -36.88 44.57
C PRO I 691 -10.20 -36.29 45.16
N VAL I 692 -11.30 -37.03 45.06
CA VAL I 692 -12.62 -36.57 45.45
C VAL I 692 -13.19 -37.52 46.49
N ALA I 693 -13.79 -36.96 47.53
CA ALA I 693 -14.41 -37.78 48.57
C ALA I 693 -15.48 -38.68 47.97
N LYS I 694 -15.49 -39.94 48.40
CA LYS I 694 -16.42 -40.92 47.84
C LYS I 694 -17.87 -40.56 48.13
N ASP I 695 -18.11 -39.71 49.12
CA ASP I 695 -19.48 -39.41 49.55
C ASP I 695 -20.11 -38.27 48.77
N VAL I 696 -19.39 -37.66 47.84
CA VAL I 696 -19.98 -36.62 47.00
C VAL I 696 -20.77 -37.29 45.89
N ASP I 697 -22.04 -36.91 45.75
CA ASP I 697 -22.94 -37.54 44.80
C ASP I 697 -22.93 -36.74 43.51
N LEU I 698 -22.10 -37.15 42.55
CA LEU I 698 -22.06 -36.45 41.27
C LEU I 698 -23.40 -36.54 40.54
N GLU I 699 -24.15 -37.62 40.76
CA GLU I 699 -25.47 -37.72 40.14
C GLU I 699 -26.38 -36.58 40.58
N PHE I 700 -26.41 -36.31 41.89
CA PHE I 700 -27.24 -35.21 42.38
C PHE I 700 -26.78 -33.88 41.83
N LEU I 701 -25.45 -33.66 41.79
CA LEU I 701 -24.94 -32.41 41.26
C LEU I 701 -25.36 -32.21 39.82
N ALA I 702 -25.20 -33.25 38.99
CA ALA I 702 -25.63 -33.16 37.60
C ALA I 702 -27.12 -32.91 37.50
N LYS I 703 -27.91 -33.55 38.36
CA LYS I 703 -29.35 -33.35 38.34
C LYS I 703 -29.72 -31.90 38.62
N MET I 704 -29.07 -31.30 39.62
CA MET I 704 -29.45 -29.95 40.02
C MET I 704 -29.04 -28.92 38.98
N THR I 705 -27.83 -29.03 38.43
CA THR I 705 -27.30 -28.04 37.49
C THR I 705 -27.82 -28.37 36.09
N ASN I 706 -29.09 -28.07 35.87
CA ASN I 706 -29.69 -28.22 34.56
C ASN I 706 -29.37 -27.01 33.69
N GLY I 707 -29.11 -27.27 32.41
CA GLY I 707 -28.81 -26.21 31.46
C GLY I 707 -27.39 -25.71 31.50
N PHE I 708 -26.54 -26.29 32.33
CA PHE I 708 -25.14 -25.89 32.37
C PHE I 708 -24.40 -26.44 31.16
N SER I 709 -23.62 -25.60 30.50
CA SER I 709 -22.77 -26.05 29.41
C SER I 709 -21.57 -26.79 29.98
N GLY I 710 -20.73 -27.32 29.09
CA GLY I 710 -19.50 -27.96 29.54
C GLY I 710 -18.59 -26.98 30.26
N ALA I 711 -18.51 -25.75 29.75
CA ALA I 711 -17.66 -24.75 30.38
C ALA I 711 -18.09 -24.46 31.81
N ASP I 712 -19.41 -24.36 32.04
CA ASP I 712 -19.88 -24.06 33.39
C ASP I 712 -19.55 -25.20 34.35
N LEU I 713 -19.73 -26.44 33.93
CA LEU I 713 -19.40 -27.57 34.80
C LEU I 713 -17.90 -27.61 35.09
N THR I 714 -17.07 -27.36 34.07
CA THR I 714 -15.64 -27.27 34.31
C THR I 714 -15.33 -26.14 35.28
N GLU I 715 -16.07 -25.03 35.20
CA GLU I 715 -15.89 -23.96 36.17
C GLU I 715 -16.22 -24.43 37.58
N ILE I 716 -17.31 -25.20 37.73
CA ILE I 716 -17.65 -25.71 39.05
C ILE I 716 -16.50 -26.53 39.61
N CYS I 717 -15.99 -27.46 38.80
CA CYS I 717 -14.92 -28.33 39.28
C CYS I 717 -13.67 -27.53 39.62
N GLN I 718 -13.31 -26.57 38.76
CA GLN I 718 -12.11 -25.78 39.01
C GLN I 718 -12.25 -24.94 40.27
N ARG I 719 -13.42 -24.36 40.49
CA ARG I 719 -13.64 -23.57 41.70
C ARG I 719 -13.55 -24.45 42.94
N ALA I 720 -14.15 -25.65 42.90
CA ALA I 720 -14.04 -26.55 44.04
C ALA I 720 -12.59 -26.90 44.32
N CYS I 721 -11.83 -27.19 43.26
CA CYS I 721 -10.42 -27.52 43.43
C CYS I 721 -9.65 -26.35 44.03
N LYS I 722 -9.95 -25.12 43.57
CA LYS I 722 -9.27 -23.95 44.12
C LYS I 722 -9.60 -23.77 45.59
N LEU I 723 -10.86 -23.96 45.97
CA LEU I 723 -11.23 -23.85 47.37
C LEU I 723 -10.48 -24.87 48.22
N ALA I 724 -10.41 -26.11 47.74
CA ALA I 724 -9.67 -27.14 48.47
C ALA I 724 -8.20 -26.75 48.62
N ILE I 725 -7.59 -26.25 47.54
CA ILE I 725 -6.19 -25.87 47.60
C ILE I 725 -5.97 -24.76 48.61
N ARG I 726 -6.84 -23.75 48.60
CA ARG I 726 -6.69 -22.64 49.56
C ARG I 726 -6.83 -23.14 50.99
N GLU I 727 -7.81 -24.00 51.24
CA GLU I 727 -7.97 -24.53 52.59
C GLU I 727 -6.73 -25.31 53.02
N SER I 728 -6.18 -26.12 52.12
CA SER I 728 -4.98 -26.89 52.44
C SER I 728 -3.82 -25.96 52.78
N ILE I 729 -3.62 -24.91 51.98
CA ILE I 729 -2.49 -24.01 52.22
C ILE I 729 -2.66 -23.29 53.54
N GLU I 730 -3.88 -22.82 53.84
CA GLU I 730 -4.10 -22.12 55.10
C GLU I 730 -3.88 -23.05 56.28
N SER I 731 -4.34 -24.30 56.17
CA SER I 731 -4.10 -25.26 57.24
C SER I 731 -2.62 -25.51 57.43
N GLU I 732 -1.87 -25.60 56.33
CA GLU I 732 -0.42 -25.79 56.44
C GLU I 732 0.23 -24.60 57.16
N ILE I 733 -0.20 -23.38 56.82
CA ILE I 733 0.37 -22.21 57.48
C ILE I 733 0.06 -22.24 58.97
N ARG I 734 -1.17 -22.58 59.33
CA ARG I 734 -1.53 -22.64 60.74
C ARG I 734 -0.71 -23.70 61.47
N ARG I 735 -0.52 -24.86 60.83
CA ARG I 735 0.28 -25.91 61.45
C ARG I 735 1.72 -25.47 61.64
N GLU I 736 2.29 -24.78 60.64
CA GLU I 736 3.65 -24.29 60.79
C GLU I 736 3.76 -23.28 61.93
N ARG I 737 2.78 -22.40 62.05
CA ARG I 737 2.78 -21.45 63.16
C ARG I 737 2.69 -22.17 64.49
N GLU I 738 1.85 -23.21 64.56
CA GLU I 738 1.73 -23.99 65.79
C GLU I 738 3.07 -24.64 66.14
N ARG I 739 3.77 -25.17 65.14
CA ARG I 739 5.09 -25.73 65.39
C ARG I 739 6.04 -24.65 65.90
N GLN I 740 5.98 -23.46 65.30
CA GLN I 740 6.88 -22.38 65.72
C GLN I 740 6.65 -22.00 67.18
N THR I 741 5.39 -21.91 67.59
CA THR I 741 5.12 -21.52 68.98
C THR I 741 5.43 -22.66 69.95
N ASN I 742 5.39 -23.90 69.49
CA ASN I 742 5.72 -25.07 70.31
C ASN I 742 6.70 -25.94 69.54
N PRO I 743 7.97 -25.53 69.47
CA PRO I 743 8.97 -26.31 68.72
C PRO I 743 9.40 -27.57 69.47
N SER I 744 8.44 -28.47 69.68
CA SER I 744 8.70 -29.72 70.39
C SER I 744 8.49 -30.92 69.47
N GLU I 750 1.62 -36.92 62.07
CA GLU I 750 0.87 -35.89 61.37
C GLU I 750 -0.06 -36.51 60.33
N ASP I 751 -1.19 -35.83 60.09
CA ASP I 751 -2.17 -36.29 59.11
C ASP I 751 -2.56 -35.12 58.22
N ASP I 752 -2.86 -35.43 56.96
CA ASP I 752 -3.19 -34.40 56.00
C ASP I 752 -4.46 -33.67 56.44
N PRO I 753 -4.45 -32.35 56.57
CA PRO I 753 -5.68 -31.64 56.97
C PRO I 753 -6.82 -31.87 56.00
N VAL I 754 -6.52 -31.96 54.71
CA VAL I 754 -7.55 -32.13 53.67
C VAL I 754 -6.93 -32.89 52.51
N PRO I 755 -6.94 -34.23 52.52
CA PRO I 755 -6.32 -34.98 51.42
C PRO I 755 -7.16 -35.05 50.16
N GLU I 756 -8.40 -34.57 50.19
CA GLU I 756 -9.28 -34.69 49.04
C GLU I 756 -10.39 -33.65 49.14
N ILE I 757 -11.08 -33.44 48.03
CA ILE I 757 -12.21 -32.52 48.00
C ILE I 757 -13.40 -33.17 48.70
N ARG I 758 -14.20 -32.35 49.36
CA ARG I 758 -15.33 -32.80 50.15
C ARG I 758 -16.61 -32.13 49.66
N ARG I 759 -17.73 -32.49 50.30
CA ARG I 759 -19.02 -31.92 49.92
C ARG I 759 -19.05 -30.42 50.14
N ASP I 760 -18.46 -29.94 51.23
CA ASP I 760 -18.54 -28.52 51.55
C ASP I 760 -17.94 -27.67 50.44
N HIS I 761 -16.87 -28.14 49.81
CA HIS I 761 -16.23 -27.37 48.74
C HIS I 761 -17.16 -27.21 47.55
N PHE I 762 -17.73 -28.31 47.07
CA PHE I 762 -18.67 -28.22 45.95
C PHE I 762 -19.90 -27.42 46.33
N GLU I 763 -20.33 -27.51 47.59
CA GLU I 763 -21.44 -26.68 48.05
C GLU I 763 -21.11 -25.20 47.92
N GLU I 764 -19.90 -24.82 48.33
CA GLU I 764 -19.49 -23.42 48.24
C GLU I 764 -19.31 -22.98 46.80
N ALA I 765 -18.72 -23.84 45.96
CA ALA I 765 -18.45 -23.46 44.57
C ALA I 765 -19.74 -23.15 43.82
N MET I 766 -20.80 -23.93 44.08
CA MET I 766 -22.06 -23.70 43.39
C MET I 766 -22.55 -22.27 43.57
N ARG I 767 -22.24 -21.65 44.70
CA ARG I 767 -22.61 -20.25 44.89
C ARG I 767 -21.92 -19.35 43.88
N PHE I 768 -20.82 -19.80 43.28
CA PHE I 768 -20.12 -19.06 42.25
C PHE I 768 -20.52 -19.46 40.84
N ALA I 769 -21.42 -20.45 40.71
CA ALA I 769 -21.81 -20.95 39.40
C ALA I 769 -22.67 -19.93 38.67
N ARG I 770 -22.71 -20.07 37.33
CA ARG I 770 -23.57 -19.24 36.52
C ARG I 770 -23.70 -19.89 35.15
N ARG I 771 -24.89 -19.79 34.56
CA ARG I 771 -25.18 -20.37 33.25
C ARG I 771 -24.66 -19.43 32.18
N SER I 772 -23.73 -19.92 31.35
CA SER I 772 -23.18 -19.08 30.29
C SER I 772 -24.24 -18.73 29.26
N VAL I 773 -25.10 -19.68 28.91
CA VAL I 773 -26.12 -19.49 27.88
C VAL I 773 -27.49 -19.58 28.54
N SER I 774 -28.39 -18.69 28.13
CA SER I 774 -29.73 -18.58 28.73
C SER I 774 -30.79 -18.99 27.73
N ASP I 775 -32.01 -19.17 28.25
CA ASP I 775 -33.13 -19.57 27.40
C ASP I 775 -33.27 -18.64 26.20
N ASN I 776 -33.17 -17.34 26.43
CA ASN I 776 -33.26 -16.37 25.35
C ASN I 776 -32.20 -16.61 24.29
N ASP I 777 -31.11 -17.28 24.64
CA ASP I 777 -30.06 -17.62 23.69
C ASP I 777 -30.32 -18.97 23.02
N ILE I 778 -30.60 -20.01 23.81
CA ILE I 778 -30.76 -21.34 23.23
C ILE I 778 -31.97 -21.39 22.30
N ARG I 779 -32.96 -20.51 22.51
CA ARG I 779 -34.13 -20.55 21.65
C ARG I 779 -33.76 -20.33 20.19
N LYS I 780 -32.73 -19.54 19.92
CA LYS I 780 -32.30 -19.30 18.55
C LYS I 780 -31.93 -20.62 17.87
N TYR I 781 -31.04 -21.40 18.49
CA TYR I 781 -30.63 -22.66 17.89
C TYR I 781 -31.79 -23.65 17.84
N GLU I 782 -32.59 -23.69 18.91
CA GLU I 782 -33.72 -24.62 18.94
C GLU I 782 -34.62 -24.37 17.74
N MET I 783 -34.94 -23.11 17.47
CA MET I 783 -35.86 -22.79 16.39
C MET I 783 -35.20 -22.90 15.03
N PHE I 784 -33.87 -22.70 14.95
CA PHE I 784 -33.17 -23.01 13.71
C PHE I 784 -33.30 -24.47 13.35
N ALA I 785 -33.05 -25.35 14.33
CA ALA I 785 -33.16 -26.79 14.08
C ALA I 785 -34.60 -27.18 13.77
N GLN I 786 -35.56 -26.57 14.47
CA GLN I 786 -36.96 -26.86 14.17
C GLN I 786 -37.31 -26.46 12.75
N THR I 787 -36.84 -25.29 12.31
CA THR I 787 -37.10 -24.84 10.95
C THR I 787 -36.49 -25.81 9.94
N LEU I 788 -35.27 -26.27 10.19
CA LEU I 788 -34.66 -27.25 9.31
C LEU I 788 -35.49 -28.53 9.26
N GLN I 789 -36.00 -28.97 10.41
CA GLN I 789 -36.82 -30.18 10.45
C GLN I 789 -38.10 -30.00 9.65
N GLN I 790 -38.75 -28.84 9.78
CA GLN I 790 -40.01 -28.62 9.08
C GLN I 790 -39.85 -28.68 7.56
N SER I 791 -38.63 -28.50 7.06
CA SER I 791 -38.42 -28.55 5.62
C SER I 791 -38.78 -29.92 5.05
N ARG I 792 -38.69 -30.97 5.85
CA ARG I 792 -38.97 -32.33 5.40
C ARG I 792 -40.47 -32.60 5.47
N GLY I 793 -41.24 -31.79 4.74
CA GLY I 793 -42.67 -31.99 4.62
C GLY I 793 -43.07 -33.04 3.60
N PHE I 794 -42.13 -33.48 2.77
CA PHE I 794 -42.39 -34.48 1.74
C PHE I 794 -42.13 -35.86 2.35
N GLY I 795 -43.13 -36.37 3.06
CA GLY I 795 -43.04 -37.69 3.66
C GLY I 795 -44.21 -38.57 3.27
N SER I 796 -44.37 -39.69 3.98
CA SER I 796 -45.45 -40.62 3.70
C SER I 796 -45.43 -41.09 2.24
N PHE I 797 -44.23 -41.30 1.71
CA PHE I 797 -44.10 -41.80 0.36
C PHE I 797 -44.74 -43.17 0.25
N ARG I 798 -45.36 -43.44 -0.90
CA ARG I 798 -46.18 -44.64 -1.07
C ARG I 798 -45.46 -45.77 -1.79
N PHE I 799 -44.94 -45.52 -2.99
CA PHE I 799 -44.41 -46.61 -3.79
C PHE I 799 -45.53 -47.63 -4.04
N PRO I 800 -46.53 -47.31 -4.87
CA PRO I 800 -47.75 -48.07 -5.14
C PRO I 800 -47.60 -49.58 -4.92
#